data_4HZC
#
_entry.id   4HZC
#
_cell.length_a   73.697
_cell.length_b   256.774
_cell.length_c   82.285
_cell.angle_alpha   90.00
_cell.angle_beta   91.20
_cell.angle_gamma   90.00
#
_symmetry.space_group_name_H-M   'P 1 21 1'
#
loop_
_entity.id
_entity.type
_entity.pdbx_description
1 polymer 'CysE, serine acetyltransferase'
2 non-polymer 2-AMINO-2-HYDROXYMETHYL-PROPANE-1,3-DIOL
3 non-polymer 'MAGNESIUM ION'
4 non-polymer 'CHLORIDE ION'
5 non-polymer 'POLYETHYLENE GLYCOL (N=34)'
6 water water
#
_entity_poly.entity_id   1
_entity_poly.type   'polypeptide(L)'
_entity_poly.pdbx_seq_one_letter_code
;MSVRMSSKVNAGLDQVDPIWHSIRAEAEEATRNDPVLGAFLYATILNQPSLEEAVMHRIAERLGHPDVSADILRQTFDTM
LEANPEWSHVLRVDIQAVYDRDPAYSRFMDPVLYLKGFHAIQTHRLAHWLYKQGRKDFAYYLQSRSSSIFQTDIHPAARL
GSGLFLDHATGLVVGETAVVEDNVSILHGVTLGGTGKSSGDRHPKIRQGVLIGAGAKILGNIQVGQCSKIAAGSVVLKSV
PHNVTVAGVPARIIGETGCTEPSRVMDQMLGDGILEHHHHH
;
_entity_poly.pdbx_strand_id   A,B,C,D,E,F,G,H,I,J,K,L
#
loop_
_chem_comp.id
_chem_comp.type
_chem_comp.name
_chem_comp.formula
15P non-polymer 'POLYETHYLENE GLYCOL (N=34)' 'C69 H140 O35'
CL non-polymer 'CHLORIDE ION' 'Cl -1'
MG non-polymer 'MAGNESIUM ION' 'Mg 2'
TRS non-polymer 2-AMINO-2-HYDROXYMETHYL-PROPANE-1,3-DIOL 'C4 H12 N O3 1'
#
# COMPACT_ATOMS: atom_id res chain seq x y z
N VAL A 16 -13.52 -6.07 -29.60
CA VAL A 16 -12.35 -6.98 -29.91
C VAL A 16 -11.28 -6.25 -30.74
N ASP A 17 -10.03 -6.64 -30.56
CA ASP A 17 -8.91 -6.02 -31.31
C ASP A 17 -7.79 -7.06 -31.32
N PRO A 18 -7.97 -8.10 -32.15
CA PRO A 18 -7.13 -9.32 -32.18
C PRO A 18 -5.68 -9.00 -32.52
N ILE A 19 -5.49 -8.08 -33.47
CA ILE A 19 -4.09 -7.57 -33.77
C ILE A 19 -3.42 -7.08 -32.46
N TRP A 20 -4.10 -6.19 -31.76
CA TRP A 20 -3.52 -5.64 -30.53
C TRP A 20 -3.24 -6.70 -29.50
N HIS A 21 -4.20 -7.60 -29.31
CA HIS A 21 -4.02 -8.65 -28.32
C HIS A 21 -2.93 -9.63 -28.62
N SER A 22 -2.79 -9.90 -29.90
CA SER A 22 -1.73 -10.78 -30.36
C SER A 22 -0.34 -10.09 -30.16
N ILE A 23 -0.25 -8.80 -30.51
CA ILE A 23 0.99 -8.01 -30.27
C ILE A 23 1.35 -8.06 -28.78
N ARG A 24 0.35 -7.86 -27.88
CA ARG A 24 0.68 -7.87 -26.44
C ARG A 24 1.26 -9.21 -25.99
N ALA A 25 0.63 -10.28 -26.47
CA ALA A 25 1.09 -11.64 -26.12
C ALA A 25 2.48 -11.93 -26.69
N GLU A 26 2.70 -11.56 -27.96
CA GLU A 26 4.04 -11.65 -28.52
C GLU A 26 5.08 -10.89 -27.66
N ALA A 27 4.72 -9.66 -27.30
CA ALA A 27 5.61 -8.84 -26.49
C ALA A 27 5.93 -9.49 -25.16
N GLU A 28 4.89 -10.03 -24.51
CA GLU A 28 5.03 -10.72 -23.27
C GLU A 28 6.03 -11.85 -23.43
N GLU A 29 5.82 -12.67 -24.45
CA GLU A 29 6.68 -13.83 -24.72
C GLU A 29 8.12 -13.39 -25.00
N ALA A 30 8.26 -12.31 -25.77
CA ALA A 30 9.59 -11.86 -26.18
C ALA A 30 10.44 -11.42 -24.97
N THR A 31 9.78 -10.79 -23.98
CA THR A 31 10.46 -10.24 -22.84
C THR A 31 10.95 -11.39 -21.94
N ARG A 32 10.10 -12.40 -21.74
CA ARG A 32 10.53 -13.64 -21.03
C ARG A 32 11.67 -14.33 -21.79
N ASN A 33 11.55 -14.46 -23.10
CA ASN A 33 12.66 -15.01 -23.92
C ASN A 33 13.96 -14.21 -23.81
N ASP A 34 13.89 -12.87 -23.62
CA ASP A 34 15.15 -12.09 -23.64
C ASP A 34 15.02 -10.85 -22.73
N PRO A 35 15.28 -11.02 -21.42
CA PRO A 35 15.00 -10.01 -20.45
C PRO A 35 15.73 -8.67 -20.65
N VAL A 36 16.88 -8.69 -21.29
CA VAL A 36 17.57 -7.46 -21.54
C VAL A 36 16.74 -6.51 -22.41
N LEU A 37 15.80 -7.04 -23.20
CA LEU A 37 14.95 -6.23 -24.04
C LEU A 37 13.71 -5.76 -23.34
N GLY A 38 13.59 -6.03 -22.04
CA GLY A 38 12.38 -5.60 -21.33
C GLY A 38 12.03 -4.11 -21.31
N ALA A 39 13.02 -3.26 -21.12
CA ALA A 39 12.82 -1.81 -21.15
C ALA A 39 12.22 -1.42 -22.52
N PHE A 40 12.84 -1.87 -23.63
CA PHE A 40 12.27 -1.67 -24.97
C PHE A 40 10.85 -2.18 -25.18
N LEU A 41 10.61 -3.43 -24.79
CA LEU A 41 9.33 -4.06 -25.06
C LEU A 41 8.22 -3.55 -24.14
N TYR A 42 8.55 -3.22 -22.90
CA TYR A 42 7.54 -2.56 -21.99
C TYR A 42 7.20 -1.13 -22.43
N ALA A 43 8.23 -0.34 -22.71
CA ALA A 43 8.01 1.05 -23.03
C ALA A 43 7.26 1.19 -24.34
N THR A 44 7.47 0.25 -25.26
CA THR A 44 6.94 0.40 -26.60
C THR A 44 5.59 -0.31 -26.78
N ILE A 45 5.39 -1.42 -26.09
CA ILE A 45 4.15 -2.20 -26.24
C ILE A 45 3.41 -2.35 -24.90
N LEU A 46 4.02 -3.02 -23.92
CA LEU A 46 3.22 -3.59 -22.80
C LEU A 46 2.67 -2.50 -21.89
N ASN A 47 3.38 -1.37 -21.76
CA ASN A 47 2.94 -0.28 -20.92
C ASN A 47 1.94 0.59 -21.64
N GLN A 48 1.77 0.39 -22.94
CA GLN A 48 0.87 1.17 -23.77
C GLN A 48 -0.60 0.72 -23.65
N PRO A 49 -1.55 1.66 -23.69
CA PRO A 49 -2.99 1.32 -23.48
C PRO A 49 -3.65 0.95 -24.81
N SER A 50 -2.97 1.16 -25.95
CA SER A 50 -3.58 0.82 -27.27
C SER A 50 -2.52 0.56 -28.32
N LEU A 51 -2.95 -0.05 -29.42
CA LEU A 51 -2.10 -0.33 -30.55
C LEU A 51 -1.66 0.98 -31.16
N GLU A 52 -2.61 1.88 -31.28
CA GLU A 52 -2.35 3.23 -31.77
C GLU A 52 -1.17 3.88 -31.04
N GLU A 53 -1.23 3.87 -29.72
CA GLU A 53 -0.25 4.52 -28.93
C GLU A 53 1.09 3.78 -29.01
N ALA A 54 1.03 2.47 -29.13
CA ALA A 54 2.28 1.71 -29.32
C ALA A 54 2.95 2.12 -30.63
N VAL A 55 2.17 2.29 -31.70
CA VAL A 55 2.72 2.54 -33.00
C VAL A 55 3.28 3.97 -33.02
N MET A 56 2.50 4.90 -32.45
CA MET A 56 2.92 6.32 -32.38
C MET A 56 4.20 6.49 -31.55
N HIS A 57 4.28 5.75 -30.44
CA HIS A 57 5.47 5.79 -29.63
C HIS A 57 6.70 5.29 -30.34
N ARG A 58 6.63 4.11 -30.99
CA ARG A 58 7.81 3.57 -31.69
C ARG A 58 8.31 4.55 -32.72
N ILE A 59 7.41 5.04 -33.57
CA ILE A 59 7.79 5.93 -34.63
C ILE A 59 8.44 7.23 -34.11
N ALA A 60 7.85 7.80 -33.07
CA ALA A 60 8.40 9.02 -32.47
C ALA A 60 9.81 8.81 -31.89
N GLU A 61 10.05 7.67 -31.25
CA GLU A 61 11.38 7.32 -30.74
C GLU A 61 12.39 7.12 -31.87
N ARG A 62 11.98 6.58 -33.03
CA ARG A 62 12.95 6.37 -34.15
C ARG A 62 13.26 7.73 -34.75
N LEU A 63 12.22 8.54 -34.88
CA LEU A 63 12.40 9.87 -35.53
C LEU A 63 12.93 10.96 -34.59
N GLY A 64 12.78 10.77 -33.27
CA GLY A 64 13.20 11.76 -32.27
C GLY A 64 14.70 12.17 -32.47
N HIS A 65 14.98 13.44 -32.20
CA HIS A 65 16.35 14.04 -32.35
C HIS A 65 16.46 15.23 -31.42
N PRO A 66 17.66 15.60 -30.99
CA PRO A 66 17.81 16.91 -30.31
C PRO A 66 17.18 18.12 -31.04
N ASP A 67 17.18 18.13 -32.37
CA ASP A 67 16.42 19.16 -33.08
C ASP A 67 14.95 19.23 -32.68
N VAL A 68 14.29 18.08 -32.70
CA VAL A 68 12.83 18.04 -32.39
C VAL A 68 12.57 16.72 -31.61
N SER A 69 12.29 16.81 -30.31
CA SER A 69 12.24 15.63 -29.44
C SER A 69 11.21 14.60 -29.89
N ALA A 70 11.44 13.33 -29.52
CA ALA A 70 10.44 12.35 -29.69
C ALA A 70 9.14 12.76 -29.03
N ASP A 71 9.21 13.46 -27.91
CA ASP A 71 7.94 13.83 -27.18
C ASP A 71 7.06 14.74 -28.03
N ILE A 72 7.69 15.72 -28.68
CA ILE A 72 6.95 16.63 -29.57
C ILE A 72 6.34 15.87 -30.76
N LEU A 73 7.08 14.94 -31.31
CA LEU A 73 6.53 14.11 -32.42
C LEU A 73 5.35 13.21 -31.93
N ARG A 74 5.52 12.58 -30.79
CA ARG A 74 4.52 11.70 -30.22
C ARG A 74 3.26 12.49 -29.88
N GLN A 75 3.41 13.69 -29.30
CA GLN A 75 2.29 14.54 -28.96
C GLN A 75 1.58 15.01 -30.21
N THR A 76 2.36 15.29 -31.27
CA THR A 76 1.76 15.74 -32.52
C THR A 76 1.01 14.60 -33.23
N PHE A 77 1.56 13.39 -33.14
CA PHE A 77 0.89 12.20 -33.67
C PHE A 77 -0.48 12.03 -32.97
N ASP A 78 -0.51 12.18 -31.65
CA ASP A 78 -1.80 12.15 -30.85
C ASP A 78 -2.86 13.11 -31.39
N THR A 79 -2.42 14.32 -31.72
CA THR A 79 -3.29 15.33 -32.28
C THR A 79 -3.87 14.85 -33.60
N MET A 80 -3.02 14.31 -34.49
CA MET A 80 -3.49 13.67 -35.75
C MET A 80 -4.55 12.56 -35.50
N LEU A 81 -4.27 11.64 -34.59
CA LEU A 81 -5.24 10.60 -34.21
C LEU A 81 -6.58 11.19 -33.68
N GLU A 82 -6.49 12.23 -32.86
CA GLU A 82 -7.69 12.86 -32.32
C GLU A 82 -8.53 13.38 -33.48
N ALA A 83 -7.92 13.95 -34.50
CA ALA A 83 -8.67 14.50 -35.63
C ALA A 83 -8.97 13.44 -36.68
N ASN A 84 -8.26 12.32 -36.68
CA ASN A 84 -8.47 11.27 -37.71
C ASN A 84 -8.64 9.94 -37.03
N PRO A 85 -9.79 9.76 -36.34
CA PRO A 85 -10.07 8.41 -35.81
C PRO A 85 -10.08 7.31 -36.89
N GLU A 86 -10.36 7.67 -38.12
CA GLU A 86 -10.31 6.73 -39.25
C GLU A 86 -8.95 6.06 -39.36
N TRP A 87 -7.90 6.64 -38.77
CA TRP A 87 -6.53 6.09 -38.98
C TRP A 87 -6.45 4.82 -38.19
N SER A 88 -7.31 4.70 -37.18
CA SER A 88 -7.31 3.48 -36.40
C SER A 88 -7.53 2.28 -37.30
N HIS A 89 -8.43 2.42 -38.27
CA HIS A 89 -8.66 1.28 -39.17
C HIS A 89 -7.54 1.19 -40.18
N VAL A 90 -7.18 2.34 -40.79
CA VAL A 90 -6.10 2.36 -41.81
C VAL A 90 -4.81 1.64 -41.29
N LEU A 91 -4.42 1.97 -40.05
CA LEU A 91 -3.27 1.42 -39.37
C LEU A 91 -3.34 -0.10 -39.31
N ARG A 92 -4.49 -0.61 -38.90
CA ARG A 92 -4.66 -2.06 -38.79
C ARG A 92 -4.59 -2.82 -40.06
N VAL A 93 -5.20 -2.28 -41.11
CA VAL A 93 -5.09 -2.97 -42.39
C VAL A 93 -3.65 -2.87 -42.94
N ASP A 94 -2.93 -1.80 -42.59
CA ASP A 94 -1.48 -1.70 -42.97
C ASP A 94 -0.67 -2.81 -42.28
N ILE A 95 -0.92 -3.03 -40.99
CA ILE A 95 -0.25 -4.10 -40.26
C ILE A 95 -0.64 -5.46 -40.89
N GLN A 96 -1.93 -5.61 -41.20
CA GLN A 96 -2.45 -6.88 -41.75
C GLN A 96 -1.84 -7.17 -43.09
N ALA A 97 -1.63 -6.11 -43.90
CA ALA A 97 -0.90 -6.22 -45.18
C ALA A 97 0.47 -6.83 -45.04
N VAL A 98 1.25 -6.39 -44.03
CA VAL A 98 2.56 -6.96 -43.80
C VAL A 98 2.44 -8.45 -43.39
N TYR A 99 1.50 -8.73 -42.48
CA TYR A 99 1.33 -10.07 -41.97
C TYR A 99 0.96 -11.01 -43.14
N ASP A 100 0.02 -10.58 -43.98
CA ASP A 100 -0.46 -11.39 -45.09
C ASP A 100 0.54 -11.54 -46.21
N ARG A 101 1.34 -10.49 -46.46
CA ARG A 101 2.20 -10.48 -47.66
C ARG A 101 3.69 -10.80 -47.50
N ASP A 102 4.18 -10.81 -46.28
CA ASP A 102 5.60 -11.05 -46.09
C ASP A 102 5.85 -12.37 -45.40
N PRO A 103 6.36 -13.36 -46.13
CA PRO A 103 6.62 -14.68 -45.53
C PRO A 103 7.82 -14.63 -44.54
N ALA A 104 8.63 -13.56 -44.60
CA ALA A 104 9.81 -13.48 -43.75
C ALA A 104 9.57 -13.18 -42.27
N TYR A 105 8.36 -12.76 -41.89
CA TYR A 105 8.03 -12.37 -40.51
C TYR A 105 6.71 -13.01 -40.11
N SER A 106 6.66 -13.58 -38.90
CA SER A 106 5.41 -14.31 -38.48
C SER A 106 4.59 -13.66 -37.38
N ARG A 107 4.99 -12.47 -36.90
CA ARG A 107 4.24 -11.81 -35.81
C ARG A 107 3.69 -10.44 -36.21
N PHE A 108 2.52 -10.12 -35.71
CA PHE A 108 1.90 -8.81 -35.96
C PHE A 108 2.80 -7.70 -35.38
N MET A 109 3.59 -8.05 -34.38
CA MET A 109 4.47 -7.10 -33.68
C MET A 109 5.65 -6.70 -34.58
N ASP A 110 6.04 -7.57 -35.51
CA ASP A 110 7.26 -7.33 -36.32
C ASP A 110 7.24 -5.97 -37.08
N PRO A 111 6.19 -5.69 -37.86
CA PRO A 111 6.21 -4.39 -38.49
C PRO A 111 6.13 -3.23 -37.51
N VAL A 112 5.34 -3.37 -36.43
CA VAL A 112 5.23 -2.31 -35.44
C VAL A 112 6.60 -1.98 -34.84
N LEU A 113 7.43 -2.99 -34.57
CA LEU A 113 8.74 -2.71 -33.91
C LEU A 113 9.88 -2.38 -34.87
N TYR A 114 9.92 -3.07 -36.00
CA TYR A 114 11.19 -3.25 -36.74
C TYR A 114 11.19 -2.69 -38.15
N LEU A 115 10.03 -2.68 -38.79
CA LEU A 115 10.06 -2.50 -40.25
C LEU A 115 9.93 -1.06 -40.67
N LYS A 116 11.02 -0.49 -41.25
CA LYS A 116 11.03 0.96 -41.45
C LYS A 116 10.01 1.36 -42.52
N GLY A 117 9.67 0.41 -43.40
CA GLY A 117 8.70 0.68 -44.42
C GLY A 117 7.33 0.95 -43.80
N PHE A 118 6.94 0.11 -42.85
CA PHE A 118 5.71 0.38 -42.11
C PHE A 118 5.79 1.73 -41.33
N HIS A 119 6.90 1.97 -40.64
CA HIS A 119 7.12 3.27 -39.96
C HIS A 119 7.05 4.48 -40.86
N ALA A 120 7.66 4.38 -42.06
CA ALA A 120 7.59 5.46 -43.05
C ALA A 120 6.15 5.78 -43.51
N ILE A 121 5.35 4.74 -43.76
CA ILE A 121 3.95 4.92 -44.13
C ILE A 121 3.23 5.77 -43.13
N GLN A 122 3.22 5.36 -41.85
CA GLN A 122 2.50 6.13 -40.81
C GLN A 122 3.12 7.51 -40.54
N THR A 123 4.41 7.65 -40.74
CA THR A 123 5.06 8.95 -40.71
C THR A 123 4.46 9.84 -41.78
N HIS A 124 4.32 9.32 -43.01
CA HIS A 124 3.74 10.09 -44.09
C HIS A 124 2.33 10.52 -43.79
N ARG A 125 1.53 9.57 -43.25
CA ARG A 125 0.14 9.94 -42.92
C ARG A 125 0.09 11.12 -41.97
N LEU A 126 0.98 11.13 -40.98
CA LEU A 126 1.08 12.33 -40.10
C LEU A 126 1.52 13.60 -40.84
N ALA A 127 2.58 13.48 -41.67
CA ALA A 127 3.09 14.61 -42.37
C ALA A 127 2.05 15.17 -43.35
N HIS A 128 1.32 14.26 -44.00
CA HIS A 128 0.27 14.60 -44.94
C HIS A 128 -0.81 15.38 -44.28
N TRP A 129 -1.19 14.96 -43.09
CA TRP A 129 -2.23 15.65 -42.34
C TRP A 129 -1.79 17.02 -41.85
N LEU A 130 -0.56 17.09 -41.33
CA LEU A 130 0.01 18.37 -40.94
C LEU A 130 0.09 19.35 -42.12
N TYR A 131 0.48 18.83 -43.29
CA TYR A 131 0.68 19.63 -44.52
C TYR A 131 -0.67 20.22 -44.98
N LYS A 132 -1.71 19.41 -44.89
CA LYS A 132 -3.08 19.84 -45.14
C LYS A 132 -3.61 20.85 -44.13
N GLN A 133 -3.13 20.82 -42.91
CA GLN A 133 -3.41 21.84 -41.92
C GLN A 133 -2.63 23.15 -42.12
N GLY A 134 -1.65 23.17 -43.03
CA GLY A 134 -0.90 24.34 -43.27
C GLY A 134 0.33 24.37 -42.39
N ARG A 135 0.57 23.29 -41.63
CA ARG A 135 1.77 23.20 -40.77
C ARG A 135 2.88 22.65 -41.64
N LYS A 136 3.24 23.41 -42.67
CA LYS A 136 4.17 22.88 -43.71
C LYS A 136 5.55 22.56 -43.20
N ASP A 137 6.06 23.42 -42.33
CA ASP A 137 7.38 23.16 -41.78
C ASP A 137 7.49 21.89 -40.94
N PHE A 138 6.45 21.56 -40.17
CA PHE A 138 6.46 20.34 -39.39
C PHE A 138 6.44 19.19 -40.39
N ALA A 139 5.60 19.35 -41.44
CA ALA A 139 5.42 18.30 -42.50
C ALA A 139 6.77 18.04 -43.24
N TYR A 140 7.48 19.11 -43.59
CA TYR A 140 8.80 18.98 -44.24
C TYR A 140 9.85 18.43 -43.33
N TYR A 141 9.80 18.82 -42.07
CA TYR A 141 10.74 18.25 -41.12
C TYR A 141 10.56 16.75 -41.03
N LEU A 142 9.33 16.28 -40.83
CA LEU A 142 9.05 14.83 -40.87
C LEU A 142 9.52 14.18 -42.17
N GLN A 143 9.22 14.80 -43.30
CA GLN A 143 9.70 14.29 -44.60
C GLN A 143 11.21 14.17 -44.64
N SER A 144 11.87 15.21 -44.16
CA SER A 144 13.35 15.24 -44.08
C SER A 144 13.90 14.20 -43.14
N ARG A 145 13.27 14.03 -41.99
CA ARG A 145 13.72 13.03 -41.03
C ARG A 145 13.47 11.59 -41.51
N SER A 146 12.30 11.35 -42.11
CA SER A 146 12.02 10.04 -42.62
C SER A 146 13.05 9.65 -43.74
N SER A 147 13.40 10.63 -44.56
CA SER A 147 14.36 10.41 -45.64
C SER A 147 15.69 9.98 -45.12
N SER A 148 16.16 10.67 -44.09
CA SER A 148 17.41 10.38 -43.42
C SER A 148 17.42 9.08 -42.64
N ILE A 149 16.30 8.75 -41.96
CA ILE A 149 16.34 7.64 -41.00
C ILE A 149 15.69 6.37 -41.57
N PHE A 150 14.67 6.53 -42.43
CA PHE A 150 14.05 5.39 -43.02
C PHE A 150 14.43 5.26 -44.47
N GLN A 151 15.12 6.26 -45.00
CA GLN A 151 15.52 6.22 -46.42
C GLN A 151 14.34 6.29 -47.36
N THR A 152 13.24 6.89 -46.91
CA THR A 152 12.01 6.97 -47.72
C THR A 152 11.70 8.44 -47.84
N ASP A 153 11.74 8.95 -49.07
CA ASP A 153 11.52 10.36 -49.33
C ASP A 153 10.18 10.50 -49.99
N ILE A 154 9.20 10.77 -49.16
CA ILE A 154 7.80 10.87 -49.60
C ILE A 154 7.36 12.32 -49.37
N HIS A 155 6.90 12.97 -50.41
CA HIS A 155 6.45 14.37 -50.24
C HIS A 155 5.14 14.36 -49.49
N PRO A 156 4.96 15.26 -48.51
CA PRO A 156 3.77 15.17 -47.68
C PRO A 156 2.47 15.34 -48.47
N ALA A 157 2.52 15.91 -49.69
CA ALA A 157 1.32 16.10 -50.52
C ALA A 157 0.92 14.81 -51.30
N ALA A 158 1.80 13.80 -51.34
CA ALA A 158 1.46 12.50 -51.95
C ALA A 158 0.29 11.86 -51.23
N ARG A 159 -0.54 11.15 -51.98
CA ARG A 159 -1.70 10.46 -51.37
C ARG A 159 -1.46 8.96 -51.36
N LEU A 160 -1.46 8.37 -50.16
CA LEU A 160 -1.26 6.90 -50.05
C LEU A 160 -2.51 6.25 -49.44
N GLY A 161 -3.05 5.21 -50.07
CA GLY A 161 -4.21 4.51 -49.56
C GLY A 161 -3.83 3.53 -48.51
N SER A 162 -4.80 2.69 -48.09
CA SER A 162 -4.62 1.79 -46.99
C SER A 162 -4.23 0.39 -47.47
N GLY A 163 -3.79 -0.45 -46.56
CA GLY A 163 -3.33 -1.76 -46.96
C GLY A 163 -2.03 -1.66 -47.77
N LEU A 164 -1.25 -0.60 -47.57
CA LEU A 164 0.05 -0.43 -48.31
C LEU A 164 1.15 -1.20 -47.67
N PHE A 165 1.90 -1.96 -48.48
CA PHE A 165 2.98 -2.78 -47.99
C PHE A 165 4.28 -2.21 -48.60
N LEU A 166 5.11 -1.63 -47.76
CA LEU A 166 6.40 -1.10 -48.23
C LEU A 166 7.52 -2.00 -47.72
N ASP A 167 7.97 -2.94 -48.56
CA ASP A 167 8.89 -4.04 -48.17
C ASP A 167 10.34 -3.61 -48.39
N HIS A 168 11.18 -3.77 -47.35
CA HIS A 168 12.53 -3.21 -47.32
C HIS A 168 12.71 -1.71 -47.41
N ALA A 169 12.07 -1.05 -48.38
CA ALA A 169 11.82 0.41 -48.43
C ALA A 169 13.04 1.26 -48.89
N THR A 170 14.24 0.86 -48.52
CA THR A 170 15.42 1.74 -48.72
C THR A 170 15.36 2.37 -50.13
N GLY A 171 15.46 3.71 -50.19
CA GLY A 171 15.57 4.45 -51.49
C GLY A 171 14.27 4.80 -52.15
N LEU A 172 13.15 4.60 -51.45
CA LEU A 172 11.85 5.02 -51.97
C LEU A 172 11.84 6.52 -52.17
N VAL A 173 11.35 6.96 -53.32
CA VAL A 173 11.09 8.34 -53.52
C VAL A 173 9.72 8.48 -54.14
N VAL A 174 8.88 9.27 -53.51
CA VAL A 174 7.52 9.54 -53.97
C VAL A 174 7.25 11.06 -54.04
N GLY A 175 6.86 11.51 -55.23
CA GLY A 175 6.73 12.88 -55.59
C GLY A 175 5.49 13.53 -55.04
N GLU A 176 5.51 14.85 -55.11
CA GLU A 176 4.40 15.72 -54.65
C GLU A 176 2.98 15.32 -55.14
N THR A 177 2.86 14.92 -56.39
CA THR A 177 1.55 14.75 -57.00
C THR A 177 1.24 13.24 -57.28
N ALA A 178 2.01 12.33 -56.68
CA ALA A 178 1.78 10.92 -56.83
C ALA A 178 0.54 10.48 -56.08
N VAL A 179 -0.16 9.48 -56.60
CA VAL A 179 -1.25 8.84 -55.86
C VAL A 179 -1.09 7.33 -55.84
N VAL A 180 -1.25 6.72 -54.66
CA VAL A 180 -1.17 5.27 -54.49
C VAL A 180 -2.50 4.82 -53.86
N GLU A 181 -3.22 3.95 -54.58
CA GLU A 181 -4.53 3.51 -54.14
C GLU A 181 -4.34 2.35 -53.18
N ASP A 182 -5.43 1.66 -52.81
CA ASP A 182 -5.38 0.65 -51.75
C ASP A 182 -4.70 -0.62 -52.18
N ASN A 183 -4.25 -1.36 -51.16
CA ASN A 183 -3.62 -2.69 -51.31
C ASN A 183 -2.53 -2.75 -52.33
N VAL A 184 -1.68 -1.76 -52.30
CA VAL A 184 -0.48 -1.74 -53.17
C VAL A 184 0.74 -2.24 -52.38
N SER A 185 1.70 -2.88 -53.07
CA SER A 185 2.93 -3.41 -52.47
C SER A 185 4.04 -2.79 -53.27
N ILE A 186 4.97 -2.14 -52.57
CA ILE A 186 6.10 -1.44 -53.19
C ILE A 186 7.41 -1.89 -52.52
N LEU A 187 8.40 -2.22 -53.33
CA LEU A 187 9.67 -2.72 -52.81
C LEU A 187 10.67 -1.58 -52.65
N HIS A 188 11.91 -1.92 -52.25
CA HIS A 188 12.93 -0.91 -52.07
C HIS A 188 13.36 -0.39 -53.41
N GLY A 189 14.03 0.77 -53.42
CA GLY A 189 14.69 1.28 -54.61
C GLY A 189 13.69 1.87 -55.62
N VAL A 190 12.45 2.04 -55.21
CA VAL A 190 11.40 2.49 -56.14
C VAL A 190 11.22 4.00 -56.20
N THR A 191 11.08 4.53 -57.41
CA THR A 191 10.74 5.93 -57.60
C THR A 191 9.40 6.04 -58.29
N LEU A 192 8.53 6.84 -57.69
CA LEU A 192 7.31 7.35 -58.28
C LEU A 192 7.53 8.82 -58.42
N GLY A 193 8.26 9.19 -59.50
CA GLY A 193 8.70 10.54 -59.76
C GLY A 193 8.34 11.12 -61.12
N GLY A 194 9.13 12.13 -61.50
CA GLY A 194 8.86 12.88 -62.70
C GLY A 194 9.94 12.65 -63.73
N THR A 195 9.81 13.31 -64.87
CA THR A 195 10.69 13.11 -66.01
C THR A 195 11.61 14.31 -66.29
N GLY A 196 11.12 15.53 -66.03
CA GLY A 196 11.87 16.75 -66.37
C GLY A 196 11.13 17.82 -67.14
N LYS A 197 9.85 17.58 -67.47
CA LYS A 197 8.97 18.62 -68.04
C LYS A 197 7.85 18.94 -67.00
N SER A 198 8.26 19.47 -65.85
CA SER A 198 7.45 19.47 -64.63
C SER A 198 6.60 20.70 -64.44
N SER A 199 5.35 20.51 -64.04
CA SER A 199 4.56 21.65 -63.66
C SER A 199 3.70 21.27 -62.51
N GLY A 200 2.45 20.97 -62.81
CA GLY A 200 1.52 20.47 -61.82
C GLY A 200 1.74 18.99 -61.76
N ASP A 201 0.74 18.24 -62.18
CA ASP A 201 0.69 16.85 -61.97
C ASP A 201 1.72 16.18 -62.84
N ARG A 202 2.76 15.67 -62.24
CA ARG A 202 3.87 15.23 -63.01
C ARG A 202 4.38 13.88 -62.48
N HIS A 203 3.61 13.27 -61.57
CA HIS A 203 3.96 12.02 -60.88
C HIS A 203 2.86 10.97 -61.06
N PRO A 204 3.19 9.68 -60.86
CA PRO A 204 2.33 8.58 -61.32
C PRO A 204 1.14 8.34 -60.46
N LYS A 205 0.17 7.65 -61.04
CA LYS A 205 -1.03 7.18 -60.30
C LYS A 205 -1.03 5.69 -60.30
N ILE A 206 -0.86 5.12 -59.13
CA ILE A 206 -0.77 3.66 -59.00
C ILE A 206 -2.15 3.20 -58.52
N ARG A 207 -2.83 2.42 -59.35
CA ARG A 207 -4.16 1.95 -58.98
C ARG A 207 -4.12 0.72 -58.03
N GLN A 208 -5.27 0.29 -57.52
CA GLN A 208 -5.26 -0.79 -56.52
C GLN A 208 -4.68 -2.10 -56.92
N GLY A 209 -4.01 -2.70 -55.96
CA GLY A 209 -3.52 -4.05 -56.08
C GLY A 209 -2.27 -4.22 -56.90
N VAL A 210 -1.68 -3.11 -57.35
CA VAL A 210 -0.39 -3.15 -58.09
C VAL A 210 0.77 -3.63 -57.21
N LEU A 211 1.68 -4.38 -57.81
CA LEU A 211 2.92 -4.78 -57.17
C LEU A 211 4.01 -4.07 -57.95
N ILE A 212 4.84 -3.33 -57.24
CA ILE A 212 6.03 -2.67 -57.83
C ILE A 212 7.32 -3.28 -57.33
N GLY A 213 8.08 -3.87 -58.25
CA GLY A 213 9.36 -4.57 -58.00
C GLY A 213 10.51 -3.67 -57.61
N ALA A 214 11.52 -4.27 -56.99
CA ALA A 214 12.69 -3.55 -56.45
C ALA A 214 13.42 -2.80 -57.52
N GLY A 215 13.76 -1.52 -57.25
CA GLY A 215 14.59 -0.74 -58.15
C GLY A 215 13.79 -0.12 -59.27
N ALA A 216 12.48 -0.35 -59.31
CA ALA A 216 11.67 0.13 -60.45
C ALA A 216 11.44 1.63 -60.43
N LYS A 217 11.46 2.26 -61.62
CA LYS A 217 11.20 3.70 -61.77
C LYS A 217 9.95 3.95 -62.60
N ILE A 218 9.00 4.67 -62.02
CA ILE A 218 7.77 5.03 -62.72
C ILE A 218 7.78 6.51 -62.80
N LEU A 219 8.01 7.04 -64.00
CA LEU A 219 8.21 8.46 -64.14
C LEU A 219 7.22 9.14 -65.03
N GLY A 220 6.65 10.24 -64.55
CA GLY A 220 5.68 11.01 -65.32
C GLY A 220 4.29 10.89 -64.74
N ASN A 221 3.35 11.63 -65.32
CA ASN A 221 2.00 11.57 -64.86
C ASN A 221 1.35 10.41 -65.60
N ILE A 222 1.76 9.20 -65.30
CA ILE A 222 1.25 8.11 -66.06
C ILE A 222 0.47 7.23 -65.11
N GLN A 223 -0.29 6.32 -65.66
CA GLN A 223 -1.10 5.51 -64.77
C GLN A 223 -0.71 4.04 -64.79
N VAL A 224 -0.69 3.38 -63.62
CA VAL A 224 -0.49 1.90 -63.59
C VAL A 224 -1.81 1.24 -63.20
N GLY A 225 -2.39 0.46 -64.11
CA GLY A 225 -3.73 -0.04 -63.91
C GLY A 225 -3.85 -1.09 -62.86
N GLN A 226 -5.09 -1.35 -62.48
CA GLN A 226 -5.43 -2.29 -61.45
C GLN A 226 -4.76 -3.65 -61.58
N CYS A 227 -4.28 -4.16 -60.45
CA CYS A 227 -3.70 -5.49 -60.30
C CYS A 227 -2.48 -5.78 -61.18
N SER A 228 -1.90 -4.76 -61.78
CA SER A 228 -0.74 -5.00 -62.64
C SER A 228 0.55 -5.21 -61.84
N LYS A 229 1.59 -5.69 -62.51
CA LYS A 229 2.88 -5.89 -61.84
C LYS A 229 4.03 -5.25 -62.60
N ILE A 230 4.92 -4.59 -61.87
CA ILE A 230 6.07 -3.94 -62.47
C ILE A 230 7.24 -4.73 -62.00
N ALA A 231 7.94 -5.38 -62.93
CA ALA A 231 9.08 -6.21 -62.54
C ALA A 231 10.21 -5.35 -62.03
N ALA A 232 11.02 -5.95 -61.17
CA ALA A 232 12.17 -5.29 -60.67
C ALA A 232 13.01 -4.71 -61.79
N GLY A 233 13.54 -3.51 -61.57
CA GLY A 233 14.52 -2.87 -62.46
C GLY A 233 13.88 -2.13 -63.62
N SER A 234 12.55 -2.21 -63.72
CA SER A 234 11.82 -1.64 -64.87
C SER A 234 11.84 -0.13 -64.87
N VAL A 235 11.89 0.46 -66.06
CA VAL A 235 11.68 1.93 -66.19
C VAL A 235 10.40 2.19 -66.95
N VAL A 236 9.36 2.68 -66.25
CA VAL A 236 8.00 2.77 -66.81
C VAL A 236 7.72 4.18 -67.24
N LEU A 237 7.59 4.39 -68.55
CA LEU A 237 7.52 5.73 -69.08
C LEU A 237 6.20 6.08 -69.71
N LYS A 238 5.35 5.07 -69.93
CA LYS A 238 3.99 5.33 -70.38
C LYS A 238 3.03 4.55 -69.52
N SER A 239 1.74 4.90 -69.61
CA SER A 239 0.72 4.21 -68.81
C SER A 239 0.66 2.75 -69.10
N VAL A 240 0.31 1.98 -68.06
CA VAL A 240 0.18 0.55 -68.09
C VAL A 240 -1.30 0.16 -67.82
N PRO A 241 -1.89 -0.68 -68.69
CA PRO A 241 -3.32 -1.06 -68.43
C PRO A 241 -3.46 -1.99 -67.23
N HIS A 242 -4.68 -2.32 -66.84
CA HIS A 242 -4.87 -3.30 -65.76
C HIS A 242 -4.39 -4.69 -66.16
N ASN A 243 -4.24 -5.58 -65.19
CA ASN A 243 -4.00 -7.00 -65.42
C ASN A 243 -2.82 -7.37 -66.35
N VAL A 244 -1.74 -6.62 -66.28
CA VAL A 244 -0.52 -7.01 -67.01
C VAL A 244 0.72 -6.96 -66.16
N THR A 245 1.78 -7.64 -66.61
CA THR A 245 3.13 -7.47 -66.08
C THR A 245 3.93 -6.67 -67.14
N VAL A 246 4.63 -5.64 -66.68
CA VAL A 246 5.63 -4.97 -67.51
C VAL A 246 7.03 -5.24 -67.02
N ALA A 247 8.02 -5.21 -67.92
CA ALA A 247 9.44 -5.34 -67.53
C ALA A 247 10.27 -4.67 -68.56
N GLY A 248 11.52 -4.36 -68.20
CA GLY A 248 12.55 -3.87 -69.12
C GLY A 248 12.82 -2.39 -68.99
N VAL A 249 13.78 -1.93 -69.77
CA VAL A 249 14.18 -0.53 -69.78
C VAL A 249 14.18 0.00 -71.22
N PRO A 250 13.14 0.72 -71.63
CA PRO A 250 11.94 1.03 -70.86
C PRO A 250 10.99 -0.15 -70.86
N ALA A 251 10.02 -0.10 -69.97
CA ALA A 251 9.19 -1.27 -69.70
C ALA A 251 8.21 -1.61 -70.82
N ARG A 252 8.11 -2.91 -71.13
CA ARG A 252 7.13 -3.48 -72.10
C ARG A 252 6.22 -4.48 -71.39
N ILE A 253 4.95 -4.49 -71.75
CA ILE A 253 4.02 -5.54 -71.35
C ILE A 253 4.59 -6.87 -71.76
N ILE A 254 4.78 -7.77 -70.78
CA ILE A 254 5.37 -9.08 -71.04
C ILE A 254 4.41 -10.27 -70.73
N GLY A 255 3.28 -9.99 -70.10
CA GLY A 255 2.27 -11.04 -69.93
C GLY A 255 1.06 -10.53 -69.18
N GLU A 256 0.22 -11.48 -68.88
CA GLU A 256 -1.01 -11.22 -68.22
C GLU A 256 -0.81 -11.49 -66.73
N THR A 257 -1.58 -10.80 -65.85
CA THR A 257 -1.60 -11.14 -64.43
C THR A 257 -2.91 -10.71 -63.81
N GLY A 258 -3.10 -10.92 -62.51
CA GLY A 258 -4.38 -10.56 -61.92
C GLY A 258 -4.54 -10.22 -60.45
N CYS A 259 -3.46 -10.24 -59.67
CA CYS A 259 -3.52 -9.85 -58.21
C CYS A 259 -4.21 -10.82 -57.20
N THR A 260 -3.77 -10.76 -55.93
CA THR A 260 -4.12 -11.70 -54.81
C THR A 260 -3.05 -12.77 -54.60
N VAL B 16 -14.52 22.05 -13.44
CA VAL B 16 -13.64 23.27 -13.42
C VAL B 16 -12.35 22.99 -12.63
N ASP B 17 -11.26 23.51 -13.19
CA ASP B 17 -9.94 23.23 -12.72
C ASP B 17 -9.25 24.55 -12.95
N PRO B 18 -9.50 25.52 -12.05
CA PRO B 18 -8.92 26.84 -12.20
C PRO B 18 -7.37 26.81 -12.13
N ILE B 19 -6.80 25.88 -11.37
CA ILE B 19 -5.32 25.81 -11.30
C ILE B 19 -4.76 25.46 -12.69
N TRP B 20 -5.28 24.37 -13.27
CA TRP B 20 -4.93 23.95 -14.64
C TRP B 20 -5.24 25.00 -15.66
N HIS B 21 -6.42 25.62 -15.57
CA HIS B 21 -6.66 26.69 -16.56
C HIS B 21 -5.79 27.92 -16.42
N SER B 22 -5.37 28.28 -15.21
CA SER B 22 -4.39 29.39 -15.06
C SER B 22 -3.03 29.01 -15.67
N ILE B 23 -2.62 27.76 -15.46
CA ILE B 23 -1.29 27.31 -15.96
C ILE B 23 -1.19 27.39 -17.49
N ARG B 24 -2.27 26.98 -18.15
CA ARG B 24 -2.32 26.95 -19.61
C ARG B 24 -2.19 28.38 -20.11
N ALA B 25 -2.90 29.28 -19.42
CA ALA B 25 -2.86 30.69 -19.74
C ALA B 25 -1.47 31.29 -19.46
N GLU B 26 -0.93 30.99 -18.29
CA GLU B 26 0.45 31.40 -17.98
C GLU B 26 1.42 30.95 -19.05
N ALA B 27 1.23 29.73 -19.59
CA ALA B 27 2.21 29.14 -20.54
C ALA B 27 2.04 29.70 -21.92
N GLU B 28 0.79 29.92 -22.30
CA GLU B 28 0.56 30.60 -23.55
C GLU B 28 1.22 31.99 -23.62
N GLU B 29 1.03 32.79 -22.56
CA GLU B 29 1.61 34.14 -22.52
C GLU B 29 3.14 34.02 -22.50
N ALA B 30 3.63 33.01 -21.77
CA ALA B 30 5.08 32.79 -21.67
C ALA B 30 5.75 32.59 -23.02
N THR B 31 5.08 31.84 -23.93
CA THR B 31 5.65 31.48 -25.24
C THR B 31 5.53 32.69 -26.13
N ARG B 32 4.42 33.41 -25.99
CA ARG B 32 4.23 34.70 -26.70
C ARG B 32 5.40 35.62 -26.35
N ASN B 33 5.60 35.78 -25.05
CA ASN B 33 6.69 36.56 -24.49
C ASN B 33 8.09 36.07 -24.88
N ASP B 34 8.31 34.74 -24.95
CA ASP B 34 9.66 34.26 -25.27
C ASP B 34 9.55 32.98 -26.12
N PRO B 35 9.45 33.15 -27.45
CA PRO B 35 9.12 32.02 -28.35
C PRO B 35 10.14 30.93 -28.40
N VAL B 36 11.40 31.26 -28.10
CA VAL B 36 12.45 30.25 -28.13
C VAL B 36 12.16 29.12 -27.08
N LEU B 37 11.30 29.42 -26.09
CA LEU B 37 10.90 28.46 -25.06
C LEU B 37 9.63 27.70 -25.46
N GLY B 38 9.20 27.90 -26.69
CA GLY B 38 7.97 27.25 -27.15
C GLY B 38 8.02 25.73 -27.09
N ALA B 39 9.12 25.14 -27.49
CA ALA B 39 9.24 23.66 -27.47
C ALA B 39 9.10 23.15 -26.04
N PHE B 40 9.78 23.80 -25.11
CA PHE B 40 9.67 23.42 -23.70
C PHE B 40 8.24 23.61 -23.16
N LEU B 41 7.62 24.75 -23.48
CA LEU B 41 6.33 25.05 -22.94
C LEU B 41 5.18 24.30 -23.58
N TYR B 42 5.26 24.04 -24.87
CA TYR B 42 4.23 23.23 -25.52
C TYR B 42 4.36 21.79 -25.11
N ALA B 43 5.61 21.29 -25.05
CA ALA B 43 5.78 19.86 -24.72
C ALA B 43 5.36 19.50 -23.26
N THR B 44 5.61 20.45 -22.35
CA THR B 44 5.41 20.18 -20.94
C THR B 44 4.01 20.62 -20.50
N ILE B 45 3.46 21.66 -21.14
CA ILE B 45 2.13 22.17 -20.67
C ILE B 45 1.13 22.14 -21.77
N LEU B 46 1.34 22.96 -22.83
CA LEU B 46 0.20 23.21 -23.75
C LEU B 46 -0.32 21.99 -24.51
N ASN B 47 0.57 21.04 -24.82
CA ASN B 47 0.19 19.80 -25.48
C ASN B 47 -0.46 18.75 -24.59
N GLN B 48 -0.42 18.96 -23.27
CA GLN B 48 -0.85 17.98 -22.29
C GLN B 48 -2.35 18.11 -22.05
N PRO B 49 -3.04 16.96 -21.88
CA PRO B 49 -4.50 16.94 -21.75
C PRO B 49 -4.97 17.35 -20.33
N SER B 50 -4.04 17.41 -19.37
CA SER B 50 -4.37 17.67 -17.97
C SER B 50 -3.16 18.11 -17.16
N LEU B 51 -3.43 18.66 -16.00
CA LEU B 51 -2.44 19.10 -15.08
C LEU B 51 -1.56 17.91 -14.62
N GLU B 52 -2.20 16.82 -14.28
CA GLU B 52 -1.50 15.62 -13.87
C GLU B 52 -0.48 15.19 -14.90
N GLU B 53 -0.87 15.19 -16.17
CA GLU B 53 0.03 14.69 -17.21
C GLU B 53 1.14 15.72 -17.44
N ALA B 54 0.89 17.01 -17.20
CA ALA B 54 1.94 17.99 -17.35
C ALA B 54 2.95 17.80 -16.19
N VAL B 55 2.46 17.47 -14.99
CA VAL B 55 3.35 17.34 -13.81
C VAL B 55 4.19 16.07 -13.95
N MET B 56 3.53 14.98 -14.34
CA MET B 56 4.21 13.67 -14.51
C MET B 56 5.27 13.82 -15.60
N HIS B 57 4.94 14.56 -16.67
CA HIS B 57 5.84 14.64 -17.79
C HIS B 57 7.07 15.45 -17.41
N ARG B 58 6.89 16.61 -16.77
CA ARG B 58 8.04 17.45 -16.37
C ARG B 58 8.98 16.62 -15.47
N ILE B 59 8.41 15.91 -14.50
CA ILE B 59 9.22 15.18 -13.51
C ILE B 59 9.99 14.06 -14.21
N ALA B 60 9.30 13.37 -15.09
CA ALA B 60 9.95 12.32 -15.87
C ALA B 60 11.09 12.83 -16.73
N GLU B 61 10.91 14.03 -17.32
CA GLU B 61 12.02 14.63 -18.12
C GLU B 61 13.18 15.02 -17.24
N ARG B 62 12.91 15.52 -16.03
CA ARG B 62 13.99 15.84 -15.14
C ARG B 62 14.82 14.64 -14.67
N LEU B 63 14.14 13.54 -14.40
CA LEU B 63 14.77 12.32 -13.82
C LEU B 63 15.23 11.36 -14.83
N GLY B 64 14.74 11.51 -16.06
CA GLY B 64 15.08 10.64 -17.19
C GLY B 64 16.60 10.62 -17.42
N HIS B 65 17.09 9.45 -17.80
CA HIS B 65 18.52 9.12 -17.93
C HIS B 65 18.68 7.92 -18.87
N PRO B 66 19.83 7.79 -19.58
CA PRO B 66 20.10 6.55 -20.31
C PRO B 66 19.80 5.24 -19.53
N ASP B 67 20.08 5.20 -18.23
CA ASP B 67 19.80 4.02 -17.44
C ASP B 67 18.33 3.64 -17.39
N VAL B 68 17.48 4.63 -17.12
CA VAL B 68 16.07 4.43 -17.10
C VAL B 68 15.39 5.64 -17.75
N SER B 69 14.69 5.40 -18.86
CA SER B 69 14.30 6.51 -19.70
C SER B 69 13.19 7.33 -19.07
N ALA B 70 13.07 8.59 -19.50
CA ALA B 70 11.95 9.39 -19.09
C ALA B 70 10.60 8.71 -19.40
N ASP B 71 10.53 8.03 -20.54
CA ASP B 71 9.31 7.39 -20.94
C ASP B 71 8.86 6.34 -19.93
N ILE B 72 9.78 5.51 -19.49
CA ILE B 72 9.49 4.49 -18.45
C ILE B 72 9.02 5.18 -17.17
N LEU B 73 9.70 6.24 -16.76
CA LEU B 73 9.26 7.00 -15.58
C LEU B 73 7.86 7.57 -15.76
N ARG B 74 7.63 8.22 -16.90
CA ARG B 74 6.31 8.80 -17.18
C ARG B 74 5.20 7.74 -17.19
N GLN B 75 5.42 6.64 -17.91
CA GLN B 75 4.46 5.50 -17.93
C GLN B 75 4.12 4.93 -16.57
N THR B 76 5.15 4.76 -15.75
CA THR B 76 5.00 4.23 -14.40
C THR B 76 4.27 5.28 -13.56
N PHE B 77 4.56 6.55 -13.79
CA PHE B 77 3.83 7.58 -13.01
C PHE B 77 2.32 7.47 -13.27
N ASP B 78 1.97 7.25 -14.55
CA ASP B 78 0.55 7.15 -14.96
C ASP B 78 -0.20 5.96 -14.28
N THR B 79 0.54 4.86 -14.09
CA THR B 79 -0.03 3.70 -13.40
C THR B 79 -0.30 4.04 -11.93
N MET B 80 0.55 4.87 -11.33
CA MET B 80 0.37 5.30 -9.95
C MET B 80 -0.87 6.18 -9.89
N LEU B 81 -1.02 7.05 -10.89
CA LEU B 81 -2.17 7.92 -10.93
C LEU B 81 -3.46 7.09 -11.06
N GLU B 82 -3.43 6.14 -11.99
CA GLU B 82 -4.53 5.21 -12.19
C GLU B 82 -4.95 4.50 -10.91
N ALA B 83 -3.96 4.04 -10.14
CA ALA B 83 -4.21 3.37 -8.85
C ALA B 83 -4.52 4.31 -7.66
N ASN B 84 -4.15 5.60 -7.72
CA ASN B 84 -4.41 6.56 -6.62
C ASN B 84 -5.09 7.83 -7.12
N PRO B 85 -6.39 7.72 -7.50
CA PRO B 85 -7.16 8.89 -7.88
C PRO B 85 -7.02 10.09 -6.95
N GLU B 86 -6.86 9.81 -5.66
CA GLU B 86 -6.72 10.83 -4.63
C GLU B 86 -5.50 11.70 -4.87
N TRP B 87 -4.52 11.19 -5.65
CA TRP B 87 -3.35 12.01 -5.97
C TRP B 87 -3.73 13.27 -6.70
N SER B 88 -4.78 13.19 -7.52
CA SER B 88 -5.33 14.39 -8.19
C SER B 88 -5.60 15.53 -7.23
N HIS B 89 -6.19 15.21 -6.08
CA HIS B 89 -6.52 16.21 -5.09
C HIS B 89 -5.26 16.61 -4.36
N VAL B 90 -4.44 15.64 -3.99
CA VAL B 90 -3.21 15.93 -3.19
C VAL B 90 -2.27 16.83 -4.00
N LEU B 91 -2.18 16.53 -5.28
CA LEU B 91 -1.30 17.34 -6.14
C LEU B 91 -1.73 18.81 -6.17
N ARG B 92 -3.05 19.04 -6.21
CA ARG B 92 -3.57 20.43 -6.31
C ARG B 92 -3.37 21.22 -5.02
N VAL B 93 -3.51 20.55 -3.88
CA VAL B 93 -3.23 21.20 -2.58
C VAL B 93 -1.74 21.53 -2.43
N ASP B 94 -0.85 20.70 -2.98
CA ASP B 94 0.61 20.95 -2.89
C ASP B 94 0.99 22.13 -3.72
N ILE B 95 0.41 22.26 -4.92
CA ILE B 95 0.60 23.42 -5.75
C ILE B 95 0.08 24.69 -5.08
N GLN B 96 -1.15 24.59 -4.56
CA GLN B 96 -1.82 25.69 -3.86
C GLN B 96 -0.95 26.19 -2.71
N ALA B 97 -0.24 25.26 -2.06
CA ALA B 97 0.62 25.59 -0.94
C ALA B 97 1.80 26.47 -1.37
N VAL B 98 2.43 26.14 -2.50
CA VAL B 98 3.54 26.98 -2.96
C VAL B 98 3.00 28.35 -3.29
N TYR B 99 1.86 28.35 -3.97
CA TYR B 99 1.23 29.61 -4.39
C TYR B 99 0.91 30.50 -3.17
N ASP B 100 0.31 29.91 -2.15
CA ASP B 100 -0.05 30.64 -0.92
C ASP B 100 1.10 31.04 -0.02
N ARG B 101 2.21 30.31 -0.05
CA ARG B 101 3.21 30.44 1.02
C ARG B 101 4.52 31.05 0.53
N ASP B 102 4.73 31.04 -0.77
CA ASP B 102 5.99 31.58 -1.30
C ASP B 102 5.88 32.95 -2.06
N PRO B 103 6.43 34.03 -1.46
CA PRO B 103 6.34 35.37 -2.08
C PRO B 103 7.29 35.64 -3.27
N ALA B 104 8.31 34.80 -3.46
CA ALA B 104 9.19 34.99 -4.61
C ALA B 104 8.57 34.58 -6.00
N TYR B 105 7.46 33.84 -5.99
CA TYR B 105 6.82 33.34 -7.23
C TYR B 105 5.36 33.73 -7.21
N SER B 106 4.85 34.10 -8.39
CA SER B 106 3.51 34.67 -8.59
C SER B 106 2.60 33.81 -9.48
N ARG B 107 3.15 32.72 -10.06
CA ARG B 107 2.34 31.91 -10.98
C ARG B 107 2.20 30.48 -10.50
N PHE B 108 1.05 29.89 -10.81
CA PHE B 108 0.77 28.52 -10.39
C PHE B 108 1.72 27.55 -11.14
N MET B 109 2.14 27.99 -12.32
CA MET B 109 3.01 27.26 -13.25
C MET B 109 4.42 27.13 -12.71
N ASP B 110 4.81 28.06 -11.83
CA ASP B 110 6.17 28.06 -11.28
C ASP B 110 6.60 26.73 -10.59
N PRO B 111 5.75 26.19 -9.70
CA PRO B 111 6.20 24.96 -9.09
C PRO B 111 6.19 23.79 -10.09
N VAL B 112 5.23 23.81 -11.01
CA VAL B 112 5.08 22.72 -11.98
C VAL B 112 6.34 22.67 -12.88
N LEU B 113 6.81 23.81 -13.30
CA LEU B 113 8.00 23.88 -14.20
C LEU B 113 9.37 23.91 -13.56
N TYR B 114 9.52 24.57 -12.40
CA TYR B 114 10.87 24.99 -11.98
C TYR B 114 11.29 24.50 -10.62
N LEU B 115 10.35 24.31 -9.70
CA LEU B 115 10.68 24.13 -8.30
C LEU B 115 10.91 22.66 -7.95
N LYS B 116 12.17 22.36 -7.62
CA LYS B 116 12.59 20.96 -7.46
C LYS B 116 12.05 20.38 -6.19
N GLY B 117 11.78 21.23 -5.21
CA GLY B 117 11.06 20.75 -4.03
C GLY B 117 9.69 20.14 -4.34
N PHE B 118 8.92 20.83 -5.17
CA PHE B 118 7.68 20.33 -5.63
C PHE B 118 7.87 19.03 -6.40
N HIS B 119 8.92 19.02 -7.23
CA HIS B 119 9.19 17.84 -8.06
C HIS B 119 9.62 16.67 -7.22
N ALA B 120 10.32 16.95 -6.13
CA ALA B 120 10.77 15.92 -5.18
C ALA B 120 9.61 15.32 -4.40
N ILE B 121 8.62 16.13 -4.09
CA ILE B 121 7.50 15.59 -3.31
C ILE B 121 6.73 14.55 -4.14
N GLN B 122 6.35 14.91 -5.36
CA GLN B 122 5.56 14.03 -6.20
C GLN B 122 6.36 12.83 -6.62
N THR B 123 7.68 13.04 -6.85
CA THR B 123 8.59 11.89 -7.04
C THR B 123 8.48 10.89 -5.88
N HIS B 124 8.51 11.38 -4.63
CA HIS B 124 8.38 10.48 -3.47
C HIS B 124 7.06 9.74 -3.44
N ARG B 125 5.99 10.43 -3.80
CA ARG B 125 4.64 9.80 -3.81
C ARG B 125 4.64 8.62 -4.78
N LEU B 126 5.38 8.73 -5.88
CA LEU B 126 5.50 7.66 -6.83
C LEU B 126 6.34 6.54 -6.21
N ALA B 127 7.53 6.87 -5.66
CA ALA B 127 8.44 5.85 -5.08
C ALA B 127 7.81 5.15 -3.89
N HIS B 128 7.04 5.90 -3.12
CA HIS B 128 6.34 5.38 -1.94
C HIS B 128 5.32 4.36 -2.36
N TRP B 129 4.53 4.68 -3.37
CA TRP B 129 3.55 3.75 -3.87
C TRP B 129 4.21 2.50 -4.43
N LEU B 130 5.29 2.70 -5.20
CA LEU B 130 6.01 1.58 -5.78
C LEU B 130 6.55 0.65 -4.68
N TYR B 131 7.09 1.27 -3.63
CA TYR B 131 7.75 0.55 -2.59
C TYR B 131 6.70 -0.34 -1.83
N LYS B 132 5.51 0.19 -1.63
CA LYS B 132 4.38 -0.61 -1.03
C LYS B 132 3.89 -1.72 -1.92
N GLN B 133 4.14 -1.61 -3.23
CA GLN B 133 3.78 -2.66 -4.17
C GLN B 133 4.85 -3.77 -4.19
N GLY B 134 5.93 -3.63 -3.45
CA GLY B 134 7.01 -4.66 -3.58
C GLY B 134 8.07 -4.31 -4.62
N ARG B 135 7.91 -3.15 -5.24
CA ARG B 135 8.80 -2.72 -6.34
C ARG B 135 9.88 -1.79 -5.79
N LYS B 136 10.73 -2.37 -4.96
CA LYS B 136 11.69 -1.64 -4.19
C LYS B 136 12.81 -1.11 -5.06
N ASP B 137 13.16 -1.84 -6.10
CA ASP B 137 14.29 -1.40 -6.92
C ASP B 137 13.86 -0.17 -7.70
N PHE B 138 12.62 -0.18 -8.18
CA PHE B 138 12.12 0.97 -8.91
C PHE B 138 12.07 2.14 -7.88
N ALA B 139 11.64 1.82 -6.65
CA ALA B 139 11.51 2.81 -5.57
C ALA B 139 12.89 3.41 -5.25
N TYR B 140 13.89 2.56 -5.04
CA TYR B 140 15.22 3.03 -4.71
C TYR B 140 15.85 3.77 -5.89
N TYR B 141 15.52 3.34 -7.11
CA TYR B 141 16.13 4.07 -8.28
C TYR B 141 15.60 5.52 -8.27
N LEU B 142 14.30 5.67 -7.96
CA LEU B 142 13.71 7.03 -7.90
C LEU B 142 14.30 7.85 -6.80
N GLN B 143 14.44 7.22 -5.63
CA GLN B 143 15.08 7.81 -4.51
C GLN B 143 16.48 8.30 -4.86
N SER B 144 17.20 7.45 -5.57
CA SER B 144 18.61 7.73 -5.95
C SER B 144 18.65 8.93 -6.90
N ARG B 145 17.82 8.85 -7.93
CA ARG B 145 17.76 9.94 -8.91
C ARG B 145 17.31 11.27 -8.35
N SER B 146 16.32 11.24 -7.44
CA SER B 146 15.86 12.44 -6.78
C SER B 146 16.96 13.01 -5.86
N SER B 147 17.67 12.11 -5.15
CA SER B 147 18.75 12.56 -4.34
C SER B 147 19.84 13.29 -5.16
N SER B 148 20.06 12.80 -6.37
CA SER B 148 21.17 13.34 -7.23
C SER B 148 20.75 14.60 -7.98
N ILE B 149 19.49 14.62 -8.44
CA ILE B 149 19.00 15.69 -9.33
C ILE B 149 18.29 16.82 -8.57
N PHE B 150 17.52 16.46 -7.54
CA PHE B 150 16.83 17.46 -6.74
C PHE B 150 17.49 17.69 -5.40
N GLN B 151 18.55 16.92 -5.10
CA GLN B 151 19.26 16.98 -3.78
C GLN B 151 18.33 16.71 -2.56
N THR B 152 17.34 15.88 -2.76
CA THR B 152 16.38 15.51 -1.72
C THR B 152 16.46 13.98 -1.57
N ASP B 153 16.90 13.52 -0.42
CA ASP B 153 17.01 12.09 -0.16
C ASP B 153 15.84 11.70 0.77
N ILE B 154 14.76 11.24 0.20
CA ILE B 154 13.58 10.83 0.98
C ILE B 154 13.44 9.32 0.75
N HIS B 155 13.53 8.56 1.83
CA HIS B 155 13.34 7.10 1.75
C HIS B 155 11.95 6.78 1.37
N PRO B 156 11.74 5.85 0.41
CA PRO B 156 10.44 5.51 -0.14
C PRO B 156 9.40 5.14 0.93
N ALA B 157 9.86 4.62 2.07
CA ALA B 157 8.94 4.21 3.20
C ALA B 157 8.49 5.41 4.06
N ALA B 158 9.11 6.56 3.89
CA ALA B 158 8.66 7.73 4.61
C ALA B 158 7.24 8.10 4.22
N ARG B 159 6.44 8.65 5.16
CA ARG B 159 5.08 9.11 4.80
C ARG B 159 4.96 10.64 4.71
N LEU B 160 4.45 11.17 3.58
CA LEU B 160 4.35 12.64 3.43
C LEU B 160 2.94 13.04 3.19
N GLY B 161 2.45 14.00 3.99
CA GLY B 161 1.06 14.41 3.90
C GLY B 161 0.85 15.36 2.75
N SER B 162 -0.38 15.87 2.64
CA SER B 162 -0.78 16.74 1.54
C SER B 162 -0.58 18.18 1.96
N GLY B 163 -0.67 19.13 1.02
CA GLY B 163 -0.32 20.54 1.30
C GLY B 163 1.14 20.73 1.77
N LEU B 164 2.04 19.84 1.35
CA LEU B 164 3.45 19.94 1.77
C LEU B 164 4.16 20.99 0.91
N PHE B 165 4.91 21.88 1.55
CA PHE B 165 5.72 22.90 0.87
C PHE B 165 7.19 22.68 1.15
N LEU B 166 7.96 22.42 0.12
CA LEU B 166 9.36 22.14 0.28
C LEU B 166 10.15 23.25 -0.41
N ASP B 167 10.61 24.21 0.38
CA ASP B 167 11.08 25.46 -0.18
C ASP B 167 12.58 25.39 -0.34
N HIS B 168 13.07 25.68 -1.53
CA HIS B 168 14.52 25.59 -1.90
C HIS B 168 15.02 24.14 -1.95
N ALA B 169 14.63 23.33 -0.94
CA ALA B 169 14.84 21.86 -0.86
C ALA B 169 16.30 21.33 -0.69
N THR B 170 17.31 22.03 -1.23
CA THR B 170 18.62 21.39 -1.42
C THR B 170 19.07 20.74 -0.05
N GLY B 171 19.42 19.45 -0.07
CA GLY B 171 20.08 18.83 1.08
C GLY B 171 19.06 18.18 2.05
N LEU B 172 17.78 18.14 1.66
CA LEU B 172 16.76 17.44 2.45
C LEU B 172 17.09 15.98 2.60
N VAL B 173 16.97 15.48 3.85
CA VAL B 173 17.16 14.04 4.16
C VAL B 173 16.00 13.62 5.07
N VAL B 174 15.28 12.62 4.62
CA VAL B 174 14.10 12.15 5.35
C VAL B 174 14.23 10.61 5.47
N GLY B 175 14.38 10.15 6.71
CA GLY B 175 14.55 8.70 7.02
C GLY B 175 13.37 7.77 6.74
N GLU B 176 13.67 6.49 6.74
CA GLU B 176 12.71 5.43 6.42
C GLU B 176 11.41 5.43 7.27
N THR B 177 11.52 5.83 8.53
CA THR B 177 10.31 5.78 9.38
C THR B 177 9.68 7.17 9.69
N ALA B 178 10.16 8.18 8.99
CA ALA B 178 9.73 9.56 9.24
C ALA B 178 8.31 9.70 8.79
N VAL B 179 7.53 10.51 9.52
CA VAL B 179 6.18 10.83 9.12
C VAL B 179 6.00 12.33 9.10
N VAL B 180 5.41 12.83 8.02
CA VAL B 180 5.12 14.23 7.91
C VAL B 180 3.66 14.40 7.58
N GLU B 181 2.93 15.13 8.44
CA GLU B 181 1.49 15.32 8.31
C GLU B 181 1.10 16.35 7.31
N ASP B 182 -0.17 16.77 7.33
CA ASP B 182 -0.62 17.73 6.30
C ASP B 182 -0.21 19.16 6.59
N ASN B 183 -0.21 19.99 5.57
CA ASN B 183 0.09 21.41 5.65
C ASN B 183 1.44 21.77 6.31
N VAL B 184 2.49 20.98 6.09
CA VAL B 184 3.80 21.29 6.64
C VAL B 184 4.64 22.04 5.61
N SER B 185 5.49 22.99 6.08
CA SER B 185 6.45 23.64 5.25
C SER B 185 7.86 23.31 5.76
N ILE B 186 8.78 22.98 4.83
CA ILE B 186 10.14 22.54 5.16
C ILE B 186 11.12 23.23 4.25
N LEU B 187 12.14 23.82 4.84
CA LEU B 187 13.20 24.49 4.06
C LEU B 187 14.34 23.58 3.68
N HIS B 188 15.34 24.16 3.00
CA HIS B 188 16.45 23.40 2.53
C HIS B 188 17.24 22.94 3.74
N GLY B 189 18.11 21.97 3.52
CA GLY B 189 19.12 21.54 4.54
C GLY B 189 18.47 20.88 5.79
N VAL B 190 17.18 20.53 5.67
CA VAL B 190 16.52 19.87 6.80
C VAL B 190 16.81 18.38 6.84
N THR B 191 17.10 17.86 8.03
CA THR B 191 17.16 16.41 8.28
C THR B 191 16.01 15.95 9.22
N LEU B 192 15.22 14.99 8.75
CA LEU B 192 14.28 14.24 9.63
C LEU B 192 14.84 12.82 9.68
N GLY B 193 15.74 12.61 10.63
CA GLY B 193 16.58 11.42 10.67
C GLY B 193 16.69 10.77 12.04
N GLY B 194 17.76 10.01 12.28
CA GLY B 194 17.93 9.33 13.56
C GLY B 194 19.24 9.70 14.18
N THR B 195 19.44 9.19 15.38
CA THR B 195 20.74 9.29 16.05
C THR B 195 20.68 8.57 17.37
N GLY B 196 21.75 7.82 17.64
CA GLY B 196 22.78 7.54 16.63
C GLY B 196 22.60 6.15 16.01
N SER B 198 19.43 3.88 15.52
CA SER B 198 19.35 2.70 16.39
C SER B 198 19.04 1.43 15.60
N SER B 199 17.78 1.00 15.60
CA SER B 199 17.42 -0.32 15.10
C SER B 199 16.10 -0.34 14.30
N GLY B 200 15.02 0.17 14.90
CA GLY B 200 13.68 0.13 14.32
C GLY B 200 13.13 1.50 13.92
N ASP B 201 11.98 1.88 14.47
CA ASP B 201 11.44 3.24 14.28
C ASP B 201 12.28 4.31 15.06
N ARG B 202 12.89 5.20 14.31
CA ARG B 202 14.00 5.94 14.87
C ARG B 202 13.91 7.30 14.27
N HIS B 203 12.78 7.60 13.62
CA HIS B 203 12.72 8.87 12.84
C HIS B 203 11.53 9.66 13.30
N PRO B 204 11.55 11.00 13.14
CA PRO B 204 10.55 11.86 13.75
C PRO B 204 9.15 11.77 13.12
N LYS B 205 8.17 12.26 13.87
CA LYS B 205 6.80 12.49 13.40
C LYS B 205 6.55 13.99 13.44
N ILE B 206 6.33 14.61 12.28
CA ILE B 206 6.10 16.05 12.18
C ILE B 206 4.59 16.25 12.02
N ARG B 207 3.95 16.78 13.06
CA ARG B 207 2.47 16.93 13.03
C ARG B 207 2.04 18.11 12.13
N GLN B 208 0.74 18.23 11.91
CA GLN B 208 0.21 19.15 10.91
C GLN B 208 0.45 20.63 11.21
N GLY B 209 0.57 21.39 10.15
CA GLY B 209 0.89 22.78 10.22
C GLY B 209 2.28 23.20 10.62
N VAL B 210 3.20 22.25 10.88
CA VAL B 210 4.55 22.61 11.33
C VAL B 210 5.40 23.38 10.29
N LEU B 211 6.21 24.32 10.73
CA LEU B 211 7.19 24.97 9.82
C LEU B 211 8.58 24.64 10.25
N ILE B 212 9.41 24.16 9.30
CA ILE B 212 10.76 23.77 9.67
C ILE B 212 11.77 24.63 8.98
N GLY B 213 12.56 25.35 9.78
CA GLY B 213 13.55 26.38 9.30
C GLY B 213 14.74 25.77 8.59
N ALA B 214 15.46 26.59 7.83
CA ALA B 214 16.64 26.14 7.07
C ALA B 214 17.74 25.51 7.90
N GLY B 215 18.21 24.33 7.48
CA GLY B 215 19.35 23.71 8.16
C GLY B 215 18.97 22.96 9.40
N ALA B 216 17.68 22.99 9.77
CA ALA B 216 17.25 22.34 11.02
C ALA B 216 17.36 20.80 11.05
N LYS B 217 17.89 20.23 12.13
CA LYS B 217 18.09 18.77 12.26
C LYS B 217 17.12 18.24 13.32
N ILE B 218 16.23 17.32 12.95
CA ILE B 218 15.29 16.75 13.89
C ILE B 218 15.51 15.24 13.98
N LEU B 219 16.14 14.80 15.08
CA LEU B 219 16.65 13.40 15.05
C LEU B 219 16.04 12.59 16.13
N GLY B 220 15.71 11.34 15.79
CA GLY B 220 15.27 10.34 16.75
C GLY B 220 13.79 10.08 16.63
N ASN B 221 13.30 9.17 17.47
CA ASN B 221 11.86 8.87 17.54
C ASN B 221 11.09 9.89 18.38
N ILE B 222 11.05 11.12 17.90
CA ILE B 222 10.44 12.23 18.62
C ILE B 222 9.36 12.83 17.75
N GLN B 223 8.46 13.61 18.34
CA GLN B 223 7.49 14.36 17.56
C GLN B 223 7.54 15.92 17.71
N VAL B 224 7.18 16.61 16.63
CA VAL B 224 6.99 18.03 16.70
C VAL B 224 5.46 18.26 16.64
N GLY B 225 4.90 18.83 17.73
CA GLY B 225 3.44 18.95 17.82
C GLY B 225 2.91 19.97 16.81
N GLN B 226 1.60 19.90 16.57
CA GLN B 226 0.89 20.78 15.60
C GLN B 226 1.22 22.23 15.66
N CYS B 227 1.32 22.87 14.49
CA CYS B 227 1.49 24.32 14.41
C CYS B 227 2.82 24.86 14.94
N SER B 228 3.69 23.98 15.44
CA SER B 228 4.96 24.46 15.96
C SER B 228 5.95 24.91 14.86
N LYS B 229 6.94 25.70 15.27
CA LYS B 229 7.93 26.24 14.37
C LYS B 229 9.31 25.89 14.84
N ILE B 230 10.13 25.35 13.93
CA ILE B 230 11.53 25.07 14.28
C ILE B 230 12.37 26.13 13.59
N ALA B 231 13.18 26.86 14.32
CA ALA B 231 13.94 27.98 13.72
C ALA B 231 15.12 27.46 12.93
N ALA B 232 15.70 28.33 12.07
CA ALA B 232 16.86 27.97 11.28
C ALA B 232 17.99 27.46 12.14
N GLY B 233 18.63 26.35 11.73
CA GLY B 233 19.84 25.83 12.36
C GLY B 233 19.62 25.13 13.71
N SER B 234 18.36 24.94 14.12
CA SER B 234 18.07 24.26 15.35
C SER B 234 18.43 22.78 15.30
N VAL B 235 18.96 22.27 16.39
CA VAL B 235 19.12 20.82 16.51
C VAL B 235 18.11 20.24 17.53
N VAL B 236 17.12 19.47 17.06
CA VAL B 236 16.00 19.04 17.92
C VAL B 236 16.13 17.56 18.27
N LEU B 237 16.43 17.30 19.53
CA LEU B 237 16.66 15.96 20.04
C LEU B 237 15.59 15.47 21.02
N LYS B 238 14.58 16.27 21.30
CA LYS B 238 13.45 15.86 22.17
C LYS B 238 12.17 16.34 21.53
N SER B 239 11.07 15.66 21.85
CA SER B 239 9.77 16.02 21.36
C SER B 239 9.38 17.43 21.68
N VAL B 240 8.69 18.07 20.75
CA VAL B 240 8.32 19.50 20.83
C VAL B 240 6.82 19.56 21.00
N PRO B 241 6.35 20.36 21.99
CA PRO B 241 4.90 20.42 22.22
C PRO B 241 4.25 21.18 21.08
N HIS B 242 2.95 21.04 20.94
CA HIS B 242 2.19 21.88 20.00
C HIS B 242 2.28 23.38 20.28
N ASN B 243 2.12 24.21 19.26
CA ASN B 243 2.01 25.66 19.36
C ASN B 243 3.19 26.41 19.98
N VAL B 244 4.41 25.95 19.71
CA VAL B 244 5.60 26.65 20.22
C VAL B 244 6.62 26.88 19.12
N THR B 245 7.55 27.79 19.37
CA THR B 245 8.71 27.96 18.53
C THR B 245 9.91 27.44 19.30
N VAL B 246 10.78 26.68 18.63
CA VAL B 246 12.04 26.25 19.23
C VAL B 246 13.24 26.72 18.38
N ALA B 247 14.36 26.92 19.03
CA ALA B 247 15.57 27.44 18.33
C ALA B 247 16.75 26.97 19.14
N GLY B 248 17.91 26.94 18.47
CA GLY B 248 19.15 26.76 19.13
C GLY B 248 19.77 25.40 18.97
N VAL B 249 21.03 25.30 19.39
CA VAL B 249 21.73 23.99 19.45
C VAL B 249 22.14 23.71 20.90
N PRO B 250 21.44 22.77 21.59
CA PRO B 250 20.22 22.15 21.08
C PRO B 250 19.02 23.06 21.25
N ALA B 251 17.92 22.67 20.63
CA ALA B 251 16.78 23.52 20.57
C ALA B 251 16.19 23.64 21.96
N ARG B 252 15.63 24.81 22.28
CA ARG B 252 14.74 24.99 23.44
C ARG B 252 13.56 25.86 23.02
N ILE B 253 12.46 25.81 23.79
CA ILE B 253 11.27 26.59 23.49
C ILE B 253 11.58 28.10 23.70
N ILE B 254 11.29 28.95 22.72
CA ILE B 254 11.67 30.35 22.81
C ILE B 254 10.46 31.24 22.56
N GLY B 255 9.29 30.63 22.47
CA GLY B 255 8.10 31.38 22.08
C GLY B 255 6.88 30.52 21.85
N GLU B 256 5.74 31.18 21.63
CA GLU B 256 4.45 30.52 21.37
C GLU B 256 3.96 31.01 20.01
N THR B 257 3.17 30.17 19.34
CA THR B 257 2.77 30.43 17.98
C THR B 257 1.52 29.64 17.66
N GLY B 258 0.94 29.89 16.50
CA GLY B 258 -0.25 29.15 16.07
C GLY B 258 -0.20 28.83 14.59
N CYS B 259 -1.27 28.26 14.08
CA CYS B 259 -1.37 27.92 12.67
C CYS B 259 -1.88 29.09 11.82
N THR B 260 -1.85 28.94 10.50
CA THR B 260 -2.38 29.98 9.62
C THR B 260 -3.18 29.44 8.41
N VAL C 16 36.26 -17.58 -4.58
CA VAL C 16 35.18 -17.31 -3.59
C VAL C 16 34.96 -15.79 -3.50
N ASP C 17 33.75 -15.37 -3.83
CA ASP C 17 33.44 -13.95 -3.84
C ASP C 17 31.98 -13.79 -3.49
N PRO C 18 31.63 -13.99 -2.22
CA PRO C 18 30.21 -14.05 -1.86
C PRO C 18 29.45 -12.71 -2.11
N ILE C 19 30.14 -11.57 -2.01
CA ILE C 19 29.49 -10.27 -2.31
C ILE C 19 29.02 -10.21 -3.78
N TRP C 20 29.88 -10.59 -4.72
CA TRP C 20 29.44 -10.75 -6.13
C TRP C 20 28.29 -11.67 -6.38
N HIS C 21 28.34 -12.86 -5.81
CA HIS C 21 27.34 -13.84 -6.16
C HIS C 21 26.04 -13.51 -5.51
N SER C 22 26.11 -12.85 -4.39
CA SER C 22 24.87 -12.43 -3.78
C SER C 22 24.27 -11.23 -4.58
N ILE C 23 25.13 -10.38 -5.12
CA ILE C 23 24.63 -9.22 -5.92
C ILE C 23 24.04 -9.76 -7.19
N ARG C 24 24.68 -10.81 -7.75
CA ARG C 24 24.12 -11.44 -8.94
C ARG C 24 22.75 -12.01 -8.71
N ALA C 25 22.54 -12.68 -7.57
CA ALA C 25 21.23 -13.30 -7.27
C ALA C 25 20.18 -12.25 -6.85
N GLU C 26 20.60 -11.21 -6.11
CA GLU C 26 19.73 -10.02 -5.93
C GLU C 26 19.22 -9.38 -7.30
N ALA C 27 20.13 -9.17 -8.28
CA ALA C 27 19.73 -8.60 -9.56
C ALA C 27 18.78 -9.48 -10.33
N GLU C 28 19.05 -10.79 -10.29
CA GLU C 28 18.20 -11.76 -10.94
C GLU C 28 16.76 -11.70 -10.44
N GLU C 29 16.59 -11.74 -9.12
CA GLU C 29 15.26 -11.56 -8.49
C GLU C 29 14.60 -10.19 -8.80
N ALA C 30 15.40 -9.14 -8.75
CA ALA C 30 14.89 -7.81 -9.05
C ALA C 30 14.33 -7.70 -10.50
N THR C 31 14.97 -8.39 -11.46
CA THR C 31 14.51 -8.41 -12.83
C THR C 31 13.22 -9.16 -12.98
N ARG C 32 13.12 -10.34 -12.35
CA ARG C 32 11.83 -11.09 -12.33
C ARG C 32 10.74 -10.30 -11.71
N ASN C 33 11.07 -9.57 -10.64
CA ASN C 33 10.09 -8.75 -9.93
C ASN C 33 9.62 -7.57 -10.77
N ASP C 34 10.56 -6.96 -11.50
CA ASP C 34 10.18 -5.72 -12.21
C ASP C 34 10.84 -5.76 -13.58
N PRO C 35 10.17 -6.40 -14.55
CA PRO C 35 10.82 -6.66 -15.81
C PRO C 35 11.24 -5.43 -16.62
N VAL C 36 10.57 -4.30 -16.38
CA VAL C 36 10.95 -3.03 -17.06
C VAL C 36 12.34 -2.54 -16.76
N LEU C 37 12.85 -2.95 -15.60
CA LEU C 37 14.20 -2.64 -15.16
C LEU C 37 15.26 -3.61 -15.72
N GLY C 38 14.85 -4.50 -16.63
CA GLY C 38 15.78 -5.53 -17.10
C GLY C 38 17.01 -4.99 -17.85
N ALA C 39 16.83 -3.95 -18.67
CA ALA C 39 17.97 -3.35 -19.39
C ALA C 39 18.97 -2.77 -18.42
N PHE C 40 18.48 -2.07 -17.40
CA PHE C 40 19.34 -1.45 -16.40
C PHE C 40 20.10 -2.55 -15.60
N LEU C 41 19.36 -3.56 -15.12
CA LEU C 41 19.96 -4.61 -14.27
C LEU C 41 20.90 -5.52 -15.02
N TYR C 42 20.58 -5.84 -16.28
CA TYR C 42 21.50 -6.63 -17.10
C TYR C 42 22.70 -5.86 -17.50
N ALA C 43 22.52 -4.59 -17.89
CA ALA C 43 23.73 -3.84 -18.37
C ALA C 43 24.67 -3.56 -17.24
N THR C 44 24.13 -3.35 -16.04
CA THR C 44 24.96 -2.90 -14.93
C THR C 44 25.53 -4.08 -14.12
N ILE C 45 24.77 -5.16 -14.00
CA ILE C 45 25.19 -6.28 -13.14
C ILE C 45 25.28 -7.58 -13.95
N LEU C 46 24.20 -8.06 -14.50
CA LEU C 46 24.14 -9.46 -14.90
C LEU C 46 25.02 -9.77 -16.09
N ASN C 47 25.17 -8.81 -17.02
CA ASN C 47 26.06 -9.01 -18.16
C ASN C 47 27.50 -8.76 -17.81
N GLN C 48 27.75 -8.29 -16.59
CA GLN C 48 29.11 -7.99 -16.18
C GLN C 48 29.91 -9.23 -15.72
N PRO C 49 31.21 -9.26 -16.03
CA PRO C 49 32.04 -10.41 -15.64
C PRO C 49 32.47 -10.41 -14.17
N SER C 50 32.41 -9.25 -13.48
CA SER C 50 32.90 -9.12 -12.08
C SER C 50 32.22 -7.96 -11.37
N LEU C 51 32.30 -7.96 -10.04
CA LEU C 51 31.88 -6.86 -9.25
C LEU C 51 32.63 -5.57 -9.59
N GLU C 52 33.94 -5.63 -9.69
CA GLU C 52 34.70 -4.47 -10.14
C GLU C 52 34.09 -3.86 -11.39
N GLU C 53 33.79 -4.68 -12.40
CA GLU C 53 33.29 -4.17 -13.66
C GLU C 53 31.90 -3.57 -13.53
N ALA C 54 31.09 -4.23 -12.72
CA ALA C 54 29.76 -3.69 -12.44
C ALA C 54 29.81 -2.32 -11.75
N VAL C 55 30.72 -2.16 -10.78
CA VAL C 55 30.86 -0.92 -9.99
C VAL C 55 31.38 0.21 -10.90
N MET C 56 32.37 -0.10 -11.73
CA MET C 56 32.96 0.90 -12.64
C MET C 56 31.93 1.30 -13.68
N HIS C 57 31.12 0.34 -14.12
CA HIS C 57 30.11 0.61 -15.12
C HIS C 57 29.05 1.56 -14.57
N ARG C 58 28.50 1.20 -13.42
CA ARG C 58 27.48 2.06 -12.80
C ARG C 58 27.92 3.48 -12.62
N ILE C 59 29.12 3.65 -12.09
CA ILE C 59 29.67 4.97 -11.83
C ILE C 59 29.97 5.77 -13.09
N ALA C 60 30.56 5.09 -14.05
CA ALA C 60 30.83 5.73 -15.31
C ALA C 60 29.54 6.24 -15.94
N GLU C 61 28.47 5.46 -15.83
CA GLU C 61 27.18 5.81 -16.42
C GLU C 61 26.56 7.00 -15.72
N ARG C 62 26.66 7.02 -14.41
CA ARG C 62 26.16 8.20 -13.62
C ARG C 62 26.93 9.48 -13.96
N LEU C 63 28.22 9.34 -14.21
CA LEU C 63 29.07 10.51 -14.39
C LEU C 63 29.22 10.93 -15.85
N GLY C 64 28.85 10.03 -16.75
CA GLY C 64 29.03 10.28 -18.18
C GLY C 64 28.30 11.54 -18.61
N HIS C 65 28.83 12.20 -19.63
CA HIS C 65 28.26 13.47 -20.09
C HIS C 65 28.80 13.65 -21.53
N PRO C 66 28.09 14.39 -22.39
CA PRO C 66 28.68 14.73 -23.72
C PRO C 66 30.09 15.32 -23.66
N ASP C 67 30.45 16.06 -22.59
CA ASP C 67 31.82 16.51 -22.40
C ASP C 67 32.83 15.38 -22.38
N VAL C 68 32.55 14.32 -21.61
CA VAL C 68 33.47 13.20 -21.48
C VAL C 68 32.58 11.96 -21.30
N SER C 69 32.62 11.07 -22.28
CA SER C 69 31.64 9.98 -22.33
C SER C 69 31.84 9.02 -21.17
N ALA C 70 30.79 8.36 -20.79
CA ALA C 70 30.91 7.27 -19.84
C ALA C 70 31.95 6.24 -20.27
N ASP C 71 32.07 5.95 -21.57
CA ASP C 71 33.09 5.03 -22.06
C ASP C 71 34.51 5.37 -21.63
N ILE C 72 34.87 6.64 -21.78
CA ILE C 72 36.22 7.10 -21.46
C ILE C 72 36.39 7.00 -19.96
N LEU C 73 35.34 7.33 -19.21
CA LEU C 73 35.40 7.17 -17.75
C LEU C 73 35.58 5.72 -17.40
N ARG C 74 34.78 4.82 -18.00
CA ARG C 74 34.85 3.38 -17.73
C ARG C 74 36.24 2.80 -18.06
N GLN C 75 36.76 3.19 -19.20
CA GLN C 75 38.05 2.74 -19.68
C GLN C 75 39.13 3.21 -18.74
N THR C 76 38.97 4.43 -18.24
CA THR C 76 40.01 5.02 -17.40
C THR C 76 39.92 4.39 -16.00
N PHE C 77 38.71 4.08 -15.56
CA PHE C 77 38.52 3.38 -14.30
C PHE C 77 39.29 2.05 -14.32
N ASP C 78 39.12 1.29 -15.40
CA ASP C 78 39.74 -0.03 -15.52
C ASP C 78 41.29 0.01 -15.49
N THR C 79 41.87 1.06 -16.03
CA THR C 79 43.30 1.35 -15.97
C THR C 79 43.74 1.57 -14.54
N MET C 80 42.88 2.22 -13.74
CA MET C 80 43.14 2.35 -12.30
C MET C 80 43.15 0.99 -11.63
N LEU C 81 42.15 0.14 -11.92
CA LEU C 81 42.04 -1.18 -11.29
C LEU C 81 43.30 -2.04 -11.66
N GLU C 82 43.75 -1.94 -12.90
CA GLU C 82 44.98 -2.60 -13.35
C GLU C 82 46.18 -2.18 -12.55
N ALA C 83 46.36 -0.86 -12.42
CA ALA C 83 47.51 -0.30 -11.71
C ALA C 83 47.35 -0.45 -10.20
N ASN C 84 46.11 -0.64 -9.72
CA ASN C 84 45.81 -0.77 -8.26
C ASN C 84 44.92 -1.93 -7.93
N PRO C 85 45.45 -3.16 -8.01
CA PRO C 85 44.65 -4.32 -7.69
C PRO C 85 44.08 -4.35 -6.29
N GLU C 86 44.63 -3.57 -5.36
CA GLU C 86 44.09 -3.58 -3.97
C GLU C 86 42.71 -2.88 -3.91
N TRP C 87 42.40 -2.04 -4.94
CA TRP C 87 41.04 -1.53 -5.06
C TRP C 87 40.00 -2.63 -5.01
N SER C 88 40.36 -3.84 -5.46
CA SER C 88 39.37 -4.93 -5.42
C SER C 88 38.87 -5.23 -4.03
N HIS C 89 39.83 -5.17 -3.09
CA HIS C 89 39.56 -5.42 -1.65
C HIS C 89 38.90 -4.23 -1.00
N VAL C 90 39.39 -3.03 -1.32
CA VAL C 90 38.85 -1.77 -0.74
C VAL C 90 37.38 -1.65 -1.13
N LEU C 91 37.09 -1.92 -2.41
CA LEU C 91 35.73 -1.93 -2.94
C LEU C 91 34.77 -2.77 -2.09
N ARG C 92 35.22 -3.95 -1.71
CA ARG C 92 34.39 -4.90 -0.99
C ARG C 92 34.20 -4.56 0.45
N VAL C 93 35.24 -4.09 1.09
CA VAL C 93 35.02 -3.60 2.48
C VAL C 93 34.14 -2.31 2.55
N ASP C 94 34.16 -1.50 1.49
CA ASP C 94 33.28 -0.30 1.40
C ASP C 94 31.86 -0.75 1.24
N ILE C 95 31.64 -1.79 0.44
CA ILE C 95 30.28 -2.38 0.34
C ILE C 95 29.82 -2.97 1.64
N GLN C 96 30.72 -3.70 2.28
CA GLN C 96 30.42 -4.37 3.56
C GLN C 96 30.10 -3.30 4.66
N ALA C 97 30.75 -2.14 4.56
CA ALA C 97 30.46 -1.07 5.50
C ALA C 97 29.00 -0.66 5.34
N VAL C 98 28.54 -0.47 4.10
CA VAL C 98 27.16 -0.03 3.93
C VAL C 98 26.20 -1.10 4.49
N TYR C 99 26.50 -2.36 4.15
CA TYR C 99 25.64 -3.51 4.50
C TYR C 99 25.49 -3.60 6.01
N ASP C 100 26.61 -3.43 6.68
CA ASP C 100 26.67 -3.48 8.17
C ASP C 100 26.12 -2.24 8.90
N ARG C 101 26.30 -1.05 8.35
CA ARG C 101 25.99 0.16 9.12
C ARG C 101 24.67 0.86 8.75
N ASP C 102 24.13 0.55 7.59
CA ASP C 102 22.89 1.20 7.22
C ASP C 102 21.69 0.24 7.34
N PRO C 103 20.80 0.51 8.28
CA PRO C 103 19.65 -0.35 8.45
C PRO C 103 18.58 -0.19 7.35
N ALA C 104 18.62 0.91 6.59
CA ALA C 104 17.58 1.20 5.59
C ALA C 104 17.66 0.35 4.33
N TYR C 105 18.79 -0.34 4.12
CA TYR C 105 19.02 -1.18 2.94
C TYR C 105 19.45 -2.60 3.37
N SER C 106 19.01 -3.62 2.64
CA SER C 106 19.33 -5.01 3.08
C SER C 106 20.11 -5.86 2.09
N ARG C 107 20.48 -5.28 0.94
CA ARG C 107 21.15 -6.06 -0.10
C ARG C 107 22.50 -5.45 -0.44
N PHE C 108 23.46 -6.30 -0.82
CA PHE C 108 24.77 -5.82 -1.19
C PHE C 108 24.67 -5.00 -2.47
N MET C 109 23.63 -5.26 -3.23
CA MET C 109 23.37 -4.58 -4.50
C MET C 109 23.04 -3.07 -4.30
N ASP C 110 22.34 -2.74 -3.20
CA ASP C 110 21.88 -1.35 -2.95
C ASP C 110 23.00 -0.27 -3.09
N PRO C 111 24.12 -0.40 -2.36
CA PRO C 111 25.16 0.65 -2.54
C PRO C 111 25.71 0.66 -4.01
N VAL C 112 25.95 -0.50 -4.59
CA VAL C 112 26.44 -0.60 -5.99
C VAL C 112 25.50 0.13 -6.97
N LEU C 113 24.20 -0.07 -6.83
CA LEU C 113 23.25 0.58 -7.77
C LEU C 113 22.82 1.98 -7.44
N TYR C 114 22.55 2.24 -6.16
CA TYR C 114 21.73 3.43 -5.81
C TYR C 114 22.37 4.50 -4.96
N LEU C 115 23.41 4.15 -4.19
CA LEU C 115 23.81 5.08 -3.12
C LEU C 115 24.94 6.00 -3.52
N LYS C 116 24.66 7.31 -3.58
CA LYS C 116 25.64 8.23 -4.24
C LYS C 116 26.90 8.38 -3.37
N GLY C 117 26.77 8.09 -2.06
CA GLY C 117 27.89 8.16 -1.15
C GLY C 117 28.99 7.16 -1.59
N PHE C 118 28.55 5.94 -1.80
CA PHE C 118 29.40 4.85 -2.22
C PHE C 118 30.04 5.14 -3.57
N HIS C 119 29.24 5.68 -4.52
CA HIS C 119 29.76 6.08 -5.83
C HIS C 119 30.77 7.17 -5.76
N ALA C 120 30.52 8.14 -4.86
CA ALA C 120 31.41 9.25 -4.61
C ALA C 120 32.75 8.76 -4.12
N ILE C 121 32.73 7.83 -3.14
CA ILE C 121 33.97 7.27 -2.59
C ILE C 121 34.84 6.68 -3.68
N GLN C 122 34.28 5.80 -4.52
CA GLN C 122 35.06 5.15 -5.57
C GLN C 122 35.52 6.13 -6.63
N THR C 123 34.66 7.12 -6.92
CA THR C 123 35.03 8.20 -7.84
C THR C 123 36.26 8.92 -7.35
N HIS C 124 36.29 9.19 -6.05
CA HIS C 124 37.42 9.86 -5.46
C HIS C 124 38.67 9.00 -5.60
N ARG C 125 38.54 7.69 -5.35
CA ARG C 125 39.69 6.76 -5.44
C ARG C 125 40.30 6.81 -6.87
N LEU C 126 39.42 6.93 -7.87
CA LEU C 126 39.89 7.07 -9.27
C LEU C 126 40.60 8.41 -9.46
N ALA C 127 39.96 9.47 -9.02
CA ALA C 127 40.52 10.80 -9.18
C ALA C 127 41.85 10.98 -8.45
N HIS C 128 41.93 10.41 -7.24
CA HIS C 128 43.13 10.41 -6.39
C HIS C 128 44.32 9.73 -7.10
N TRP C 129 44.03 8.63 -7.77
CA TRP C 129 45.03 7.87 -8.50
C TRP C 129 45.53 8.66 -9.67
N LEU C 130 44.58 9.19 -10.42
CA LEU C 130 44.87 10.07 -11.53
C LEU C 130 45.67 11.31 -11.14
N TYR C 131 45.30 11.92 -10.02
CA TYR C 131 45.98 13.12 -9.53
C TYR C 131 47.46 12.81 -9.21
N LYS C 132 47.69 11.66 -8.59
CA LYS C 132 49.05 11.21 -8.25
C LYS C 132 49.86 10.81 -9.46
N GLN C 133 49.19 10.43 -10.55
CA GLN C 133 49.83 10.15 -11.81
C GLN C 133 50.18 11.38 -12.63
N GLY C 134 49.92 12.58 -12.10
CA GLY C 134 50.03 13.81 -12.85
C GLY C 134 48.86 14.15 -13.78
N ARG C 135 47.84 13.29 -13.83
CA ARG C 135 46.72 13.59 -14.72
C ARG C 135 45.68 14.41 -13.95
N LYS C 136 46.02 15.67 -13.72
CA LYS C 136 45.31 16.57 -12.84
C LYS C 136 44.02 17.09 -13.44
N ASP C 137 43.97 17.34 -14.74
CA ASP C 137 42.70 17.72 -15.40
C ASP C 137 41.67 16.60 -15.35
N PHE C 138 42.11 15.35 -15.50
CA PHE C 138 41.17 14.25 -15.44
C PHE C 138 40.63 14.16 -14.00
N ALA C 139 41.51 14.38 -13.03
CA ALA C 139 41.13 14.32 -11.60
C ALA C 139 40.21 15.46 -11.26
N TYR C 140 40.49 16.66 -11.78
CA TYR C 140 39.63 17.79 -11.49
C TYR C 140 38.25 17.63 -12.09
N TYR C 141 38.22 17.05 -13.29
CA TYR C 141 37.00 16.76 -14.04
C TYR C 141 36.09 15.80 -13.28
N LEU C 142 36.69 14.78 -12.70
CA LEU C 142 35.94 13.85 -11.87
C LEU C 142 35.45 14.48 -10.57
N GLN C 143 36.30 15.29 -9.99
CA GLN C 143 35.93 15.99 -8.75
C GLN C 143 34.76 16.92 -9.05
N SER C 144 34.83 17.56 -10.24
CA SER C 144 33.79 18.52 -10.67
C SER C 144 32.48 17.82 -10.98
N ARG C 145 32.56 16.72 -11.70
CA ARG C 145 31.41 15.91 -11.98
C ARG C 145 30.80 15.28 -10.70
N SER C 146 31.63 14.81 -9.78
CA SER C 146 31.16 14.23 -8.47
C SER C 146 30.46 15.29 -7.60
N SER C 147 31.01 16.48 -7.62
CA SER C 147 30.41 17.60 -6.89
C SER C 147 29.01 17.96 -7.40
N SER C 148 28.85 17.92 -8.72
CA SER C 148 27.60 18.32 -9.39
C SER C 148 26.56 17.19 -9.33
N ILE C 149 27.00 15.94 -9.43
CA ILE C 149 26.10 14.79 -9.56
C ILE C 149 25.83 14.09 -8.25
N PHE C 150 26.87 13.95 -7.43
CA PHE C 150 26.75 13.26 -6.11
C PHE C 150 26.70 14.27 -4.96
N GLN C 151 26.92 15.56 -5.29
CA GLN C 151 26.98 16.66 -4.30
C GLN C 151 28.05 16.44 -3.26
N THR C 152 29.21 15.86 -3.67
CA THR C 152 30.27 15.56 -2.75
C THR C 152 31.52 16.16 -3.36
N ASP C 153 32.10 17.16 -2.69
CA ASP C 153 33.26 17.87 -3.21
C ASP C 153 34.47 17.39 -2.41
N ILE C 154 35.18 16.48 -3.00
CA ILE C 154 36.39 15.88 -2.36
C ILE C 154 37.55 16.25 -3.27
N HIS C 155 38.46 17.02 -2.76
CA HIS C 155 39.71 17.27 -3.48
C HIS C 155 40.50 15.99 -3.75
N PRO C 156 40.88 15.75 -5.01
CA PRO C 156 41.61 14.51 -5.38
C PRO C 156 42.87 14.27 -4.53
N ALA C 157 43.38 15.31 -3.86
CA ALA C 157 44.61 15.05 -3.05
C ALA C 157 44.28 14.49 -1.68
N ALA C 158 43.01 14.60 -1.27
CA ALA C 158 42.55 14.08 0.00
C ALA C 158 42.80 12.58 0.09
N ARG C 159 42.99 12.08 1.29
CA ARG C 159 43.29 10.66 1.46
C ARG C 159 42.19 9.96 2.29
N LEU C 160 41.48 9.05 1.68
CA LEU C 160 40.38 8.31 2.35
C LEU C 160 40.68 6.83 2.47
N GLY C 161 40.52 6.28 3.68
CA GLY C 161 40.78 4.86 3.91
C GLY C 161 39.66 3.96 3.43
N SER C 162 39.75 2.68 3.73
CA SER C 162 38.77 1.71 3.32
C SER C 162 37.80 1.51 4.45
N GLY C 163 36.75 0.77 4.18
CA GLY C 163 35.65 0.66 5.15
C GLY C 163 34.92 1.96 5.40
N LEU C 164 34.92 2.85 4.43
CA LEU C 164 34.32 4.18 4.59
C LEU C 164 32.86 4.13 4.25
N PHE C 165 32.04 4.75 5.11
CA PHE C 165 30.58 4.80 4.92
C PHE C 165 30.15 6.28 4.82
N LEU C 166 29.70 6.66 3.65
CA LEU C 166 29.25 8.01 3.42
C LEU C 166 27.72 8.00 3.25
N ASP C 167 27.03 8.33 4.32
CA ASP C 167 25.56 8.06 4.44
C ASP C 167 24.85 9.32 4.04
N HIS C 168 23.98 9.18 3.04
CA HIS C 168 23.22 10.29 2.43
C HIS C 168 24.07 11.21 1.52
N ALA C 169 25.15 11.72 2.07
CA ALA C 169 26.29 12.34 1.35
C ALA C 169 26.11 13.79 1.01
N THR C 170 24.88 14.20 0.75
CA THR C 170 24.67 15.51 0.15
C THR C 170 25.48 16.60 0.87
N GLY C 171 26.23 17.40 0.16
CA GLY C 171 26.86 18.57 0.79
C GLY C 171 28.22 18.25 1.45
N LEU C 172 28.73 17.03 1.31
CA LEU C 172 30.04 16.76 1.81
C LEU C 172 31.17 17.58 1.16
N VAL C 173 32.06 18.17 1.97
CA VAL C 173 33.22 18.88 1.45
C VAL C 173 34.45 18.34 2.19
N VAL C 174 35.43 17.91 1.41
CA VAL C 174 36.65 17.39 1.98
C VAL C 174 37.83 18.12 1.30
N GLY C 175 38.63 18.76 2.12
CA GLY C 175 39.72 19.60 1.66
C GLY C 175 40.93 18.87 1.14
N GLU C 176 41.81 19.61 0.46
CA GLU C 176 43.04 19.06 -0.17
C GLU C 176 43.98 18.28 0.77
N THR C 177 44.09 18.72 2.01
CA THR C 177 45.07 18.12 2.91
C THR C 177 44.41 17.24 3.95
N ALA C 178 43.14 16.91 3.72
CA ALA C 178 42.43 16.03 4.67
C ALA C 178 42.85 14.61 4.58
N VAL C 179 42.82 13.93 5.70
CA VAL C 179 43.07 12.50 5.78
C VAL C 179 41.92 11.83 6.57
N VAL C 180 41.30 10.79 5.98
CA VAL C 180 40.29 9.97 6.70
C VAL C 180 40.85 8.52 6.74
N GLU C 181 40.98 7.98 7.94
CA GLU C 181 41.52 6.61 8.14
C GLU C 181 40.42 5.54 7.96
N ASP C 182 40.68 4.29 8.32
CA ASP C 182 39.73 3.24 8.03
C ASP C 182 38.50 3.21 8.93
N ASN C 183 37.46 2.55 8.44
CA ASN C 183 36.24 2.31 9.24
C ASN C 183 35.57 3.55 9.77
N VAL C 184 35.63 4.61 8.95
CA VAL C 184 35.00 5.87 9.34
C VAL C 184 33.59 5.90 8.75
N SER C 185 32.68 6.56 9.46
CA SER C 185 31.36 6.83 8.93
C SER C 185 31.08 8.34 8.92
N ILE C 186 30.54 8.84 7.82
CA ILE C 186 30.31 10.31 7.68
C ILE C 186 28.97 10.56 7.10
N LEU C 187 28.21 11.42 7.77
CA LEU C 187 26.90 11.77 7.33
C LEU C 187 26.86 12.90 6.30
N HIS C 188 25.65 13.17 5.78
CA HIS C 188 25.48 14.31 4.86
C HIS C 188 25.81 15.65 5.51
N GLY C 189 26.18 16.64 4.70
CA GLY C 189 26.34 18.01 5.16
C GLY C 189 27.61 18.23 5.98
N VAL C 190 28.58 17.34 5.83
CA VAL C 190 29.80 17.35 6.66
C VAL C 190 30.91 18.06 5.91
N THR C 191 31.61 18.94 6.65
CA THR C 191 32.80 19.65 6.13
C THR C 191 34.01 19.24 6.91
N LEU C 192 35.01 18.75 6.17
CA LEU C 192 36.37 18.59 6.68
C LEU C 192 37.19 19.60 5.91
N GLY C 193 37.17 20.83 6.39
CA GLY C 193 37.71 21.96 5.63
C GLY C 193 38.66 22.78 6.45
N GLY C 194 38.85 24.04 5.99
CA GLY C 194 39.80 24.94 6.64
C GLY C 194 39.07 26.04 7.34
N THR C 195 39.82 26.81 8.14
CA THR C 195 39.29 27.95 8.93
C THR C 195 39.13 29.20 8.07
N GLY C 196 40.03 29.40 7.10
CA GLY C 196 39.82 30.52 6.18
C GLY C 196 40.99 31.48 6.14
N LYS C 197 42.12 31.05 6.69
CA LYS C 197 43.33 31.86 6.66
C LYS C 197 43.96 31.84 5.24
N SER C 198 44.65 30.79 4.81
CA SER C 198 44.81 29.50 5.45
C SER C 198 45.60 28.74 4.41
N SER C 199 46.79 28.26 4.75
CA SER C 199 47.63 27.54 3.77
C SER C 199 48.38 26.33 4.35
N GLY C 200 48.92 25.50 3.43
CA GLY C 200 49.66 24.27 3.73
C GLY C 200 48.69 23.25 4.33
N ASP C 201 49.16 22.48 5.30
CA ASP C 201 48.32 21.45 5.88
C ASP C 201 47.31 22.20 6.74
N ARG C 202 46.03 22.16 6.33
CA ARG C 202 45.06 23.02 6.95
C ARG C 202 43.69 22.34 7.07
N HIS C 203 43.67 21.02 6.93
CA HIS C 203 42.42 20.26 6.94
C HIS C 203 42.53 19.11 7.92
N PRO C 204 41.38 18.57 8.38
CA PRO C 204 41.41 17.62 9.49
C PRO C 204 42.01 16.25 9.23
N LYS C 205 42.48 15.60 10.29
CA LYS C 205 42.90 14.21 10.31
C LYS C 205 41.86 13.36 11.09
N ILE C 206 41.11 12.50 10.43
CA ILE C 206 40.02 11.75 11.09
C ILE C 206 40.53 10.33 11.30
N ARG C 207 40.70 9.94 12.56
CA ARG C 207 41.35 8.67 12.84
C ARG C 207 40.34 7.53 12.74
N GLN C 208 40.82 6.31 12.81
CA GLN C 208 39.97 5.16 12.48
C GLN C 208 38.77 4.99 13.42
N GLY C 209 37.64 4.50 12.92
CA GLY C 209 36.51 4.16 13.77
C GLY C 209 35.60 5.35 14.09
N VAL C 210 35.93 6.52 13.54
CA VAL C 210 35.18 7.71 13.86
C VAL C 210 33.81 7.82 13.19
N LEU C 211 32.82 8.31 13.93
CA LEU C 211 31.54 8.66 13.36
C LEU C 211 31.33 10.19 13.39
N ILE C 212 30.89 10.75 12.26
CA ILE C 212 30.64 12.16 12.14
C ILE C 212 29.22 12.38 11.72
N GLY C 213 28.44 12.94 12.65
CA GLY C 213 27.01 13.25 12.50
C GLY C 213 26.71 14.36 11.46
N ALA C 214 25.44 14.41 11.10
CA ALA C 214 24.97 15.26 10.02
C ALA C 214 25.25 16.74 10.26
N GLY C 215 25.78 17.42 9.27
CA GLY C 215 25.96 18.84 9.34
C GLY C 215 27.18 19.26 10.11
N ALA C 216 28.01 18.33 10.57
CA ALA C 216 29.13 18.69 11.44
C ALA C 216 30.24 19.41 10.64
N LYS C 217 30.86 20.40 11.27
CA LYS C 217 31.97 21.09 10.59
C LYS C 217 33.22 20.93 11.42
N ILE C 218 34.28 20.41 10.79
CA ILE C 218 35.55 20.16 11.42
C ILE C 218 36.53 20.92 10.59
N LEU C 219 37.13 21.94 11.20
CA LEU C 219 37.90 22.92 10.44
C LEU C 219 39.30 23.09 10.97
N GLY C 220 40.28 23.11 10.08
CA GLY C 220 41.67 23.26 10.47
C GLY C 220 42.41 21.93 10.50
N ASN C 221 43.74 22.02 10.58
CA ASN C 221 44.58 20.84 10.74
C ASN C 221 44.49 20.38 12.19
N ILE C 222 43.39 19.69 12.50
CA ILE C 222 43.11 19.21 13.84
C ILE C 222 42.76 17.72 13.69
N GLN C 223 42.93 16.93 14.75
CA GLN C 223 42.62 15.53 14.63
C GLN C 223 41.42 15.16 15.47
N VAL C 224 40.65 14.21 14.96
CA VAL C 224 39.59 13.60 15.75
C VAL C 224 40.08 12.22 16.11
N GLY C 225 40.27 11.97 17.40
CA GLY C 225 40.91 10.70 17.84
C GLY C 225 40.09 9.45 17.51
N GLN C 226 40.74 8.29 17.48
CA GLN C 226 40.06 7.07 17.05
C GLN C 226 38.80 6.80 17.90
N CYS C 227 37.81 6.20 17.28
CA CYS C 227 36.60 5.77 17.94
C CYS C 227 35.80 6.89 18.55
N SER C 228 36.05 8.14 18.15
CA SER C 228 35.19 9.24 18.65
C SER C 228 33.97 9.54 17.80
N LYS C 229 32.99 10.22 18.41
CA LYS C 229 31.71 10.53 17.75
C LYS C 229 31.43 12.02 17.79
N ILE C 230 31.03 12.58 16.65
CA ILE C 230 30.78 14.00 16.57
C ILE C 230 29.34 14.07 16.31
N ALA C 231 28.58 14.60 17.28
CA ALA C 231 27.13 14.75 17.13
C ALA C 231 26.75 15.69 15.95
N ALA C 232 25.57 15.45 15.41
CA ALA C 232 25.03 16.30 14.34
C ALA C 232 25.07 17.80 14.73
N GLY C 233 25.55 18.63 13.83
CA GLY C 233 25.52 20.10 14.04
C GLY C 233 26.73 20.63 14.80
N SER C 234 27.65 19.75 15.23
CA SER C 234 28.83 20.21 15.99
C SER C 234 29.74 21.06 15.11
N VAL C 235 30.34 22.09 15.69
CA VAL C 235 31.42 22.84 15.05
C VAL C 235 32.68 22.58 15.86
N VAL C 236 33.62 21.83 15.27
CA VAL C 236 34.79 21.35 15.95
C VAL C 236 36.00 22.18 15.47
N LEU C 237 36.55 22.98 16.37
CA LEU C 237 37.71 23.81 16.03
C LEU C 237 39.02 23.39 16.69
N LYS C 238 38.95 22.55 17.72
CA LYS C 238 40.20 22.08 18.31
C LYS C 238 40.19 20.57 18.32
N SER C 239 41.36 19.96 18.37
CA SER C 239 41.49 18.50 18.34
C SER C 239 40.56 17.76 19.34
N VAL C 240 40.06 16.61 18.92
CA VAL C 240 39.21 15.76 19.77
C VAL C 240 40.01 14.52 20.15
N PRO C 241 40.10 14.19 21.45
CA PRO C 241 40.85 12.95 21.81
C PRO C 241 40.05 11.72 21.43
N HIS C 242 40.65 10.53 21.58
CA HIS C 242 39.98 9.26 21.28
C HIS C 242 38.92 8.96 22.29
N ASN C 243 38.09 7.99 21.96
CA ASN C 243 37.04 7.47 22.86
C ASN C 243 36.09 8.45 23.52
N VAL C 244 35.75 9.52 22.82
CA VAL C 244 34.77 10.46 23.38
C VAL C 244 33.66 10.85 22.40
N THR C 245 32.57 11.39 22.92
CA THR C 245 31.48 12.00 22.16
C THR C 245 31.54 13.49 22.40
N VAL C 246 31.52 14.26 21.32
CA VAL C 246 31.46 15.72 21.40
C VAL C 246 30.22 16.23 20.68
N ALA C 247 29.70 17.34 21.17
CA ALA C 247 28.47 17.97 20.59
C ALA C 247 28.56 19.44 20.83
N GLY C 248 27.85 20.21 19.97
CA GLY C 248 27.55 21.62 20.23
C GLY C 248 28.37 22.61 19.45
N VAL C 249 28.02 23.88 19.60
CA VAL C 249 28.66 24.99 18.92
C VAL C 249 29.16 25.97 20.01
N PRO C 250 30.46 25.92 20.38
CA PRO C 250 31.46 25.03 19.80
C PRO C 250 31.44 23.67 20.52
N ALA C 251 32.03 22.63 19.92
CA ALA C 251 31.99 21.26 20.47
C ALA C 251 32.60 21.14 21.88
N ARG C 252 31.98 20.36 22.75
CA ARG C 252 32.55 20.01 24.09
C ARG C 252 32.38 18.53 24.21
N ILE C 253 33.30 17.87 24.90
CA ILE C 253 33.13 16.48 25.26
C ILE C 253 31.91 16.33 26.16
N ILE C 254 30.95 15.50 25.76
CA ILE C 254 29.76 15.24 26.56
C ILE C 254 29.71 13.83 27.16
N GLY C 255 30.56 12.93 26.67
CA GLY C 255 30.52 11.54 27.07
C GLY C 255 31.71 10.73 26.59
N GLU C 256 31.87 9.55 27.19
CA GLU C 256 32.92 8.60 26.84
C GLU C 256 32.28 7.75 25.76
N THR C 257 33.08 7.06 24.95
CA THR C 257 32.49 6.21 23.89
C THR C 257 33.54 5.21 23.40
N GLY C 258 33.14 4.22 22.61
CA GLY C 258 34.07 3.19 22.13
C GLY C 258 33.83 2.83 20.65
N CYS C 259 34.74 2.08 20.05
CA CYS C 259 34.61 1.68 18.65
C CYS C 259 33.50 0.61 18.42
N THR C 260 32.99 0.49 17.20
CA THR C 260 31.98 -0.50 16.85
C THR C 260 32.66 -1.87 16.82
N VAL D 16 22.66 43.65 -48.21
CA VAL D 16 22.27 42.88 -49.46
C VAL D 16 22.67 41.38 -49.36
N ASP D 17 21.75 40.64 -48.75
CA ASP D 17 21.85 39.20 -48.73
C ASP D 17 20.40 38.79 -48.82
N PRO D 18 19.84 38.89 -50.04
CA PRO D 18 18.39 38.69 -50.17
C PRO D 18 17.97 37.26 -49.79
N ILE D 19 18.89 36.30 -49.98
CA ILE D 19 18.62 34.90 -49.63
C ILE D 19 18.47 34.87 -48.09
N TRP D 20 19.53 35.26 -47.37
CA TRP D 20 19.46 35.42 -45.91
C TRP D 20 18.24 36.12 -45.34
N HIS D 21 17.88 37.24 -45.94
CA HIS D 21 16.75 37.99 -45.42
C HIS D 21 15.43 37.33 -45.65
N SER D 22 15.28 36.64 -46.78
CA SER D 22 14.02 35.88 -47.03
C SER D 22 13.87 34.73 -46.04
N ILE D 23 15.01 34.06 -45.78
CA ILE D 23 15.04 32.91 -44.87
C ILE D 23 14.63 33.28 -43.43
N ARG D 24 15.16 34.42 -42.95
CA ARG D 24 14.75 34.92 -41.64
C ARG D 24 13.29 35.14 -41.65
N ALA D 25 12.79 35.74 -42.74
CA ALA D 25 11.38 36.12 -42.74
C ALA D 25 10.52 34.86 -42.77
N GLU D 26 11.00 33.85 -43.50
CA GLU D 26 10.28 32.54 -43.55
C GLU D 26 10.28 31.88 -42.18
N ALA D 27 11.41 31.92 -41.46
CA ALA D 27 11.51 31.32 -40.11
C ALA D 27 10.61 32.05 -39.10
N GLU D 28 10.57 33.37 -39.18
CA GLU D 28 9.70 34.10 -38.25
C GLU D 28 8.29 33.69 -38.44
N GLU D 29 7.90 33.61 -39.71
CA GLU D 29 6.49 33.31 -40.00
C GLU D 29 6.13 31.88 -39.54
N ALA D 30 7.10 30.97 -39.78
CA ALA D 30 6.91 29.56 -39.44
C ALA D 30 6.77 29.33 -37.95
N THR D 31 7.50 30.12 -37.16
CA THR D 31 7.46 30.03 -35.69
C THR D 31 6.10 30.51 -35.16
N ARG D 32 5.58 31.59 -35.74
CA ARG D 32 4.24 32.14 -35.36
C ARG D 32 3.23 31.12 -35.70
N ASN D 33 3.41 30.50 -36.86
CA ASN D 33 2.42 29.50 -37.35
C ASN D 33 2.44 28.17 -36.57
N ASP D 34 3.61 27.77 -36.08
CA ASP D 34 3.75 26.50 -35.33
C ASP D 34 4.77 26.67 -34.19
N PRO D 35 4.31 27.28 -33.07
CA PRO D 35 5.18 27.70 -31.98
C PRO D 35 6.03 26.58 -31.35
N VAL D 36 5.57 25.32 -31.44
CA VAL D 36 6.38 24.22 -30.96
C VAL D 36 7.73 24.07 -31.70
N LEU D 37 7.80 24.53 -32.94
CA LEU D 37 9.02 24.51 -33.73
C LEU D 37 9.96 25.69 -33.42
N GLY D 38 9.59 26.51 -32.42
CA GLY D 38 10.31 27.76 -32.07
C GLY D 38 11.75 27.47 -31.66
N ALA D 39 11.96 26.41 -30.87
CA ALA D 39 13.37 26.10 -30.46
C ALA D 39 14.22 25.74 -31.64
N PHE D 40 13.66 24.93 -32.53
CA PHE D 40 14.38 24.52 -33.71
C PHE D 40 14.71 25.70 -34.64
N LEU D 41 13.72 26.52 -34.91
CA LEU D 41 13.89 27.65 -35.82
C LEU D 41 14.74 28.81 -35.23
N TYR D 42 14.61 29.09 -33.96
CA TYR D 42 15.49 30.07 -33.30
C TYR D 42 16.94 29.61 -33.31
N ALA D 43 17.15 28.36 -32.90
CA ALA D 43 18.51 27.91 -32.75
C ALA D 43 19.21 27.79 -34.07
N THR D 44 18.46 27.48 -35.14
CA THR D 44 19.08 27.15 -36.41
C THR D 44 19.10 28.39 -37.37
N ILE D 45 18.07 29.23 -37.24
CA ILE D 45 17.97 30.44 -38.05
C ILE D 45 18.04 31.75 -37.27
N LEU D 46 17.04 32.01 -36.45
CA LEU D 46 16.79 33.38 -36.04
C LEU D 46 17.82 33.83 -35.05
N ASN D 47 18.50 32.94 -34.34
CA ASN D 47 19.60 33.33 -33.43
C ASN D 47 20.94 33.36 -34.11
N GLN D 48 20.97 33.00 -35.38
CA GLN D 48 22.21 33.01 -36.15
C GLN D 48 22.49 34.41 -36.76
N PRO D 49 23.77 34.78 -36.78
CA PRO D 49 24.17 36.09 -37.31
C PRO D 49 24.30 36.14 -38.86
N SER D 50 24.39 34.98 -39.53
CA SER D 50 24.53 34.90 -40.99
C SER D 50 24.01 33.59 -41.59
N LEU D 51 23.75 33.63 -42.91
CA LEU D 51 23.42 32.41 -43.66
C LEU D 51 24.49 31.30 -43.46
N GLU D 52 25.77 31.66 -43.54
CA GLU D 52 26.86 30.71 -43.40
C GLU D 52 26.78 29.99 -42.05
N GLU D 53 26.57 30.76 -40.98
CA GLU D 53 26.54 30.15 -39.63
C GLU D 53 25.27 29.25 -39.46
N ALA D 54 24.17 29.61 -40.09
CA ALA D 54 22.93 28.81 -40.02
C ALA D 54 23.08 27.49 -40.74
N VAL D 55 23.72 27.49 -41.91
CA VAL D 55 23.99 26.27 -42.71
C VAL D 55 24.99 25.37 -42.03
N MET D 56 26.03 25.96 -41.48
CA MET D 56 26.99 25.17 -40.68
C MET D 56 26.37 24.57 -39.43
N HIS D 57 25.50 25.32 -38.77
CA HIS D 57 24.85 24.85 -37.58
C HIS D 57 23.94 23.68 -37.90
N ARG D 58 23.06 23.84 -38.90
CA ARG D 58 22.15 22.79 -39.26
C ARG D 58 22.93 21.52 -39.57
N ILE D 59 23.96 21.61 -40.41
CA ILE D 59 24.71 20.44 -40.79
C ILE D 59 25.42 19.78 -39.60
N ALA D 60 26.01 20.59 -38.73
CA ALA D 60 26.67 20.08 -37.56
C ALA D 60 25.66 19.34 -36.63
N GLU D 61 24.45 19.87 -36.51
CA GLU D 61 23.44 19.19 -35.64
C GLU D 61 23.00 17.84 -36.26
N ARG D 62 22.90 17.78 -37.59
CA ARG D 62 22.45 16.54 -38.26
C ARG D 62 23.53 15.49 -38.17
N LEU D 63 24.80 15.89 -38.29
CA LEU D 63 25.87 14.92 -38.31
C LEU D 63 26.45 14.66 -36.92
N GLY D 64 26.11 15.51 -35.95
CA GLY D 64 26.65 15.35 -34.59
C GLY D 64 26.30 13.97 -33.96
N HIS D 65 27.23 13.42 -33.17
CA HIS D 65 27.12 12.08 -32.60
C HIS D 65 27.96 12.08 -31.35
N PRO D 66 27.65 11.24 -30.34
CA PRO D 66 28.58 11.06 -29.21
C PRO D 66 30.04 10.75 -29.63
N ASP D 67 30.25 10.09 -30.76
CA ASP D 67 31.64 9.87 -31.22
C ASP D 67 32.39 11.19 -31.45
N VAL D 68 31.72 12.16 -32.07
CA VAL D 68 32.26 13.48 -32.41
C VAL D 68 31.12 14.46 -32.37
N SER D 69 31.15 15.39 -31.41
CA SER D 69 30.02 16.18 -31.10
C SER D 69 29.74 17.16 -32.21
N ALA D 70 28.49 17.57 -32.27
CA ALA D 70 28.06 18.67 -33.12
C ALA D 70 28.94 19.90 -32.97
N ASP D 71 29.40 20.14 -31.73
CA ASP D 71 30.19 21.33 -31.42
C ASP D 71 31.49 21.36 -32.17
N ILE D 72 32.17 20.22 -32.13
CA ILE D 72 33.45 20.05 -32.85
C ILE D 72 33.25 20.11 -34.34
N LEU D 73 32.15 19.56 -34.84
CA LEU D 73 31.85 19.75 -36.26
C LEU D 73 31.65 21.21 -36.65
N ARG D 74 30.85 21.93 -35.85
CA ARG D 74 30.52 23.33 -36.08
C ARG D 74 31.81 24.20 -36.03
N GLN D 75 32.68 23.94 -35.07
CA GLN D 75 33.94 24.66 -34.91
C GLN D 75 34.89 24.41 -36.05
N THR D 76 34.93 23.16 -36.52
CA THR D 76 35.74 22.81 -37.67
C THR D 76 35.25 23.43 -38.96
N PHE D 77 33.93 23.44 -39.11
CA PHE D 77 33.27 24.08 -40.22
C PHE D 77 33.65 25.57 -40.29
N ASP D 78 33.60 26.26 -39.15
CA ASP D 78 33.85 27.68 -39.08
C ASP D 78 35.30 27.98 -39.46
N THR D 79 36.20 27.05 -39.13
CA THR D 79 37.61 27.10 -39.57
C THR D 79 37.82 27.00 -41.08
N MET D 80 37.06 26.11 -41.72
CA MET D 80 37.10 26.00 -43.15
C MET D 80 36.59 27.29 -43.78
N LEU D 81 35.55 27.90 -43.20
CA LEU D 81 34.95 29.14 -43.75
C LEU D 81 36.01 30.25 -43.71
N GLU D 82 36.72 30.32 -42.58
CA GLU D 82 37.84 31.21 -42.36
C GLU D 82 38.90 31.09 -43.43
N ALA D 83 39.36 29.87 -43.71
CA ALA D 83 40.49 29.62 -44.61
C ALA D 83 40.03 29.59 -46.09
N ASN D 84 38.73 29.52 -46.27
CA ASN D 84 38.14 29.35 -47.54
C ASN D 84 36.98 30.35 -47.79
N PRO D 85 37.29 31.66 -47.84
CA PRO D 85 36.25 32.69 -48.03
C PRO D 85 35.41 32.53 -49.28
N GLU D 86 35.95 31.81 -50.27
CA GLU D 86 35.28 31.44 -51.51
C GLU D 86 33.97 30.68 -51.31
N TRP D 87 33.87 29.93 -50.20
CA TRP D 87 32.71 29.08 -49.93
C TRP D 87 31.47 29.89 -49.81
N SER D 88 31.58 31.14 -49.30
CA SER D 88 30.41 32.01 -49.15
C SER D 88 29.66 32.18 -50.46
N HIS D 89 30.40 32.28 -51.55
CA HIS D 89 29.78 32.40 -52.87
C HIS D 89 29.28 31.08 -53.36
N VAL D 90 30.14 30.07 -53.33
CA VAL D 90 29.73 28.69 -53.74
C VAL D 90 28.43 28.26 -53.04
N LEU D 91 28.38 28.53 -51.73
CA LEU D 91 27.16 28.23 -50.96
C LEU D 91 25.87 28.83 -51.59
N ARG D 92 25.97 30.08 -52.06
CA ARG D 92 24.72 30.78 -52.42
C ARG D 92 24.28 30.41 -53.82
N VAL D 93 25.23 30.15 -54.69
CA VAL D 93 24.93 29.57 -56.00
C VAL D 93 24.36 28.13 -55.85
N ASP D 94 24.84 27.37 -54.84
CA ASP D 94 24.18 26.07 -54.49
C ASP D 94 22.75 26.27 -54.07
N ILE D 95 22.50 27.20 -53.11
CA ILE D 95 21.12 27.38 -52.67
C ILE D 95 20.23 27.86 -53.82
N GLN D 96 20.77 28.83 -54.59
CA GLN D 96 20.08 29.35 -55.78
C GLN D 96 19.71 28.21 -56.74
N ALA D 97 20.62 27.25 -56.88
CA ALA D 97 20.36 26.09 -57.76
C ALA D 97 19.12 25.31 -57.35
N VAL D 98 18.94 25.15 -56.05
CA VAL D 98 17.76 24.45 -55.55
C VAL D 98 16.46 25.21 -55.78
N TYR D 99 16.50 26.51 -55.49
CA TYR D 99 15.30 27.34 -55.62
C TYR D 99 14.79 27.35 -57.05
N ASP D 100 15.74 27.45 -57.98
CA ASP D 100 15.40 27.43 -59.41
C ASP D 100 15.06 26.09 -60.02
N ARG D 101 15.62 25.00 -59.52
CA ARG D 101 15.52 23.74 -60.22
C ARG D 101 14.52 22.76 -59.64
N ASP D 102 14.05 22.99 -58.41
CA ASP D 102 13.07 22.07 -57.81
C ASP D 102 11.66 22.58 -57.64
N PRO D 103 10.71 21.97 -58.37
CA PRO D 103 9.31 22.41 -58.27
C PRO D 103 8.56 21.92 -57.00
N ALA D 104 9.20 21.13 -56.14
CA ALA D 104 8.53 20.61 -54.93
C ALA D 104 8.55 21.54 -53.72
N TYR D 105 9.39 22.56 -53.74
CA TYR D 105 9.64 23.43 -52.55
C TYR D 105 9.72 24.89 -52.97
N SER D 106 9.15 25.73 -52.14
CA SER D 106 8.83 27.08 -52.52
C SER D 106 9.69 28.14 -51.76
N ARG D 107 10.55 27.69 -50.84
CA ARG D 107 11.28 28.63 -49.97
C ARG D 107 12.81 28.44 -49.97
N PHE D 108 13.57 29.53 -49.78
CA PHE D 108 15.03 29.40 -49.75
C PHE D 108 15.42 28.71 -48.44
N MET D 109 14.53 28.79 -47.46
CA MET D 109 14.74 28.13 -46.18
C MET D 109 14.76 26.61 -46.31
N ASP D 110 14.06 26.07 -47.31
CA ASP D 110 13.88 24.60 -47.47
C ASP D 110 15.19 23.75 -47.57
N PRO D 111 16.16 24.12 -48.44
CA PRO D 111 17.41 23.36 -48.52
C PRO D 111 18.23 23.52 -47.25
N VAL D 112 18.25 24.73 -46.69
CA VAL D 112 19.02 25.02 -45.49
C VAL D 112 18.56 24.08 -44.32
N LEU D 113 17.26 23.95 -44.13
CA LEU D 113 16.72 23.14 -43.05
C LEU D 113 16.57 21.67 -43.35
N TYR D 114 16.07 21.35 -44.54
CA TYR D 114 15.48 20.03 -44.79
C TYR D 114 16.18 19.09 -45.78
N LEU D 115 16.76 19.68 -46.82
CA LEU D 115 17.18 18.87 -47.96
C LEU D 115 18.54 18.23 -47.80
N LYS D 116 18.56 16.88 -47.67
CA LYS D 116 19.81 16.20 -47.28
C LYS D 116 20.85 16.31 -48.40
N GLY D 117 20.39 16.41 -49.67
CA GLY D 117 21.34 16.52 -50.80
C GLY D 117 22.16 17.79 -50.67
N PHE D 118 21.48 18.90 -50.34
CA PHE D 118 22.12 20.18 -50.10
C PHE D 118 23.10 20.02 -48.94
N HIS D 119 22.68 19.32 -47.87
CA HIS D 119 23.58 19.14 -46.71
C HIS D 119 24.80 18.36 -47.02
N ALA D 120 24.62 17.31 -47.82
CA ALA D 120 25.69 16.42 -48.16
C ALA D 120 26.71 17.19 -49.03
N ILE D 121 26.21 18.03 -49.93
CA ILE D 121 27.12 18.86 -50.77
C ILE D 121 28.06 19.67 -49.89
N GLN D 122 27.48 20.44 -48.94
CA GLN D 122 28.33 21.34 -48.09
C GLN D 122 29.21 20.55 -47.16
N THR D 123 28.70 19.39 -46.71
CA THR D 123 29.52 18.48 -45.93
C THR D 123 30.77 18.02 -46.70
N HIS D 124 30.58 17.55 -47.93
CA HIS D 124 31.72 17.22 -48.79
C HIS D 124 32.69 18.36 -48.95
N ARG D 125 32.16 19.58 -49.09
CA ARG D 125 33.07 20.72 -49.22
C ARG D 125 33.99 20.88 -47.96
N LEU D 126 33.45 20.58 -46.78
CA LEU D 126 34.25 20.56 -45.58
C LEU D 126 35.24 19.44 -45.58
N ALA D 127 34.80 18.23 -45.89
CA ALA D 127 35.63 17.05 -45.88
C ALA D 127 36.76 17.21 -46.94
N HIS D 128 36.40 17.74 -48.10
CA HIS D 128 37.37 17.94 -49.18
C HIS D 128 38.49 18.85 -48.75
N TRP D 129 38.15 19.94 -48.08
CA TRP D 129 39.13 20.88 -47.54
C TRP D 129 40.03 20.23 -46.51
N LEU D 130 39.41 19.51 -45.57
CA LEU D 130 40.16 18.78 -44.54
C LEU D 130 41.10 17.76 -45.13
N TYR D 131 40.63 17.06 -46.16
CA TYR D 131 41.44 16.06 -46.79
C TYR D 131 42.77 16.71 -47.37
N LYS D 132 42.60 17.86 -48.01
CA LYS D 132 43.74 18.59 -48.58
C LYS D 132 44.67 19.10 -47.49
N GLN D 133 44.16 19.34 -46.27
CA GLN D 133 45.01 19.82 -45.19
C GLN D 133 45.79 18.68 -44.59
N GLY D 134 45.56 17.46 -45.05
CA GLY D 134 46.17 16.28 -44.41
C GLY D 134 45.33 15.72 -43.24
N ARG D 135 44.21 16.34 -42.94
CA ARG D 135 43.35 15.84 -41.85
C ARG D 135 42.44 14.78 -42.42
N LYS D 136 43.02 13.64 -42.73
CA LYS D 136 42.34 12.64 -43.53
C LYS D 136 41.31 11.89 -42.72
N ASP D 137 41.62 11.69 -41.46
CA ASP D 137 40.69 11.07 -40.56
C ASP D 137 39.45 11.88 -40.37
N PHE D 138 39.58 13.19 -40.25
CA PHE D 138 38.39 13.99 -40.07
C PHE D 138 37.59 13.98 -41.38
N ALA D 139 38.29 14.06 -42.51
CA ALA D 139 37.62 13.89 -43.80
C ALA D 139 36.86 12.55 -43.93
N TYR D 140 37.48 11.45 -43.52
CA TYR D 140 36.83 10.16 -43.66
C TYR D 140 35.68 9.99 -42.66
N TYR D 141 35.80 10.62 -41.50
CA TYR D 141 34.70 10.54 -40.51
C TYR D 141 33.45 11.26 -41.09
N LEU D 142 33.66 12.43 -41.69
CA LEU D 142 32.57 13.17 -42.34
C LEU D 142 31.96 12.38 -43.52
N GLN D 143 32.82 11.72 -44.30
CA GLN D 143 32.40 10.89 -45.40
C GLN D 143 31.51 9.72 -44.87
N SER D 144 31.98 9.06 -43.79
CA SER D 144 31.29 7.96 -43.16
C SER D 144 29.98 8.42 -42.60
N ARG D 145 30.01 9.56 -41.94
CA ARG D 145 28.81 10.05 -41.28
C ARG D 145 27.78 10.48 -42.33
N SER D 146 28.22 11.28 -43.34
CA SER D 146 27.31 11.66 -44.44
C SER D 146 26.65 10.43 -45.12
N SER D 147 27.44 9.40 -45.36
CA SER D 147 26.96 8.19 -46.05
C SER D 147 25.88 7.52 -45.17
N SER D 148 26.05 7.59 -43.85
CA SER D 148 25.10 6.94 -42.92
C SER D 148 23.86 7.74 -42.72
N ILE D 149 23.99 9.07 -42.67
CA ILE D 149 22.88 9.96 -42.28
C ILE D 149 22.19 10.59 -43.49
N PHE D 150 22.97 10.86 -44.57
CA PHE D 150 22.39 11.48 -45.77
C PHE D 150 22.30 10.49 -46.91
N GLN D 151 22.89 9.33 -46.71
CA GLN D 151 22.99 8.24 -47.71
C GLN D 151 23.74 8.66 -48.96
N THR D 152 24.71 9.56 -48.77
CA THR D 152 25.52 10.05 -49.88
C THR D 152 26.95 9.70 -49.56
N ASP D 153 27.59 8.88 -50.40
CA ASP D 153 28.95 8.48 -50.12
C ASP D 153 29.79 9.18 -51.17
N ILE D 154 30.49 10.22 -50.75
CA ILE D 154 31.34 10.99 -51.64
C ILE D 154 32.76 11.00 -51.05
N HIS D 155 33.70 10.44 -51.78
CA HIS D 155 35.08 10.42 -51.37
C HIS D 155 35.54 11.87 -51.23
N PRO D 156 36.27 12.20 -50.14
CA PRO D 156 36.66 13.58 -49.92
C PRO D 156 37.60 14.16 -51.01
N ALA D 157 38.20 13.30 -51.84
CA ALA D 157 39.11 13.74 -52.96
C ALA D 157 38.31 14.10 -54.24
N ALA D 158 37.03 13.74 -54.27
CA ALA D 158 36.15 14.15 -55.37
C ALA D 158 36.05 15.67 -55.48
N ARG D 159 35.92 16.17 -56.71
CA ARG D 159 35.88 17.59 -56.93
C ARG D 159 34.48 17.94 -57.42
N LEU D 160 33.79 18.75 -56.64
CA LEU D 160 32.45 19.11 -56.95
C LEU D 160 32.37 20.60 -57.22
N GLY D 161 31.79 20.93 -58.37
CA GLY D 161 31.68 22.35 -58.78
C GLY D 161 30.56 23.09 -58.07
N SER D 162 30.41 24.37 -58.40
CA SER D 162 29.40 25.21 -57.76
C SER D 162 28.07 25.07 -58.49
N GLY D 163 26.98 25.49 -57.85
CA GLY D 163 25.67 25.38 -58.44
C GLY D 163 25.27 23.93 -58.62
N LEU D 164 25.73 23.04 -57.74
CA LEU D 164 25.38 21.61 -57.79
C LEU D 164 24.01 21.35 -57.14
N PHE D 165 23.09 20.68 -57.86
CA PHE D 165 21.76 20.32 -57.32
C PHE D 165 21.70 18.82 -57.14
N LEU D 166 21.60 18.38 -55.89
CA LEU D 166 21.49 16.97 -55.61
C LEU D 166 20.07 16.70 -55.08
N ASP D 167 19.21 16.17 -55.95
CA ASP D 167 17.78 16.07 -55.67
C ASP D 167 17.44 14.70 -55.12
N HIS D 168 16.75 14.67 -53.97
CA HIS D 168 16.47 13.39 -53.24
C HIS D 168 17.68 12.71 -52.63
N ALA D 169 18.76 12.53 -53.39
CA ALA D 169 20.09 12.15 -52.91
C ALA D 169 20.35 10.69 -52.56
N THR D 170 19.34 9.99 -52.00
CA THR D 170 19.60 8.71 -51.42
C THR D 170 20.36 7.79 -52.36
N GLY D 171 21.44 7.18 -51.87
CA GLY D 171 22.15 6.16 -52.63
C GLY D 171 23.26 6.75 -53.55
N LEU D 172 23.50 8.07 -53.45
CA LEU D 172 24.61 8.66 -54.20
C LEU D 172 25.96 8.06 -53.83
N VAL D 173 26.77 7.74 -54.85
CA VAL D 173 28.11 7.28 -54.63
C VAL D 173 28.97 8.01 -55.67
N VAL D 174 30.03 8.65 -55.21
CA VAL D 174 30.97 9.40 -56.07
C VAL D 174 32.36 8.96 -55.68
N GLY D 175 33.07 8.40 -56.66
CA GLY D 175 34.41 7.90 -56.48
C GLY D 175 35.49 8.94 -56.19
N GLU D 176 36.67 8.45 -55.77
CA GLU D 176 37.81 9.29 -55.40
C GLU D 176 38.30 10.25 -56.51
N THR D 177 38.26 9.80 -57.78
CA THR D 177 38.91 10.61 -58.85
C THR D 177 37.87 11.31 -59.70
N ALA D 178 36.64 11.37 -59.19
CA ALA D 178 35.58 12.05 -59.88
C ALA D 178 35.64 13.56 -59.85
N VAL D 179 35.12 14.18 -60.90
CA VAL D 179 35.08 15.63 -61.03
C VAL D 179 33.72 15.97 -61.57
N VAL D 180 33.02 16.81 -60.86
CA VAL D 180 31.71 17.25 -61.32
C VAL D 180 31.91 18.73 -61.51
N GLU D 181 31.63 19.24 -62.73
CA GLU D 181 31.80 20.70 -63.04
C GLU D 181 30.60 21.49 -62.60
N ASP D 182 30.55 22.79 -62.90
CA ASP D 182 29.50 23.64 -62.36
C ASP D 182 28.15 23.41 -63.01
N ASN D 183 27.13 23.85 -62.29
CA ASN D 183 25.75 23.78 -62.71
C ASN D 183 25.24 22.40 -63.07
N VAL D 184 25.68 21.37 -62.35
CA VAL D 184 25.20 20.00 -62.61
C VAL D 184 24.03 19.65 -61.70
N SER D 185 23.03 18.89 -62.23
CA SER D 185 21.91 18.33 -61.44
C SER D 185 22.00 16.80 -61.37
N ILE D 186 21.91 16.26 -60.13
CA ILE D 186 22.12 14.82 -59.94
C ILE D 186 20.93 14.31 -59.08
N LEU D 187 20.23 13.28 -59.55
CA LEU D 187 19.19 12.63 -58.76
C LEU D 187 19.69 11.56 -57.83
N HIS D 188 18.75 10.93 -57.09
CA HIS D 188 19.13 9.86 -56.16
C HIS D 188 19.54 8.62 -56.88
N GLY D 189 20.26 7.72 -56.21
CA GLY D 189 20.54 6.42 -56.71
C GLY D 189 21.65 6.51 -57.80
N VAL D 190 22.31 7.65 -57.91
CA VAL D 190 23.37 7.81 -58.96
C VAL D 190 24.71 7.35 -58.50
N THR D 191 25.40 6.59 -59.37
CA THR D 191 26.79 6.28 -59.17
C THR D 191 27.73 6.97 -60.18
N LEU D 192 28.76 7.69 -59.68
CA LEU D 192 29.88 8.16 -60.50
C LEU D 192 31.06 7.34 -60.03
N GLY D 193 31.22 6.16 -60.62
CA GLY D 193 32.01 5.10 -60.06
C GLY D 193 32.96 4.47 -61.03
N GLY D 194 33.44 3.29 -60.68
CA GLY D 194 34.55 2.69 -61.38
C GLY D 194 34.20 1.33 -61.88
N THR D 195 35.13 0.71 -62.58
CA THR D 195 34.87 -0.57 -63.19
C THR D 195 35.52 -1.79 -62.49
N GLY D 196 36.78 -1.73 -62.13
CA GLY D 196 37.67 -0.63 -62.47
C GLY D 196 38.45 -0.17 -61.28
N LYS D 197 38.92 -1.17 -60.53
CA LYS D 197 39.76 -0.96 -59.35
C LYS D 197 41.19 -0.85 -59.85
N SER D 198 41.35 -0.25 -61.03
CA SER D 198 42.64 -0.23 -61.71
C SER D 198 43.66 0.64 -60.96
N SER D 199 43.16 1.49 -60.08
CA SER D 199 43.98 2.52 -59.49
C SER D 199 44.15 3.63 -60.53
N GLY D 200 44.72 4.77 -60.11
CA GLY D 200 44.82 5.95 -60.96
C GLY D 200 43.47 6.62 -61.17
N ASP D 201 43.42 7.44 -62.21
CA ASP D 201 42.23 8.12 -62.67
C ASP D 201 41.18 7.12 -63.19
N ARG D 202 40.07 6.98 -62.47
CA ARG D 202 39.24 5.82 -62.69
C ARG D 202 37.73 6.09 -62.54
N HIS D 203 37.36 7.36 -62.39
CA HIS D 203 35.95 7.70 -62.17
C HIS D 203 35.61 8.79 -63.13
N PRO D 204 34.30 9.10 -63.30
CA PRO D 204 33.82 10.00 -64.33
C PRO D 204 34.14 11.48 -64.18
N LYS D 205 34.10 12.18 -65.32
CA LYS D 205 34.31 13.60 -65.35
C LYS D 205 33.04 14.13 -65.95
N ILE D 206 32.29 14.88 -65.14
CA ILE D 206 30.97 15.33 -65.54
C ILE D 206 31.09 16.83 -65.85
N ARG D 207 30.78 17.24 -67.08
CA ARG D 207 30.98 18.64 -67.52
C ARG D 207 29.78 19.50 -67.23
N GLN D 208 29.94 20.81 -67.44
CA GLN D 208 28.99 21.79 -66.94
C GLN D 208 27.57 21.57 -67.50
N GLY D 209 26.55 21.86 -66.70
CA GLY D 209 25.15 21.77 -67.10
C GLY D 209 24.55 20.43 -67.32
N VAL D 210 25.29 19.38 -66.99
CA VAL D 210 24.76 18.05 -67.19
C VAL D 210 23.58 17.77 -66.25
N LEU D 211 22.63 16.98 -66.70
CA LEU D 211 21.56 16.44 -65.81
C LEU D 211 21.70 14.93 -65.73
N ILE D 212 21.79 14.39 -64.51
CA ILE D 212 21.83 12.94 -64.34
C ILE D 212 20.54 12.42 -63.65
N GLY D 213 19.77 11.61 -64.37
CA GLY D 213 18.51 10.99 -63.84
C GLY D 213 18.66 9.94 -62.79
N ALA D 214 17.54 9.61 -62.13
CA ALA D 214 17.56 8.70 -61.02
C ALA D 214 18.09 7.33 -61.39
N GLY D 215 18.93 6.79 -60.53
CA GLY D 215 19.30 5.40 -60.75
C GLY D 215 20.47 5.24 -61.74
N ALA D 216 20.91 6.33 -62.36
CA ALA D 216 21.90 6.17 -63.44
C ALA D 216 23.25 5.76 -62.87
N LYS D 217 23.96 4.89 -63.60
CA LYS D 217 25.29 4.50 -63.25
C LYS D 217 26.28 4.89 -64.32
N ILE D 218 27.23 5.73 -63.96
CA ILE D 218 28.32 6.22 -64.84
C ILE D 218 29.66 5.68 -64.33
N LEU D 219 30.27 4.73 -65.05
CA LEU D 219 31.38 4.00 -64.49
C LEU D 219 32.64 4.14 -65.36
N GLY D 220 33.78 4.32 -64.70
CA GLY D 220 35.10 4.47 -65.37
C GLY D 220 35.56 5.91 -65.57
N ASN D 221 36.85 6.06 -65.90
CA ASN D 221 37.38 7.34 -66.33
C ASN D 221 36.81 7.75 -67.70
N ILE D 222 35.55 8.14 -67.71
CA ILE D 222 34.89 8.57 -68.94
C ILE D 222 34.29 9.93 -68.67
N GLN D 223 33.84 10.60 -69.73
CA GLN D 223 33.28 11.91 -69.59
C GLN D 223 31.88 12.07 -70.15
N VAL D 224 31.13 12.95 -69.53
CA VAL D 224 29.80 13.24 -70.00
C VAL D 224 29.88 14.68 -70.35
N GLY D 225 29.64 14.99 -71.62
CA GLY D 225 29.90 16.37 -72.14
C GLY D 225 28.84 17.38 -71.75
N GLN D 226 29.17 18.69 -71.86
CA GLN D 226 28.26 19.77 -71.44
C GLN D 226 26.85 19.66 -71.88
N CYS D 227 25.95 20.04 -70.96
CA CYS D 227 24.53 20.11 -71.21
C CYS D 227 23.86 18.80 -71.51
N SER D 228 24.62 17.70 -71.54
CA SER D 228 24.00 16.38 -71.79
C SER D 228 23.05 15.88 -70.68
N LYS D 229 22.15 14.96 -71.04
CA LYS D 229 21.12 14.44 -70.12
C LYS D 229 21.14 12.90 -70.07
N ILE D 230 21.37 12.34 -68.88
CA ILE D 230 21.46 10.90 -68.74
C ILE D 230 20.12 10.44 -68.14
N ALA D 231 19.35 9.63 -68.88
CA ALA D 231 18.02 9.29 -68.40
C ALA D 231 18.06 8.34 -67.24
N ALA D 232 16.98 8.34 -66.44
CA ALA D 232 16.88 7.48 -65.31
C ALA D 232 17.22 6.04 -65.70
N GLY D 233 18.01 5.37 -64.88
CA GLY D 233 18.30 3.96 -65.10
C GLY D 233 19.41 3.66 -66.08
N SER D 234 20.00 4.71 -66.69
CA SER D 234 21.02 4.49 -67.75
C SER D 234 22.27 3.86 -67.16
N VAL D 235 22.93 2.95 -67.89
CA VAL D 235 24.24 2.48 -67.45
C VAL D 235 25.28 2.93 -68.53
N VAL D 236 26.23 3.78 -68.15
CA VAL D 236 27.07 4.51 -69.11
C VAL D 236 28.46 4.07 -68.89
N LEU D 237 29.03 3.36 -69.89
CA LEU D 237 30.38 2.79 -69.76
C LEU D 237 31.38 3.46 -70.74
N LYS D 238 30.90 4.39 -71.56
CA LYS D 238 31.76 5.05 -72.54
C LYS D 238 31.41 6.57 -72.63
N SER D 239 32.38 7.41 -72.97
CA SER D 239 32.13 8.85 -72.97
C SER D 239 30.94 9.25 -73.80
N VAL D 240 30.20 10.21 -73.26
CA VAL D 240 29.07 10.75 -73.87
C VAL D 240 29.42 12.16 -74.35
N PRO D 241 29.03 12.51 -75.60
CA PRO D 241 29.34 13.87 -76.13
C PRO D 241 28.45 15.00 -75.53
N HIS D 242 28.79 16.26 -75.79
CA HIS D 242 27.90 17.37 -75.40
C HIS D 242 26.56 17.33 -76.08
N ASN D 243 25.57 17.95 -75.45
CA ASN D 243 24.24 18.21 -76.03
C ASN D 243 23.43 17.00 -76.52
N VAL D 244 23.57 15.85 -75.85
CA VAL D 244 22.76 14.68 -76.12
C VAL D 244 21.97 14.16 -74.93
N THR D 245 20.87 13.48 -75.20
CA THR D 245 20.19 12.64 -74.18
C THR D 245 20.53 11.19 -74.44
N VAL D 246 21.07 10.50 -73.44
CA VAL D 246 21.30 9.06 -73.53
C VAL D 246 20.38 8.33 -72.54
N ALA D 247 20.04 7.08 -72.87
CA ALA D 247 19.09 6.29 -72.11
C ALA D 247 19.39 4.82 -72.41
N GLY D 248 18.99 3.91 -71.49
CA GLY D 248 19.03 2.47 -71.72
C GLY D 248 20.14 1.71 -70.98
N VAL D 249 20.07 0.40 -71.00
CA VAL D 249 21.10 -0.50 -70.38
C VAL D 249 21.46 -1.48 -71.50
N PRO D 250 22.61 -1.26 -72.19
CA PRO D 250 23.52 -0.12 -72.02
C PRO D 250 22.96 1.16 -72.61
N ALA D 251 23.56 2.29 -72.24
CA ALA D 251 23.08 3.62 -72.66
C ALA D 251 23.30 3.91 -74.15
N ARG D 252 22.29 4.44 -74.83
CA ARG D 252 22.34 4.80 -76.24
C ARG D 252 21.94 6.26 -76.35
N ILE D 253 22.62 7.01 -77.21
CA ILE D 253 22.11 8.34 -77.55
C ILE D 253 20.71 8.21 -78.17
N ILE D 254 19.73 8.97 -77.67
CA ILE D 254 18.36 8.87 -78.18
C ILE D 254 17.94 10.23 -78.67
N GLY D 255 18.73 11.26 -78.43
CA GLY D 255 18.32 12.58 -78.89
C GLY D 255 19.31 13.69 -78.70
N GLU D 256 18.95 14.86 -79.21
CA GLU D 256 19.76 16.07 -79.09
C GLU D 256 19.18 16.91 -77.95
N THR D 257 20.02 17.69 -77.26
CA THR D 257 19.48 18.62 -76.23
C THR D 257 20.36 19.85 -76.04
N GLY D 258 19.73 20.98 -75.76
CA GLY D 258 20.45 22.21 -75.54
C GLY D 258 20.59 22.46 -74.05
N CYS D 259 21.31 23.52 -73.70
CA CYS D 259 21.58 23.86 -72.32
C CYS D 259 20.37 24.43 -71.56
N THR D 260 20.07 25.71 -71.73
CA THR D 260 18.99 26.40 -71.00
C THR D 260 19.05 26.18 -69.49
N VAL E 16 45.97 42.99 -24.88
CA VAL E 16 46.35 42.54 -23.51
C VAL E 16 45.19 41.75 -22.89
N ASP E 17 45.42 40.44 -22.77
CA ASP E 17 44.46 39.55 -22.08
C ASP E 17 45.25 38.43 -21.47
N PRO E 18 46.08 38.74 -20.44
CA PRO E 18 46.97 37.70 -19.88
C PRO E 18 46.21 36.43 -19.35
N ILE E 19 45.01 36.63 -18.83
CA ILE E 19 44.22 35.48 -18.37
C ILE E 19 43.89 34.52 -19.52
N TRP E 20 43.36 35.05 -20.61
CA TRP E 20 43.08 34.22 -21.79
C TRP E 20 44.22 33.48 -22.35
N HIS E 21 45.39 34.10 -22.40
CA HIS E 21 46.51 33.42 -23.01
C HIS E 21 47.10 32.43 -22.08
N SER E 22 46.98 32.70 -20.78
CA SER E 22 47.37 31.71 -19.80
C SER E 22 46.45 30.51 -19.98
N ILE E 23 45.16 30.77 -20.16
CA ILE E 23 44.22 29.63 -20.18
C ILE E 23 44.51 28.77 -21.42
N ARG E 24 44.72 29.44 -22.58
CA ARG E 24 45.13 28.67 -23.81
C ARG E 24 46.37 27.82 -23.62
N ALA E 25 47.40 28.38 -22.97
CA ALA E 25 48.60 27.60 -22.71
C ALA E 25 48.37 26.43 -21.79
N GLU E 26 47.57 26.63 -20.75
CA GLU E 26 47.23 25.51 -19.86
C GLU E 26 46.49 24.37 -20.62
N ALA E 27 45.52 24.75 -21.45
CA ALA E 27 44.73 23.77 -22.22
C ALA E 27 45.57 22.99 -23.21
N GLU E 28 46.53 23.65 -23.86
CA GLU E 28 47.47 22.93 -24.74
C GLU E 28 48.32 21.90 -23.98
N GLU E 29 48.90 22.32 -22.84
CA GLU E 29 49.70 21.39 -22.00
C GLU E 29 48.86 20.17 -21.52
N ALA E 30 47.66 20.48 -21.02
CA ALA E 30 46.72 19.44 -20.53
C ALA E 30 46.43 18.44 -21.63
N THR E 31 46.16 18.96 -22.84
CA THR E 31 45.86 18.07 -23.98
C THR E 31 47.03 17.17 -24.27
N ARG E 32 48.24 17.74 -24.28
CA ARG E 32 49.43 16.96 -24.50
C ARG E 32 49.60 15.96 -23.37
N ASN E 33 49.36 16.41 -22.14
CA ASN E 33 49.55 15.57 -20.99
C ASN E 33 48.52 14.42 -20.92
N ASP E 34 47.34 14.61 -21.54
CA ASP E 34 46.25 13.61 -21.46
C ASP E 34 45.34 13.71 -22.73
N PRO E 35 45.74 13.03 -23.82
CA PRO E 35 45.10 13.29 -25.11
C PRO E 35 43.69 12.76 -25.27
N VAL E 36 43.24 11.79 -24.43
CA VAL E 36 41.80 11.49 -24.38
C VAL E 36 40.89 12.73 -24.02
N LEU E 37 41.44 13.74 -23.33
CA LEU E 37 40.66 14.93 -22.96
C LEU E 37 40.68 16.00 -24.08
N GLY E 38 41.25 15.67 -25.23
CA GLY E 38 41.49 16.69 -26.27
C GLY E 38 40.18 17.17 -26.88
N ALA E 39 39.17 16.30 -26.98
CA ALA E 39 37.90 16.76 -27.51
C ALA E 39 37.32 17.76 -26.53
N PHE E 40 37.40 17.45 -25.23
CA PHE E 40 36.85 18.36 -24.22
C PHE E 40 37.61 19.71 -24.21
N LEU E 41 38.94 19.64 -24.29
CA LEU E 41 39.74 20.85 -24.19
C LEU E 41 39.69 21.68 -25.47
N TYR E 42 39.62 21.07 -26.61
CA TYR E 42 39.51 21.80 -27.88
C TYR E 42 38.18 22.43 -28.06
N ALA E 43 37.10 21.70 -27.73
CA ALA E 43 35.77 22.24 -27.89
C ALA E 43 35.52 23.40 -26.96
N THR E 44 36.06 23.27 -25.75
CA THR E 44 35.75 24.19 -24.68
C THR E 44 36.70 25.40 -24.61
N ILE E 45 37.97 25.21 -24.96
CA ILE E 45 38.97 26.30 -24.87
C ILE E 45 39.60 26.58 -26.26
N LEU E 46 40.33 25.59 -26.78
CA LEU E 46 41.23 25.79 -27.93
C LEU E 46 40.57 26.26 -29.21
N ASN E 47 39.38 25.75 -29.51
CA ASN E 47 38.65 26.23 -30.70
C ASN E 47 37.94 27.55 -30.50
N GLN E 48 37.94 28.08 -29.27
CA GLN E 48 37.15 29.26 -29.02
C GLN E 48 38.02 30.47 -29.38
N PRO E 49 37.37 31.54 -29.90
CA PRO E 49 37.99 32.81 -30.28
C PRO E 49 38.26 33.68 -29.07
N SER E 50 37.67 33.37 -27.90
CA SER E 50 37.86 34.26 -26.70
C SER E 50 37.56 33.58 -25.39
N LEU E 51 37.93 34.24 -24.30
CA LEU E 51 37.63 33.76 -22.98
C LEU E 51 36.13 33.80 -22.71
N GLU E 52 35.45 34.87 -23.16
CA GLU E 52 34.02 34.94 -23.05
C GLU E 52 33.26 33.75 -23.66
N GLU E 53 33.60 33.41 -24.89
CA GLU E 53 32.99 32.31 -25.61
C GLU E 53 33.36 30.94 -25.00
N ALA E 54 34.61 30.78 -24.53
CA ALA E 54 34.96 29.57 -23.73
C ALA E 54 34.12 29.45 -22.41
N VAL E 55 33.91 30.55 -21.68
CA VAL E 55 33.10 30.51 -20.43
C VAL E 55 31.60 30.24 -20.75
N MET E 56 31.05 30.96 -21.71
CA MET E 56 29.68 30.73 -22.15
C MET E 56 29.42 29.31 -22.67
N HIS E 57 30.41 28.76 -23.37
CA HIS E 57 30.32 27.44 -23.92
C HIS E 57 30.31 26.41 -22.82
N ARG E 58 31.30 26.44 -21.93
CA ARG E 58 31.35 25.49 -20.81
C ARG E 58 30.07 25.51 -20.00
N ILE E 59 29.58 26.71 -19.64
CA ILE E 59 28.41 26.79 -18.78
C ILE E 59 27.19 26.27 -19.47
N ALA E 60 27.09 26.54 -20.76
CA ALA E 60 25.96 26.08 -21.56
C ALA E 60 25.94 24.55 -21.74
N GLU E 61 27.12 23.97 -21.83
CA GLU E 61 27.23 22.51 -21.90
C GLU E 61 26.88 21.87 -20.56
N ARG E 62 27.24 22.50 -19.44
CA ARG E 62 26.87 21.94 -18.12
C ARG E 62 25.38 22.06 -17.88
N LEU E 63 24.76 23.12 -18.39
CA LEU E 63 23.34 23.35 -18.14
C LEU E 63 22.42 22.79 -19.23
N GLY E 64 22.99 22.47 -20.36
CA GLY E 64 22.26 21.82 -21.47
C GLY E 64 21.46 20.55 -21.05
N HIS E 65 20.29 20.42 -21.64
CA HIS E 65 19.33 19.37 -21.33
C HIS E 65 18.40 19.21 -22.50
N PRO E 66 17.78 18.02 -22.70
CA PRO E 66 16.76 17.89 -23.71
C PRO E 66 15.64 18.98 -23.63
N ASP E 67 15.30 19.47 -22.44
CA ASP E 67 14.28 20.51 -22.32
C ASP E 67 14.69 21.79 -22.98
N VAL E 68 15.95 22.17 -22.79
CA VAL E 68 16.46 23.40 -23.47
C VAL E 68 17.93 23.21 -23.80
N SER E 69 18.28 23.09 -25.07
CA SER E 69 19.57 22.67 -25.46
C SER E 69 20.68 23.64 -25.00
N ALA E 70 21.87 23.08 -24.90
CA ALA E 70 23.04 23.88 -24.68
C ALA E 70 23.13 25.06 -25.69
N ASP E 71 22.73 24.81 -26.93
CA ASP E 71 22.87 25.77 -28.04
C ASP E 71 22.05 26.99 -27.78
N ILE E 72 20.80 26.76 -27.32
CA ILE E 72 19.90 27.87 -26.97
C ILE E 72 20.48 28.72 -25.83
N LEU E 73 20.98 28.04 -24.82
CA LEU E 73 21.66 28.66 -23.67
C LEU E 73 22.90 29.50 -24.12
N ARG E 74 23.71 28.94 -24.99
CA ARG E 74 24.94 29.55 -25.49
C ARG E 74 24.63 30.79 -26.31
N GLN E 75 23.55 30.73 -27.06
CA GLN E 75 23.15 31.76 -27.96
C GLN E 75 22.56 32.87 -27.13
N THR E 76 21.81 32.54 -26.08
CA THR E 76 21.25 33.50 -25.20
C THR E 76 22.36 34.20 -24.39
N PHE E 77 23.33 33.41 -23.95
CA PHE E 77 24.46 33.94 -23.25
C PHE E 77 25.18 35.02 -24.11
N ASP E 78 25.36 34.72 -25.38
CA ASP E 78 26.00 35.65 -26.29
C ASP E 78 25.27 36.99 -26.39
N THR E 79 23.95 36.96 -26.46
CA THR E 79 23.16 38.17 -26.48
C THR E 79 23.21 38.98 -25.18
N MET E 80 23.59 38.30 -24.11
CA MET E 80 23.72 38.98 -22.83
C MET E 80 25.01 39.75 -22.85
N LEU E 81 26.05 39.09 -23.36
CA LEU E 81 27.40 39.60 -23.42
C LEU E 81 27.42 40.84 -24.34
N GLU E 82 26.51 40.88 -25.32
CA GLU E 82 26.37 42.00 -26.26
C GLU E 82 25.56 43.16 -25.69
N ALA E 83 24.57 42.87 -24.87
CA ALA E 83 23.87 43.93 -24.16
C ALA E 83 24.63 44.46 -22.91
N ASN E 84 25.72 43.76 -22.53
CA ASN E 84 26.51 44.05 -21.34
C ASN E 84 27.98 43.79 -21.51
N PRO E 85 28.71 44.62 -22.35
CA PRO E 85 30.13 44.38 -22.58
C PRO E 85 31.02 44.48 -21.32
N GLU E 86 30.53 45.09 -20.28
CA GLU E 86 31.24 45.13 -18.98
C GLU E 86 31.39 43.71 -18.32
N TRP E 87 30.51 42.76 -18.68
CA TRP E 87 30.67 41.39 -18.16
C TRP E 87 32.01 40.85 -18.53
N SER E 88 32.62 41.33 -19.63
CA SER E 88 33.94 40.92 -19.99
C SER E 88 34.90 41.21 -18.86
N HIS E 89 34.75 42.39 -18.25
CA HIS E 89 35.62 42.75 -17.11
C HIS E 89 35.26 41.99 -15.82
N VAL E 90 34.00 42.12 -15.44
CA VAL E 90 33.45 41.37 -14.25
C VAL E 90 33.89 39.90 -14.27
N LEU E 91 33.71 39.25 -15.41
CA LEU E 91 34.08 37.88 -15.55
C LEU E 91 35.54 37.62 -15.19
N ARG E 92 36.44 38.49 -15.70
CA ARG E 92 37.86 38.36 -15.44
C ARG E 92 38.22 38.63 -13.97
N VAL E 93 37.50 39.56 -13.38
CA VAL E 93 37.69 39.89 -11.97
C VAL E 93 37.25 38.62 -11.16
N ASP E 94 36.14 38.01 -11.60
CA ASP E 94 35.64 36.81 -10.89
C ASP E 94 36.68 35.69 -10.95
N ILE E 95 37.27 35.47 -12.12
CA ILE E 95 38.30 34.43 -12.27
C ILE E 95 39.53 34.77 -11.40
N GLN E 96 39.92 36.04 -11.43
CA GLN E 96 41.03 36.53 -10.58
C GLN E 96 40.80 36.28 -9.10
N ALA E 97 39.57 36.51 -8.64
CA ALA E 97 39.17 36.18 -7.24
C ALA E 97 39.49 34.74 -6.87
N VAL E 98 39.12 33.79 -7.75
CA VAL E 98 39.35 32.38 -7.47
C VAL E 98 40.84 32.10 -7.44
N TYR E 99 41.50 32.56 -8.47
CA TYR E 99 42.94 32.42 -8.57
C TYR E 99 43.68 33.03 -7.34
N ASP E 100 43.27 34.18 -6.88
CA ASP E 100 43.89 34.80 -5.69
C ASP E 100 43.51 34.06 -4.39
N ARG E 101 42.26 33.64 -4.24
CA ARG E 101 41.76 33.24 -2.94
C ARG E 101 41.77 31.74 -2.67
N ASP E 102 41.84 30.93 -3.73
CA ASP E 102 41.81 29.45 -3.53
C ASP E 102 43.17 28.80 -3.69
N PRO E 103 43.75 28.35 -2.57
CA PRO E 103 45.05 27.67 -2.65
C PRO E 103 44.99 26.27 -3.26
N ALA E 104 43.82 25.61 -3.28
CA ALA E 104 43.71 24.23 -3.80
C ALA E 104 43.89 24.11 -5.32
N TYR E 105 43.86 25.25 -6.02
CA TYR E 105 43.89 25.34 -7.49
C TYR E 105 44.91 26.40 -7.92
N SER E 106 45.70 26.08 -8.93
CA SER E 106 46.85 26.90 -9.33
C SER E 106 46.69 27.56 -10.69
N ARG E 107 45.67 27.16 -11.46
CA ARG E 107 45.57 27.64 -12.82
C ARG E 107 44.34 28.52 -13.05
N PHE E 108 44.47 29.44 -13.98
CA PHE E 108 43.30 30.27 -14.40
C PHE E 108 42.19 29.41 -15.02
N MET E 109 42.61 28.35 -15.69
CA MET E 109 41.71 27.44 -16.39
C MET E 109 40.75 26.67 -15.39
N ASP E 110 41.10 26.66 -14.10
CA ASP E 110 40.38 25.77 -13.17
C ASP E 110 38.93 26.23 -12.92
N PRO E 111 38.69 27.52 -12.62
CA PRO E 111 37.30 27.91 -12.40
C PRO E 111 36.50 27.83 -13.68
N VAL E 112 37.17 28.10 -14.79
CA VAL E 112 36.56 28.06 -16.09
C VAL E 112 36.00 26.68 -16.46
N LEU E 113 36.80 25.63 -16.25
CA LEU E 113 36.39 24.28 -16.57
C LEU E 113 35.61 23.60 -15.46
N TYR E 114 35.96 23.85 -14.17
CA TYR E 114 35.65 22.84 -13.17
C TYR E 114 34.77 23.29 -12.00
N LEU E 115 34.84 24.57 -11.66
CA LEU E 115 34.37 25.02 -10.38
C LEU E 115 32.95 25.51 -10.46
N LYS E 116 32.02 24.76 -9.83
CA LYS E 116 30.61 25.05 -10.06
C LYS E 116 30.21 26.39 -9.49
N GLY E 117 30.95 26.85 -8.49
CA GLY E 117 30.56 28.11 -7.87
C GLY E 117 30.75 29.25 -8.89
N PHE E 118 31.89 29.26 -9.55
CA PHE E 118 32.14 30.15 -10.68
C PHE E 118 31.10 30.05 -11.80
N HIS E 119 30.76 28.81 -12.16
CA HIS E 119 29.70 28.59 -13.14
C HIS E 119 28.38 29.17 -12.72
N ALA E 120 28.04 29.03 -11.43
CA ALA E 120 26.78 29.49 -10.93
C ALA E 120 26.67 31.05 -10.91
N ILE E 121 27.78 31.70 -10.63
CA ILE E 121 27.79 33.15 -10.52
C ILE E 121 27.44 33.70 -11.90
N GLN E 122 28.11 33.20 -12.95
CA GLN E 122 27.89 33.71 -14.30
C GLN E 122 26.54 33.35 -14.85
N THR E 123 26.01 32.20 -14.41
CA THR E 123 24.64 31.81 -14.71
C THR E 123 23.64 32.77 -14.13
N HIS E 124 23.86 33.16 -12.88
CA HIS E 124 23.02 34.15 -12.28
C HIS E 124 23.08 35.45 -13.05
N ARG E 125 24.29 35.87 -13.45
CA ARG E 125 24.44 37.13 -14.20
C ARG E 125 23.56 37.07 -15.44
N LEU E 126 23.55 35.91 -16.12
CA LEU E 126 22.64 35.72 -17.25
C LEU E 126 21.19 35.81 -16.94
N ALA E 127 20.75 35.07 -15.93
CA ALA E 127 19.37 35.05 -15.54
C ALA E 127 18.93 36.41 -14.94
N HIS E 128 19.87 37.09 -14.27
CA HIS E 128 19.59 38.45 -13.73
C HIS E 128 19.27 39.43 -14.84
N TRP E 129 20.03 39.37 -15.91
CA TRP E 129 19.83 40.23 -17.07
C TRP E 129 18.51 39.88 -17.74
N LEU E 130 18.30 38.58 -17.96
CA LEU E 130 17.04 38.11 -18.56
C LEU E 130 15.86 38.53 -17.72
N TYR E 131 15.99 38.46 -16.39
CA TYR E 131 14.87 38.71 -15.54
C TYR E 131 14.47 40.21 -15.64
N LYS E 132 15.45 41.09 -15.68
CA LYS E 132 15.18 42.56 -15.81
C LYS E 132 14.57 42.89 -17.20
N GLN E 133 14.79 42.01 -18.19
CA GLN E 133 14.23 42.12 -19.53
C GLN E 133 12.79 41.65 -19.66
N GLY E 134 12.14 41.24 -18.58
CA GLY E 134 10.80 40.64 -18.72
C GLY E 134 10.77 39.16 -19.14
N ARG E 135 11.94 38.64 -19.51
CA ARG E 135 12.08 37.17 -19.76
C ARG E 135 12.19 36.34 -18.49
N LYS E 136 11.14 36.35 -17.69
CA LYS E 136 11.11 35.69 -16.37
C LYS E 136 11.17 34.16 -16.44
N ASP E 137 10.50 33.56 -17.41
CA ASP E 137 10.61 32.10 -17.55
C ASP E 137 12.02 31.62 -17.90
N PHE E 138 12.73 32.35 -18.76
CA PHE E 138 14.05 31.92 -19.12
C PHE E 138 14.87 32.05 -17.83
N ALA E 139 14.66 33.16 -17.13
CA ALA E 139 15.47 33.39 -15.91
C ALA E 139 15.16 32.27 -14.87
N TYR E 140 13.89 31.97 -14.67
CA TYR E 140 13.49 30.93 -13.72
C TYR E 140 13.99 29.56 -14.15
N TYR E 141 14.06 29.34 -15.46
CA TYR E 141 14.58 28.10 -15.95
C TYR E 141 16.06 27.97 -15.56
N LEU E 142 16.85 29.03 -15.81
CA LEU E 142 18.23 29.01 -15.43
C LEU E 142 18.41 28.85 -13.92
N GLN E 143 17.58 29.56 -13.13
CA GLN E 143 17.58 29.42 -11.70
C GLN E 143 17.42 27.93 -11.30
N SER E 144 16.42 27.31 -11.89
CA SER E 144 16.06 25.89 -11.58
C SER E 144 17.16 24.96 -11.97
N ARG E 145 17.71 25.19 -13.15
CA ARG E 145 18.77 24.35 -13.64
C ARG E 145 20.06 24.49 -12.83
N SER E 146 20.39 25.73 -12.43
CA SER E 146 21.55 25.95 -11.59
C SER E 146 21.40 25.33 -10.21
N SER E 147 20.20 25.40 -9.66
CA SER E 147 19.91 24.80 -8.38
C SER E 147 20.08 23.28 -8.46
N SER E 148 19.64 22.67 -9.55
CA SER E 148 19.73 21.20 -9.70
C SER E 148 21.18 20.73 -10.06
N ILE E 149 21.88 21.47 -10.89
CA ILE E 149 23.21 21.05 -11.43
C ILE E 149 24.40 21.62 -10.63
N PHE E 150 24.29 22.86 -10.12
CA PHE E 150 25.37 23.45 -9.39
C PHE E 150 25.01 23.53 -7.91
N GLN E 151 23.78 23.09 -7.57
CA GLN E 151 23.26 23.20 -6.20
C GLN E 151 23.27 24.62 -5.61
N THR E 152 23.03 25.62 -6.46
CA THR E 152 23.02 27.05 -6.02
C THR E 152 21.67 27.63 -6.43
N ASP E 153 20.82 27.98 -5.45
CA ASP E 153 19.53 28.51 -5.73
C ASP E 153 19.67 30.03 -5.47
N ILE E 154 19.94 30.80 -6.52
CA ILE E 154 19.97 32.25 -6.42
C ILE E 154 18.77 32.82 -7.21
N HIS E 155 17.88 33.48 -6.55
CA HIS E 155 16.81 34.22 -7.23
C HIS E 155 17.35 35.21 -8.23
N PRO E 156 16.79 35.24 -9.47
CA PRO E 156 17.33 36.10 -10.54
C PRO E 156 17.26 37.62 -10.22
N ALA E 157 16.46 37.99 -9.23
CA ALA E 157 16.33 39.43 -8.87
C ALA E 157 17.48 39.87 -7.96
N ALA E 158 18.28 38.89 -7.46
CA ALA E 158 19.37 39.11 -6.55
C ALA E 158 20.47 39.85 -7.20
N ARG E 159 21.12 40.69 -6.39
CA ARG E 159 22.25 41.46 -6.94
C ARG E 159 23.58 40.97 -6.40
N LEU E 160 24.49 40.58 -7.28
CA LEU E 160 25.80 40.15 -6.87
C LEU E 160 26.86 41.02 -7.50
N GLY E 161 27.79 41.49 -6.66
CA GLY E 161 28.91 42.28 -7.12
C GLY E 161 29.93 41.57 -7.92
N SER E 162 30.98 42.29 -8.34
CA SER E 162 32.07 41.66 -9.07
C SER E 162 33.11 41.14 -8.09
N GLY E 163 34.06 40.35 -8.58
CA GLY E 163 35.09 39.70 -7.74
C GLY E 163 34.52 38.75 -6.68
N LEU E 164 33.38 38.12 -7.00
CA LEU E 164 32.74 37.20 -6.06
C LEU E 164 33.41 35.84 -6.06
N PHE E 165 33.69 35.30 -4.88
CA PHE E 165 34.27 33.98 -4.78
C PHE E 165 33.29 33.00 -4.12
N LEU E 166 32.76 32.05 -4.88
CA LEU E 166 31.81 31.09 -4.31
C LEU E 166 32.51 29.74 -4.22
N ASP E 167 32.98 29.42 -3.02
CA ASP E 167 33.94 28.31 -2.85
C ASP E 167 33.16 27.06 -2.41
N HIS E 168 33.31 25.98 -3.17
CA HIS E 168 32.55 24.72 -2.99
C HIS E 168 31.08 24.83 -3.35
N ALA E 169 30.38 25.85 -2.83
CA ALA E 169 29.09 26.31 -3.38
C ALA E 169 27.87 25.48 -2.97
N THR E 170 28.03 24.14 -2.88
CA THR E 170 26.86 23.28 -2.64
C THR E 170 25.90 23.85 -1.55
N GLY E 171 24.63 24.05 -1.90
CA GLY E 171 23.63 24.34 -0.87
C GLY E 171 23.42 25.87 -0.70
N LEU E 172 23.98 26.68 -1.59
CA LEU E 172 23.83 28.13 -1.53
C LEU E 172 22.39 28.47 -1.83
N VAL E 173 21.78 29.26 -0.96
CA VAL E 173 20.45 29.85 -1.16
C VAL E 173 20.53 31.39 -1.01
N VAL E 174 20.04 32.11 -2.01
CA VAL E 174 20.13 33.56 -2.02
C VAL E 174 18.77 34.08 -2.45
N GLY E 175 18.13 34.82 -1.55
CA GLY E 175 16.79 35.37 -1.75
C GLY E 175 16.62 36.50 -2.77
N GLU E 176 15.36 36.74 -3.09
CA GLU E 176 14.92 37.71 -4.06
C GLU E 176 15.50 39.17 -3.85
N THR E 177 15.60 39.60 -2.61
CA THR E 177 16.01 40.99 -2.36
C THR E 177 17.38 41.08 -1.74
N ALA E 178 18.17 40.02 -1.92
CA ALA E 178 19.50 39.98 -1.39
C ALA E 178 20.45 40.79 -2.18
N VAL E 179 21.43 41.39 -1.51
CA VAL E 179 22.48 42.10 -2.26
C VAL E 179 23.88 41.73 -1.76
N VAL E 180 24.77 41.41 -2.67
CA VAL E 180 26.10 41.10 -2.27
C VAL E 180 26.97 42.06 -3.03
N GLU E 181 27.84 42.80 -2.31
CA GLU E 181 28.75 43.73 -2.96
C GLU E 181 30.02 43.11 -3.40
N ASP E 182 30.98 43.95 -3.78
CA ASP E 182 32.17 43.49 -4.45
C ASP E 182 33.14 42.71 -3.55
N ASN E 183 33.97 41.84 -4.14
CA ASN E 183 35.05 41.12 -3.42
C ASN E 183 34.58 40.31 -2.22
N VAL E 184 33.40 39.71 -2.31
CA VAL E 184 32.88 38.93 -1.22
C VAL E 184 33.26 37.46 -1.47
N SER E 185 33.50 36.71 -0.40
CA SER E 185 33.77 35.28 -0.50
C SER E 185 32.68 34.55 0.25
N ILE E 186 32.05 33.58 -0.41
CA ILE E 186 31.01 32.79 0.21
C ILE E 186 31.33 31.32 0.07
N LEU E 187 31.11 30.55 1.11
CA LEU E 187 31.38 29.12 1.07
C LEU E 187 30.09 28.38 0.90
N HIS E 188 30.17 27.07 1.00
CA HIS E 188 29.01 26.21 0.79
C HIS E 188 28.06 26.23 1.94
N GLY E 189 26.83 25.84 1.68
CA GLY E 189 25.81 25.64 2.75
C GLY E 189 25.31 26.99 3.29
N VAL E 190 25.61 28.07 2.58
CA VAL E 190 25.20 29.43 3.05
C VAL E 190 23.81 29.84 2.58
N THR E 191 23.00 30.40 3.49
CA THR E 191 21.74 31.01 3.19
C THR E 191 21.74 32.54 3.40
N LEU E 192 21.39 33.28 2.35
CA LEU E 192 21.03 34.67 2.46
C LEU E 192 19.54 34.77 2.22
N GLY E 193 18.77 34.56 3.28
CA GLY E 193 17.33 34.37 3.18
C GLY E 193 16.53 35.19 4.18
N GLY E 194 15.27 34.78 4.35
CA GLY E 194 14.29 35.40 5.27
C GLY E 194 14.36 34.54 6.50
N THR E 195 13.39 34.57 7.40
CA THR E 195 12.19 35.31 7.32
C THR E 195 12.29 36.30 8.47
N SER E 198 8.18 39.20 7.93
CA SER E 198 8.28 40.23 6.90
C SER E 198 7.95 39.65 5.52
N SER E 199 7.54 40.51 4.58
CA SER E 199 7.41 40.09 3.18
C SER E 199 7.61 41.17 2.10
N GLY E 200 8.50 42.12 2.35
CA GLY E 200 8.92 43.12 1.35
C GLY E 200 10.40 42.93 1.04
N ASP E 201 11.22 43.98 1.20
CA ASP E 201 12.68 43.84 1.34
C ASP E 201 12.97 43.01 2.60
N ARG E 202 13.54 41.82 2.42
CA ARG E 202 13.51 40.84 3.54
C ARG E 202 14.76 39.92 3.57
N HIS E 203 15.79 40.30 2.80
CA HIS E 203 16.98 39.47 2.69
C HIS E 203 18.22 40.29 2.93
N PRO E 204 19.32 39.61 3.30
CA PRO E 204 20.55 40.28 3.68
C PRO E 204 21.19 41.23 2.66
N LYS E 205 21.99 42.19 3.15
CA LYS E 205 22.88 42.98 2.31
C LYS E 205 24.32 42.80 2.79
N ILE E 206 25.14 42.26 1.92
CA ILE E 206 26.42 41.81 2.35
C ILE E 206 27.33 42.80 1.74
N ARG E 207 27.96 43.61 2.59
CA ARG E 207 28.86 44.65 2.07
C ARG E 207 30.18 44.08 1.64
N GLN E 208 30.96 44.93 0.94
CA GLN E 208 32.19 44.53 0.29
C GLN E 208 33.28 43.89 1.17
N GLY E 209 33.99 42.93 0.62
CA GLY E 209 35.12 42.28 1.32
C GLY E 209 34.73 41.29 2.40
N VAL E 210 33.44 41.04 2.56
CA VAL E 210 32.99 40.14 3.65
C VAL E 210 33.35 38.68 3.32
N LEU E 211 33.65 37.87 4.35
CA LEU E 211 33.79 36.42 4.17
C LEU E 211 32.65 35.71 4.92
N ILE E 212 31.94 34.79 4.24
CA ILE E 212 30.86 34.08 4.88
C ILE E 212 31.24 32.63 4.93
N GLY E 213 31.37 32.09 6.14
CA GLY E 213 31.91 30.70 6.32
C GLY E 213 30.86 29.64 6.11
N ALA E 214 31.26 28.37 6.10
CA ALA E 214 30.42 27.28 5.66
C ALA E 214 29.23 27.14 6.54
N GLY E 215 28.08 27.03 5.94
CA GLY E 215 26.89 26.63 6.71
C GLY E 215 26.25 27.82 7.41
N ALA E 216 26.76 29.03 7.20
CA ALA E 216 26.19 30.18 7.88
C ALA E 216 24.78 30.52 7.37
N LYS E 217 23.87 30.87 8.28
CA LYS E 217 22.55 31.34 7.91
C LYS E 217 22.43 32.83 8.22
N ILE E 218 22.15 33.66 7.22
CA ILE E 218 21.97 35.12 7.44
C ILE E 218 20.56 35.45 7.01
N LEU E 219 19.71 35.83 7.97
CA LEU E 219 18.28 35.85 7.74
C LEU E 219 17.68 37.20 8.08
N GLY E 220 16.96 37.77 7.11
CA GLY E 220 16.20 39.00 7.33
C GLY E 220 16.81 40.15 6.58
N ASN E 221 16.10 41.28 6.49
CA ASN E 221 16.70 42.46 5.85
C ASN E 221 17.65 43.08 6.83
N ILE E 222 18.82 42.47 6.96
CA ILE E 222 19.87 42.90 7.85
C ILE E 222 21.11 43.09 7.02
N GLN E 223 22.11 43.72 7.60
CA GLN E 223 23.29 44.08 6.88
C GLN E 223 24.50 43.46 7.52
N VAL E 224 25.45 43.03 6.70
CA VAL E 224 26.73 42.53 7.19
C VAL E 224 27.78 43.53 6.77
N GLY E 225 28.35 44.24 7.74
CA GLY E 225 29.29 45.38 7.47
C GLY E 225 30.53 45.01 6.70
N GLN E 226 31.15 45.97 6.00
CA GLN E 226 32.27 45.61 5.15
C GLN E 226 33.45 45.03 5.92
N CYS E 227 34.18 44.11 5.26
CA CYS E 227 35.34 43.39 5.79
C CYS E 227 35.06 42.43 6.94
N SER E 228 33.81 42.26 7.36
CA SER E 228 33.50 41.34 8.45
C SER E 228 33.58 39.87 8.03
N LYS E 229 33.71 39.00 9.01
CA LYS E 229 33.77 37.55 8.80
C LYS E 229 32.68 36.86 9.58
N ILE E 230 32.01 35.92 8.93
CA ILE E 230 30.95 35.18 9.57
C ILE E 230 31.47 33.77 9.69
N ALA E 231 31.73 33.34 10.91
CA ALA E 231 32.27 31.98 11.14
C ALA E 231 31.31 30.89 10.66
N ALA E 232 31.86 29.74 10.22
CA ALA E 232 31.04 28.55 9.87
C ALA E 232 29.94 28.26 10.87
N GLY E 233 28.75 28.00 10.40
CA GLY E 233 27.68 27.49 11.23
C GLY E 233 26.96 28.61 12.01
N SER E 234 27.36 29.87 11.79
CA SER E 234 26.72 31.01 12.51
C SER E 234 25.27 31.22 12.03
N VAL E 235 24.39 31.60 12.94
CA VAL E 235 23.02 32.04 12.60
C VAL E 235 22.98 33.54 12.88
N VAL E 236 22.94 34.34 11.81
CA VAL E 236 22.99 35.79 11.94
C VAL E 236 21.59 36.38 11.80
N LEU E 237 21.04 36.93 12.90
CA LEU E 237 19.70 37.42 12.89
C LEU E 237 19.65 38.96 13.05
N LYS E 238 20.81 39.59 13.19
CA LYS E 238 20.87 41.09 13.33
C LYS E 238 22.09 41.63 12.64
N SER E 239 22.03 42.88 12.22
CA SER E 239 23.13 43.46 11.42
C SER E 239 24.45 43.34 12.13
N VAL E 240 25.53 43.23 11.37
CA VAL E 240 26.81 42.96 11.94
C VAL E 240 27.61 44.14 11.51
N PRO E 241 28.37 44.75 12.44
CA PRO E 241 29.11 45.96 12.06
C PRO E 241 30.30 45.58 11.22
N HIS E 242 30.98 46.57 10.70
CA HIS E 242 32.15 46.34 9.89
C HIS E 242 33.32 45.94 10.70
N ASN E 243 34.29 45.30 10.04
CA ASN E 243 35.56 44.88 10.63
C ASN E 243 35.51 44.03 11.88
N VAL E 244 34.48 43.18 11.99
CA VAL E 244 34.37 42.29 13.14
C VAL E 244 34.24 40.82 12.67
N THR E 245 34.44 39.87 13.56
CA THR E 245 34.11 38.48 13.30
C THR E 245 33.00 38.06 14.25
N VAL E 246 31.96 37.46 13.69
CA VAL E 246 30.89 36.93 14.54
C VAL E 246 30.77 35.42 14.36
N ALA E 247 30.26 34.73 15.37
CA ALA E 247 30.19 33.26 15.35
C ALA E 247 29.07 32.82 16.27
N GLY E 248 28.50 31.65 16.00
CA GLY E 248 27.67 30.97 17.01
C GLY E 248 26.21 31.09 16.70
N VAL E 249 25.38 30.45 17.52
CA VAL E 249 23.92 30.40 17.34
C VAL E 249 23.30 30.92 18.66
N PRO E 250 22.87 32.19 18.71
CA PRO E 250 23.00 33.23 17.67
C PRO E 250 24.40 33.78 17.61
N ALA E 251 24.70 34.54 16.55
CA ALA E 251 26.06 35.06 16.25
C ALA E 251 26.38 36.20 17.22
N ARG E 252 27.51 36.14 17.92
CA ARG E 252 27.99 37.26 18.78
C ARG E 252 29.36 37.62 18.23
N ILE E 253 29.82 38.84 18.50
CA ILE E 253 31.18 39.26 18.15
C ILE E 253 32.21 38.47 18.99
N ILE E 254 33.24 37.93 18.33
CA ILE E 254 34.29 37.12 19.00
C ILE E 254 35.65 37.60 18.57
N GLY E 255 35.69 38.63 17.71
CA GLY E 255 36.97 39.12 17.21
C GLY E 255 36.82 40.34 16.33
N GLU E 256 37.96 40.90 15.98
CA GLU E 256 38.03 42.03 15.06
C GLU E 256 38.85 41.56 13.87
N THR E 257 38.64 42.19 12.72
CA THR E 257 39.33 41.81 11.51
C THR E 257 39.37 42.99 10.54
N GLY E 258 40.14 42.88 9.49
CA GLY E 258 40.20 43.91 8.46
C GLY E 258 40.15 43.33 7.05
N CYS E 259 39.91 44.21 6.10
CA CYS E 259 39.79 43.81 4.68
C CYS E 259 41.11 43.37 4.11
N THR E 260 41.49 42.15 4.43
CA THR E 260 42.77 41.62 3.98
C THR E 260 42.60 40.70 2.75
N VAL F 16 51.12 -13.47 -33.14
CA VAL F 16 51.19 -12.03 -33.53
C VAL F 16 49.94 -11.64 -34.29
N ASP F 17 49.61 -10.37 -34.21
CA ASP F 17 48.36 -9.87 -34.76
C ASP F 17 48.78 -8.64 -35.47
N PRO F 18 49.32 -8.81 -36.69
CA PRO F 18 49.84 -7.65 -37.44
C PRO F 18 48.75 -6.60 -37.75
N ILE F 19 47.53 -7.03 -38.05
CA ILE F 19 46.42 -6.11 -38.36
C ILE F 19 46.22 -5.17 -37.16
N TRP F 20 46.10 -5.77 -35.98
CA TRP F 20 45.95 -5.04 -34.70
C TRP F 20 47.02 -4.03 -34.51
N HIS F 21 48.27 -4.44 -34.70
CA HIS F 21 49.38 -3.55 -34.42
C HIS F 21 49.46 -2.43 -35.37
N SER F 22 49.06 -2.67 -36.62
CA SER F 22 49.04 -1.61 -37.61
C SER F 22 47.97 -0.59 -37.24
N ILE F 23 46.84 -1.12 -36.81
CA ILE F 23 45.71 -0.26 -36.46
C ILE F 23 46.08 0.65 -35.29
N ARG F 24 46.69 0.07 -34.25
CA ARG F 24 47.16 0.89 -33.11
C ARG F 24 48.15 1.99 -33.55
N ALA F 25 49.13 1.65 -34.39
CA ALA F 25 50.09 2.68 -34.83
C ALA F 25 49.39 3.76 -35.64
N GLU F 26 48.46 3.36 -36.51
CA GLU F 26 47.74 4.35 -37.32
C GLU F 26 46.88 5.33 -36.48
N ALA F 27 46.24 4.78 -35.43
CA ALA F 27 45.43 5.57 -34.49
C ALA F 27 46.30 6.56 -33.67
N GLU F 28 47.47 6.11 -33.27
CA GLU F 28 48.42 7.00 -32.61
C GLU F 28 48.81 8.19 -33.48
N GLU F 29 49.13 7.90 -34.74
CA GLU F 29 49.58 8.99 -35.62
C GLU F 29 48.43 9.98 -35.87
N ALA F 30 47.25 9.41 -36.14
CA ALA F 30 46.00 10.15 -36.33
C ALA F 30 45.69 11.11 -35.17
N THR F 31 45.81 10.64 -33.93
CA THR F 31 45.58 11.49 -32.76
C THR F 31 46.60 12.64 -32.74
N ARG F 32 47.88 12.30 -33.00
CA ARG F 32 48.93 13.33 -33.08
C ARG F 32 48.60 14.38 -34.15
N ASN F 33 48.28 13.93 -35.37
CA ASN F 33 47.91 14.80 -36.48
C ASN F 33 46.63 15.66 -36.29
N ASP F 34 45.69 15.22 -35.45
CA ASP F 34 44.40 15.93 -35.27
C ASP F 34 43.84 15.62 -33.85
N PRO F 35 44.43 16.24 -32.81
CA PRO F 35 44.14 15.93 -31.40
C PRO F 35 42.69 16.03 -30.96
N VAL F 36 41.86 16.80 -31.67
CA VAL F 36 40.47 16.91 -31.32
C VAL F 36 39.71 15.57 -31.52
N LEU F 37 40.33 14.68 -32.25
CA LEU F 37 39.76 13.38 -32.56
C LEU F 37 40.30 12.38 -31.53
N GLY F 38 41.02 12.89 -30.54
CA GLY F 38 41.67 12.02 -29.53
C GLY F 38 40.67 11.21 -28.71
N ALA F 39 39.54 11.82 -28.36
CA ALA F 39 38.53 11.07 -27.54
C ALA F 39 37.94 9.94 -28.32
N PHE F 40 37.58 10.23 -29.58
CA PHE F 40 37.07 9.19 -30.46
C PHE F 40 38.11 8.08 -30.71
N LEU F 41 39.35 8.48 -30.95
CA LEU F 41 40.39 7.47 -31.28
C LEU F 41 40.88 6.63 -30.08
N TYR F 42 41.02 7.24 -28.92
CA TYR F 42 41.31 6.50 -27.68
C TYR F 42 40.22 5.57 -27.26
N ALA F 43 38.99 6.08 -27.21
CA ALA F 43 37.85 5.25 -26.77
C ALA F 43 37.64 4.07 -27.69
N THR F 44 37.84 4.30 -28.98
CA THR F 44 37.50 3.24 -29.97
C THR F 44 38.68 2.28 -30.24
N ILE F 45 39.91 2.81 -30.22
CA ILE F 45 41.12 1.99 -30.57
C ILE F 45 42.13 1.79 -29.43
N LEU F 46 42.71 2.86 -28.94
CA LEU F 46 43.92 2.78 -28.13
C LEU F 46 43.69 2.26 -26.73
N ASN F 47 42.49 2.50 -26.19
CA ASN F 47 42.14 2.00 -24.87
C ASN F 47 41.66 0.59 -24.96
N GLN F 48 41.44 0.10 -26.18
CA GLN F 48 40.92 -1.26 -26.32
C GLN F 48 42.06 -2.28 -26.19
N PRO F 49 41.80 -3.46 -25.55
CA PRO F 49 42.76 -4.53 -25.36
C PRO F 49 42.91 -5.46 -26.58
N SER F 50 41.92 -5.51 -27.47
CA SER F 50 42.06 -6.38 -28.64
C SER F 50 41.40 -5.73 -29.81
N LEU F 51 41.61 -6.31 -30.98
CA LEU F 51 40.99 -5.84 -32.22
C LEU F 51 39.51 -6.14 -32.20
N GLU F 52 39.15 -7.28 -31.63
CA GLU F 52 37.79 -7.73 -31.51
C GLU F 52 36.98 -6.65 -30.74
N GLU F 53 37.53 -6.25 -29.62
CA GLU F 53 36.86 -5.26 -28.77
C GLU F 53 36.79 -3.89 -29.42
N ALA F 54 37.80 -3.51 -30.18
CA ALA F 54 37.74 -2.26 -30.94
C ALA F 54 36.58 -2.27 -31.97
N VAL F 55 36.43 -3.38 -32.70
CA VAL F 55 35.41 -3.51 -33.75
C VAL F 55 34.03 -3.56 -33.10
N MET F 56 33.89 -4.37 -32.09
CA MET F 56 32.63 -4.51 -31.39
C MET F 56 32.21 -3.14 -30.78
N HIS F 57 33.15 -2.41 -30.25
CA HIS F 57 32.87 -1.13 -29.66
C HIS F 57 32.39 -0.12 -30.66
N ARG F 58 33.13 0.05 -31.75
CA ARG F 58 32.70 0.98 -32.80
C ARG F 58 31.30 0.68 -33.32
N ILE F 59 31.02 -0.58 -33.62
CA ILE F 59 29.72 -0.98 -34.13
C ILE F 59 28.59 -0.71 -33.11
N ALA F 60 28.81 -1.09 -31.86
CA ALA F 60 27.84 -0.76 -30.78
C ALA F 60 27.53 0.75 -30.70
N GLU F 61 28.55 1.59 -30.83
CA GLU F 61 28.37 3.06 -30.77
C GLU F 61 27.58 3.56 -31.95
N ARG F 62 27.80 2.97 -33.13
CA ARG F 62 27.05 3.38 -34.33
C ARG F 62 25.61 2.97 -34.24
N LEU F 63 25.38 1.80 -33.66
CA LEU F 63 24.02 1.28 -33.57
C LEU F 63 23.27 1.70 -32.36
N GLY F 64 24.00 2.12 -31.33
CA GLY F 64 23.39 2.54 -30.05
C GLY F 64 22.27 3.56 -30.20
N HIS F 65 21.24 3.41 -29.37
CA HIS F 65 20.07 4.29 -29.43
C HIS F 65 19.43 4.29 -28.06
N PRO F 66 18.66 5.35 -27.72
CA PRO F 66 17.84 5.30 -26.51
C PRO F 66 17.02 4.04 -26.37
N ASP F 67 16.60 3.41 -27.48
CA ASP F 67 15.80 2.18 -27.36
C ASP F 67 16.58 1.01 -26.80
N VAL F 68 17.83 0.89 -27.28
CA VAL F 68 18.73 -0.20 -26.82
C VAL F 68 20.14 0.40 -26.85
N SER F 69 20.66 0.58 -25.67
CA SER F 69 21.92 1.25 -25.50
C SER F 69 23.10 0.57 -26.24
N ALA F 70 24.08 1.38 -26.62
CA ALA F 70 25.35 0.84 -27.13
C ALA F 70 25.87 -0.23 -26.18
N ASP F 71 25.77 0.05 -24.87
CA ASP F 71 26.32 -0.90 -23.85
C ASP F 71 25.75 -2.26 -23.95
N ILE F 72 24.42 -2.36 -24.04
CA ILE F 72 23.79 -3.66 -24.25
C ILE F 72 24.19 -4.32 -25.58
N LEU F 73 24.32 -3.52 -26.62
CA LEU F 73 24.81 -4.07 -27.93
C LEU F 73 26.26 -4.60 -27.80
N ARG F 74 27.10 -3.82 -27.12
CA ARG F 74 28.53 -4.14 -26.90
C ARG F 74 28.69 -5.40 -26.02
N GLN F 75 27.89 -5.50 -24.93
CA GLN F 75 27.91 -6.69 -24.09
C GLN F 75 27.45 -7.97 -24.85
N THR F 76 26.44 -7.82 -25.70
CA THR F 76 25.84 -8.89 -26.42
C THR F 76 26.83 -9.41 -27.45
N PHE F 77 27.53 -8.47 -28.06
CA PHE F 77 28.52 -8.77 -29.05
C PHE F 77 29.58 -9.62 -28.39
N ASP F 78 30.00 -9.23 -27.19
CA ASP F 78 31.03 -9.95 -26.51
C ASP F 78 30.60 -11.36 -26.16
N THR F 79 29.33 -11.53 -25.83
CA THR F 79 28.73 -12.83 -25.68
C THR F 79 28.80 -13.66 -26.97
N MET F 80 28.53 -13.03 -28.11
CA MET F 80 28.64 -13.69 -29.41
C MET F 80 30.05 -14.20 -29.61
N LEU F 81 31.05 -13.35 -29.31
CA LEU F 81 32.46 -13.76 -29.48
C LEU F 81 32.83 -14.97 -28.62
N GLU F 82 32.35 -15.02 -27.37
CA GLU F 82 32.65 -16.17 -26.56
C GLU F 82 32.13 -17.46 -27.15
N ALA F 83 30.93 -17.45 -27.75
CA ALA F 83 30.31 -18.65 -28.30
C ALA F 83 30.78 -18.95 -29.74
N ASN F 84 31.50 -18.02 -30.35
CA ASN F 84 31.96 -18.16 -31.73
C ASN F 84 33.37 -17.67 -31.83
N PRO F 85 34.34 -18.46 -31.29
CA PRO F 85 35.75 -18.04 -31.34
C PRO F 85 36.26 -17.95 -32.79
N GLU F 86 35.56 -18.62 -33.71
CA GLU F 86 35.91 -18.59 -35.11
C GLU F 86 35.88 -17.16 -35.61
N TRP F 87 34.97 -16.35 -35.05
CA TRP F 87 34.78 -14.97 -35.47
C TRP F 87 36.06 -14.19 -35.47
N SER F 88 36.96 -14.47 -34.52
CA SER F 88 38.25 -13.77 -34.51
C SER F 88 38.92 -13.84 -35.87
N HIS F 89 38.79 -15.00 -36.51
CA HIS F 89 39.41 -15.22 -37.83
C HIS F 89 38.63 -14.55 -38.95
N VAL F 90 37.33 -14.83 -38.95
CA VAL F 90 36.39 -14.22 -39.92
C VAL F 90 36.56 -12.73 -39.97
N LEU F 91 36.61 -12.12 -38.79
CA LEU F 91 36.82 -10.68 -38.67
C LEU F 91 38.05 -10.19 -39.42
N ARG F 92 39.16 -10.90 -39.23
CA ARG F 92 40.45 -10.43 -39.83
C ARG F 92 40.50 -10.61 -41.36
N VAL F 93 39.97 -11.73 -41.84
CA VAL F 93 39.88 -11.94 -43.28
C VAL F 93 38.89 -10.99 -43.95
N ASP F 94 37.81 -10.62 -43.23
CA ASP F 94 36.94 -9.57 -43.71
C ASP F 94 37.70 -8.28 -43.84
N ILE F 95 38.56 -7.98 -42.85
CA ILE F 95 39.27 -6.74 -42.89
C ILE F 95 40.31 -6.77 -44.01
N GLN F 96 40.87 -7.95 -44.23
CA GLN F 96 41.93 -8.08 -45.25
C GLN F 96 41.33 -7.91 -46.66
N ALA F 97 40.08 -8.33 -46.79
CA ALA F 97 39.33 -8.20 -48.03
C ALA F 97 39.20 -6.75 -48.42
N VAL F 98 38.96 -5.88 -47.43
CA VAL F 98 38.85 -4.49 -47.74
C VAL F 98 40.22 -3.93 -48.12
N TYR F 99 41.22 -4.32 -47.35
CA TYR F 99 42.56 -3.75 -47.52
C TYR F 99 43.15 -4.18 -48.90
N ASP F 100 42.87 -5.40 -49.30
CA ASP F 100 43.22 -5.84 -50.65
C ASP F 100 42.38 -5.29 -51.80
N ARG F 101 41.08 -5.08 -51.63
CA ARG F 101 40.22 -4.82 -52.78
C ARG F 101 39.84 -3.36 -52.98
N ASP F 102 40.13 -2.53 -51.99
CA ASP F 102 39.73 -1.15 -52.11
C ASP F 102 40.91 -0.19 -52.22
N PRO F 103 41.02 0.45 -53.39
CA PRO F 103 42.12 1.40 -53.59
C PRO F 103 41.85 2.78 -52.98
N ALA F 104 40.63 3.03 -52.50
CA ALA F 104 40.29 4.36 -51.99
C ALA F 104 40.84 4.58 -50.58
N TYR F 105 41.33 3.50 -49.97
CA TYR F 105 41.79 3.49 -48.57
C TYR F 105 43.15 2.81 -48.43
N SER F 106 44.03 3.36 -47.59
CA SER F 106 45.40 2.81 -47.45
C SER F 106 45.62 2.14 -46.10
N ARG F 107 44.64 2.27 -45.20
CA ARG F 107 44.90 1.83 -43.86
C ARG F 107 44.02 0.71 -43.35
N PHE F 108 44.58 -0.07 -42.43
CA PHE F 108 43.86 -1.18 -41.82
C PHE F 108 42.68 -0.69 -40.99
N MET F 109 42.78 0.52 -40.49
CA MET F 109 41.75 1.01 -39.58
C MET F 109 40.56 1.64 -40.26
N ASP F 110 40.72 1.90 -41.55
CA ASP F 110 39.64 2.51 -42.29
C ASP F 110 38.36 1.72 -42.21
N PRO F 111 38.41 0.40 -42.46
CA PRO F 111 37.17 -0.35 -42.26
C PRO F 111 36.65 -0.34 -40.85
N VAL F 112 37.54 -0.44 -39.88
CA VAL F 112 37.17 -0.54 -38.51
C VAL F 112 36.44 0.72 -38.02
N LEU F 113 36.93 1.88 -38.40
CA LEU F 113 36.32 3.14 -37.98
C LEU F 113 35.17 3.64 -38.87
N TYR F 114 35.17 3.32 -40.16
CA TYR F 114 34.46 4.21 -41.09
C TYR F 114 33.52 3.54 -42.06
N LEU F 115 33.85 2.32 -42.48
CA LEU F 115 33.18 1.70 -43.63
C LEU F 115 31.97 0.94 -43.16
N LYS F 116 30.79 1.49 -43.49
CA LYS F 116 29.56 0.94 -42.96
C LYS F 116 29.27 -0.49 -43.51
N GLY F 117 29.84 -0.80 -44.68
CA GLY F 117 29.67 -2.13 -45.30
C GLY F 117 30.27 -3.17 -44.39
N PHE F 118 31.50 -2.90 -43.97
CA PHE F 118 32.18 -3.74 -42.96
C PHE F 118 31.41 -3.85 -41.64
N HIS F 119 30.92 -2.69 -41.14
CA HIS F 119 30.11 -2.67 -39.89
C HIS F 119 28.88 -3.52 -40.03
N ALA F 120 28.29 -3.46 -41.22
CA ALA F 120 27.04 -4.19 -41.43
C ALA F 120 27.25 -5.69 -41.53
N ILE F 121 28.39 -6.13 -42.05
CA ILE F 121 28.64 -7.54 -42.15
C ILE F 121 28.77 -8.09 -40.71
N GLN F 122 29.57 -7.41 -39.89
CA GLN F 122 29.81 -7.88 -38.52
C GLN F 122 28.51 -7.77 -37.66
N THR F 123 27.65 -6.78 -37.96
CA THR F 123 26.31 -6.71 -37.34
C THR F 123 25.49 -7.90 -37.74
N HIS F 124 25.55 -8.27 -39.03
CA HIS F 124 24.83 -9.47 -39.46
C HIS F 124 25.27 -10.74 -38.76
N ARG F 125 26.58 -10.88 -38.61
CA ARG F 125 27.13 -12.03 -37.93
C ARG F 125 26.53 -12.15 -36.53
N LEU F 126 26.40 -10.99 -35.85
CA LEU F 126 25.82 -11.00 -34.49
C LEU F 126 24.37 -11.36 -34.53
N ALA F 127 23.61 -10.65 -35.39
CA ALA F 127 22.17 -10.92 -35.58
C ALA F 127 21.90 -12.41 -35.92
N HIS F 128 22.77 -12.96 -36.77
CA HIS F 128 22.64 -14.32 -37.31
C HIS F 128 22.73 -15.35 -36.24
N TRP F 129 23.71 -15.18 -35.36
CA TRP F 129 23.89 -16.03 -34.19
C TRP F 129 22.76 -15.94 -33.21
N LEU F 130 22.37 -14.71 -32.83
CA LEU F 130 21.18 -14.47 -31.99
C LEU F 130 19.94 -15.17 -32.49
N TYR F 131 19.77 -15.12 -33.81
CA TYR F 131 18.59 -15.66 -34.44
C TYR F 131 18.53 -17.18 -34.25
N LYS F 132 19.69 -17.78 -34.39
CA LYS F 132 19.80 -19.23 -34.24
C LYS F 132 19.50 -19.65 -32.83
N GLN F 133 19.75 -18.73 -31.88
CA GLN F 133 19.55 -18.99 -30.46
C GLN F 133 18.11 -18.80 -30.03
N GLY F 134 17.22 -18.54 -30.99
CA GLY F 134 15.82 -18.29 -30.65
C GLY F 134 15.61 -16.82 -30.21
N ARG F 135 16.71 -16.06 -30.12
CA ARG F 135 16.66 -14.60 -29.77
C ARG F 135 16.27 -13.75 -30.97
N LYS F 136 15.04 -13.90 -31.43
CA LYS F 136 14.62 -13.38 -32.71
C LYS F 136 14.36 -11.89 -32.65
N ASP F 137 13.79 -11.42 -31.55
CA ASP F 137 13.63 -9.95 -31.37
C ASP F 137 14.95 -9.20 -31.42
N PHE F 138 15.99 -9.71 -30.75
CA PHE F 138 17.25 -9.02 -30.70
C PHE F 138 17.83 -9.08 -32.10
N ALA F 139 17.68 -10.24 -32.77
CA ALA F 139 18.11 -10.39 -34.17
C ALA F 139 17.42 -9.38 -35.08
N TYR F 140 16.08 -9.22 -34.94
CA TYR F 140 15.33 -8.36 -35.82
C TYR F 140 15.63 -6.88 -35.47
N TYR F 141 15.91 -6.65 -34.18
CA TYR F 141 16.26 -5.31 -33.76
C TYR F 141 17.56 -4.84 -34.46
N LEU F 142 18.56 -5.71 -34.48
CA LEU F 142 19.83 -5.40 -35.18
C LEU F 142 19.59 -5.23 -36.66
N GLN F 143 18.78 -6.11 -37.23
CA GLN F 143 18.49 -6.01 -38.65
C GLN F 143 17.88 -4.63 -38.95
N SER F 144 16.97 -4.21 -38.09
CA SER F 144 16.22 -2.98 -38.29
C SER F 144 17.12 -1.78 -38.16
N ARG F 145 17.95 -1.82 -37.15
CA ARG F 145 18.88 -0.73 -36.87
C ARG F 145 19.94 -0.66 -38.00
N SER F 146 20.47 -1.80 -38.41
CA SER F 146 21.47 -1.86 -39.55
C SER F 146 20.85 -1.30 -40.82
N SER F 147 19.60 -1.70 -41.07
CA SER F 147 18.94 -1.17 -42.26
C SER F 147 18.79 0.38 -42.23
N SER F 148 18.53 0.91 -41.05
CA SER F 148 18.32 2.31 -40.87
C SER F 148 19.65 3.13 -40.87
N ILE F 149 20.68 2.60 -40.26
CA ILE F 149 21.92 3.32 -40.02
C ILE F 149 22.99 3.00 -41.10
N PHE F 150 23.02 1.74 -41.56
CA PHE F 150 24.00 1.36 -42.57
C PHE F 150 23.38 1.15 -43.92
N GLN F 151 22.06 1.26 -43.96
CA GLN F 151 21.28 1.10 -45.19
C GLN F 151 21.44 -0.26 -45.79
N THR F 152 21.75 -1.22 -44.92
CA THR F 152 21.84 -2.61 -45.34
C THR F 152 20.74 -3.43 -44.66
N ASP F 153 19.82 -3.99 -45.43
CA ASP F 153 18.76 -4.88 -44.94
C ASP F 153 19.14 -6.36 -45.17
N ILE F 154 19.72 -6.99 -44.17
CA ILE F 154 20.07 -8.40 -44.28
C ILE F 154 19.28 -9.18 -43.25
N HIS F 155 18.52 -10.16 -43.73
CA HIS F 155 17.74 -11.02 -42.83
C HIS F 155 18.68 -11.86 -42.00
N PRO F 156 18.40 -11.97 -40.69
CA PRO F 156 19.31 -12.67 -39.80
C PRO F 156 19.51 -14.12 -40.19
N ALA F 157 18.58 -14.70 -40.96
CA ALA F 157 18.62 -16.12 -41.39
C ALA F 157 19.52 -16.28 -42.64
N ALA F 158 19.83 -15.18 -43.32
CA ALA F 158 20.87 -15.21 -44.36
C ALA F 158 22.19 -15.73 -43.87
N ARG F 159 22.88 -16.50 -44.73
CA ARG F 159 24.23 -16.94 -44.38
C ARG F 159 25.28 -16.20 -45.21
N LEU F 160 26.22 -15.60 -44.54
CA LEU F 160 27.28 -14.89 -45.25
C LEU F 160 28.61 -15.49 -44.88
N GLY F 161 29.41 -15.77 -45.91
CA GLY F 161 30.74 -16.32 -45.73
C GLY F 161 31.75 -15.30 -45.30
N SER F 162 33.00 -15.73 -45.12
CA SER F 162 34.09 -14.81 -44.77
C SER F 162 34.78 -14.23 -45.99
N GLY F 163 35.64 -13.24 -45.77
CA GLY F 163 36.30 -12.51 -46.86
C GLY F 163 35.28 -11.77 -47.70
N LEU F 164 34.23 -11.29 -47.02
CA LEU F 164 33.17 -10.56 -47.69
C LEU F 164 33.50 -9.07 -47.82
N PHE F 165 33.32 -8.52 -49.01
CA PHE F 165 33.57 -7.11 -49.22
C PHE F 165 32.28 -6.37 -49.63
N LEU F 166 31.69 -5.58 -48.72
CA LEU F 166 30.53 -4.74 -49.04
C LEU F 166 31.01 -3.33 -49.30
N ASP F 167 31.13 -2.97 -50.58
CA ASP F 167 31.77 -1.72 -50.91
C ASP F 167 30.67 -0.71 -51.07
N HIS F 168 30.81 0.40 -50.32
CA HIS F 168 29.80 1.51 -50.27
C HIS F 168 28.51 1.10 -49.60
N ALA F 169 27.96 -0.06 -49.99
CA ALA F 169 26.85 -0.78 -49.27
C ALA F 169 25.41 -0.27 -49.39
N THR F 170 25.22 1.05 -49.52
CA THR F 170 23.89 1.66 -49.45
C THR F 170 22.87 0.92 -50.34
N GLY F 171 21.78 0.49 -49.72
CA GLY F 171 20.67 -0.10 -50.42
C GLY F 171 20.74 -1.61 -50.64
N LEU F 172 21.72 -2.29 -50.01
CA LEU F 172 21.81 -3.75 -50.07
C LEU F 172 20.62 -4.42 -49.37
N VAL F 173 20.04 -5.41 -50.03
CA VAL F 173 18.93 -6.17 -49.46
C VAL F 173 19.26 -7.63 -49.72
N VAL F 174 19.30 -8.41 -48.63
CA VAL F 174 19.57 -9.82 -48.67
C VAL F 174 18.44 -10.61 -48.01
N GLY F 175 17.84 -11.52 -48.77
CA GLY F 175 16.65 -12.28 -48.35
C GLY F 175 16.90 -13.36 -47.28
N GLU F 176 15.80 -13.79 -46.62
CA GLU F 176 15.82 -14.76 -45.54
C GLU F 176 16.51 -16.09 -45.88
N THR F 177 16.34 -16.58 -47.13
CA THR F 177 16.92 -17.86 -47.57
C THR F 177 18.16 -17.68 -48.50
N ALA F 178 18.73 -16.47 -48.53
CA ALA F 178 19.90 -16.22 -49.43
C ALA F 178 21.13 -16.82 -48.82
N VAL F 179 22.10 -17.23 -49.64
CA VAL F 179 23.41 -17.70 -49.12
C VAL F 179 24.51 -17.06 -49.89
N VAL F 180 25.54 -16.60 -49.19
CA VAL F 180 26.68 -16.00 -49.83
C VAL F 180 27.90 -16.73 -49.40
N GLU F 181 28.63 -17.33 -50.37
CA GLU F 181 29.83 -18.07 -50.01
C GLU F 181 31.03 -17.21 -49.72
N ASP F 182 32.18 -17.85 -49.52
CA ASP F 182 33.41 -17.08 -49.26
C ASP F 182 33.93 -16.16 -50.36
N ASN F 183 34.68 -15.14 -49.96
CA ASN F 183 35.40 -14.25 -50.87
C ASN F 183 34.60 -13.55 -51.98
N VAL F 184 33.46 -12.99 -51.59
CA VAL F 184 32.53 -12.35 -52.50
C VAL F 184 32.68 -10.83 -52.33
N SER F 185 32.42 -10.07 -53.37
CA SER F 185 32.45 -8.64 -53.29
C SER F 185 31.12 -8.22 -53.81
N ILE F 186 30.47 -7.36 -53.03
CA ILE F 186 29.15 -6.83 -53.35
C ILE F 186 29.20 -5.30 -53.23
N LEU F 187 28.78 -4.62 -54.28
CA LEU F 187 28.64 -3.19 -54.33
C LEU F 187 27.30 -2.72 -53.74
N HIS F 188 27.11 -1.42 -53.73
CA HIS F 188 25.84 -0.79 -53.29
C HIS F 188 24.72 -1.05 -54.23
N GLY F 189 23.50 -0.96 -53.71
CA GLY F 189 22.28 -1.12 -54.50
C GLY F 189 22.00 -2.57 -54.95
N VAL F 190 22.62 -3.55 -54.32
CA VAL F 190 22.45 -4.94 -54.77
C VAL F 190 21.29 -5.61 -54.07
N THR F 191 20.41 -6.25 -54.83
CA THR F 191 19.36 -7.07 -54.18
C THR F 191 19.62 -8.53 -54.43
N LEU F 192 19.72 -9.29 -53.35
CA LEU F 192 19.73 -10.75 -53.40
C LEU F 192 18.36 -11.18 -52.93
N GLY F 193 17.38 -11.13 -53.85
CA GLY F 193 15.97 -11.05 -53.49
C GLY F 193 15.06 -12.12 -54.07
N GLY F 194 13.76 -11.90 -53.95
CA GLY F 194 12.76 -12.90 -54.36
C GLY F 194 12.11 -12.45 -55.65
N THR F 195 11.37 -13.37 -56.27
CA THR F 195 10.95 -13.20 -57.65
C THR F 195 9.46 -12.90 -57.67
N GLY F 196 8.65 -13.94 -57.79
CA GLY F 196 7.20 -13.80 -57.62
C GLY F 196 6.98 -13.71 -56.13
N LYS F 197 5.91 -14.36 -55.65
CA LYS F 197 5.68 -14.56 -54.22
C LYS F 197 6.54 -15.72 -53.68
N SER F 198 5.92 -16.90 -53.54
CA SER F 198 6.53 -18.13 -52.95
C SER F 198 6.93 -17.95 -51.47
N SER F 199 6.84 -19.03 -50.69
CA SER F 199 7.20 -18.98 -49.25
C SER F 199 8.49 -19.73 -48.88
N GLY F 200 8.93 -20.65 -49.73
CA GLY F 200 10.01 -21.55 -49.34
C GLY F 200 11.39 -20.98 -49.57
N ASP F 201 12.30 -21.85 -49.97
CA ASP F 201 13.61 -21.44 -50.40
C ASP F 201 13.54 -20.64 -51.72
N ARG F 202 13.87 -19.35 -51.68
CA ARG F 202 13.42 -18.45 -52.72
C ARG F 202 14.40 -17.31 -53.06
N HIS F 203 15.57 -17.34 -52.46
CA HIS F 203 16.57 -16.28 -52.66
C HIS F 203 17.87 -16.87 -53.17
N PRO F 204 18.78 -16.02 -53.72
CA PRO F 204 20.00 -16.53 -54.41
C PRO F 204 21.06 -17.25 -53.55
N LYS F 205 21.68 -18.29 -54.10
CA LYS F 205 22.93 -18.78 -53.52
C LYS F 205 24.09 -18.24 -54.36
N ILE F 206 24.96 -17.47 -53.73
CA ILE F 206 26.12 -16.84 -54.38
C ILE F 206 27.35 -17.63 -54.04
N ARG F 207 28.00 -18.22 -55.06
CA ARG F 207 29.18 -19.07 -54.82
C ARG F 207 30.44 -18.25 -54.60
N GLN F 208 31.46 -18.91 -54.06
CA GLN F 208 32.76 -18.31 -53.84
C GLN F 208 33.26 -17.48 -55.01
N GLY F 209 33.86 -16.31 -54.67
CA GLY F 209 34.60 -15.47 -55.58
C GLY F 209 33.79 -14.56 -56.49
N VAL F 210 32.47 -14.56 -56.35
CA VAL F 210 31.66 -13.71 -57.22
C VAL F 210 31.87 -12.21 -56.93
N LEU F 211 31.80 -11.37 -57.97
CA LEU F 211 31.82 -9.92 -57.82
C LEU F 211 30.45 -9.49 -58.32
N ILE F 212 29.71 -8.76 -57.45
CA ILE F 212 28.42 -8.24 -57.81
C ILE F 212 28.44 -6.75 -57.97
N GLY F 213 28.17 -6.30 -59.20
CA GLY F 213 28.19 -4.87 -59.52
C GLY F 213 27.09 -4.01 -58.94
N ALA F 214 27.30 -2.70 -59.00
CA ALA F 214 26.38 -1.76 -58.43
C ALA F 214 24.97 -1.86 -59.02
N GLY F 215 23.95 -1.92 -58.16
CA GLY F 215 22.58 -1.83 -58.60
C GLY F 215 22.06 -3.15 -59.16
N ALA F 216 22.87 -4.20 -59.10
CA ALA F 216 22.47 -5.51 -59.66
C ALA F 216 21.32 -6.14 -58.83
N LYS F 217 20.37 -6.76 -59.51
CA LYS F 217 19.26 -7.45 -58.87
C LYS F 217 19.34 -8.93 -59.24
N ILE F 218 19.57 -9.79 -58.24
CA ILE F 218 19.62 -11.25 -58.43
C ILE F 218 18.44 -11.88 -57.66
N LEU F 219 17.48 -12.46 -58.38
CA LEU F 219 16.13 -12.73 -57.80
C LEU F 219 15.73 -14.19 -57.95
N GLY F 220 15.24 -14.78 -56.87
CA GLY F 220 14.82 -16.17 -56.91
C GLY F 220 15.86 -17.13 -56.36
N ASN F 221 15.43 -18.35 -56.10
CA ASN F 221 16.36 -19.40 -55.71
C ASN F 221 17.13 -19.88 -56.95
N ILE F 222 18.10 -19.07 -57.34
CA ILE F 222 19.03 -19.38 -58.46
C ILE F 222 20.46 -19.31 -57.96
N GLN F 223 21.42 -19.72 -58.78
CA GLN F 223 22.77 -19.82 -58.27
C GLN F 223 23.66 -19.01 -59.19
N VAL F 224 24.69 -18.38 -58.64
CA VAL F 224 25.68 -17.63 -59.42
C VAL F 224 26.96 -18.35 -59.17
N GLY F 225 27.49 -19.01 -60.20
CA GLY F 225 28.61 -19.91 -59.98
C GLY F 225 29.95 -19.29 -59.62
N GLN F 226 30.81 -20.12 -59.03
CA GLN F 226 32.18 -19.76 -58.65
C GLN F 226 32.86 -18.76 -59.57
N CYS F 227 33.40 -17.67 -59.02
CA CYS F 227 34.27 -16.71 -59.75
C CYS F 227 33.64 -15.84 -60.85
N SER F 228 32.33 -15.80 -60.93
CA SER F 228 31.72 -15.04 -62.01
C SER F 228 31.48 -13.57 -61.65
N LYS F 229 31.10 -12.74 -62.62
CA LYS F 229 30.96 -11.32 -62.40
C LYS F 229 29.63 -10.81 -62.93
N ILE F 230 28.85 -10.19 -62.04
CA ILE F 230 27.60 -9.60 -62.47
C ILE F 230 27.86 -8.14 -62.72
N ALA F 231 27.59 -7.64 -63.93
CA ALA F 231 27.90 -6.22 -64.15
C ALA F 231 26.85 -5.37 -63.47
N ALA F 232 27.18 -4.10 -63.26
CA ALA F 232 26.28 -3.10 -62.71
C ALA F 232 25.04 -2.96 -63.54
N GLY F 233 23.91 -2.83 -62.84
CA GLY F 233 22.58 -2.73 -63.43
C GLY F 233 22.03 -4.02 -64.04
N SER F 234 22.72 -5.15 -63.89
CA SER F 234 22.20 -6.44 -64.38
C SER F 234 20.97 -6.90 -63.62
N VAL F 235 19.99 -7.44 -64.33
CA VAL F 235 18.85 -8.21 -63.70
C VAL F 235 18.99 -9.70 -63.99
N VAL F 236 19.39 -10.45 -62.97
CA VAL F 236 19.67 -11.86 -63.10
C VAL F 236 18.47 -12.69 -62.60
N LEU F 237 17.80 -13.39 -63.50
CA LEU F 237 16.62 -14.16 -63.13
C LEU F 237 16.87 -15.64 -63.34
N LYS F 238 18.03 -15.98 -63.87
CA LYS F 238 18.37 -17.39 -64.09
C LYS F 238 19.77 -17.66 -63.62
N SER F 239 20.00 -18.91 -63.25
CA SER F 239 21.30 -19.29 -62.73
C SER F 239 22.44 -18.92 -63.67
N VAL F 240 23.57 -18.59 -63.10
CA VAL F 240 24.71 -18.16 -63.85
C VAL F 240 25.80 -19.18 -63.64
N PRO F 241 26.40 -19.70 -64.75
CA PRO F 241 27.55 -20.60 -64.74
C PRO F 241 28.74 -20.00 -64.03
N HIS F 242 29.64 -20.86 -63.56
CA HIS F 242 30.91 -20.41 -63.03
C HIS F 242 31.74 -19.80 -64.11
N ASN F 243 32.70 -18.99 -63.70
CA ASN F 243 33.68 -18.37 -64.57
C ASN F 243 33.20 -17.57 -65.78
N VAL F 244 32.06 -16.88 -65.63
CA VAL F 244 31.57 -15.99 -66.68
C VAL F 244 31.39 -14.57 -66.20
N THR F 245 31.26 -13.68 -67.17
CA THR F 245 30.82 -12.34 -66.88
C THR F 245 29.42 -12.11 -67.54
N VAL F 246 28.45 -11.64 -66.74
CA VAL F 246 27.11 -11.37 -67.24
C VAL F 246 26.68 -9.94 -67.06
N ALA F 247 25.76 -9.48 -67.89
CA ALA F 247 25.41 -8.06 -67.88
C ALA F 247 24.08 -7.87 -68.59
N GLY F 248 23.44 -6.75 -68.32
CA GLY F 248 22.25 -6.27 -69.05
C GLY F 248 20.93 -6.68 -68.46
N VAL F 249 19.86 -6.22 -69.09
CA VAL F 249 18.54 -6.47 -68.59
C VAL F 249 17.72 -7.11 -69.75
N PRO F 250 17.52 -8.46 -69.76
CA PRO F 250 17.95 -9.45 -68.76
C PRO F 250 19.42 -9.75 -68.86
N ALA F 251 20.04 -10.17 -67.76
CA ALA F 251 21.46 -10.47 -67.74
C ALA F 251 21.73 -11.59 -68.75
N ARG F 252 22.79 -11.44 -69.55
CA ARG F 252 23.27 -12.44 -70.49
C ARG F 252 24.74 -12.48 -70.36
N ILE F 253 25.32 -13.65 -70.57
CA ILE F 253 26.77 -13.85 -70.57
C ILE F 253 27.42 -13.00 -71.66
N ILE F 254 28.58 -12.43 -71.37
CA ILE F 254 29.28 -11.59 -72.34
C ILE F 254 30.75 -11.93 -72.41
N GLY F 255 31.23 -12.73 -71.48
CA GLY F 255 32.66 -13.03 -71.45
C GLY F 255 32.98 -14.14 -70.48
N GLU F 256 34.25 -14.50 -70.42
CA GLU F 256 34.70 -15.52 -69.49
C GLU F 256 35.55 -14.82 -68.48
N THR F 257 35.67 -15.39 -67.29
CA THR F 257 36.49 -14.80 -66.24
C THR F 257 36.83 -15.89 -65.26
N GLY F 258 37.83 -15.64 -64.44
CA GLY F 258 38.22 -16.56 -63.40
C GLY F 258 38.47 -15.84 -62.09
N CYS F 259 38.87 -16.59 -61.07
CA CYS F 259 39.18 -16.00 -59.77
C CYS F 259 40.54 -15.31 -59.73
N THR F 260 40.85 -14.67 -58.60
CA THR F 260 42.12 -13.94 -58.43
C THR F 260 42.65 -14.00 -57.00
N VAL G 16 -18.87 -20.94 -13.04
CA VAL G 16 -18.85 -19.49 -12.70
C VAL G 16 -18.09 -19.27 -11.36
N ASP G 17 -18.61 -19.81 -10.27
CA ASP G 17 -17.89 -19.72 -9.01
C ASP G 17 -18.03 -21.07 -8.37
N PRO G 18 -17.34 -22.08 -8.94
CA PRO G 18 -17.53 -23.46 -8.50
C PRO G 18 -17.13 -23.69 -7.04
N ILE G 19 -16.10 -22.99 -6.53
CA ILE G 19 -15.75 -23.17 -5.12
C ILE G 19 -16.94 -22.70 -4.23
N TRP G 20 -17.51 -21.55 -4.57
CA TRP G 20 -18.62 -21.01 -3.84
C TRP G 20 -19.79 -21.94 -3.91
N HIS G 21 -20.16 -22.31 -5.14
CA HIS G 21 -21.32 -23.20 -5.33
C HIS G 21 -21.11 -24.52 -4.71
N SER G 22 -19.86 -24.98 -4.67
CA SER G 22 -19.56 -26.21 -3.92
C SER G 22 -19.75 -26.09 -2.42
N ILE G 23 -19.21 -25.00 -1.86
CA ILE G 23 -19.39 -24.77 -0.44
C ILE G 23 -20.88 -24.61 -0.04
N ARG G 24 -21.66 -23.90 -0.86
CA ARG G 24 -23.11 -23.79 -0.55
C ARG G 24 -23.82 -25.17 -0.50
N ALA G 25 -23.44 -26.06 -1.42
CA ALA G 25 -24.07 -27.36 -1.49
C ALA G 25 -23.64 -28.19 -0.27
N GLU G 26 -22.35 -28.11 0.04
CA GLU G 26 -21.78 -28.71 1.26
C GLU G 26 -22.48 -28.16 2.54
N ALA G 27 -22.67 -26.84 2.62
CA ALA G 27 -23.45 -26.25 3.73
C ALA G 27 -24.92 -26.76 3.84
N GLU G 28 -25.60 -26.89 2.70
CA GLU G 28 -26.99 -27.30 2.66
C GLU G 28 -27.06 -28.70 3.24
N GLU G 29 -26.24 -29.57 2.67
CA GLU G 29 -26.18 -30.96 3.10
C GLU G 29 -25.77 -31.08 4.58
N ALA G 30 -24.82 -30.25 5.02
CA ALA G 30 -24.44 -30.36 6.44
C ALA G 30 -25.59 -30.04 7.40
N THR G 31 -26.40 -29.05 7.02
CA THR G 31 -27.47 -28.59 7.92
C THR G 31 -28.52 -29.67 8.05
N ARG G 32 -28.81 -30.33 6.92
CA ARG G 32 -29.78 -31.46 6.87
C ARG G 32 -29.26 -32.59 7.75
N ASN G 33 -27.98 -32.90 7.59
CA ASN G 33 -27.28 -33.94 8.34
C ASN G 33 -27.16 -33.68 9.87
N ASP G 34 -27.13 -32.41 10.27
CA ASP G 34 -27.04 -32.07 11.69
C ASP G 34 -27.68 -30.67 11.86
N PRO G 35 -29.03 -30.62 12.09
CA PRO G 35 -29.85 -29.39 12.15
C PRO G 35 -29.52 -28.40 13.27
N VAL G 36 -28.97 -28.88 14.38
CA VAL G 36 -28.58 -28.00 15.44
C VAL G 36 -27.51 -26.96 14.97
N LEU G 37 -26.75 -27.29 13.93
CA LEU G 37 -25.71 -26.37 13.41
C LEU G 37 -26.27 -25.41 12.37
N GLY G 38 -27.59 -25.43 12.18
CA GLY G 38 -28.22 -24.57 11.17
C GLY G 38 -28.02 -23.07 11.37
N ALA G 39 -27.95 -22.63 12.60
CA ALA G 39 -27.74 -21.22 12.86
C ALA G 39 -26.28 -20.89 12.39
N PHE G 40 -25.37 -21.76 12.77
CA PHE G 40 -23.93 -21.59 12.42
C PHE G 40 -23.77 -21.57 10.91
N LEU G 41 -24.34 -22.58 10.24
CA LEU G 41 -24.15 -22.73 8.80
C LEU G 41 -24.91 -21.73 7.96
N TYR G 42 -26.10 -21.35 8.40
CA TYR G 42 -26.83 -20.33 7.63
C TYR G 42 -26.21 -18.94 7.83
N ALA G 43 -25.88 -18.60 9.09
CA ALA G 43 -25.28 -17.29 9.35
C ALA G 43 -23.93 -17.13 8.61
N THR G 44 -23.20 -18.23 8.51
CA THR G 44 -21.81 -18.16 7.99
C THR G 44 -21.74 -18.32 6.49
N ILE G 45 -22.52 -19.29 5.98
CA ILE G 45 -22.58 -19.63 4.55
C ILE G 45 -23.87 -19.20 3.80
N LEU G 46 -24.99 -19.82 4.15
CA LEU G 46 -26.13 -19.86 3.23
C LEU G 46 -26.84 -18.54 3.11
N ASN G 47 -26.86 -17.77 4.19
CA ASN G 47 -27.32 -16.36 4.17
C ASN G 47 -26.39 -15.38 3.49
N GLN G 48 -25.17 -15.81 3.14
CA GLN G 48 -24.22 -14.86 2.54
C GLN G 48 -24.41 -14.77 1.05
N PRO G 49 -24.26 -13.55 0.51
CA PRO G 49 -24.33 -13.35 -0.94
C PRO G 49 -23.07 -13.77 -1.71
N SER G 50 -21.94 -14.03 -1.03
CA SER G 50 -20.68 -14.41 -1.74
C SER G 50 -19.69 -15.15 -0.87
N LEU G 51 -18.75 -15.82 -1.50
CA LEU G 51 -17.67 -16.48 -0.76
C LEU G 51 -16.85 -15.45 0.06
N GLU G 52 -16.55 -14.29 -0.52
CA GLU G 52 -15.85 -13.23 0.21
C GLU G 52 -16.60 -12.89 1.50
N GLU G 53 -17.88 -12.60 1.38
CA GLU G 53 -18.69 -12.23 2.56
C GLU G 53 -18.70 -13.33 3.61
N ALA G 54 -18.81 -14.57 3.16
CA ALA G 54 -18.77 -15.74 4.05
C ALA G 54 -17.42 -15.85 4.75
N VAL G 55 -16.32 -15.75 3.99
CA VAL G 55 -15.01 -15.87 4.63
C VAL G 55 -14.80 -14.73 5.67
N MET G 56 -15.21 -13.53 5.27
CA MET G 56 -15.01 -12.33 6.06
C MET G 56 -15.84 -12.36 7.33
N HIS G 57 -17.04 -12.94 7.22
CA HIS G 57 -17.90 -13.14 8.40
C HIS G 57 -17.31 -14.13 9.38
N ARG G 58 -16.87 -15.28 8.90
CA ARG G 58 -16.36 -16.31 9.80
C ARG G 58 -15.17 -15.79 10.63
N ILE G 59 -14.21 -15.16 9.95
CA ILE G 59 -13.04 -14.62 10.64
C ILE G 59 -13.39 -13.54 11.66
N ALA G 60 -14.31 -12.67 11.24
CA ALA G 60 -14.82 -11.60 12.10
C ALA G 60 -15.41 -12.17 13.41
N GLU G 61 -16.17 -13.26 13.28
CA GLU G 61 -16.77 -13.94 14.43
C GLU G 61 -15.72 -14.68 15.29
N ARG G 62 -14.75 -15.32 14.65
CA ARG G 62 -13.66 -15.91 15.42
C ARG G 62 -12.86 -14.79 16.21
N LEU G 63 -12.59 -13.64 15.58
CA LEU G 63 -11.78 -12.63 16.24
C LEU G 63 -12.55 -11.64 17.05
N GLY G 64 -13.88 -11.58 16.87
CA GLY G 64 -14.70 -10.63 17.66
C GLY G 64 -14.49 -10.73 19.16
N HIS G 65 -14.59 -9.58 19.84
CA HIS G 65 -14.37 -9.48 21.29
C HIS G 65 -15.03 -8.21 21.77
N PRO G 66 -15.38 -8.15 23.08
CA PRO G 66 -15.91 -6.92 23.66
C PRO G 66 -15.03 -5.69 23.34
N ASP G 67 -13.72 -5.90 23.26
CA ASP G 67 -12.79 -4.79 22.93
C ASP G 67 -13.08 -4.17 21.57
N VAL G 68 -13.24 -5.02 20.55
CA VAL G 68 -13.56 -4.58 19.20
C VAL G 68 -14.52 -5.64 18.58
N SER G 69 -15.79 -5.24 18.32
CA SER G 69 -16.80 -6.19 17.82
C SER G 69 -16.47 -6.84 16.52
N ALA G 70 -17.04 -8.04 16.31
CA ALA G 70 -17.01 -8.69 15.03
C ALA G 70 -17.58 -7.81 13.94
N ASP G 71 -18.56 -6.96 14.28
CA ASP G 71 -19.14 -6.05 13.27
C ASP G 71 -18.10 -5.06 12.74
N ILE G 72 -17.33 -4.44 13.64
CA ILE G 72 -16.27 -3.46 13.24
C ILE G 72 -15.22 -4.19 12.38
N LEU G 73 -14.81 -5.38 12.82
CA LEU G 73 -13.94 -6.24 12.02
C LEU G 73 -14.47 -6.57 10.64
N ARG G 74 -15.70 -7.07 10.57
CA ARG G 74 -16.34 -7.42 9.31
C ARG G 74 -16.48 -6.22 8.37
N GLN G 75 -16.93 -5.08 8.90
CA GLN G 75 -17.13 -3.89 8.09
C GLN G 75 -15.72 -3.45 7.51
N THR G 76 -14.71 -3.46 8.40
CA THR G 76 -13.34 -3.10 8.01
C THR G 76 -12.84 -4.05 6.94
N PHE G 77 -13.24 -5.32 7.02
CA PHE G 77 -12.84 -6.33 6.06
C PHE G 77 -13.43 -6.04 4.70
N ASP G 78 -14.70 -5.65 4.68
CA ASP G 78 -15.26 -5.39 3.40
C ASP G 78 -14.55 -4.16 2.74
N THR G 79 -14.17 -3.16 3.54
CA THR G 79 -13.45 -2.00 3.01
C THR G 79 -12.08 -2.39 2.39
N MET G 80 -11.50 -3.46 2.89
CA MET G 80 -10.23 -3.97 2.34
C MET G 80 -10.55 -4.60 0.99
N LEU G 81 -11.66 -5.31 0.91
CA LEU G 81 -12.08 -5.98 -0.31
C LEU G 81 -12.38 -4.97 -1.45
N GLU G 82 -13.02 -3.88 -1.04
CA GLU G 82 -13.33 -2.79 -1.95
C GLU G 82 -12.06 -2.22 -2.57
N ALA G 83 -11.01 -2.08 -1.74
CA ALA G 83 -9.76 -1.46 -2.12
C ALA G 83 -8.76 -2.44 -2.75
N ASN G 84 -8.98 -3.74 -2.52
CA ASN G 84 -8.17 -4.83 -3.06
C ASN G 84 -9.00 -5.95 -3.75
N PRO G 85 -9.62 -5.61 -4.89
CA PRO G 85 -10.42 -6.56 -5.64
C PRO G 85 -9.66 -7.82 -6.05
N GLU G 86 -8.33 -7.71 -6.16
CA GLU G 86 -7.51 -8.88 -6.49
C GLU G 86 -7.49 -9.94 -5.38
N TRP G 87 -7.91 -9.56 -4.16
CA TRP G 87 -8.10 -10.51 -3.09
C TRP G 87 -9.12 -11.60 -3.40
N SER G 88 -10.15 -11.28 -4.20
CA SER G 88 -11.07 -12.36 -4.69
C SER G 88 -10.35 -13.58 -5.27
N HIS G 89 -9.37 -13.31 -6.14
CA HIS G 89 -8.55 -14.37 -6.77
C HIS G 89 -7.67 -15.00 -5.75
N VAL G 90 -6.97 -14.18 -4.96
CA VAL G 90 -6.01 -14.73 -3.98
C VAL G 90 -6.72 -15.70 -3.01
N LEU G 91 -7.86 -15.25 -2.50
CA LEU G 91 -8.65 -16.08 -1.58
C LEU G 91 -9.00 -17.45 -2.18
N ARG G 92 -9.49 -17.44 -3.41
CA ARG G 92 -9.87 -18.72 -4.05
C ARG G 92 -8.66 -19.66 -4.26
N VAL G 93 -7.50 -19.05 -4.55
CA VAL G 93 -6.28 -19.86 -4.78
C VAL G 93 -5.82 -20.44 -3.44
N ASP G 94 -5.97 -19.66 -2.38
CA ASP G 94 -5.67 -20.13 -1.04
C ASP G 94 -6.56 -21.33 -0.70
N ILE G 95 -7.85 -21.22 -1.03
CA ILE G 95 -8.82 -22.27 -0.75
C ILE G 95 -8.49 -23.53 -1.57
N GLN G 96 -8.26 -23.37 -2.87
CA GLN G 96 -7.77 -24.46 -3.74
C GLN G 96 -6.49 -25.13 -3.18
N ALA G 97 -5.62 -24.29 -2.61
CA ALA G 97 -4.36 -24.78 -2.01
C ALA G 97 -4.64 -25.83 -0.93
N VAL G 98 -5.65 -25.58 -0.10
CA VAL G 98 -5.96 -26.48 1.00
C VAL G 98 -6.56 -27.76 0.43
N TYR G 99 -7.45 -27.58 -0.53
CA TYR G 99 -8.18 -28.67 -1.16
C TYR G 99 -7.24 -29.69 -1.82
N ASP G 100 -6.22 -29.20 -2.54
CA ASP G 100 -5.23 -30.06 -3.23
C ASP G 100 -4.16 -30.68 -2.32
N ARG G 101 -3.76 -29.97 -1.26
CA ARG G 101 -2.57 -30.37 -0.49
C ARG G 101 -2.89 -31.03 0.85
N ASP G 102 -4.12 -30.97 1.32
CA ASP G 102 -4.39 -31.56 2.61
C ASP G 102 -5.27 -32.77 2.39
N PRO G 103 -4.77 -33.94 2.79
CA PRO G 103 -5.56 -35.18 2.67
C PRO G 103 -6.58 -35.43 3.79
N ALA G 104 -6.56 -34.63 4.85
CA ALA G 104 -7.46 -34.89 6.00
C ALA G 104 -8.87 -34.30 5.89
N TYR G 105 -9.14 -33.58 4.79
CA TYR G 105 -10.40 -32.85 4.53
C TYR G 105 -10.70 -32.95 3.05
N SER G 106 -11.97 -33.19 2.75
CA SER G 106 -12.40 -33.39 1.36
C SER G 106 -13.44 -32.38 0.81
N ARG G 107 -13.77 -31.33 1.59
CA ARG G 107 -14.71 -30.31 1.15
C ARG G 107 -14.12 -28.88 1.09
N PHE G 108 -14.56 -28.10 0.11
CA PHE G 108 -13.97 -26.75 -0.02
C PHE G 108 -14.27 -25.85 1.18
N MET G 109 -15.35 -26.24 1.86
CA MET G 109 -15.93 -25.56 3.02
C MET G 109 -15.10 -25.69 4.29
N ASP G 110 -14.31 -26.76 4.37
CA ASP G 110 -13.55 -27.04 5.55
C ASP G 110 -12.58 -25.89 5.98
N PRO G 111 -11.73 -25.39 5.05
CA PRO G 111 -10.88 -24.27 5.41
C PRO G 111 -11.67 -23.01 5.80
N VAL G 112 -12.72 -22.72 5.05
CA VAL G 112 -13.57 -21.58 5.34
C VAL G 112 -14.14 -21.59 6.76
N LEU G 113 -14.70 -22.73 7.19
CA LEU G 113 -15.28 -22.89 8.52
C LEU G 113 -14.29 -23.12 9.66
N TYR G 114 -13.30 -24.01 9.47
CA TYR G 114 -12.67 -24.67 10.59
C TYR G 114 -11.15 -24.47 10.75
N LEU G 115 -10.44 -24.25 9.65
CA LEU G 115 -8.95 -24.33 9.68
C LEU G 115 -8.33 -22.97 10.04
N LYS G 116 -7.75 -22.91 11.24
CA LYS G 116 -7.20 -21.62 11.75
C LYS G 116 -6.04 -21.07 10.93
N GLY G 117 -5.31 -21.99 10.28
CA GLY G 117 -4.26 -21.59 9.34
C GLY G 117 -4.82 -20.73 8.23
N PHE G 118 -5.88 -21.22 7.60
CA PHE G 118 -6.54 -20.44 6.54
C PHE G 118 -7.06 -19.07 7.06
N HIS G 119 -7.75 -19.11 8.19
CA HIS G 119 -8.25 -17.90 8.81
C HIS G 119 -7.12 -16.92 9.08
N ALA G 120 -5.99 -17.43 9.59
CA ALA G 120 -4.85 -16.56 9.94
C ALA G 120 -4.30 -15.88 8.68
N ILE G 121 -4.31 -16.59 7.55
CA ILE G 121 -3.74 -16.04 6.32
C ILE G 121 -4.53 -14.81 5.89
N GLN G 122 -5.84 -14.94 5.86
CA GLN G 122 -6.70 -13.87 5.39
C GLN G 122 -6.74 -12.73 6.42
N THR G 123 -6.51 -13.05 7.71
CA THR G 123 -6.49 -12.02 8.74
C THR G 123 -5.26 -11.11 8.49
N HIS G 124 -4.15 -11.76 8.12
CA HIS G 124 -2.91 -10.98 7.88
C HIS G 124 -3.09 -10.07 6.70
N ARG G 125 -3.69 -10.57 5.63
CA ARG G 125 -3.95 -9.75 4.47
C ARG G 125 -4.70 -8.45 4.80
N LEU G 126 -5.69 -8.59 5.68
CA LEU G 126 -6.41 -7.41 6.12
C LEU G 126 -5.51 -6.47 6.95
N ALA G 127 -4.80 -7.03 7.94
CA ALA G 127 -3.92 -6.26 8.84
C ALA G 127 -2.79 -5.58 7.99
N HIS G 128 -2.30 -6.34 7.02
CA HIS G 128 -1.23 -5.84 6.05
C HIS G 128 -1.72 -4.58 5.34
N TRP G 129 -2.89 -4.69 4.71
CA TRP G 129 -3.45 -3.58 4.06
C TRP G 129 -3.67 -2.38 5.01
N LEU G 130 -4.17 -2.65 6.22
CA LEU G 130 -4.39 -1.55 7.17
C LEU G 130 -3.06 -0.92 7.59
N TYR G 131 -2.05 -1.79 7.80
CA TYR G 131 -0.72 -1.34 8.20
C TYR G 131 -0.16 -0.36 7.14
N LYS G 132 -0.37 -0.73 5.88
CA LYS G 132 0.10 0.05 4.73
C LYS G 132 -0.68 1.33 4.58
N GLN G 133 -1.91 1.34 5.11
CA GLN G 133 -2.74 2.53 5.17
C GLN G 133 -2.35 3.47 6.31
N GLY G 134 -1.39 3.07 7.14
CA GLY G 134 -1.05 3.84 8.31
C GLY G 134 -1.98 3.67 9.53
N ARG G 135 -2.90 2.70 9.41
CA ARG G 135 -3.75 2.29 10.50
C ARG G 135 -3.06 1.18 11.25
N LYS G 136 -2.01 1.54 11.97
CA LYS G 136 -1.16 0.56 12.60
C LYS G 136 -1.82 -0.07 13.82
N ASP G 137 -2.58 0.71 14.60
CA ASP G 137 -3.25 0.19 15.78
C ASP G 137 -4.25 -0.91 15.37
N PHE G 138 -5.02 -0.68 14.32
CA PHE G 138 -5.96 -1.69 13.86
C PHE G 138 -5.17 -2.91 13.43
N ALA G 139 -4.04 -2.66 12.75
CA ALA G 139 -3.25 -3.75 12.28
C ALA G 139 -2.70 -4.53 13.44
N TYR G 140 -2.17 -3.87 14.46
CA TYR G 140 -1.51 -4.59 15.56
C TYR G 140 -2.62 -5.31 16.38
N TYR G 141 -3.80 -4.71 16.37
CA TYR G 141 -4.92 -5.35 17.17
C TYR G 141 -5.28 -6.67 16.50
N LEU G 142 -5.39 -6.67 15.16
CA LEU G 142 -5.58 -7.91 14.42
C LEU G 142 -4.44 -8.93 14.64
N GLN G 143 -3.19 -8.44 14.55
CA GLN G 143 -2.06 -9.30 14.85
C GLN G 143 -2.15 -9.93 16.23
N SER G 144 -2.51 -9.11 17.23
CA SER G 144 -2.63 -9.49 18.63
C SER G 144 -3.72 -10.59 18.80
N ARG G 145 -4.86 -10.37 18.16
CA ARG G 145 -6.01 -11.28 18.34
C ARG G 145 -5.74 -12.57 17.58
N SER G 146 -5.13 -12.49 16.38
CA SER G 146 -4.78 -13.69 15.60
C SER G 146 -3.75 -14.50 16.34
N SER G 147 -2.79 -13.83 16.97
CA SER G 147 -1.84 -14.60 17.79
C SER G 147 -2.47 -15.32 18.98
N SER G 148 -3.48 -14.67 19.55
CA SER G 148 -4.15 -15.22 20.74
C SER G 148 -5.16 -16.37 20.39
N ILE G 149 -5.90 -16.18 19.30
CA ILE G 149 -7.04 -17.08 18.90
C ILE G 149 -6.58 -18.17 17.93
N PHE G 150 -5.68 -17.81 16.99
CA PHE G 150 -5.17 -18.74 15.95
C PHE G 150 -3.74 -19.21 16.22
N GLN G 151 -3.09 -18.62 17.24
CA GLN G 151 -1.73 -18.97 17.67
C GLN G 151 -0.74 -18.73 16.52
N THR G 152 -1.07 -17.79 15.63
CA THR G 152 -0.17 -17.40 14.52
C THR G 152 0.24 -15.92 14.74
N ASP G 153 1.51 -15.69 15.06
CA ASP G 153 1.98 -14.30 15.21
C ASP G 153 2.66 -13.90 13.91
N ILE G 154 1.92 -13.16 13.09
CA ILE G 154 2.47 -12.63 11.86
C ILE G 154 2.47 -11.08 11.94
N HIS G 155 3.67 -10.50 11.79
CA HIS G 155 3.75 -9.03 11.77
C HIS G 155 3.04 -8.45 10.54
N PRO G 156 2.24 -7.37 10.71
CA PRO G 156 1.46 -6.84 9.59
C PRO G 156 2.35 -6.42 8.37
N ALA G 157 3.66 -6.14 8.58
CA ALA G 157 4.56 -5.68 7.46
C ALA G 157 5.11 -6.84 6.68
N ALA G 158 5.00 -8.07 7.24
CA ALA G 158 5.34 -9.29 6.48
C ALA G 158 4.57 -9.37 5.21
N ARG G 159 5.17 -9.96 4.16
CA ARG G 159 4.45 -10.11 2.89
C ARG G 159 4.22 -11.61 2.58
N LEU G 160 2.96 -11.98 2.42
CA LEU G 160 2.57 -13.36 2.12
C LEU G 160 1.96 -13.44 0.73
N GLY G 161 2.50 -14.34 -0.11
CA GLY G 161 2.00 -14.54 -1.47
C GLY G 161 0.68 -15.29 -1.51
N SER G 162 0.20 -15.57 -2.73
CA SER G 162 -1.04 -16.34 -2.91
C SER G 162 -0.76 -17.83 -2.93
N GLY G 163 -1.81 -18.64 -2.73
CA GLY G 163 -1.68 -20.11 -2.81
C GLY G 163 -0.92 -20.62 -1.58
N LEU G 164 -0.96 -19.81 -0.52
CA LEU G 164 -0.31 -20.17 0.73
C LEU G 164 -1.16 -21.19 1.50
N PHE G 165 -0.52 -22.28 1.92
CA PHE G 165 -1.17 -23.32 2.67
C PHE G 165 -0.52 -23.41 4.06
N LEU G 166 -1.28 -23.07 5.07
CA LEU G 166 -0.76 -23.14 6.42
C LEU G 166 -1.47 -24.24 7.23
N ASP G 167 -0.79 -25.37 7.40
CA ASP G 167 -1.42 -26.56 7.94
C ASP G 167 -1.15 -26.66 9.45
N HIS G 168 -2.19 -26.93 10.24
CA HIS G 168 -2.14 -26.91 11.74
C HIS G 168 -1.88 -25.57 12.38
N ALA G 169 -0.81 -24.90 11.94
CA ALA G 169 -0.55 -23.52 12.22
C ALA G 169 0.03 -23.18 13.59
N THR G 170 -0.35 -23.93 14.61
CA THR G 170 -0.03 -23.55 15.99
C THR G 170 1.48 -23.17 16.15
N GLY G 171 1.71 -21.92 16.54
CA GLY G 171 3.02 -21.48 16.93
C GLY G 171 3.76 -20.82 15.80
N LEU G 172 3.12 -20.58 14.64
CA LEU G 172 3.74 -19.83 13.56
C LEU G 172 4.16 -18.44 14.03
N VAL G 173 5.37 -18.03 13.67
CA VAL G 173 5.88 -16.68 13.99
C VAL G 173 6.56 -16.17 12.75
N VAL G 174 6.05 -15.08 12.19
CA VAL G 174 6.58 -14.48 10.97
C VAL G 174 6.96 -12.97 11.26
N GLY G 175 8.21 -12.62 11.00
CA GLY G 175 8.70 -11.33 11.40
C GLY G 175 8.37 -10.22 10.47
N GLU G 176 8.67 -9.00 10.92
CA GLU G 176 8.19 -7.84 10.21
C GLU G 176 8.69 -7.68 8.76
N THR G 177 9.94 -8.15 8.46
CA THR G 177 10.49 -7.99 7.10
C THR G 177 10.49 -9.27 6.31
N ALA G 178 9.78 -10.27 6.80
CA ALA G 178 9.74 -11.58 6.16
C ALA G 178 8.97 -11.51 4.87
N VAL G 179 9.35 -12.32 3.90
CA VAL G 179 8.63 -12.41 2.60
C VAL G 179 8.37 -13.86 2.30
N VAL G 180 7.11 -14.20 1.98
CA VAL G 180 6.77 -15.56 1.49
C VAL G 180 6.18 -15.42 0.10
N GLU G 181 6.76 -16.10 -0.90
CA GLU G 181 6.22 -16.06 -2.27
C GLU G 181 5.06 -17.03 -2.47
N ASP G 182 4.65 -17.25 -3.73
CA ASP G 182 3.44 -18.02 -4.04
C ASP G 182 3.61 -19.51 -3.86
N ASN G 183 2.49 -20.18 -3.63
CA ASN G 183 2.41 -21.65 -3.56
C ASN G 183 3.36 -22.25 -2.55
N VAL G 184 3.45 -21.62 -1.40
CA VAL G 184 4.30 -22.15 -0.33
C VAL G 184 3.42 -22.96 0.62
N SER G 185 3.97 -23.98 1.27
CA SER G 185 3.22 -24.73 2.28
C SER G 185 3.99 -24.71 3.58
N ILE G 186 3.32 -24.43 4.69
CA ILE G 186 4.02 -24.24 5.95
C ILE G 186 3.27 -24.96 7.02
N LEU G 187 4.01 -25.67 7.87
CA LEU G 187 3.40 -26.40 8.95
C LEU G 187 3.44 -25.62 10.24
N HIS G 188 2.92 -26.22 11.29
CA HIS G 188 2.87 -25.62 12.62
C HIS G 188 4.26 -25.47 13.18
N GLY G 189 4.40 -24.60 14.19
CA GLY G 189 5.67 -24.46 14.89
C GLY G 189 6.77 -23.80 14.08
N VAL G 190 6.43 -23.23 12.93
CA VAL G 190 7.44 -22.62 12.07
C VAL G 190 7.77 -21.19 12.55
N THR G 191 9.07 -20.86 12.61
CA THR G 191 9.52 -19.45 12.79
C THR G 191 10.26 -18.96 11.53
N LEU G 192 9.77 -17.89 10.93
CA LEU G 192 10.51 -17.09 9.94
C LEU G 192 10.93 -15.79 10.68
N GLY G 193 12.10 -15.81 11.31
CA GLY G 193 12.48 -14.82 12.29
C GLY G 193 13.88 -14.27 12.09
N GLY G 194 14.39 -13.60 13.12
CA GLY G 194 15.71 -12.97 13.12
C GLY G 194 16.71 -13.74 13.96
N THR G 195 17.94 -13.22 14.02
CA THR G 195 18.99 -13.84 14.81
C THR G 195 19.46 -12.87 15.91
N GLY G 196 20.16 -11.81 15.49
CA GLY G 196 20.66 -10.75 16.39
C GLY G 196 19.77 -9.52 16.34
N GLY G 200 18.05 -3.81 11.03
CA GLY G 200 17.14 -3.42 9.97
C GLY G 200 16.42 -4.61 9.36
N ASP G 201 16.71 -4.89 8.09
CA ASP G 201 16.10 -6.05 7.40
C ASP G 201 16.79 -7.36 7.81
N ARG G 202 16.02 -8.30 8.33
CA ARG G 202 16.66 -9.31 9.13
C ARG G 202 15.92 -10.63 9.11
N HIS G 203 14.92 -10.74 8.20
CA HIS G 203 14.04 -11.91 8.16
C HIS G 203 14.09 -12.57 6.79
N PRO G 204 13.74 -13.87 6.72
CA PRO G 204 13.86 -14.69 5.52
C PRO G 204 12.91 -14.35 4.39
N LYS G 205 13.36 -14.62 3.15
CA LYS G 205 12.51 -14.52 1.98
C LYS G 205 12.38 -15.96 1.57
N ILE G 206 11.16 -16.45 1.56
CA ILE G 206 10.85 -17.85 1.20
C ILE G 206 10.31 -17.80 -0.20
N ARG G 207 11.03 -18.45 -1.12
CA ARG G 207 10.71 -18.40 -2.54
C ARG G 207 9.60 -19.36 -2.94
N GLN G 208 9.10 -19.20 -4.15
CA GLN G 208 7.89 -19.93 -4.56
C GLN G 208 8.05 -21.48 -4.49
N GLY G 209 6.96 -22.18 -4.16
CA GLY G 209 6.91 -23.66 -4.14
C GLY G 209 7.63 -24.38 -3.01
N VAL G 210 8.15 -23.64 -2.06
CA VAL G 210 8.85 -24.20 -0.91
C VAL G 210 7.89 -24.90 0.06
N LEU G 211 8.33 -26.00 0.70
CA LEU G 211 7.58 -26.60 1.79
C LEU G 211 8.35 -26.50 3.06
N ILE G 212 7.67 -26.05 4.12
CA ILE G 212 8.35 -25.87 5.40
C ILE G 212 7.78 -26.82 6.43
N GLY G 213 8.60 -27.78 6.83
CA GLY G 213 8.23 -28.79 7.80
C GLY G 213 7.97 -28.25 9.18
N ALA G 214 7.42 -29.12 10.03
CA ALA G 214 6.94 -28.72 11.33
C ALA G 214 8.06 -28.38 12.31
N GLY G 215 7.93 -27.28 13.04
CA GLY G 215 8.92 -26.95 14.06
C GLY G 215 10.17 -26.29 13.48
N ALA G 216 10.23 -26.15 12.15
CA ALA G 216 11.42 -25.61 11.47
C ALA G 216 11.58 -24.14 11.82
N LYS G 217 12.83 -23.71 11.94
CA LYS G 217 13.13 -22.32 12.24
C LYS G 217 14.06 -21.81 11.16
N ILE G 218 13.64 -20.75 10.46
CA ILE G 218 14.50 -20.09 9.46
C ILE G 218 14.84 -18.67 9.94
N LEU G 219 16.12 -18.37 10.11
CA LEU G 219 16.50 -17.18 10.86
C LEU G 219 17.49 -16.28 10.11
N GLY G 220 17.18 -14.98 10.07
CA GLY G 220 18.13 -14.01 9.54
C GLY G 220 17.76 -13.56 8.15
N ASN G 221 18.62 -12.75 7.56
CA ASN G 221 18.40 -12.19 6.24
C ASN G 221 18.81 -13.22 5.20
N ILE G 222 18.07 -14.32 5.14
CA ILE G 222 18.41 -15.41 4.22
C ILE G 222 17.25 -15.72 3.26
N GLN G 223 17.52 -16.44 2.20
CA GLN G 223 16.40 -16.94 1.42
C GLN G 223 16.44 -18.44 1.19
N VAL G 224 15.25 -19.05 1.11
CA VAL G 224 15.14 -20.45 0.78
C VAL G 224 14.68 -20.50 -0.66
N GLY G 225 15.54 -21.04 -1.56
CA GLY G 225 15.27 -21.11 -2.99
C GLY G 225 14.00 -21.82 -3.46
N GLN G 226 13.57 -21.50 -4.68
CA GLN G 226 12.37 -22.16 -5.27
C GLN G 226 12.34 -23.67 -5.16
N CYS G 227 11.16 -24.21 -4.86
CA CYS G 227 10.90 -25.65 -4.82
C CYS G 227 11.62 -26.45 -3.75
N SER G 228 12.29 -25.76 -2.83
CA SER G 228 13.07 -26.48 -1.81
C SER G 228 12.21 -26.89 -0.64
N LYS G 229 12.76 -27.82 0.15
CA LYS G 229 12.01 -28.41 1.25
C LYS G 229 12.82 -28.31 2.53
N ILE G 230 12.16 -27.94 3.61
CA ILE G 230 12.80 -27.88 4.92
C ILE G 230 12.18 -28.95 5.78
N ALA G 231 13.00 -29.88 6.24
CA ALA G 231 12.52 -30.99 7.00
C ALA G 231 12.16 -30.56 8.43
N ALA G 232 11.22 -31.27 9.03
CA ALA G 232 10.77 -30.98 10.39
C ALA G 232 11.93 -30.72 11.38
N GLY G 233 11.82 -29.67 12.19
CA GLY G 233 12.75 -29.52 13.32
C GLY G 233 14.04 -28.84 12.93
N SER G 234 14.20 -28.56 11.64
CA SER G 234 15.43 -27.96 11.11
C SER G 234 15.62 -26.52 11.64
N VAL G 235 16.88 -26.10 11.80
CA VAL G 235 17.25 -24.72 12.11
C VAL G 235 18.13 -24.28 10.98
N VAL G 236 17.55 -23.45 10.12
CA VAL G 236 18.20 -22.92 8.89
C VAL G 236 18.80 -21.54 9.17
N LEU G 237 20.14 -21.47 9.09
CA LEU G 237 20.84 -20.27 9.49
C LEU G 237 21.61 -19.68 8.31
N LYS G 238 21.60 -20.40 7.18
CA LYS G 238 22.26 -19.96 5.95
C LYS G 238 21.28 -20.07 4.78
N SER G 239 21.42 -19.21 3.76
CA SER G 239 20.61 -19.32 2.54
C SER G 239 20.67 -20.73 1.96
N VAL G 240 19.52 -21.21 1.49
CA VAL G 240 19.35 -22.50 0.85
C VAL G 240 19.09 -22.25 -0.66
N PRO G 241 19.82 -22.97 -1.56
CA PRO G 241 19.60 -22.80 -3.00
C PRO G 241 18.29 -23.50 -3.39
N HIS G 242 17.90 -23.33 -4.65
CA HIS G 242 16.66 -23.91 -5.18
C HIS G 242 16.75 -25.42 -5.30
N ASN G 243 15.61 -26.10 -5.20
CA ASN G 243 15.53 -27.52 -5.55
C ASN G 243 16.38 -28.44 -4.68
N VAL G 244 16.49 -28.12 -3.39
CA VAL G 244 17.12 -29.05 -2.42
C VAL G 244 16.24 -29.27 -1.18
N THR G 245 16.53 -30.35 -0.47
CA THR G 245 15.96 -30.57 0.83
C THR G 245 17.08 -30.35 1.84
N VAL G 246 16.78 -29.59 2.92
CA VAL G 246 17.71 -29.45 4.07
C VAL G 246 17.11 -30.11 5.28
N ALA G 247 17.96 -30.44 6.25
CA ALA G 247 17.52 -31.03 7.51
C ALA G 247 18.59 -30.83 8.58
N GLY G 248 18.15 -30.82 9.83
CA GLY G 248 19.06 -30.76 10.99
C GLY G 248 19.17 -29.47 11.79
N VAL G 249 19.87 -29.58 12.92
CA VAL G 249 20.14 -28.48 13.83
C VAL G 249 21.68 -28.35 14.01
N PRO G 250 22.34 -27.46 13.25
CA PRO G 250 21.80 -26.60 12.18
C PRO G 250 21.54 -27.43 10.93
N ALA G 251 20.95 -26.78 9.92
CA ALA G 251 20.49 -27.49 8.76
C ALA G 251 21.61 -27.58 7.76
N ARG G 252 21.72 -28.75 7.16
CA ARG G 252 22.55 -28.95 6.00
C ARG G 252 21.73 -29.57 4.85
N ILE G 253 22.20 -29.38 3.62
CA ILE G 253 21.60 -30.03 2.44
C ILE G 253 21.70 -31.55 2.54
N ILE G 254 20.57 -32.24 2.59
CA ILE G 254 20.56 -33.70 2.62
C ILE G 254 20.38 -34.32 1.23
N GLY G 255 19.95 -33.53 0.25
CA GLY G 255 19.79 -34.03 -1.09
C GLY G 255 19.01 -33.12 -2.02
N GLU G 256 18.62 -33.67 -3.16
CA GLU G 256 17.94 -32.91 -4.20
C GLU G 256 16.44 -33.20 -4.26
N THR G 257 15.69 -32.30 -4.90
CA THR G 257 14.22 -32.39 -5.01
C THR G 257 13.74 -31.38 -6.07
N GLY G 258 12.46 -31.43 -6.41
CA GLY G 258 11.84 -30.46 -7.32
C GLY G 258 10.46 -30.15 -6.80
N CYS G 259 9.72 -29.36 -7.56
CA CYS G 259 8.42 -28.81 -7.15
C CYS G 259 7.23 -29.77 -7.06
N THR G 260 6.90 -30.46 -8.16
CA THR G 260 5.70 -31.34 -8.25
C THR G 260 4.40 -30.51 -8.38
N VAL H 16 7.73 12.51 37.99
CA VAL H 16 7.13 12.43 36.63
C VAL H 16 7.15 10.98 36.11
N ASP H 17 6.49 10.77 34.98
CA ASP H 17 6.10 9.40 34.61
C ASP H 17 6.11 9.34 33.10
N PRO H 18 7.32 9.50 32.53
CA PRO H 18 7.41 9.70 31.08
C PRO H 18 6.74 8.57 30.25
N ILE H 19 6.77 7.33 30.75
CA ILE H 19 6.14 6.20 30.03
C ILE H 19 4.62 6.43 29.98
N TRP H 20 4.05 6.69 31.16
CA TRP H 20 2.62 7.01 31.26
C TRP H 20 2.24 8.14 30.33
N HIS H 21 3.08 9.19 30.27
CA HIS H 21 2.68 10.33 29.46
C HIS H 21 2.84 10.09 27.98
N SER H 22 3.88 9.35 27.57
CA SER H 22 4.03 8.95 26.17
C SER H 22 2.81 8.12 25.73
N ILE H 23 2.45 7.14 26.57
CA ILE H 23 1.27 6.25 26.27
C ILE H 23 -0.02 7.06 26.02
N ARG H 24 -0.35 7.96 26.95
CA ARG H 24 -1.54 8.81 26.80
C ARG H 24 -1.49 9.57 25.47
N ALA H 25 -0.29 10.06 25.12
CA ALA H 25 -0.06 10.83 23.90
C ALA H 25 -0.18 9.92 22.70
N GLU H 26 0.48 8.77 22.79
CA GLU H 26 0.29 7.73 21.74
C GLU H 26 -1.22 7.37 21.51
N ALA H 27 -1.96 7.09 22.58
CA ALA H 27 -3.41 6.72 22.46
C ALA H 27 -4.25 7.85 21.86
N GLU H 28 -4.01 9.09 22.33
CA GLU H 28 -4.60 10.31 21.71
C GLU H 28 -4.44 10.35 20.20
N GLU H 29 -3.19 10.26 19.77
CA GLU H 29 -2.88 10.26 18.35
C GLU H 29 -3.54 9.05 17.66
N ALA H 30 -3.42 7.88 18.30
CA ALA H 30 -4.09 6.66 17.74
C ALA H 30 -5.60 6.89 17.48
N THR H 31 -6.27 7.61 18.36
CA THR H 31 -7.73 7.69 18.28
C THR H 31 -8.10 8.63 17.16
N ARG H 32 -7.38 9.74 17.04
CA ARG H 32 -7.65 10.60 15.89
C ARG H 32 -7.26 9.93 14.56
N ASN H 33 -6.21 9.10 14.58
CA ASN H 33 -5.79 8.33 13.40
C ASN H 33 -6.79 7.23 12.98
N ASP H 34 -7.48 6.64 13.95
CA ASP H 34 -8.49 5.64 13.60
C ASP H 34 -9.65 5.71 14.60
N PRO H 35 -10.65 6.59 14.35
CA PRO H 35 -11.68 6.90 15.35
C PRO H 35 -12.61 5.73 15.75
N VAL H 36 -12.83 4.76 14.85
CA VAL H 36 -13.61 3.53 15.16
C VAL H 36 -13.01 2.72 16.34
N LEU H 37 -11.71 2.94 16.59
CA LEU H 37 -11.00 2.38 17.74
C LEU H 37 -11.14 3.18 19.03
N GLY H 38 -11.90 4.25 18.97
CA GLY H 38 -12.02 5.16 20.10
C GLY H 38 -12.54 4.57 21.38
N ALA H 39 -13.50 3.66 21.28
CA ALA H 39 -14.06 3.06 22.49
C ALA H 39 -12.97 2.20 23.15
N PHE H 40 -12.26 1.43 22.32
CA PHE H 40 -11.19 0.57 22.81
C PHE H 40 -10.08 1.45 23.48
N LEU H 41 -9.73 2.55 22.79
CA LEU H 41 -8.61 3.39 23.27
C LEU H 41 -9.00 4.21 24.48
N TYR H 42 -10.21 4.75 24.45
CA TYR H 42 -10.74 5.49 25.61
C TYR H 42 -10.85 4.65 26.85
N ALA H 43 -11.49 3.49 26.71
CA ALA H 43 -11.75 2.64 27.85
C ALA H 43 -10.46 2.07 28.43
N THR H 44 -9.46 1.85 27.57
CA THR H 44 -8.26 1.10 28.00
C THR H 44 -7.13 2.04 28.46
N ILE H 45 -7.02 3.18 27.80
CA ILE H 45 -5.97 4.14 28.17
C ILE H 45 -6.53 5.46 28.66
N LEU H 46 -7.19 6.18 27.76
CA LEU H 46 -7.48 7.60 27.99
C LEU H 46 -8.38 7.91 29.20
N ASN H 47 -9.33 7.02 29.52
CA ASN H 47 -10.12 7.13 30.73
C ASN H 47 -9.44 6.67 32.02
N GLN H 48 -8.27 6.11 31.93
CA GLN H 48 -7.63 5.55 33.09
C GLN H 48 -6.78 6.58 33.81
N PRO H 49 -6.79 6.54 35.14
CA PRO H 49 -6.03 7.52 35.90
C PRO H 49 -4.54 7.24 35.98
N SER H 50 -4.09 6.01 35.70
CA SER H 50 -2.66 5.70 35.82
C SER H 50 -2.25 4.64 34.83
N LEU H 51 -0.94 4.47 34.64
CA LEU H 51 -0.40 3.35 33.84
C LEU H 51 -0.78 1.98 34.39
N GLU H 52 -0.71 1.84 35.70
CA GLU H 52 -1.06 0.59 36.38
C GLU H 52 -2.51 0.22 36.12
N GLU H 53 -3.43 1.19 36.27
CA GLU H 53 -4.85 0.90 35.95
C GLU H 53 -5.10 0.58 34.47
N ALA H 54 -4.39 1.26 33.56
CA ALA H 54 -4.47 0.94 32.13
C ALA H 54 -3.99 -0.47 31.89
N VAL H 55 -2.86 -0.84 32.52
CA VAL H 55 -2.33 -2.20 32.33
C VAL H 55 -3.26 -3.32 32.91
N MET H 56 -3.76 -3.08 34.11
CA MET H 56 -4.64 -4.01 34.78
C MET H 56 -5.95 -4.20 34.01
N HIS H 57 -6.55 -3.09 33.57
CA HIS H 57 -7.77 -3.14 32.79
C HIS H 57 -7.59 -3.92 31.54
N ARG H 58 -6.53 -3.65 30.74
CA ARG H 58 -6.38 -4.38 29.48
C ARG H 58 -6.23 -5.87 29.70
N ILE H 59 -5.40 -6.24 30.67
CA ILE H 59 -5.15 -7.65 30.90
C ILE H 59 -6.45 -8.35 31.43
N ALA H 60 -7.20 -7.64 32.27
CA ALA H 60 -8.41 -8.21 32.85
C ALA H 60 -9.42 -8.43 31.72
N GLU H 61 -9.43 -7.52 30.76
CA GLU H 61 -10.35 -7.61 29.65
C GLU H 61 -9.98 -8.75 28.75
N ARG H 62 -8.67 -8.99 28.55
CA ARG H 62 -8.28 -10.14 27.74
C ARG H 62 -8.61 -11.47 28.44
N LEU H 63 -8.49 -11.45 29.77
CA LEU H 63 -8.56 -12.70 30.51
C LEU H 63 -10.02 -12.96 30.88
N GLY H 64 -10.88 -11.93 30.78
CA GLY H 64 -12.23 -11.94 31.29
C GLY H 64 -13.01 -13.03 30.59
N HIS H 65 -13.91 -13.70 31.33
CA HIS H 65 -14.64 -14.83 30.80
C HIS H 65 -15.91 -15.03 31.61
N PRO H 66 -16.96 -15.61 31.00
CA PRO H 66 -18.19 -15.95 31.76
C PRO H 66 -17.93 -16.58 33.13
N ASP H 67 -16.99 -17.51 33.17
CA ASP H 67 -16.55 -18.19 34.38
C ASP H 67 -16.11 -17.24 35.48
N VAL H 68 -15.21 -16.29 35.12
CA VAL H 68 -14.73 -15.28 36.07
C VAL H 68 -14.69 -13.93 35.30
N SER H 69 -15.53 -12.98 35.71
CA SER H 69 -15.64 -11.71 35.03
C SER H 69 -14.29 -10.94 34.97
N ALA H 70 -14.16 -10.13 33.93
CA ALA H 70 -13.09 -9.13 33.83
C ALA H 70 -13.08 -8.25 35.07
N ASP H 71 -14.28 -7.91 35.54
CA ASP H 71 -14.43 -7.08 36.71
C ASP H 71 -13.77 -7.67 37.94
N ILE H 72 -14.02 -8.93 38.18
CA ILE H 72 -13.37 -9.67 39.26
C ILE H 72 -11.82 -9.65 39.09
N LEU H 73 -11.37 -9.94 37.90
CA LEU H 73 -9.90 -9.93 37.62
C LEU H 73 -9.25 -8.56 37.86
N ARG H 74 -9.91 -7.51 37.39
CA ARG H 74 -9.46 -6.14 37.51
C ARG H 74 -9.37 -5.72 38.96
N GLN H 75 -10.43 -6.01 39.73
CA GLN H 75 -10.47 -5.61 41.12
C GLN H 75 -9.42 -6.33 41.94
N THR H 76 -9.21 -7.60 41.65
CA THR H 76 -8.22 -8.41 42.37
C THR H 76 -6.84 -7.94 42.00
N PHE H 77 -6.69 -7.50 40.75
CA PHE H 77 -5.40 -6.99 40.28
C PHE H 77 -5.06 -5.78 41.11
N ASP H 78 -6.08 -4.97 41.42
CA ASP H 78 -5.90 -3.74 42.18
C ASP H 78 -5.49 -3.99 43.65
N THR H 79 -5.90 -5.14 44.15
CA THR H 79 -5.52 -5.62 45.46
C THR H 79 -4.04 -6.07 45.51
N MET H 80 -3.59 -6.71 44.44
CA MET H 80 -2.18 -6.98 44.27
C MET H 80 -1.34 -5.69 44.29
N LEU H 81 -1.77 -4.67 43.56
CA LEU H 81 -1.00 -3.45 43.46
C LEU H 81 -0.88 -2.74 44.84
N GLU H 82 -1.99 -2.69 45.59
CA GLU H 82 -2.04 -2.18 46.96
C GLU H 82 -1.00 -2.82 47.82
N ALA H 83 -1.02 -4.14 47.86
CA ALA H 83 -0.02 -4.89 48.61
C ALA H 83 1.42 -4.88 48.03
N ASN H 84 1.59 -4.71 46.72
CA ASN H 84 2.97 -4.71 46.14
C ASN H 84 3.26 -3.40 45.39
N PRO H 85 3.46 -2.28 46.10
CA PRO H 85 3.73 -1.02 45.39
C PRO H 85 5.00 -1.14 44.51
N GLU H 86 5.81 -2.18 44.74
CA GLU H 86 7.03 -2.44 43.95
C GLU H 86 6.73 -2.67 42.45
N TRP H 87 5.52 -3.17 42.19
CA TRP H 87 5.11 -3.55 40.87
C TRP H 87 5.03 -2.36 39.95
N SER H 88 4.80 -1.17 40.52
CA SER H 88 4.76 0.07 39.69
C SER H 88 6.13 0.25 39.03
N HIS H 89 7.19 -0.22 39.71
CA HIS H 89 8.55 -0.08 39.12
C HIS H 89 8.87 -1.19 38.16
N VAL H 90 8.72 -2.43 38.65
CA VAL H 90 8.85 -3.67 37.86
C VAL H 90 8.02 -3.61 36.54
N LEU H 91 6.82 -3.05 36.64
CA LEU H 91 5.98 -2.80 35.47
C LEU H 91 6.71 -1.99 34.41
N ARG H 92 7.26 -0.86 34.85
CA ARG H 92 7.88 0.14 33.94
C ARG H 92 9.18 -0.37 33.29
N VAL H 93 9.94 -1.12 34.06
CA VAL H 93 11.14 -1.74 33.53
C VAL H 93 10.81 -2.86 32.52
N ASP H 94 9.71 -3.59 32.77
CA ASP H 94 9.26 -4.61 31.81
C ASP H 94 8.82 -3.95 30.52
N ILE H 95 8.12 -2.81 30.63
CA ILE H 95 7.70 -2.11 29.46
C ILE H 95 8.94 -1.59 28.71
N GLN H 96 9.86 -0.96 29.46
CA GLN H 96 11.10 -0.41 28.87
C GLN H 96 11.88 -1.53 28.16
N ALA H 97 11.88 -2.71 28.78
CA ALA H 97 12.56 -3.83 28.15
C ALA H 97 12.05 -4.09 26.72
N VAL H 98 10.73 -3.96 26.52
CA VAL H 98 10.15 -4.23 25.18
C VAL H 98 10.56 -3.11 24.22
N TYR H 99 10.34 -1.89 24.67
CA TYR H 99 10.68 -0.69 23.88
C TYR H 99 12.19 -0.76 23.44
N ASP H 100 13.10 -1.13 24.35
CA ASP H 100 14.52 -1.22 24.00
C ASP H 100 14.93 -2.40 23.18
N ARG H 101 14.27 -3.55 23.34
CA ARG H 101 14.79 -4.76 22.74
C ARG H 101 14.04 -5.17 21.47
N ASP H 102 12.76 -4.83 21.37
CA ASP H 102 12.05 -5.23 20.19
C ASP H 102 12.07 -4.13 19.16
N PRO H 103 12.67 -4.38 17.97
CA PRO H 103 12.68 -3.34 16.95
C PRO H 103 11.33 -3.18 16.28
N ALA H 104 10.48 -4.23 16.29
CA ALA H 104 9.27 -4.28 15.43
C ALA H 104 8.14 -3.35 15.89
N TYR H 105 8.36 -2.77 17.08
CA TYR H 105 7.40 -1.87 17.68
C TYR H 105 8.14 -0.62 18.12
N SER H 106 7.45 0.52 18.13
CA SER H 106 8.17 1.77 18.47
C SER H 106 7.43 2.62 19.50
N ARG H 107 6.26 2.16 19.94
CA ARG H 107 5.48 2.88 20.92
C ARG H 107 5.47 2.22 22.28
N PHE H 108 5.48 3.01 23.34
CA PHE H 108 5.40 2.43 24.69
C PHE H 108 4.03 1.71 24.92
N MET H 109 3.01 2.16 24.21
CA MET H 109 1.61 1.64 24.36
C MET H 109 1.53 0.24 23.74
N ASP H 110 2.52 -0.10 22.86
CA ASP H 110 2.48 -1.37 22.14
C ASP H 110 2.41 -2.62 23.02
N PRO H 111 3.38 -2.83 23.95
CA PRO H 111 3.26 -4.00 24.86
C PRO H 111 1.99 -3.93 25.72
N VAL H 112 1.61 -2.71 26.13
CA VAL H 112 0.45 -2.53 27.01
C VAL H 112 -0.85 -3.03 26.34
N LEU H 113 -1.03 -2.63 25.08
CA LEU H 113 -2.23 -2.96 24.35
C LEU H 113 -2.24 -4.35 23.69
N TYR H 114 -1.11 -4.70 23.04
CA TYR H 114 -1.09 -5.75 22.02
C TYR H 114 -0.28 -7.01 22.30
N LEU H 115 0.73 -6.95 23.17
CA LEU H 115 1.73 -8.07 23.20
C LEU H 115 1.50 -9.06 24.30
N LYS H 116 1.10 -10.28 23.90
CA LYS H 116 0.55 -11.23 24.90
C LYS H 116 1.67 -11.70 25.82
N GLY H 117 2.92 -11.61 25.36
CA GLY H 117 4.05 -11.89 26.26
C GLY H 117 4.05 -11.00 27.48
N PHE H 118 3.93 -9.70 27.22
CA PHE H 118 3.94 -8.72 28.27
C PHE H 118 2.72 -8.98 29.20
N HIS H 119 1.58 -9.30 28.60
CA HIS H 119 0.34 -9.61 29.37
C HIS H 119 0.54 -10.78 30.26
N ALA H 120 1.12 -11.83 29.70
CA ALA H 120 1.42 -13.03 30.43
C ALA H 120 2.32 -12.78 31.66
N ILE H 121 3.33 -11.88 31.52
CA ILE H 121 4.28 -11.64 32.60
C ILE H 121 3.51 -11.09 33.81
N GLN H 122 2.72 -10.03 33.55
CA GLN H 122 2.09 -9.35 34.65
C GLN H 122 0.95 -10.22 35.22
N THR H 123 0.40 -11.08 34.37
CA THR H 123 -0.63 -12.06 34.81
C THR H 123 0.02 -13.02 35.81
N HIS H 124 1.22 -13.51 35.48
CA HIS H 124 1.95 -14.37 36.44
C HIS H 124 2.24 -13.68 37.76
N ARG H 125 2.63 -12.41 37.68
CA ARG H 125 2.93 -11.60 38.86
C ARG H 125 1.65 -11.50 39.76
N LEU H 126 0.48 -11.38 39.13
CA LEU H 126 -0.79 -11.45 39.89
C LEU H 126 -0.97 -12.80 40.56
N ALA H 127 -0.75 -13.87 39.79
CA ALA H 127 -0.98 -15.21 40.27
C ALA H 127 0.04 -15.64 41.31
N HIS H 128 1.28 -15.19 41.12
CA HIS H 128 2.37 -15.52 42.02
C HIS H 128 2.06 -14.97 43.37
N TRP H 129 1.53 -13.74 43.42
CA TRP H 129 1.17 -13.09 44.67
C TRP H 129 -0.03 -13.74 45.29
N LEU H 130 -1.05 -13.99 44.46
CA LEU H 130 -2.25 -14.72 44.96
C LEU H 130 -1.86 -16.09 45.51
N TYR H 131 -0.97 -16.78 44.79
CA TYR H 131 -0.53 -18.11 45.21
C TYR H 131 0.10 -18.07 46.58
N LYS H 132 0.85 -17.00 46.83
CA LYS H 132 1.57 -16.82 48.09
C LYS H 132 0.62 -16.38 49.22
N GLN H 133 -0.52 -15.83 48.85
CA GLN H 133 -1.52 -15.38 49.79
C GLN H 133 -2.49 -16.49 50.24
N GLY H 134 -2.15 -17.74 49.98
CA GLY H 134 -3.07 -18.87 50.27
C GLY H 134 -4.23 -19.05 49.28
N ARG H 135 -4.12 -18.40 48.12
CA ARG H 135 -5.23 -18.33 47.17
C ARG H 135 -4.86 -19.09 45.91
N LYS H 136 -4.61 -20.38 46.09
CA LYS H 136 -4.12 -21.24 45.03
C LYS H 136 -5.09 -21.41 43.90
N ASP H 137 -6.38 -21.53 44.24
CA ASP H 137 -7.38 -21.66 43.21
C ASP H 137 -7.45 -20.45 42.26
N PHE H 138 -7.46 -19.24 42.80
CA PHE H 138 -7.48 -18.03 41.98
C PHE H 138 -6.19 -17.99 41.16
N ALA H 139 -5.08 -18.41 41.79
CA ALA H 139 -3.78 -18.53 41.12
C ALA H 139 -3.86 -19.50 39.97
N TYR H 140 -4.40 -20.69 40.22
CA TYR H 140 -4.52 -21.74 39.21
C TYR H 140 -5.45 -21.35 38.06
N TYR H 141 -6.54 -20.68 38.40
CA TYR H 141 -7.46 -20.18 37.38
C TYR H 141 -6.71 -19.24 36.39
N LEU H 142 -6.00 -18.27 36.95
CA LEU H 142 -5.16 -17.37 36.11
C LEU H 142 -4.17 -18.12 35.24
N GLN H 143 -3.48 -19.11 35.82
CA GLN H 143 -2.55 -19.92 35.07
C GLN H 143 -3.18 -20.62 33.87
N SER H 144 -4.35 -21.24 34.14
CA SER H 144 -5.07 -22.02 33.14
C SER H 144 -5.54 -21.07 32.06
N ARG H 145 -6.09 -19.96 32.48
CA ARG H 145 -6.61 -18.97 31.56
C ARG H 145 -5.49 -18.38 30.68
N SER H 146 -4.37 -17.99 31.31
CA SER H 146 -3.20 -17.51 30.54
C SER H 146 -2.67 -18.54 29.58
N SER H 147 -2.59 -19.77 30.03
CA SER H 147 -2.18 -20.82 29.12
C SER H 147 -3.03 -21.02 27.88
N SER H 148 -4.33 -20.82 28.04
CA SER H 148 -5.29 -20.98 26.95
C SER H 148 -5.33 -19.74 26.05
N ILE H 149 -5.34 -18.53 26.64
CA ILE H 149 -5.52 -17.30 25.86
C ILE H 149 -4.20 -16.65 25.41
N PHE H 150 -3.14 -16.78 26.24
CA PHE H 150 -1.82 -16.20 25.87
C PHE H 150 -0.84 -17.31 25.45
N GLN H 151 -1.22 -18.57 25.68
CA GLN H 151 -0.42 -19.75 25.36
C GLN H 151 0.87 -19.80 26.15
N THR H 152 0.80 -19.28 27.35
CA THR H 152 1.95 -19.31 28.23
C THR H 152 1.50 -20.02 29.50
N ASP H 153 2.12 -21.16 29.74
CA ASP H 153 1.85 -21.96 30.93
C ASP H 153 3.01 -21.73 31.92
N ILE H 154 2.76 -20.86 32.89
CA ILE H 154 3.72 -20.55 33.92
C ILE H 154 3.10 -20.90 35.29
N HIS H 155 3.74 -21.83 35.98
CA HIS H 155 3.32 -22.16 37.34
C HIS H 155 3.47 -21.01 38.28
N PRO H 156 2.42 -20.74 39.09
CA PRO H 156 2.39 -19.55 39.97
C PRO H 156 3.55 -19.48 40.97
N ALA H 157 4.22 -20.61 41.24
CA ALA H 157 5.37 -20.60 42.18
C ALA H 157 6.70 -20.23 41.51
N ALA H 158 6.72 -20.28 40.16
CA ALA H 158 7.84 -19.72 39.37
C ALA H 158 8.17 -18.28 39.72
N ARG H 159 9.48 -17.98 39.74
CA ARG H 159 10.00 -16.63 40.08
C ARG H 159 10.55 -15.94 38.84
N LEU H 160 9.89 -14.83 38.51
CA LEU H 160 10.23 -14.08 37.32
C LEU H 160 10.86 -12.73 37.67
N GLY H 161 12.06 -12.44 37.16
CA GLY H 161 12.71 -11.17 37.50
C GLY H 161 12.11 -10.04 36.71
N SER H 162 12.55 -8.81 36.99
CA SER H 162 12.15 -7.64 36.21
C SER H 162 13.02 -7.45 34.95
N GLY H 163 12.54 -6.60 34.04
CA GLY H 163 13.19 -6.41 32.76
C GLY H 163 13.07 -7.62 31.90
N LEU H 164 12.02 -8.41 32.16
CA LEU H 164 11.76 -9.63 31.40
C LEU H 164 11.12 -9.30 30.08
N PHE H 165 11.63 -9.88 29.00
CA PHE H 165 11.15 -9.64 27.65
C PHE H 165 10.70 -11.00 27.17
N LEU H 166 9.36 -11.18 27.03
CA LEU H 166 8.82 -12.43 26.47
C LEU H 166 8.35 -12.14 25.04
N ASP H 167 9.16 -12.53 24.08
CA ASP H 167 8.94 -12.16 22.70
C ASP H 167 8.13 -13.21 22.01
N HIS H 168 7.01 -12.78 21.42
CA HIS H 168 6.09 -13.69 20.71
C HIS H 168 5.36 -14.69 21.60
N ALA H 169 6.06 -15.36 22.52
CA ALA H 169 5.44 -16.00 23.72
C ALA H 169 4.84 -17.40 23.47
N THR H 170 4.23 -17.57 22.31
CA THR H 170 3.44 -18.81 22.06
C THR H 170 4.18 -20.11 22.47
N GLY H 171 3.63 -20.82 23.45
CA GLY H 171 4.14 -22.18 23.73
C GLY H 171 5.11 -22.17 24.91
N LEU H 172 5.24 -21.03 25.58
CA LEU H 172 6.09 -20.93 26.78
C LEU H 172 5.55 -21.89 27.86
N VAL H 173 6.43 -22.70 28.44
CA VAL H 173 6.15 -23.54 29.60
C VAL H 173 7.21 -23.27 30.68
N VAL H 174 6.76 -22.89 31.87
CA VAL H 174 7.64 -22.64 33.02
C VAL H 174 7.15 -23.37 34.27
N GLY H 175 7.99 -24.28 34.76
CA GLY H 175 7.68 -25.11 35.95
C GLY H 175 7.71 -24.41 37.30
N GLU H 176 7.14 -25.10 38.30
CA GLU H 176 7.02 -24.61 39.69
C GLU H 176 8.33 -24.08 40.37
N THR H 177 9.45 -24.75 40.12
CA THR H 177 10.68 -24.39 40.85
C THR H 177 11.66 -23.59 40.00
N ALA H 178 11.18 -23.00 38.90
CA ALA H 178 12.09 -22.32 37.98
C ALA H 178 12.33 -20.92 38.48
N VAL H 179 13.50 -20.37 38.14
CA VAL H 179 13.89 -19.02 38.52
C VAL H 179 14.46 -18.34 37.27
N VAL H 180 13.94 -17.15 36.99
CA VAL H 180 14.49 -16.33 35.93
C VAL H 180 14.84 -15.00 36.55
N GLU H 181 16.11 -14.63 36.39
CA GLU H 181 16.64 -13.42 36.99
C GLU H 181 16.32 -12.21 36.13
N ASP H 182 16.90 -11.06 36.48
CA ASP H 182 16.56 -9.80 35.86
C ASP H 182 17.09 -9.72 34.46
N ASN H 183 16.44 -8.88 33.65
CA ASN H 183 16.85 -8.55 32.29
C ASN H 183 17.09 -9.73 31.36
N VAL H 184 16.19 -10.71 31.42
CA VAL H 184 16.30 -11.88 30.57
C VAL H 184 15.34 -11.69 29.38
N SER H 185 15.67 -12.31 28.26
CA SER H 185 14.85 -12.25 27.06
C SER H 185 14.51 -13.69 26.64
N ILE H 186 13.22 -13.98 26.56
CA ILE H 186 12.76 -15.33 26.17
C ILE H 186 11.83 -15.22 24.95
N LEU H 187 12.11 -16.03 23.94
CA LEU H 187 11.29 -16.13 22.77
C LEU H 187 10.16 -17.25 22.92
N HIS H 188 9.31 -17.36 21.91
CA HIS H 188 8.28 -18.45 21.83
C HIS H 188 8.84 -19.85 21.78
N GLY H 189 8.01 -20.82 22.21
CA GLY H 189 8.36 -22.23 22.08
C GLY H 189 9.31 -22.68 23.17
N VAL H 190 9.51 -21.84 24.19
CA VAL H 190 10.52 -22.12 25.23
C VAL H 190 9.98 -22.96 26.38
N THR H 191 10.73 -23.99 26.76
CA THR H 191 10.43 -24.73 27.96
C THR H 191 11.53 -24.57 29.03
N LEU H 192 11.15 -24.03 30.16
CA LEU H 192 11.94 -24.12 31.41
C LEU H 192 11.27 -25.17 32.35
N GLY H 193 11.61 -26.42 32.10
CA GLY H 193 10.88 -27.54 32.68
C GLY H 193 11.80 -28.58 33.28
N GLY H 194 11.24 -29.77 33.50
CA GLY H 194 11.94 -30.89 34.14
C GLY H 194 12.29 -32.02 33.18
N THR H 195 13.06 -32.99 33.66
CA THR H 195 13.55 -34.08 32.84
C THR H 195 12.78 -35.38 33.14
N GLY H 196 12.70 -35.75 34.42
CA GLY H 196 11.80 -36.79 34.88
C GLY H 196 11.07 -36.07 35.99
N LYS H 197 10.41 -36.83 36.86
CA LYS H 197 9.92 -36.25 38.11
C LYS H 197 11.09 -36.10 39.13
N SER H 198 10.79 -35.54 40.31
CA SER H 198 11.76 -35.39 41.38
C SER H 198 11.00 -34.92 42.61
N SER H 199 11.71 -34.78 43.74
CA SER H 199 11.10 -34.14 44.91
C SER H 199 11.00 -32.63 44.64
N GLY H 200 11.76 -31.81 45.38
CA GLY H 200 11.68 -30.36 45.24
C GLY H 200 12.32 -29.86 43.95
N ASP H 201 13.39 -29.07 44.13
CA ASP H 201 14.04 -28.33 43.05
C ASP H 201 14.33 -29.13 41.76
N ARG H 202 13.60 -28.81 40.69
CA ARG H 202 13.51 -29.66 39.49
C ARG H 202 13.57 -28.87 38.16
N HIS H 203 13.61 -27.54 38.27
CA HIS H 203 13.53 -26.63 37.10
C HIS H 203 14.68 -25.63 37.04
N PRO H 204 14.93 -25.07 35.83
CA PRO H 204 16.11 -24.24 35.60
C PRO H 204 16.18 -22.95 36.41
N LYS H 205 17.41 -22.59 36.76
CA LYS H 205 17.76 -21.25 37.24
C LYS H 205 18.40 -20.45 36.08
N ILE H 206 17.74 -19.38 35.63
CA ILE H 206 18.20 -18.61 34.49
C ILE H 206 18.77 -17.31 35.01
N ARG H 207 20.09 -17.19 34.94
CA ARG H 207 20.78 -16.02 35.49
C ARG H 207 20.62 -14.80 34.61
N GLN H 208 21.07 -13.64 35.09
CA GLN H 208 20.67 -12.38 34.47
C GLN H 208 21.24 -12.21 33.09
N GLY H 209 20.51 -11.49 32.25
CA GLY H 209 21.00 -11.05 30.95
C GLY H 209 20.99 -12.11 29.88
N VAL H 210 20.47 -13.28 30.24
CA VAL H 210 20.45 -14.41 29.33
C VAL H 210 19.46 -14.16 28.18
N LEU H 211 19.80 -14.65 27.00
CA LEU H 211 18.91 -14.69 25.87
C LEU H 211 18.49 -16.15 25.55
N ILE H 212 17.19 -16.46 25.53
CA ILE H 212 16.77 -17.84 25.13
C ILE H 212 16.02 -17.81 23.80
N GLY H 213 16.61 -18.39 22.77
CA GLY H 213 16.06 -18.37 21.44
C GLY H 213 14.86 -19.32 21.22
N ALA H 214 14.25 -19.19 20.03
CA ALA H 214 12.96 -19.80 19.69
C ALA H 214 13.02 -21.29 19.79
N GLY H 215 12.10 -21.86 20.57
CA GLY H 215 11.89 -23.33 20.60
C GLY H 215 12.78 -24.06 21.57
N ALA H 216 13.55 -23.32 22.38
CA ALA H 216 14.57 -24.00 23.23
C ALA H 216 13.94 -24.70 24.40
N LYS H 217 14.49 -25.84 24.81
CA LYS H 217 14.05 -26.52 26.05
C LYS H 217 15.21 -26.61 27.01
N ILE H 218 14.99 -26.14 28.21
CA ILE H 218 15.98 -26.20 29.25
C ILE H 218 15.34 -27.05 30.34
N LEU H 219 15.94 -28.21 30.60
CA LEU H 219 15.31 -29.18 31.54
C LEU H 219 16.23 -29.67 32.65
N GLY H 220 15.67 -29.76 33.84
CA GLY H 220 16.44 -30.14 35.01
C GLY H 220 16.60 -28.94 35.88
N ASN H 221 17.08 -29.20 37.10
CA ASN H 221 17.49 -28.15 38.03
C ASN H 221 18.90 -27.79 37.59
N ILE H 222 19.00 -27.16 36.41
CA ILE H 222 20.29 -26.69 35.91
C ILE H 222 20.27 -25.17 35.81
N GLN H 223 21.46 -24.59 35.60
CA GLN H 223 21.52 -23.17 35.52
C GLN H 223 22.13 -22.73 34.19
N VAL H 224 21.66 -21.61 33.70
CA VAL H 224 22.30 -20.99 32.53
C VAL H 224 22.93 -19.71 33.09
N GLY H 225 24.27 -19.64 33.05
CA GLY H 225 25.00 -18.49 33.61
C GLY H 225 24.81 -17.18 32.87
N GLN H 226 25.13 -16.08 33.59
CA GLN H 226 25.01 -14.70 33.13
C GLN H 226 25.33 -14.45 31.68
N CYS H 227 24.54 -13.58 31.04
CA CYS H 227 24.82 -13.12 29.67
C CYS H 227 24.99 -14.20 28.62
N SER H 228 24.58 -15.43 28.91
CA SER H 228 24.66 -16.51 27.91
C SER H 228 23.49 -16.51 26.94
N LYS H 229 23.71 -17.16 25.80
CA LYS H 229 22.75 -17.28 24.69
C LYS H 229 22.45 -18.74 24.30
N ILE H 230 21.17 -19.06 24.35
CA ILE H 230 20.72 -20.38 23.95
C ILE H 230 20.13 -20.15 22.57
N ALA H 231 20.76 -20.74 21.58
CA ALA H 231 20.28 -20.69 20.19
C ALA H 231 18.91 -21.43 20.03
N ALA H 232 18.16 -20.99 19.04
CA ALA H 232 16.91 -21.65 18.64
C ALA H 232 17.08 -23.16 18.46
N GLY H 233 16.23 -23.91 19.16
CA GLY H 233 16.07 -25.31 18.89
C GLY H 233 16.92 -26.14 19.81
N SER H 234 17.63 -25.46 20.71
CA SER H 234 18.55 -26.14 21.62
C SER H 234 17.82 -26.99 22.61
N VAL H 235 18.36 -28.19 22.87
CA VAL H 235 17.93 -28.93 24.01
C VAL H 235 19.05 -28.87 25.06
N VAL H 236 18.75 -28.19 26.17
CA VAL H 236 19.73 -27.96 27.22
C VAL H 236 19.53 -28.90 28.40
N LEU H 237 20.48 -29.81 28.60
CA LEU H 237 20.38 -30.85 29.66
C LEU H 237 21.42 -30.73 30.78
N LYS H 238 22.47 -29.94 30.53
CA LYS H 238 23.38 -29.58 31.63
C LYS H 238 23.59 -28.08 31.80
N SER H 239 24.12 -27.69 32.95
CA SER H 239 24.34 -26.31 33.24
C SER H 239 25.20 -25.60 32.18
N VAL H 240 24.93 -24.32 31.92
CA VAL H 240 25.65 -23.56 30.90
C VAL H 240 26.48 -22.48 31.59
N PRO H 241 27.79 -22.44 31.28
CA PRO H 241 28.62 -21.39 31.89
C PRO H 241 28.18 -20.01 31.42
N HIS H 242 28.65 -18.96 32.11
CA HIS H 242 28.37 -17.56 31.77
C HIS H 242 29.03 -17.21 30.46
N ASN H 243 28.55 -16.14 29.81
CA ASN H 243 29.15 -15.59 28.56
C ASN H 243 29.54 -16.56 27.40
N VAL H 244 28.67 -17.56 27.17
CA VAL H 244 28.84 -18.46 26.00
C VAL H 244 27.51 -18.66 25.25
N THR H 245 27.62 -19.05 23.99
CA THR H 245 26.50 -19.49 23.15
C THR H 245 26.45 -21.04 23.04
N VAL H 246 25.25 -21.59 23.34
CA VAL H 246 24.96 -23.00 23.06
C VAL H 246 23.99 -23.21 21.90
N ALA H 247 24.16 -24.34 21.21
CA ALA H 247 23.30 -24.76 20.06
C ALA H 247 23.28 -26.27 20.00
N GLY H 248 22.16 -26.79 19.48
CA GLY H 248 21.98 -28.21 19.12
C GLY H 248 21.26 -29.17 20.05
N VAL H 249 21.10 -30.39 19.57
CA VAL H 249 20.47 -31.44 20.34
C VAL H 249 21.50 -32.55 20.40
N PRO H 250 22.06 -32.85 21.62
CA PRO H 250 21.86 -32.01 22.82
C PRO H 250 22.75 -30.76 22.73
N ALA H 251 22.63 -29.85 23.69
CA ALA H 251 23.22 -28.54 23.48
C ALA H 251 24.73 -28.62 23.80
N ARG H 252 25.54 -28.01 22.97
CA ARG H 252 26.98 -27.90 23.23
C ARG H 252 27.41 -26.42 23.03
N ILE H 253 28.49 -26.02 23.70
CA ILE H 253 29.02 -24.68 23.52
C ILE H 253 29.66 -24.50 22.14
N ILE H 254 29.27 -23.43 21.46
CA ILE H 254 29.71 -23.19 20.10
C ILE H 254 30.51 -21.90 20.03
N GLY H 255 30.58 -21.14 21.11
CA GLY H 255 31.25 -19.86 21.02
C GLY H 255 31.07 -19.00 22.24
N GLU H 256 31.86 -17.95 22.31
CA GLU H 256 31.78 -17.05 23.45
C GLU H 256 30.82 -15.97 23.07
N THR H 257 30.25 -15.30 24.06
CA THR H 257 29.38 -14.21 23.74
C THR H 257 29.40 -13.17 24.89
N GLY H 258 28.89 -11.96 24.61
CA GLY H 258 28.96 -10.86 25.57
C GLY H 258 27.63 -10.41 26.17
N CYS H 259 27.73 -9.79 27.34
CA CYS H 259 26.61 -9.14 27.98
C CYS H 259 26.05 -8.04 27.09
N THR H 260 24.75 -8.05 26.94
CA THR H 260 24.14 -7.10 26.06
C THR H 260 23.77 -5.84 26.84
N VAL I 16 -45.73 -41.67 27.46
CA VAL I 16 -46.64 -40.80 28.25
C VAL I 16 -46.54 -39.37 27.76
N ASP I 17 -46.91 -38.44 28.63
CA ASP I 17 -46.65 -37.01 28.43
C ASP I 17 -46.94 -36.52 27.00
N PRO I 18 -48.23 -36.52 26.61
CA PRO I 18 -48.58 -36.09 25.22
C PRO I 18 -48.34 -34.58 24.94
N ILE I 19 -48.44 -33.75 25.96
CA ILE I 19 -48.17 -32.30 25.76
C ILE I 19 -46.67 -32.09 25.41
N TRP I 20 -45.82 -32.86 26.05
CA TRP I 20 -44.36 -32.74 25.80
C TRP I 20 -44.10 -33.20 24.39
N HIS I 21 -44.75 -34.31 23.97
CA HIS I 21 -44.46 -34.86 22.63
C HIS I 21 -45.12 -34.12 21.50
N SER I 22 -46.21 -33.43 21.80
CA SER I 22 -46.74 -32.39 20.87
C SER I 22 -45.75 -31.24 20.69
N ILE I 23 -45.23 -30.73 21.82
CA ILE I 23 -44.19 -29.64 21.78
C ILE I 23 -42.97 -30.12 20.93
N ARG I 24 -42.53 -31.36 21.14
CA ARG I 24 -41.43 -31.92 20.36
C ARG I 24 -41.73 -32.01 18.90
N ALA I 25 -42.95 -32.42 18.58
CA ALA I 25 -43.43 -32.45 17.22
C ALA I 25 -43.52 -31.05 16.63
N GLU I 26 -44.06 -30.09 17.39
CA GLU I 26 -44.15 -28.70 16.90
C GLU I 26 -42.75 -28.15 16.62
N ALA I 27 -41.80 -28.43 17.52
CA ALA I 27 -40.39 -27.97 17.30
C ALA I 27 -39.76 -28.52 16.05
N GLU I 28 -39.95 -29.82 15.80
CA GLU I 28 -39.29 -30.54 14.72
C GLU I 28 -39.83 -30.02 13.39
N GLU I 29 -41.13 -29.79 13.32
CA GLU I 29 -41.76 -29.13 12.17
C GLU I 29 -41.24 -27.69 11.98
N ALA I 30 -41.13 -26.97 13.09
CA ALA I 30 -40.73 -25.59 12.98
C ALA I 30 -39.29 -25.52 12.51
N THR I 31 -38.47 -26.49 12.92
CA THR I 31 -37.09 -26.53 12.45
C THR I 31 -37.05 -26.81 10.96
N ARG I 32 -37.89 -27.74 10.48
CA ARG I 32 -37.89 -28.09 9.05
C ARG I 32 -38.38 -26.90 8.25
N ASN I 33 -39.42 -26.26 8.76
CA ASN I 33 -39.95 -25.02 8.21
C ASN I 33 -38.96 -23.82 8.19
N ASP I 34 -38.00 -23.79 9.10
CA ASP I 34 -37.09 -22.61 9.21
C ASP I 34 -35.76 -23.09 9.82
N PRO I 35 -34.86 -23.61 8.96
CA PRO I 35 -33.66 -24.29 9.49
C PRO I 35 -32.73 -23.40 10.28
N VAL I 36 -32.73 -22.10 9.99
CA VAL I 36 -31.93 -21.15 10.76
C VAL I 36 -32.26 -21.12 12.26
N LEU I 37 -33.51 -21.48 12.63
CA LEU I 37 -33.93 -21.48 14.02
C LEU I 37 -33.53 -22.74 14.73
N GLY I 38 -32.86 -23.62 14.02
CA GLY I 38 -32.47 -24.94 14.53
C GLY I 38 -31.71 -24.95 15.84
N ALA I 39 -30.80 -24.01 16.03
CA ALA I 39 -30.03 -23.99 17.24
C ALA I 39 -30.90 -23.64 18.42
N PHE I 40 -31.81 -22.69 18.22
CA PHE I 40 -32.68 -22.24 19.30
C PHE I 40 -33.62 -23.42 19.66
N LEU I 41 -34.14 -24.09 18.65
CA LEU I 41 -35.25 -25.06 18.88
C LEU I 41 -34.71 -26.39 19.40
N TYR I 42 -33.50 -26.76 18.97
CA TYR I 42 -32.83 -27.92 19.54
C TYR I 42 -32.32 -27.68 20.95
N ALA I 43 -31.64 -26.56 21.21
CA ALA I 43 -31.16 -26.29 22.56
C ALA I 43 -32.26 -26.18 23.58
N THR I 44 -33.38 -25.61 23.18
CA THR I 44 -34.39 -25.29 24.13
C THR I 44 -35.45 -26.41 24.21
N ILE I 45 -35.70 -27.07 23.10
CA ILE I 45 -36.70 -28.18 23.13
C ILE I 45 -36.13 -29.54 22.82
N LEU I 46 -35.73 -29.73 21.57
CA LEU I 46 -35.44 -31.07 21.08
C LEU I 46 -34.32 -31.82 21.79
N ASN I 47 -33.32 -31.12 22.35
CA ASN I 47 -32.20 -31.79 23.04
C ASN I 47 -32.54 -32.05 24.51
N GLN I 48 -33.73 -31.59 24.93
CA GLN I 48 -34.13 -31.59 26.32
C GLN I 48 -34.86 -32.91 26.68
N PRO I 49 -34.64 -33.43 27.90
CA PRO I 49 -35.17 -34.77 28.18
C PRO I 49 -36.58 -34.69 28.74
N SER I 50 -37.04 -33.49 29.05
CA SER I 50 -38.35 -33.36 29.66
C SER I 50 -38.85 -31.97 29.41
N LEU I 51 -40.14 -31.77 29.65
CA LEU I 51 -40.78 -30.49 29.46
C LEU I 51 -40.32 -29.55 30.54
N GLU I 52 -40.11 -30.08 31.73
CA GLU I 52 -39.68 -29.25 32.87
C GLU I 52 -38.30 -28.65 32.55
N GLU I 53 -37.41 -29.46 32.01
CA GLU I 53 -36.03 -28.94 31.73
C GLU I 53 -36.06 -27.93 30.56
N ALA I 54 -36.94 -28.18 29.58
CA ALA I 54 -37.18 -27.21 28.52
C ALA I 54 -37.65 -25.86 29.07
N VAL I 55 -38.63 -25.86 29.96
CA VAL I 55 -39.16 -24.59 30.49
C VAL I 55 -38.11 -23.86 31.34
N MET I 56 -37.33 -24.63 32.12
CA MET I 56 -36.33 -24.06 33.04
C MET I 56 -35.20 -23.48 32.17
N HIS I 57 -34.89 -24.17 31.09
CA HIS I 57 -33.84 -23.72 30.15
C HIS I 57 -34.19 -22.41 29.50
N ARG I 58 -35.38 -22.33 28.88
CA ARG I 58 -35.84 -21.08 28.26
C ARG I 58 -35.79 -19.90 29.24
N ILE I 59 -36.38 -20.06 30.41
CA ILE I 59 -36.47 -18.95 31.35
C ILE I 59 -35.08 -18.56 31.87
N ALA I 60 -34.21 -19.55 32.08
CA ALA I 60 -32.88 -19.24 32.57
C ALA I 60 -32.15 -18.43 31.46
N GLU I 61 -32.31 -18.84 30.19
CA GLU I 61 -31.67 -18.11 29.07
C GLU I 61 -32.20 -16.69 28.95
N ARG I 62 -33.48 -16.50 29.20
CA ARG I 62 -34.05 -15.16 29.10
C ARG I 62 -33.55 -14.23 30.21
N LEU I 63 -33.38 -14.81 31.41
CA LEU I 63 -32.96 -14.05 32.57
C LEU I 63 -31.43 -13.99 32.79
N GLY I 64 -30.70 -14.88 32.14
CA GLY I 64 -29.27 -14.94 32.29
C GLY I 64 -28.61 -13.59 32.03
N HIS I 65 -27.54 -13.32 32.77
CA HIS I 65 -26.81 -12.04 32.63
C HIS I 65 -25.43 -12.20 33.16
N PRO I 66 -24.46 -11.35 32.70
CA PRO I 66 -23.13 -11.41 33.32
C PRO I 66 -23.17 -11.28 34.86
N ASP I 67 -24.14 -10.54 35.43
CA ASP I 67 -24.26 -10.52 36.91
C ASP I 67 -24.50 -11.90 37.58
N VAL I 68 -25.40 -12.68 36.97
CA VAL I 68 -25.69 -14.04 37.44
C VAL I 68 -26.09 -14.85 36.19
N SER I 69 -25.31 -15.88 35.88
CA SER I 69 -25.42 -16.52 34.60
C SER I 69 -26.71 -17.33 34.52
N ALA I 70 -27.18 -17.56 33.31
CA ALA I 70 -28.19 -18.54 32.97
C ALA I 70 -27.98 -19.86 33.72
N ASP I 71 -26.74 -20.40 33.71
CA ASP I 71 -26.46 -21.70 34.33
C ASP I 71 -26.80 -21.75 35.77
N ILE I 72 -26.43 -20.69 36.48
CA ILE I 72 -26.73 -20.61 37.91
C ILE I 72 -28.25 -20.57 38.10
N LEU I 73 -28.94 -19.87 37.20
CA LEU I 73 -30.40 -19.77 37.31
C LEU I 73 -31.00 -21.15 37.02
N ARG I 74 -30.45 -21.85 36.03
CA ARG I 74 -31.00 -23.10 35.57
C ARG I 74 -30.82 -24.14 36.66
N GLN I 75 -29.65 -24.13 37.29
CA GLN I 75 -29.36 -25.11 38.34
C GLN I 75 -30.23 -24.82 39.56
N THR I 76 -30.42 -23.55 39.89
CA THR I 76 -31.25 -23.23 41.04
C THR I 76 -32.72 -23.64 40.75
N PHE I 77 -33.09 -23.49 39.49
CA PHE I 77 -34.42 -23.85 39.03
C PHE I 77 -34.65 -25.31 39.38
N ASP I 78 -33.71 -26.15 38.93
CA ASP I 78 -33.79 -27.60 39.07
C ASP I 78 -33.90 -28.03 40.54
N THR I 79 -33.24 -27.31 41.44
CA THR I 79 -33.29 -27.57 42.88
C THR I 79 -34.70 -27.31 43.43
N MET I 80 -35.40 -26.33 42.85
CA MET I 80 -36.74 -25.99 43.26
C MET I 80 -37.67 -27.10 42.83
N LEU I 81 -37.53 -27.56 41.59
CA LEU I 81 -38.34 -28.67 41.09
C LEU I 81 -38.22 -29.95 41.96
N GLU I 82 -36.99 -30.34 42.27
CA GLU I 82 -36.68 -31.40 43.21
C GLU I 82 -37.38 -31.22 44.58
N ALA I 83 -37.42 -30.00 45.12
CA ALA I 83 -38.11 -29.73 46.38
C ALA I 83 -39.64 -29.54 46.27
N ASN I 84 -40.17 -29.24 45.08
CA ASN I 84 -41.63 -29.16 44.87
C ASN I 84 -41.98 -29.90 43.60
N PRO I 85 -42.19 -31.23 43.72
CA PRO I 85 -42.46 -31.93 42.48
C PRO I 85 -43.87 -31.60 42.01
N GLU I 86 -44.66 -30.86 42.80
CA GLU I 86 -45.99 -30.46 42.33
C GLU I 86 -45.90 -29.40 41.19
N TRP I 87 -44.80 -28.65 41.20
CA TRP I 87 -44.64 -27.62 40.20
C TRP I 87 -44.75 -28.21 38.82
N SER I 88 -44.35 -29.47 38.66
CA SER I 88 -44.49 -30.22 37.39
C SER I 88 -45.92 -30.19 36.89
N HIS I 89 -46.87 -30.26 37.84
CA HIS I 89 -48.28 -30.29 37.51
C HIS I 89 -48.78 -28.88 37.35
N VAL I 90 -48.34 -27.98 38.23
CA VAL I 90 -48.79 -26.59 38.24
C VAL I 90 -48.38 -25.93 36.92
N LEU I 91 -47.17 -26.28 36.50
CA LEU I 91 -46.59 -25.77 35.28
C LEU I 91 -47.43 -26.19 34.07
N ARG I 92 -47.80 -27.47 34.05
CA ARG I 92 -48.59 -28.03 32.95
C ARG I 92 -50.02 -27.43 32.84
N VAL I 93 -50.58 -27.11 33.99
CA VAL I 93 -51.86 -26.43 34.11
C VAL I 93 -51.70 -24.99 33.64
N ASP I 94 -50.59 -24.36 34.01
CA ASP I 94 -50.30 -23.01 33.48
C ASP I 94 -50.21 -23.02 31.98
N ILE I 95 -49.62 -24.07 31.42
CA ILE I 95 -49.52 -24.16 29.96
C ILE I 95 -50.90 -24.32 29.31
N GLN I 96 -51.70 -25.20 29.89
CA GLN I 96 -53.07 -25.35 29.45
C GLN I 96 -53.83 -24.06 29.45
N ALA I 97 -53.62 -23.25 30.50
CA ALA I 97 -54.38 -22.02 30.68
C ALA I 97 -54.18 -21.05 29.55
N VAL I 98 -52.95 -21.05 29.00
CA VAL I 98 -52.67 -20.22 27.86
C VAL I 98 -53.36 -20.83 26.65
N TYR I 99 -53.16 -22.14 26.45
CA TYR I 99 -53.64 -22.81 25.24
C TYR I 99 -55.18 -22.70 25.13
N ASP I 100 -55.83 -22.86 26.27
CA ASP I 100 -57.32 -22.87 26.33
C ASP I 100 -57.95 -21.51 26.29
N ARG I 101 -57.24 -20.49 26.73
CA ARG I 101 -57.86 -19.18 26.82
C ARG I 101 -57.45 -18.19 25.74
N ASP I 102 -56.29 -18.37 25.12
CA ASP I 102 -55.71 -17.34 24.18
C ASP I 102 -55.87 -17.72 22.72
N PRO I 103 -56.77 -17.03 22.02
CA PRO I 103 -57.06 -17.41 20.64
C PRO I 103 -55.96 -17.03 19.66
N ALA I 104 -54.99 -16.20 20.11
CA ALA I 104 -53.89 -15.72 19.25
C ALA I 104 -52.79 -16.79 18.99
N TYR I 105 -52.79 -17.91 19.76
CA TYR I 105 -51.76 -18.99 19.64
C TYR I 105 -52.38 -20.37 19.71
N SER I 106 -51.89 -21.25 18.84
CA SER I 106 -52.54 -22.52 18.57
C SER I 106 -51.62 -23.68 18.89
N ARG I 107 -50.51 -23.43 19.58
CA ARG I 107 -49.59 -24.52 19.90
C ARG I 107 -49.18 -24.46 21.34
N PHE I 108 -49.02 -25.63 21.95
CA PHE I 108 -48.58 -25.75 23.33
C PHE I 108 -47.16 -25.18 23.49
N MET I 109 -46.37 -25.30 22.44
CA MET I 109 -44.98 -24.77 22.46
C MET I 109 -44.95 -23.23 22.63
N ASP I 110 -46.03 -22.56 22.23
CA ASP I 110 -46.05 -21.13 22.17
C ASP I 110 -45.75 -20.39 23.49
N PRO I 111 -46.40 -20.80 24.60
CA PRO I 111 -46.04 -20.09 25.82
C PRO I 111 -44.65 -20.50 26.26
N VAL I 112 -44.27 -21.75 26.02
CA VAL I 112 -42.96 -22.21 26.52
C VAL I 112 -41.81 -21.38 25.94
N LEU I 113 -41.93 -21.03 24.66
CA LEU I 113 -40.83 -20.36 23.96
C LEU I 113 -40.96 -18.84 24.01
N TYR I 114 -42.18 -18.30 23.88
CA TYR I 114 -42.40 -16.92 23.47
C TYR I 114 -43.02 -15.97 24.51
N LEU I 115 -43.95 -16.48 25.34
CA LEU I 115 -44.77 -15.57 26.12
C LEU I 115 -44.24 -15.23 27.49
N LYS I 116 -43.88 -13.95 27.68
CA LYS I 116 -43.16 -13.52 28.89
C LYS I 116 -44.07 -13.59 30.13
N GLY I 117 -45.38 -13.50 29.94
CA GLY I 117 -46.28 -13.70 31.07
C GLY I 117 -46.09 -15.07 31.67
N PHE I 118 -46.13 -16.08 30.82
CA PHE I 118 -45.83 -17.40 31.28
C PHE I 118 -44.46 -17.54 31.95
N HIS I 119 -43.43 -16.96 31.30
CA HIS I 119 -42.08 -17.00 31.89
C HIS I 119 -42.03 -16.35 33.23
N ALA I 120 -42.72 -15.22 33.38
CA ALA I 120 -42.73 -14.47 34.63
C ALA I 120 -43.42 -15.21 35.77
N ILE I 121 -44.47 -15.96 35.43
CA ILE I 121 -45.19 -16.71 36.46
C ILE I 121 -44.24 -17.69 37.12
N GLN I 122 -43.54 -18.47 36.33
CA GLN I 122 -42.70 -19.54 36.88
C GLN I 122 -41.45 -18.94 37.54
N THR I 123 -40.99 -17.78 37.01
CA THR I 123 -39.91 -17.04 37.61
C THR I 123 -40.31 -16.68 39.04
N HIS I 124 -41.56 -16.20 39.21
CA HIS I 124 -42.06 -15.92 40.55
C HIS I 124 -42.19 -17.14 41.41
N ARG I 125 -42.52 -18.27 40.81
CA ARG I 125 -42.67 -19.50 41.60
C ARG I 125 -41.32 -19.92 42.09
N LEU I 126 -40.29 -19.62 41.31
CA LEU I 126 -38.96 -19.89 41.78
C LEU I 126 -38.57 -18.92 42.88
N ALA I 127 -38.82 -17.63 42.66
CA ALA I 127 -38.43 -16.61 43.64
C ALA I 127 -39.25 -16.75 44.91
N HIS I 128 -40.43 -17.37 44.79
CA HIS I 128 -41.33 -17.57 45.93
C HIS I 128 -40.72 -18.64 46.75
N TRP I 129 -40.34 -19.74 46.11
CA TRP I 129 -39.68 -20.83 46.83
C TRP I 129 -38.40 -20.41 47.55
N LEU I 130 -37.56 -19.64 46.84
CA LEU I 130 -36.26 -19.18 47.39
C LEU I 130 -36.48 -18.26 48.58
N TYR I 131 -37.41 -17.32 48.43
CA TYR I 131 -37.74 -16.39 49.50
C TYR I 131 -38.13 -17.09 50.81
N LYS I 132 -38.82 -18.23 50.69
CA LYS I 132 -39.23 -19.05 51.84
C LYS I 132 -38.06 -19.77 52.48
N GLN I 133 -37.17 -20.34 51.66
CA GLN I 133 -36.00 -21.05 52.13
C GLN I 133 -34.99 -20.11 52.77
N GLY I 134 -35.35 -18.82 52.90
CA GLY I 134 -34.49 -17.80 53.48
C GLY I 134 -33.47 -17.16 52.53
N ARG I 135 -33.35 -17.69 51.31
CA ARG I 135 -32.44 -17.10 50.30
C ARG I 135 -33.07 -15.88 49.60
N LYS I 136 -33.19 -14.77 50.33
CA LYS I 136 -33.88 -13.58 49.91
C LYS I 136 -33.18 -12.71 48.90
N ASP I 137 -31.86 -12.83 48.81
CA ASP I 137 -31.15 -12.01 47.84
C ASP I 137 -31.40 -12.56 46.47
N PHE I 138 -31.18 -13.87 46.33
CA PHE I 138 -31.57 -14.60 45.11
C PHE I 138 -33.05 -14.30 44.71
N ALA I 139 -33.98 -14.27 45.68
CA ALA I 139 -35.41 -14.02 45.41
C ALA I 139 -35.63 -12.58 44.88
N TYR I 140 -35.04 -11.57 45.53
CA TYR I 140 -35.05 -10.18 45.06
C TYR I 140 -34.35 -9.98 43.71
N TYR I 141 -33.34 -10.79 43.42
CA TYR I 141 -32.62 -10.68 42.16
C TYR I 141 -33.52 -11.12 40.94
N LEU I 142 -34.18 -12.26 41.14
CA LEU I 142 -35.13 -12.70 40.16
C LEU I 142 -36.25 -11.67 39.96
N GLN I 143 -36.72 -11.06 41.04
CA GLN I 143 -37.82 -10.10 41.00
C GLN I 143 -37.36 -8.87 40.20
N SER I 144 -36.10 -8.50 40.44
CA SER I 144 -35.56 -7.29 39.86
C SER I 144 -35.40 -7.58 38.37
N ARG I 145 -34.78 -8.70 38.07
CA ARG I 145 -34.58 -9.14 36.71
C ARG I 145 -35.90 -9.35 35.91
N SER I 146 -36.90 -10.00 36.53
CA SER I 146 -38.18 -10.21 35.85
C SER I 146 -38.83 -8.86 35.58
N SER I 147 -38.78 -7.95 36.57
CA SER I 147 -39.30 -6.62 36.38
C SER I 147 -38.67 -5.97 35.16
N SER I 148 -37.35 -6.18 35.00
CA SER I 148 -36.60 -5.49 33.94
C SER I 148 -36.79 -6.16 32.57
N ILE I 149 -36.86 -7.50 32.56
CA ILE I 149 -36.88 -8.24 31.25
C ILE I 149 -38.31 -8.58 30.82
N PHE I 150 -39.16 -8.97 31.80
CA PHE I 150 -40.57 -9.30 31.54
C PHE I 150 -41.58 -8.18 31.87
N GLN I 151 -41.10 -7.10 32.50
CA GLN I 151 -41.92 -5.94 32.88
C GLN I 151 -43.00 -6.32 33.90
N THR I 152 -42.72 -7.37 34.66
CA THR I 152 -43.65 -7.85 35.68
C THR I 152 -42.94 -7.74 37.02
N ASP I 153 -43.47 -6.89 37.90
CA ASP I 153 -42.90 -6.73 39.23
C ASP I 153 -43.79 -7.48 40.20
N ILE I 154 -43.35 -8.67 40.59
CA ILE I 154 -44.06 -9.48 41.56
C ILE I 154 -43.19 -9.71 42.80
N HIS I 155 -43.60 -9.14 43.94
CA HIS I 155 -42.92 -9.45 45.18
C HIS I 155 -42.94 -10.92 45.43
N PRO I 156 -41.78 -11.48 45.82
CA PRO I 156 -41.64 -12.93 45.99
C PRO I 156 -42.51 -13.54 47.12
N ALA I 157 -43.21 -12.69 47.87
CA ALA I 157 -44.03 -13.17 48.96
C ALA I 157 -45.48 -13.14 48.54
N ALA I 158 -45.73 -12.66 47.33
CA ALA I 158 -47.06 -12.74 46.75
C ALA I 158 -47.37 -14.19 46.49
N ARG I 159 -48.65 -14.56 46.60
CA ARG I 159 -49.02 -15.95 46.42
C ARG I 159 -49.88 -16.10 45.18
N LEU I 160 -49.41 -16.93 44.27
CA LEU I 160 -50.13 -17.10 42.99
C LEU I 160 -50.52 -18.54 42.79
N GLY I 161 -51.80 -18.77 42.48
CA GLY I 161 -52.32 -20.11 42.23
C GLY I 161 -51.95 -20.71 40.87
N SER I 162 -52.38 -21.95 40.63
CA SER I 162 -52.16 -22.65 39.36
C SER I 162 -53.23 -22.26 38.34
N GLY I 163 -53.01 -22.63 37.09
CA GLY I 163 -53.82 -22.14 35.96
C GLY I 163 -53.93 -20.64 35.88
N LEU I 164 -52.84 -19.93 36.15
CA LEU I 164 -52.81 -18.48 36.00
C LEU I 164 -52.40 -18.13 34.55
N PHE I 165 -53.10 -17.16 33.96
CA PHE I 165 -52.84 -16.76 32.59
C PHE I 165 -52.50 -15.28 32.60
N LEU I 166 -51.22 -14.97 32.36
CA LEU I 166 -50.81 -13.55 32.31
C LEU I 166 -50.76 -13.13 30.87
N ASP I 167 -51.83 -12.48 30.42
CA ASP I 167 -51.92 -12.17 29.00
C ASP I 167 -51.19 -10.86 28.72
N HIS I 168 -50.22 -10.88 27.79
CA HIS I 168 -49.38 -9.66 27.49
C HIS I 168 -48.47 -9.19 28.60
N ALA I 169 -48.97 -9.08 29.83
CA ALA I 169 -48.12 -9.02 31.07
C ALA I 169 -47.51 -7.63 31.36
N THR I 170 -47.11 -6.91 30.30
CA THR I 170 -46.33 -5.64 30.47
C THR I 170 -46.95 -4.68 31.50
N GLY I 171 -46.18 -4.32 32.52
CA GLY I 171 -46.64 -3.35 33.55
C GLY I 171 -47.25 -3.94 34.82
N LEU I 172 -47.34 -5.25 34.87
CA LEU I 172 -47.95 -5.95 35.99
C LEU I 172 -47.15 -5.61 37.24
N VAL I 173 -47.87 -5.16 38.27
CA VAL I 173 -47.32 -4.95 39.61
C VAL I 173 -48.16 -5.70 40.64
N VAL I 174 -47.55 -6.70 41.27
CA VAL I 174 -48.17 -7.45 42.33
C VAL I 174 -47.40 -7.30 43.64
N GLY I 175 -48.09 -6.79 44.67
CA GLY I 175 -47.60 -6.55 46.04
C GLY I 175 -47.18 -7.72 46.92
N GLU I 176 -46.36 -7.38 47.91
CA GLU I 176 -45.82 -8.23 48.95
C GLU I 176 -46.84 -9.15 49.67
N THR I 177 -48.01 -8.58 50.04
CA THR I 177 -49.11 -9.36 50.70
C THR I 177 -50.30 -9.75 49.83
N ALA I 178 -50.11 -9.67 48.51
CA ALA I 178 -51.17 -10.03 47.55
C ALA I 178 -51.40 -11.52 47.46
N VAL I 179 -52.64 -11.93 47.19
CA VAL I 179 -52.98 -13.35 47.02
C VAL I 179 -53.81 -13.49 45.76
N VAL I 180 -53.47 -14.46 44.92
CA VAL I 180 -54.20 -14.69 43.67
C VAL I 180 -54.45 -16.18 43.68
N GLU I 181 -55.72 -16.55 43.52
CA GLU I 181 -56.10 -17.95 43.63
C GLU I 181 -56.12 -18.57 42.24
N ASP I 182 -56.49 -19.85 42.17
CA ASP I 182 -56.41 -20.59 40.89
C ASP I 182 -57.30 -20.07 39.78
N ASN I 183 -57.00 -20.52 38.56
CA ASN I 183 -57.80 -20.24 37.36
C ASN I 183 -58.14 -18.77 37.14
N VAL I 184 -57.11 -17.95 37.24
CA VAL I 184 -57.26 -16.53 37.13
C VAL I 184 -56.55 -16.01 35.89
N SER I 185 -57.17 -15.02 35.26
CA SER I 185 -56.60 -14.41 34.09
C SER I 185 -56.34 -12.94 34.39
N ILE I 186 -55.08 -12.51 34.17
CA ILE I 186 -54.69 -11.12 34.43
C ILE I 186 -54.01 -10.54 33.16
N LEU I 187 -54.46 -9.37 32.73
CA LEU I 187 -53.86 -8.72 31.57
C LEU I 187 -52.72 -7.75 31.92
N HIS I 188 -52.07 -7.20 30.89
CA HIS I 188 -51.02 -6.21 31.10
C HIS I 188 -51.53 -5.00 31.83
N GLY I 189 -50.62 -4.31 32.53
CA GLY I 189 -50.88 -3.01 33.19
C GLY I 189 -51.69 -3.12 34.47
N VAL I 190 -51.74 -4.30 35.05
CA VAL I 190 -52.63 -4.47 36.20
C VAL I 190 -51.82 -4.28 37.45
N THR I 191 -52.39 -3.61 38.44
CA THR I 191 -51.79 -3.50 39.77
C THR I 191 -52.64 -4.23 40.84
N LEU I 192 -52.01 -5.19 41.52
CA LEU I 192 -52.54 -5.68 42.77
C LEU I 192 -51.68 -5.16 43.91
N GLY I 193 -51.96 -3.94 44.35
CA GLY I 193 -51.13 -3.33 45.38
C GLY I 193 -51.88 -2.49 46.43
N GLY I 194 -51.15 -1.61 47.09
CA GLY I 194 -51.68 -0.81 48.20
C GLY I 194 -52.24 0.55 47.81
N THR I 195 -52.72 1.31 48.81
CA THR I 195 -53.11 2.72 48.63
C THR I 195 -51.98 3.57 49.22
N GLY I 196 -51.33 3.06 50.28
CA GLY I 196 -50.36 3.85 51.04
C GLY I 196 -50.59 3.91 52.55
N LYS I 197 -51.81 3.55 53.00
CA LYS I 197 -52.12 3.49 54.44
C LYS I 197 -51.08 2.66 55.18
N SER I 199 -47.31 -1.07 55.78
CA SER I 199 -48.32 -0.99 56.84
C SER I 199 -49.40 -2.09 56.68
N GLY I 200 -48.97 -3.32 56.95
CA GLY I 200 -49.86 -4.49 56.94
C GLY I 200 -50.31 -5.03 55.60
N ASP I 201 -51.06 -6.13 55.67
CA ASP I 201 -51.86 -6.68 54.56
C ASP I 201 -52.56 -5.52 53.87
N ARG I 202 -51.83 -4.82 53.03
CA ARG I 202 -52.45 -3.72 52.38
C ARG I 202 -52.73 -4.11 50.93
N HIS I 203 -52.73 -5.43 50.66
CA HIS I 203 -52.88 -5.92 49.29
C HIS I 203 -54.07 -6.76 49.06
N PRO I 204 -54.60 -6.69 47.83
CA PRO I 204 -55.84 -7.36 47.45
C PRO I 204 -55.72 -8.86 47.39
N LYS I 205 -56.87 -9.53 47.60
CA LYS I 205 -56.97 -10.98 47.42
C LYS I 205 -57.97 -11.24 46.31
N ILE I 206 -57.50 -11.99 45.32
CA ILE I 206 -58.26 -12.24 44.12
C ILE I 206 -58.68 -13.69 44.15
N ARG I 207 -60.01 -13.91 44.17
CA ARG I 207 -60.60 -15.25 44.17
C ARG I 207 -60.59 -15.93 42.81
N GLN I 208 -60.89 -17.24 42.82
CA GLN I 208 -60.88 -18.15 41.65
C GLN I 208 -61.74 -17.78 40.46
N GLY I 209 -61.22 -18.06 39.25
CA GLY I 209 -61.94 -17.65 38.04
C GLY I 209 -62.10 -16.18 37.70
N VAL I 210 -61.49 -15.28 38.47
CA VAL I 210 -61.52 -13.83 38.13
C VAL I 210 -60.74 -13.47 36.85
N LEU I 211 -61.29 -12.52 36.09
CA LEU I 211 -60.61 -11.97 34.93
C LEU I 211 -60.34 -10.53 35.24
N ILE I 212 -59.05 -10.11 35.23
CA ILE I 212 -58.74 -8.68 35.41
C ILE I 212 -58.31 -8.09 34.07
N GLY I 213 -59.07 -7.12 33.55
CA GLY I 213 -58.82 -6.51 32.27
C GLY I 213 -57.60 -5.57 32.27
N ALA I 214 -57.23 -5.16 31.07
CA ALA I 214 -56.04 -4.33 30.88
C ALA I 214 -56.03 -3.05 31.69
N GLY I 215 -54.96 -2.84 32.48
CA GLY I 215 -54.69 -1.53 33.11
C GLY I 215 -55.55 -1.30 34.36
N ALA I 216 -56.26 -2.35 34.78
CA ALA I 216 -57.12 -2.24 35.96
C ALA I 216 -56.25 -2.14 37.23
N LYS I 217 -56.59 -1.22 38.12
CA LYS I 217 -55.91 -1.07 39.43
C LYS I 217 -56.79 -1.54 40.55
N ILE I 218 -56.28 -2.51 41.30
CA ILE I 218 -57.00 -3.09 42.42
C ILE I 218 -56.15 -2.85 43.69
N LEU I 219 -56.54 -1.80 44.43
CA LEU I 219 -55.72 -1.22 45.49
C LEU I 219 -56.27 -1.41 46.92
N GLY I 220 -55.41 -1.89 47.82
CA GLY I 220 -55.70 -1.89 49.24
C GLY I 220 -56.12 -3.24 49.76
N ASN I 221 -56.41 -3.30 51.06
CA ASN I 221 -56.91 -4.51 51.68
C ASN I 221 -58.33 -4.88 51.28
N ILE I 222 -58.54 -5.17 50.00
CA ILE I 222 -59.85 -5.53 49.49
C ILE I 222 -59.82 -6.89 48.82
N GLN I 223 -61.00 -7.39 48.50
CA GLN I 223 -61.11 -8.72 47.98
C GLN I 223 -61.99 -8.70 46.73
N VAL I 224 -61.63 -9.47 45.70
CA VAL I 224 -62.46 -9.55 44.50
C VAL I 224 -63.01 -10.92 44.44
N GLY I 225 -64.33 -10.97 44.32
CA GLY I 225 -65.07 -12.22 44.47
C GLY I 225 -64.92 -13.22 43.34
N GLN I 226 -65.10 -14.48 43.69
CA GLN I 226 -65.02 -15.57 42.75
C GLN I 226 -65.77 -15.30 41.45
N CYS I 227 -65.10 -15.58 40.34
CA CYS I 227 -65.70 -15.52 39.00
C CYS I 227 -66.05 -14.13 38.53
N SER I 228 -65.51 -13.09 39.17
CA SER I 228 -65.84 -11.74 38.75
C SER I 228 -64.95 -11.17 37.63
N LYS I 229 -65.48 -10.25 36.83
CA LYS I 229 -64.72 -9.64 35.75
C LYS I 229 -64.47 -8.17 36.01
N ILE I 230 -63.19 -7.81 36.06
CA ILE I 230 -62.79 -6.43 36.15
C ILE I 230 -62.58 -5.92 34.74
N ALA I 231 -63.34 -4.90 34.35
CA ALA I 231 -63.22 -4.33 33.03
C ALA I 231 -61.90 -3.58 32.93
N ALA I 232 -61.38 -3.48 31.72
CA ALA I 232 -60.14 -2.80 31.48
C ALA I 232 -60.22 -1.37 31.96
N GLY I 233 -59.17 -0.92 32.67
CA GLY I 233 -59.06 0.49 33.13
C GLY I 233 -59.93 0.86 34.35
N SER I 234 -60.53 -0.16 35.02
CA SER I 234 -61.30 0.08 36.25
C SER I 234 -60.31 0.43 37.36
N VAL I 235 -60.75 1.31 38.27
CA VAL I 235 -59.99 1.57 39.48
C VAL I 235 -60.85 1.05 40.62
N VAL I 236 -60.44 -0.06 41.21
CA VAL I 236 -61.22 -0.74 42.21
C VAL I 236 -60.64 -0.52 43.61
N LEU I 237 -61.43 0.14 44.46
CA LEU I 237 -60.95 0.54 45.78
C LEU I 237 -61.71 -0.12 46.92
N LYS I 238 -62.91 -0.57 46.61
CA LYS I 238 -63.75 -1.27 47.58
C LYS I 238 -63.83 -2.76 47.19
N SER I 239 -63.81 -3.64 48.19
CA SER I 239 -63.93 -5.09 47.95
C SER I 239 -65.12 -5.42 47.03
N VAL I 240 -64.96 -6.42 46.17
CA VAL I 240 -65.92 -6.77 45.11
C VAL I 240 -66.56 -8.12 45.44
N PRO I 241 -67.91 -8.27 45.22
CA PRO I 241 -68.56 -9.56 45.47
C PRO I 241 -68.27 -10.57 44.37
N HIS I 242 -68.92 -11.73 44.44
CA HIS I 242 -68.71 -12.80 43.47
C HIS I 242 -69.63 -12.59 42.31
N ASN I 243 -69.34 -13.28 41.20
CA ASN I 243 -70.20 -13.30 40.02
C ASN I 243 -70.68 -11.93 39.48
N VAL I 244 -69.82 -10.91 39.56
CA VAL I 244 -70.19 -9.56 39.09
C VAL I 244 -69.18 -9.01 38.05
N THR I 245 -69.67 -8.20 37.11
CA THR I 245 -68.80 -7.46 36.21
C THR I 245 -68.70 -6.02 36.72
N VAL I 246 -67.48 -5.58 37.02
CA VAL I 246 -67.24 -4.23 37.51
C VAL I 246 -66.49 -3.37 36.49
N ALA I 247 -66.72 -2.06 36.53
CA ALA I 247 -66.12 -1.18 35.52
C ALA I 247 -66.20 0.29 35.88
N GLY I 248 -65.27 1.07 35.34
CA GLY I 248 -65.20 2.51 35.52
C GLY I 248 -64.27 3.04 36.61
N VAL I 249 -64.18 4.36 36.68
CA VAL I 249 -63.43 5.08 37.71
C VAL I 249 -64.40 6.13 38.27
N PRO I 250 -64.89 5.91 39.49
CA PRO I 250 -64.57 4.78 40.32
C PRO I 250 -65.33 3.58 39.78
N ALA I 251 -64.92 2.39 40.20
CA ALA I 251 -65.50 1.13 39.74
C ALA I 251 -66.89 0.90 40.32
N ARG I 252 -67.82 0.44 39.49
CA ARG I 252 -69.20 0.12 39.92
C ARG I 252 -69.65 -1.12 39.17
N ILE I 253 -70.52 -1.93 39.79
CA ILE I 253 -71.06 -3.13 39.13
C ILE I 253 -71.91 -2.74 37.91
N ILE I 254 -71.68 -3.37 36.75
CA ILE I 254 -72.41 -3.02 35.52
C ILE I 254 -73.08 -4.21 34.87
N GLY I 255 -73.28 -5.27 35.64
CA GLY I 255 -73.76 -6.52 35.11
C GLY I 255 -73.38 -7.64 36.04
N GLU I 256 -73.88 -8.83 35.72
CA GLU I 256 -73.55 -10.07 36.44
C GLU I 256 -72.78 -11.02 35.52
N THR I 257 -72.11 -12.02 36.09
CA THR I 257 -71.29 -12.97 35.31
C THR I 257 -70.90 -14.21 36.15
N GLY I 258 -70.12 -15.13 35.57
CA GLY I 258 -69.66 -16.31 36.32
C GLY I 258 -68.52 -17.09 35.68
N CYS I 259 -68.03 -18.10 36.39
CA CYS I 259 -66.81 -18.83 36.04
C CYS I 259 -66.79 -19.57 34.69
N THR I 260 -66.04 -20.67 34.62
CA THR I 260 -65.85 -21.43 33.39
C THR I 260 -65.40 -22.87 33.64
N VAL J 16 -19.75 -45.76 46.22
CA VAL J 16 -19.04 -44.55 46.67
C VAL J 16 -18.00 -44.12 45.60
N ASP J 17 -18.05 -42.84 45.23
CA ASP J 17 -17.20 -42.28 44.17
C ASP J 17 -16.10 -41.48 44.85
N PRO J 18 -14.93 -42.10 45.08
CA PRO J 18 -13.90 -41.41 45.87
C PRO J 18 -13.43 -40.06 45.20
N ILE J 19 -12.99 -40.14 43.95
CA ILE J 19 -12.53 -38.96 43.22
C ILE J 19 -13.57 -37.85 43.36
N TRP J 20 -14.82 -38.19 43.03
CA TRP J 20 -15.94 -37.26 43.08
C TRP J 20 -16.23 -36.67 44.44
N HIS J 21 -16.11 -37.44 45.51
CA HIS J 21 -16.34 -36.84 46.83
C HIS J 21 -15.19 -35.96 47.28
N SER J 22 -13.97 -36.31 46.88
CA SER J 22 -12.77 -35.46 47.12
C SER J 22 -12.93 -34.08 46.45
N ILE J 23 -13.14 -34.10 45.14
CA ILE J 23 -13.37 -32.90 44.34
C ILE J 23 -14.38 -31.99 45.03
N ARG J 24 -15.43 -32.61 45.58
CA ARG J 24 -16.53 -31.85 46.18
C ARG J 24 -16.07 -31.12 47.43
N ALA J 25 -15.25 -31.80 48.24
CA ALA J 25 -14.77 -31.20 49.48
C ALA J 25 -13.73 -30.13 49.14
N GLU J 26 -12.86 -30.43 48.17
CA GLU J 26 -11.86 -29.47 47.68
C GLU J 26 -12.56 -28.20 47.21
N ALA J 27 -13.66 -28.38 46.47
CA ALA J 27 -14.38 -27.25 45.90
C ALA J 27 -15.05 -26.46 47.01
N GLU J 28 -15.52 -27.22 47.99
CA GLU J 28 -16.19 -26.68 49.14
C GLU J 28 -15.17 -25.80 49.83
N GLU J 29 -14.04 -26.43 50.16
CA GLU J 29 -13.00 -25.76 50.92
C GLU J 29 -12.54 -24.48 50.19
N ALA J 30 -12.32 -24.60 48.90
CA ALA J 30 -11.83 -23.47 48.10
C ALA J 30 -12.79 -22.25 48.09
N THR J 31 -14.09 -22.48 48.26
CA THR J 31 -15.00 -21.35 48.30
C THR J 31 -14.99 -20.58 49.61
N ARG J 32 -14.91 -21.28 50.74
CA ARG J 32 -14.84 -20.59 52.05
C ARG J 32 -13.62 -19.67 52.03
N ASN J 33 -12.51 -20.24 51.53
CA ASN J 33 -11.22 -19.55 51.43
C ASN J 33 -11.21 -18.33 50.50
N ASP J 34 -11.96 -18.40 49.39
CA ASP J 34 -11.98 -17.31 48.40
C ASP J 34 -13.38 -17.14 47.85
N PRO J 35 -14.29 -16.58 48.65
CA PRO J 35 -15.72 -16.46 48.27
C PRO J 35 -16.03 -15.83 46.89
N VAL J 36 -15.17 -14.95 46.38
CA VAL J 36 -15.38 -14.35 45.04
C VAL J 36 -15.46 -15.40 43.93
N LEU J 37 -14.84 -16.54 44.15
CA LEU J 37 -14.85 -17.66 43.21
C LEU J 37 -16.04 -18.62 43.44
N GLY J 38 -16.99 -18.23 44.29
CA GLY J 38 -18.18 -19.05 44.61
C GLY J 38 -19.06 -19.44 43.43
N ALA J 39 -19.38 -18.45 42.57
CA ALA J 39 -20.19 -18.71 41.36
C ALA J 39 -19.53 -19.70 40.44
N PHE J 40 -18.23 -19.56 40.25
CA PHE J 40 -17.51 -20.47 39.41
C PHE J 40 -17.49 -21.89 39.94
N LEU J 41 -17.23 -22.03 41.23
CA LEU J 41 -17.05 -23.32 41.82
C LEU J 41 -18.42 -24.00 42.11
N TYR J 42 -19.48 -23.22 42.25
CA TYR J 42 -20.85 -23.78 42.42
C TYR J 42 -21.47 -24.22 41.12
N ALA J 43 -21.34 -23.38 40.09
CA ALA J 43 -21.85 -23.75 38.76
C ALA J 43 -21.13 -24.94 38.16
N THR J 44 -19.84 -25.07 38.47
CA THR J 44 -19.01 -26.06 37.76
C THR J 44 -18.91 -27.36 38.49
N ILE J 45 -18.92 -27.28 39.83
CA ILE J 45 -18.83 -28.48 40.67
C ILE J 45 -20.02 -28.72 41.64
N LEU J 46 -20.26 -27.80 42.58
CA LEU J 46 -21.10 -28.13 43.74
C LEU J 46 -22.60 -28.29 43.41
N ASN J 47 -23.07 -27.56 42.40
CA ASN J 47 -24.41 -27.71 41.87
C ASN J 47 -24.58 -28.91 40.95
N GLN J 48 -23.49 -29.54 40.53
CA GLN J 48 -23.54 -30.72 39.67
C GLN J 48 -23.84 -32.01 40.48
N PRO J 49 -24.60 -32.94 39.88
CA PRO J 49 -24.98 -34.20 40.52
C PRO J 49 -23.90 -35.27 40.38
N SER J 50 -22.96 -35.10 39.43
CA SER J 50 -21.88 -36.08 39.28
C SER J 50 -20.62 -35.43 38.74
N LEU J 51 -19.56 -36.23 38.70
CA LEU J 51 -18.32 -35.88 38.02
C LEU J 51 -18.48 -35.78 36.52
N GLU J 52 -19.20 -36.70 35.91
CA GLU J 52 -19.36 -36.70 34.45
C GLU J 52 -19.91 -35.36 33.95
N GLU J 53 -20.88 -34.81 34.70
CA GLU J 53 -21.55 -33.59 34.32
C GLU J 53 -20.76 -32.34 34.68
N ALA J 54 -20.04 -32.39 35.82
CA ALA J 54 -19.09 -31.33 36.17
C ALA J 54 -17.99 -31.17 35.10
N VAL J 55 -17.41 -32.27 34.64
CA VAL J 55 -16.46 -32.28 33.53
C VAL J 55 -17.00 -31.81 32.20
N MET J 56 -18.15 -32.36 31.80
CA MET J 56 -18.80 -31.87 30.57
C MET J 56 -19.16 -30.40 30.69
N HIS J 57 -19.59 -29.96 31.88
CA HIS J 57 -19.97 -28.58 32.06
C HIS J 57 -18.77 -27.62 31.87
N ARG J 58 -17.70 -27.87 32.62
CA ARG J 58 -16.41 -27.14 32.50
C ARG J 58 -15.97 -27.04 31.04
N ILE J 59 -15.82 -28.19 30.37
CA ILE J 59 -15.38 -28.20 28.99
C ILE J 59 -16.28 -27.38 28.06
N ALA J 60 -17.59 -27.53 28.24
CA ALA J 60 -18.50 -26.85 27.34
C ALA J 60 -18.37 -25.34 27.50
N GLU J 61 -18.17 -24.91 28.76
CA GLU J 61 -18.06 -23.48 29.09
C GLU J 61 -16.76 -22.93 28.46
N ARG J 62 -15.73 -23.76 28.39
CA ARG J 62 -14.44 -23.34 27.78
C ARG J 62 -14.58 -23.23 26.26
N LEU J 63 -15.30 -24.18 25.67
CA LEU J 63 -15.41 -24.23 24.25
C LEU J 63 -16.55 -23.41 23.66
N GLY J 64 -17.49 -23.02 24.51
CA GLY J 64 -18.72 -22.24 24.13
C GLY J 64 -18.34 -20.98 23.39
N HIS J 65 -19.17 -20.57 22.46
CA HIS J 65 -18.85 -19.43 21.63
C HIS J 65 -20.18 -18.98 21.06
N PRO J 66 -20.28 -17.74 20.56
CA PRO J 66 -21.52 -17.33 19.93
C PRO J 66 -21.87 -18.16 18.72
N ASP J 67 -20.87 -18.69 18.05
CA ASP J 67 -21.15 -19.51 16.88
C ASP J 67 -21.87 -20.82 17.22
N VAL J 68 -21.47 -21.47 18.32
CA VAL J 68 -22.10 -22.69 18.83
C VAL J 68 -22.07 -22.64 20.34
N SER J 69 -23.22 -22.44 20.95
CA SER J 69 -23.30 -22.17 22.39
C SER J 69 -22.70 -23.27 23.24
N ALA J 70 -22.28 -22.91 24.45
CA ALA J 70 -21.90 -23.86 25.46
C ALA J 70 -23.04 -24.88 25.72
N ASP J 71 -24.29 -24.41 25.65
CA ASP J 71 -25.42 -25.29 25.90
C ASP J 71 -25.53 -26.41 24.89
N ILE J 72 -25.45 -26.08 23.60
CA ILE J 72 -25.40 -27.07 22.54
C ILE J 72 -24.26 -28.04 22.77
N LEU J 73 -23.09 -27.54 23.16
CA LEU J 73 -21.92 -28.41 23.37
C LEU J 73 -22.17 -29.37 24.53
N ARG J 74 -22.69 -28.85 25.62
CA ARG J 74 -22.95 -29.62 26.83
C ARG J 74 -24.03 -30.71 26.58
N GLN J 75 -25.07 -30.34 25.84
CA GLN J 75 -26.18 -31.27 25.53
C GLN J 75 -25.65 -32.38 24.64
N THR J 76 -24.81 -32.02 23.68
CA THR J 76 -24.29 -33.01 22.73
C THR J 76 -23.36 -33.96 23.40
N PHE J 77 -22.68 -33.45 24.42
CA PHE J 77 -21.80 -34.26 25.27
C PHE J 77 -22.63 -35.26 26.09
N ASP J 78 -23.76 -34.82 26.61
CA ASP J 78 -24.70 -35.76 27.24
C ASP J 78 -25.08 -36.94 26.37
N THR J 79 -25.43 -36.64 25.12
CA THR J 79 -25.71 -37.62 24.11
C THR J 79 -24.57 -38.64 23.98
N MET J 80 -23.35 -38.15 23.94
CA MET J 80 -22.23 -39.02 23.77
C MET J 80 -22.11 -39.95 25.01
N LEU J 81 -22.27 -39.41 26.20
CA LEU J 81 -22.15 -40.22 27.41
C LEU J 81 -23.29 -41.35 27.45
N GLU J 82 -24.52 -40.97 27.14
CA GLU J 82 -25.62 -41.93 27.11
C GLU J 82 -25.29 -43.08 26.16
N ALA J 83 -24.79 -42.76 24.97
CA ALA J 83 -24.37 -43.77 23.98
C ALA J 83 -22.99 -44.41 24.23
N ASN J 84 -22.22 -43.92 25.23
CA ASN J 84 -20.90 -44.50 25.55
C ASN J 84 -20.70 -44.54 27.06
N PRO J 85 -21.39 -45.46 27.75
CA PRO J 85 -21.35 -45.46 29.23
C PRO J 85 -19.98 -45.76 29.85
N GLU J 86 -19.13 -46.48 29.13
CA GLU J 86 -17.75 -46.80 29.57
C GLU J 86 -16.80 -45.56 29.65
N TRP J 87 -17.16 -44.48 28.96
CA TRP J 87 -16.50 -43.16 29.13
C TRP J 87 -16.53 -42.74 30.57
N SER J 88 -17.56 -43.15 31.30
CA SER J 88 -17.61 -42.93 32.72
C SER J 88 -16.40 -43.54 33.46
N HIS J 89 -15.86 -44.65 32.94
CA HIS J 89 -14.67 -45.30 33.52
C HIS J 89 -13.44 -44.56 33.05
N VAL J 90 -13.28 -44.52 31.73
CA VAL J 90 -12.17 -43.82 31.05
C VAL J 90 -11.89 -42.43 31.61
N LEU J 91 -12.96 -41.67 31.91
CA LEU J 91 -12.86 -40.34 32.48
C LEU J 91 -12.18 -40.36 33.85
N ARG J 92 -12.47 -41.37 34.65
CA ARG J 92 -11.86 -41.50 35.99
C ARG J 92 -10.38 -41.99 35.94
N VAL J 93 -10.06 -42.79 34.93
CA VAL J 93 -8.70 -43.27 34.76
C VAL J 93 -7.77 -42.15 34.19
N ASP J 94 -8.35 -41.25 33.39
CA ASP J 94 -7.67 -40.09 32.88
C ASP J 94 -7.39 -39.20 34.05
N ILE J 95 -8.40 -38.98 34.90
CA ILE J 95 -8.17 -38.19 36.09
C ILE J 95 -7.12 -38.86 36.98
N GLN J 96 -7.15 -40.19 37.00
CA GLN J 96 -6.17 -40.97 37.74
C GLN J 96 -4.77 -40.76 37.17
N ALA J 97 -4.67 -40.93 35.86
CA ALA J 97 -3.41 -40.77 35.16
C ALA J 97 -2.77 -39.39 35.45
N VAL J 98 -3.58 -38.35 35.65
CA VAL J 98 -3.05 -37.04 36.00
C VAL J 98 -2.56 -37.06 37.44
N TYR J 99 -3.37 -37.59 38.35
CA TYR J 99 -2.97 -37.74 39.74
C TYR J 99 -1.67 -38.52 39.96
N ASP J 100 -1.42 -39.52 39.12
CA ASP J 100 -0.27 -40.40 39.34
C ASP J 100 0.98 -39.93 38.61
N ARG J 101 0.86 -38.86 37.83
CA ARG J 101 1.97 -38.53 36.97
C ARG J 101 2.37 -37.05 37.01
N ASP J 102 1.56 -36.20 37.64
CA ASP J 102 1.89 -34.76 37.70
C ASP J 102 2.52 -34.22 38.99
N PRO J 103 3.79 -33.77 38.89
CA PRO J 103 4.46 -33.04 39.96
C PRO J 103 3.61 -31.87 40.53
N ALA J 104 3.20 -30.94 39.67
CA ALA J 104 2.70 -29.63 40.11
C ALA J 104 1.37 -29.63 40.88
N TYR J 105 0.57 -30.69 40.68
CA TYR J 105 -0.81 -30.75 41.19
C TYR J 105 -0.96 -31.86 42.22
N SER J 106 -1.85 -31.60 43.19
CA SER J 106 -1.98 -32.41 44.41
C SER J 106 -3.46 -32.54 44.84
N ARG J 107 -4.37 -32.12 43.95
CA ARG J 107 -5.82 -32.19 44.17
C ARG J 107 -6.52 -32.70 42.94
N PHE J 108 -7.53 -33.56 43.14
CA PHE J 108 -8.25 -34.15 42.02
C PHE J 108 -8.97 -33.10 41.21
N MET J 109 -9.37 -32.04 41.89
CA MET J 109 -10.12 -30.96 41.29
C MET J 109 -9.35 -30.28 40.16
N ASP J 110 -8.03 -30.46 40.11
CA ASP J 110 -7.17 -29.67 39.21
C ASP J 110 -7.38 -29.96 37.73
N PRO J 111 -7.29 -31.24 37.32
CA PRO J 111 -7.53 -31.53 35.89
C PRO J 111 -8.97 -31.21 35.45
N VAL J 112 -9.89 -31.28 36.39
CA VAL J 112 -11.28 -30.96 36.09
C VAL J 112 -11.47 -29.47 35.75
N LEU J 113 -10.95 -28.58 36.60
CA LEU J 113 -11.16 -27.17 36.40
C LEU J 113 -10.14 -26.52 35.43
N TYR J 114 -8.92 -27.03 35.39
CA TYR J 114 -7.77 -26.17 34.92
C TYR J 114 -7.00 -26.65 33.73
N LEU J 115 -6.80 -27.95 33.63
CA LEU J 115 -5.80 -28.43 32.71
C LEU J 115 -6.30 -28.69 31.33
N LYS J 116 -5.85 -27.86 30.38
CA LYS J 116 -6.40 -27.88 29.02
C LYS J 116 -6.11 -29.18 28.28
N GLY J 117 -5.05 -29.89 28.69
CA GLY J 117 -4.71 -31.11 27.99
C GLY J 117 -5.76 -32.20 28.31
N PHE J 118 -6.12 -32.28 29.58
CA PHE J 118 -7.18 -33.15 30.02
C PHE J 118 -8.50 -32.71 29.32
N HIS J 119 -8.81 -31.42 29.36
CA HIS J 119 -9.99 -30.95 28.66
C HIS J 119 -9.98 -31.28 27.20
N ALA J 120 -8.79 -31.28 26.59
CA ALA J 120 -8.67 -31.58 25.19
C ALA J 120 -8.95 -33.07 24.91
N ILE J 121 -8.65 -33.91 25.90
CA ILE J 121 -8.76 -35.36 25.72
C ILE J 121 -10.23 -35.76 25.58
N GLN J 122 -11.01 -35.34 26.56
CA GLN J 122 -12.46 -35.57 26.57
C GLN J 122 -13.18 -34.86 25.42
N THR J 123 -12.69 -33.66 25.04
CA THR J 123 -13.19 -33.01 23.84
C THR J 123 -13.02 -33.87 22.61
N HIS J 124 -11.85 -34.49 22.46
CA HIS J 124 -11.64 -35.39 21.35
C HIS J 124 -12.50 -36.64 21.40
N ARG J 125 -12.74 -37.14 22.60
CA ARG J 125 -13.59 -38.35 22.74
C ARG J 125 -14.99 -38.02 22.21
N LEU J 126 -15.50 -36.84 22.58
CA LEU J 126 -16.73 -36.37 21.97
C LEU J 126 -16.65 -36.28 20.46
N ALA J 127 -15.61 -35.64 19.97
CA ALA J 127 -15.46 -35.38 18.58
C ALA J 127 -15.34 -36.67 17.81
N HIS J 128 -14.58 -37.61 18.39
CA HIS J 128 -14.37 -38.95 17.83
C HIS J 128 -15.70 -39.73 17.69
N TRP J 129 -16.47 -39.73 18.77
CA TRP J 129 -17.79 -40.31 18.69
C TRP J 129 -18.67 -39.69 17.61
N LEU J 130 -18.84 -38.37 17.66
CA LEU J 130 -19.62 -37.69 16.64
C LEU J 130 -19.14 -37.98 15.23
N TYR J 131 -17.83 -38.12 15.05
CA TYR J 131 -17.26 -38.36 13.70
C TYR J 131 -17.72 -39.70 13.14
N LYS J 132 -17.76 -40.70 14.04
CA LYS J 132 -18.08 -42.11 13.73
C LYS J 132 -19.54 -42.19 13.28
N GLN J 133 -20.35 -41.35 13.91
CA GLN J 133 -21.77 -41.26 13.64
C GLN J 133 -22.13 -40.49 12.39
N GLY J 134 -21.15 -40.15 11.54
CA GLY J 134 -21.41 -39.33 10.35
C GLY J 134 -21.61 -37.80 10.58
N ARG J 135 -21.59 -37.35 11.84
CA ARG J 135 -21.71 -35.93 12.19
C ARG J 135 -20.38 -35.13 12.04
N LYS J 136 -19.87 -35.03 10.82
CA LYS J 136 -18.50 -34.60 10.56
C LYS J 136 -18.28 -33.09 10.75
N ASP J 137 -19.29 -32.29 10.45
CA ASP J 137 -19.19 -30.87 10.74
C ASP J 137 -19.02 -30.66 12.21
N PHE J 138 -19.82 -31.34 13.07
CA PHE J 138 -19.76 -31.17 14.49
C PHE J 138 -18.39 -31.61 15.07
N ALA J 139 -17.89 -32.75 14.58
CA ALA J 139 -16.53 -33.24 14.92
C ALA J 139 -15.42 -32.23 14.55
N TYR J 140 -15.40 -31.78 13.30
CA TYR J 140 -14.52 -30.71 12.82
C TYR J 140 -14.61 -29.40 13.61
N TYR J 141 -15.84 -28.97 13.95
CA TYR J 141 -16.05 -27.79 14.73
C TYR J 141 -15.38 -27.89 16.10
N LEU J 142 -15.52 -29.05 16.73
CA LEU J 142 -14.93 -29.30 18.04
C LEU J 142 -13.40 -29.37 17.91
N GLN J 143 -12.92 -30.02 16.84
CA GLN J 143 -11.50 -30.04 16.55
C GLN J 143 -10.93 -28.56 16.43
N SER J 144 -11.64 -27.74 15.67
CA SER J 144 -11.29 -26.37 15.39
C SER J 144 -11.23 -25.57 16.69
N ARG J 145 -12.30 -25.67 17.47
CA ARG J 145 -12.35 -25.01 18.71
C ARG J 145 -11.27 -25.49 19.70
N SER J 146 -11.02 -26.79 19.73
CA SER J 146 -10.04 -27.31 20.66
C SER J 146 -8.64 -26.73 20.25
N SER J 147 -8.41 -26.68 18.95
CA SER J 147 -7.18 -26.25 18.39
C SER J 147 -6.94 -24.78 18.80
N SER J 148 -8.00 -23.98 18.82
CA SER J 148 -7.91 -22.58 19.18
C SER J 148 -7.78 -22.28 20.65
N ILE J 149 -8.55 -23.01 21.47
CA ILE J 149 -8.68 -22.70 22.88
C ILE J 149 -7.76 -23.54 23.74
N PHE J 150 -7.42 -24.74 23.26
CA PHE J 150 -6.56 -25.65 24.04
C PHE J 150 -5.18 -25.89 23.33
N GLN J 151 -5.07 -25.42 22.11
CA GLN J 151 -3.86 -25.56 21.25
C GLN J 151 -3.50 -27.05 21.11
N THR J 152 -4.53 -27.87 20.98
CA THR J 152 -4.41 -29.29 20.66
C THR J 152 -5.20 -29.52 19.39
N ASP J 153 -4.49 -29.83 18.33
CA ASP J 153 -5.11 -30.17 17.06
C ASP J 153 -5.09 -31.70 16.85
N ILE J 154 -6.17 -32.31 17.33
CA ILE J 154 -6.36 -33.76 17.20
C ILE J 154 -7.44 -34.03 16.16
N HIS J 155 -7.06 -34.69 15.07
CA HIS J 155 -8.05 -35.10 14.07
C HIS J 155 -9.07 -36.04 14.73
N PRO J 156 -10.38 -35.81 14.49
CA PRO J 156 -11.41 -36.62 15.16
C PRO J 156 -11.35 -38.14 14.81
N ALA J 157 -10.76 -38.48 13.67
CA ALA J 157 -10.57 -39.88 13.24
C ALA J 157 -9.50 -40.61 14.10
N ALA J 158 -8.61 -39.84 14.70
CA ALA J 158 -7.53 -40.36 15.52
C ALA J 158 -8.08 -41.22 16.65
N ARG J 159 -7.37 -42.29 16.98
CA ARG J 159 -7.80 -43.14 18.08
C ARG J 159 -6.93 -43.00 19.31
N LEU J 160 -7.56 -42.75 20.44
CA LEU J 160 -6.84 -42.49 21.66
C LEU J 160 -7.30 -43.35 22.81
N GLY J 161 -6.40 -44.22 23.28
CA GLY J 161 -6.59 -45.07 24.48
C GLY J 161 -6.94 -44.33 25.76
N SER J 162 -7.22 -45.09 26.82
CA SER J 162 -7.61 -44.51 28.09
C SER J 162 -6.40 -44.30 28.98
N GLY J 163 -6.59 -43.51 30.04
CA GLY J 163 -5.53 -43.15 30.99
C GLY J 163 -4.42 -42.33 30.31
N LEU J 164 -4.81 -41.55 29.32
CA LEU J 164 -3.92 -40.58 28.67
C LEU J 164 -3.62 -39.39 29.59
N PHE J 165 -2.34 -39.04 29.65
CA PHE J 165 -1.90 -37.82 30.33
C PHE J 165 -1.32 -36.85 29.30
N LEU J 166 -1.89 -35.65 29.28
CA LEU J 166 -1.40 -34.58 28.40
C LEU J 166 -0.96 -33.43 29.25
N ASP J 167 0.36 -33.32 29.44
CA ASP J 167 0.99 -32.32 30.31
C ASP J 167 1.27 -31.09 29.45
N HIS J 168 0.75 -29.95 29.91
CA HIS J 168 0.96 -28.64 29.27
C HIS J 168 0.26 -28.48 27.95
N ALA J 169 0.48 -29.45 27.05
CA ALA J 169 -0.35 -29.68 25.84
C ALA J 169 -0.14 -28.73 24.68
N THR J 170 0.12 -27.47 24.97
CA THR J 170 0.24 -26.49 23.91
C THR J 170 1.02 -27.03 22.70
N GLY J 171 0.42 -26.93 21.51
CA GLY J 171 1.08 -27.31 20.24
C GLY J 171 0.94 -28.78 19.85
N LEU J 172 0.15 -29.53 20.57
CA LEU J 172 -0.09 -30.96 20.17
C LEU J 172 -0.74 -31.06 18.80
N VAL J 173 -0.09 -31.76 17.88
CA VAL J 173 -0.73 -32.10 16.60
C VAL J 173 -0.78 -33.63 16.49
N VAL J 174 -1.99 -34.15 16.26
CA VAL J 174 -2.20 -35.59 16.09
C VAL J 174 -3.01 -35.82 14.79
N GLY J 175 -2.43 -36.57 13.86
CA GLY J 175 -2.99 -36.79 12.55
C GLY J 175 -4.21 -37.70 12.51
N GLU J 176 -4.89 -37.67 11.37
CA GLU J 176 -6.08 -38.47 11.06
C GLU J 176 -5.96 -39.99 11.36
N THR J 177 -4.89 -40.60 10.82
CA THR J 177 -4.65 -42.05 10.97
C THR J 177 -3.78 -42.46 12.16
N ALA J 178 -3.66 -41.60 13.17
CA ALA J 178 -2.85 -41.87 14.36
C ALA J 178 -3.56 -42.70 15.38
N VAL J 179 -2.81 -43.57 16.06
CA VAL J 179 -3.39 -44.31 17.16
C VAL J 179 -2.50 -44.21 18.40
N VAL J 180 -3.14 -44.09 19.54
CA VAL J 180 -2.42 -43.97 20.80
C VAL J 180 -3.11 -44.91 21.77
N GLU J 181 -2.35 -45.88 22.27
CA GLU J 181 -2.91 -46.90 23.16
C GLU J 181 -3.00 -46.39 24.59
N ASP J 182 -3.36 -47.27 25.51
CA ASP J 182 -3.54 -46.92 26.92
C ASP J 182 -2.28 -46.50 27.62
N ASN J 183 -2.49 -45.68 28.64
CA ASN J 183 -1.50 -45.28 29.62
C ASN J 183 -0.30 -44.50 29.08
N VAL J 184 -0.53 -43.80 27.97
CA VAL J 184 0.51 -43.00 27.34
C VAL J 184 0.58 -41.60 28.01
N SER J 185 1.79 -41.02 28.04
CA SER J 185 1.96 -39.64 28.50
C SER J 185 2.59 -38.81 27.39
N ILE J 186 2.07 -37.61 27.18
CA ILE J 186 2.52 -36.81 26.06
C ILE J 186 2.72 -35.40 26.56
N LEU J 187 3.91 -34.85 26.31
CA LEU J 187 4.19 -33.48 26.76
C LEU J 187 3.80 -32.49 25.68
N HIS J 188 3.96 -31.20 25.98
CA HIS J 188 3.59 -30.15 25.03
C HIS J 188 4.41 -30.17 23.76
N GLY J 189 3.91 -29.50 22.73
CA GLY J 189 4.60 -29.40 21.46
C GLY J 189 4.95 -30.68 20.76
N VAL J 190 4.19 -31.76 21.01
CA VAL J 190 4.41 -33.03 20.28
C VAL J 190 3.59 -33.14 18.97
N THR J 191 4.25 -33.56 17.91
CA THR J 191 3.61 -33.87 16.68
C THR J 191 3.53 -35.41 16.49
N LEU J 192 2.31 -35.95 16.36
CA LEU J 192 2.13 -37.33 15.81
C LEU J 192 1.58 -37.23 14.42
N GLY J 193 2.46 -37.01 13.46
CA GLY J 193 2.10 -36.53 12.14
C GLY J 193 2.68 -37.39 11.03
N GLY J 194 2.83 -36.82 9.84
CA GLY J 194 3.23 -37.57 8.64
C GLY J 194 4.32 -36.90 7.85
N THR J 195 4.89 -37.61 6.89
CA THR J 195 5.97 -37.06 6.09
C THR J 195 5.48 -36.34 4.81
N GLY J 196 4.22 -36.54 4.45
CA GLY J 196 3.72 -36.08 3.15
C GLY J 196 4.58 -36.66 2.03
N SER J 198 2.30 -41.42 1.25
CA SER J 198 1.47 -41.64 0.06
C SER J 198 -0.02 -41.58 0.40
N SER J 199 -0.33 -40.75 1.40
CA SER J 199 -1.70 -40.41 1.83
C SER J 199 -2.66 -41.59 2.10
N GLY J 200 -2.15 -42.63 2.76
CA GLY J 200 -2.99 -43.72 3.25
C GLY J 200 -2.94 -43.69 4.77
N ASP J 201 -2.62 -44.83 5.36
CA ASP J 201 -2.15 -44.87 6.76
C ASP J 201 -0.77 -44.20 6.78
N ARG J 202 -0.63 -43.11 7.53
CA ARG J 202 0.58 -42.30 7.38
C ARG J 202 0.92 -41.55 8.66
N HIS J 203 0.32 -41.95 9.77
CA HIS J 203 0.54 -41.37 11.09
C HIS J 203 0.91 -42.43 12.11
N PRO J 204 1.66 -42.04 13.16
CA PRO J 204 2.24 -43.09 14.00
C PRO J 204 1.25 -43.86 14.81
N LYS J 205 1.63 -45.08 15.19
CA LYS J 205 0.89 -45.82 16.21
C LYS J 205 1.76 -45.81 17.43
N ILE J 206 1.17 -45.51 18.57
CA ILE J 206 1.86 -45.44 19.83
C ILE J 206 1.29 -46.47 20.80
N ARG J 207 2.12 -47.46 21.15
CA ARG J 207 1.74 -48.58 22.07
C ARG J 207 1.78 -48.24 23.56
N GLN J 208 1.24 -49.14 24.38
CA GLN J 208 0.97 -48.80 25.78
C GLN J 208 2.20 -48.29 26.54
N GLY J 209 1.91 -47.48 27.56
CA GLY J 209 2.88 -47.01 28.56
C GLY J 209 3.98 -46.07 28.08
N VAL J 210 4.03 -45.80 26.77
CA VAL J 210 4.99 -44.85 26.18
C VAL J 210 4.96 -43.46 26.83
N LEU J 211 6.14 -42.87 27.04
CA LEU J 211 6.24 -41.51 27.49
C LEU J 211 6.87 -40.72 26.34
N ILE J 212 6.17 -39.68 25.86
CA ILE J 212 6.71 -38.81 24.78
C ILE J 212 7.03 -37.42 25.33
N GLY J 213 8.27 -37.00 25.20
CA GLY J 213 8.70 -35.76 25.82
C GLY J 213 8.46 -34.54 24.97
N ALA J 214 8.76 -33.38 25.52
CA ALA J 214 8.34 -32.11 24.92
C ALA J 214 9.00 -31.84 23.59
N GLY J 215 8.22 -31.40 22.62
CA GLY J 215 8.76 -31.05 21.33
C GLY J 215 9.15 -32.20 20.43
N ALA J 216 8.91 -33.40 20.90
CA ALA J 216 9.19 -34.60 20.14
C ALA J 216 8.34 -34.60 18.87
N LYS J 217 8.98 -34.85 17.72
CA LYS J 217 8.25 -35.05 16.45
C LYS J 217 8.37 -36.52 16.05
N ILE J 218 7.24 -37.13 15.68
CA ILE J 218 7.15 -38.55 15.28
C ILE J 218 6.30 -38.60 13.99
N LEU J 219 6.98 -38.77 12.86
CA LEU J 219 6.36 -38.65 11.55
C LEU J 219 6.32 -39.99 10.81
N GLY J 220 5.22 -40.20 10.06
CA GLY J 220 5.01 -41.36 9.23
C GLY J 220 4.28 -42.49 9.94
N ASN J 221 3.89 -43.50 9.17
CA ASN J 221 3.27 -44.67 9.76
C ASN J 221 4.35 -45.58 10.27
N ILE J 222 4.68 -45.36 11.54
CA ILE J 222 5.77 -46.06 12.16
C ILE J 222 5.23 -46.36 13.52
N GLN J 223 5.88 -47.26 14.20
CA GLN J 223 5.34 -47.65 15.47
C GLN J 223 6.28 -47.23 16.60
N VAL J 224 5.71 -46.89 17.75
CA VAL J 224 6.53 -46.72 18.95
C VAL J 224 6.12 -47.81 19.95
N GLY J 225 7.04 -48.78 20.14
CA GLY J 225 6.83 -49.95 21.00
C GLY J 225 6.60 -49.68 22.46
N GLN J 226 6.01 -50.65 23.15
CA GLN J 226 5.55 -50.51 24.51
C GLN J 226 6.59 -50.08 25.54
N CYS J 227 6.15 -49.23 26.47
CA CYS J 227 6.95 -48.78 27.61
C CYS J 227 8.16 -47.91 27.24
N SER J 228 8.45 -47.75 25.95
CA SER J 228 9.57 -46.93 25.48
C SER J 228 9.40 -45.43 25.89
N LYS J 229 10.52 -44.72 25.99
CA LYS J 229 10.53 -43.30 26.42
C LYS J 229 11.20 -42.47 25.33
N ILE J 230 10.53 -41.41 24.90
CA ILE J 230 11.06 -40.55 23.84
C ILE J 230 11.54 -39.26 24.48
N ALA J 231 12.82 -38.98 24.33
CA ALA J 231 13.39 -37.76 24.87
C ALA J 231 12.88 -36.50 24.17
N ALA J 232 12.82 -35.43 24.95
CA ALA J 232 12.44 -34.13 24.46
C ALA J 232 13.22 -33.77 23.19
N GLY J 233 12.53 -33.18 22.24
CA GLY J 233 13.19 -32.68 21.05
C GLY J 233 13.59 -33.70 20.00
N SER J 234 13.39 -35.00 20.28
CA SER J 234 13.69 -36.03 19.28
C SER J 234 12.89 -35.87 17.99
N VAL J 235 13.45 -36.32 16.88
CA VAL J 235 12.70 -36.43 15.63
C VAL J 235 12.71 -37.92 15.21
N VAL J 236 11.62 -38.63 15.49
CA VAL J 236 11.50 -40.07 15.17
C VAL J 236 10.88 -40.27 13.80
N LEU J 237 11.67 -40.85 12.90
CA LEU J 237 11.25 -41.12 11.54
C LEU J 237 11.21 -42.62 11.19
N LYS J 238 11.58 -43.45 12.16
CA LYS J 238 11.68 -44.90 11.96
C LYS J 238 11.02 -45.52 13.16
N SER J 239 10.47 -46.73 12.98
CA SER J 239 9.72 -47.36 14.04
C SER J 239 10.67 -47.59 15.19
N VAL J 240 10.10 -47.65 16.38
CA VAL J 240 10.89 -47.76 17.58
C VAL J 240 10.43 -48.98 18.38
N PRO J 241 11.38 -49.90 18.68
CA PRO J 241 11.08 -51.08 19.52
C PRO J 241 10.70 -50.75 20.97
N HIS J 242 10.40 -51.78 21.73
CA HIS J 242 9.82 -51.65 23.05
C HIS J 242 10.88 -51.66 24.11
N ASN J 243 10.55 -51.15 25.29
CA ASN J 243 11.45 -51.07 26.44
C ASN J 243 12.85 -50.45 26.18
N VAL J 244 12.87 -49.33 25.44
CA VAL J 244 14.10 -48.58 25.16
C VAL J 244 13.84 -47.08 25.34
N THR J 245 14.93 -46.30 25.39
CA THR J 245 14.84 -44.83 25.29
C THR J 245 15.46 -44.42 23.97
N VAL J 246 14.79 -43.57 23.22
CA VAL J 246 15.46 -42.92 22.07
C VAL J 246 15.63 -41.43 22.30
N ALA J 247 16.57 -40.82 21.58
CA ALA J 247 16.80 -39.36 21.65
C ALA J 247 17.57 -38.92 20.43
N GLY J 248 17.56 -37.62 20.21
CA GLY J 248 18.31 -37.01 19.14
C GLY J 248 17.56 -36.77 17.86
N VAL J 249 18.23 -36.09 16.93
CA VAL J 249 17.72 -35.70 15.63
C VAL J 249 18.78 -36.11 14.59
N PRO J 250 18.53 -37.21 13.83
CA PRO J 250 17.32 -38.01 13.99
C PRO J 250 17.52 -38.91 15.22
N ALA J 251 16.45 -39.51 15.69
CA ALA J 251 16.42 -40.25 16.96
C ALA J 251 17.06 -41.63 16.89
N ARG J 252 17.98 -41.91 17.79
CA ARG J 252 18.58 -43.23 17.85
C ARG J 252 18.45 -43.74 19.28
N ILE J 253 18.49 -45.06 19.40
CA ILE J 253 18.32 -45.75 20.68
C ILE J 253 19.46 -45.37 21.61
N ILE J 254 19.15 -44.93 22.82
CA ILE J 254 20.20 -44.52 23.77
C ILE J 254 19.95 -44.96 25.21
N GLY J 255 19.46 -46.18 25.37
CA GLY J 255 19.14 -46.70 26.70
C GLY J 255 18.03 -47.74 26.66
N GLU J 256 17.83 -48.42 27.77
CA GLU J 256 16.73 -49.37 27.82
C GLU J 256 15.96 -49.16 29.12
N THR J 257 14.63 -49.28 29.05
CA THR J 257 13.79 -48.82 30.16
C THR J 257 12.52 -49.64 30.38
N GLY J 258 11.89 -49.44 31.55
CA GLY J 258 10.72 -50.20 31.97
C GLY J 258 9.49 -49.34 32.05
N CYS J 259 8.32 -49.98 32.10
CA CYS J 259 7.06 -49.25 32.25
C CYS J 259 6.99 -48.46 33.59
N THR J 260 6.65 -49.11 34.71
CA THR J 260 6.85 -48.51 36.05
C THR J 260 6.97 -49.62 37.08
N VAL K 16 -31.96 13.68 -3.85
CA VAL K 16 -30.95 12.76 -3.26
C VAL K 16 -31.65 11.85 -2.22
N ASP K 17 -30.92 11.49 -1.18
CA ASP K 17 -31.48 10.82 -0.03
C ASP K 17 -31.27 11.77 1.16
N PRO K 18 -32.04 12.88 1.23
CA PRO K 18 -31.77 13.97 2.18
C PRO K 18 -31.74 13.46 3.62
N ILE K 19 -32.60 12.49 3.93
CA ILE K 19 -32.60 11.93 5.27
C ILE K 19 -31.26 11.19 5.54
N TRP K 20 -30.88 10.26 4.68
CA TRP K 20 -29.59 9.56 4.89
C TRP K 20 -28.43 10.52 5.03
N HIS K 21 -28.32 11.43 4.07
CA HIS K 21 -27.25 12.47 4.14
C HIS K 21 -27.21 13.32 5.38
N SER K 22 -28.36 13.78 5.86
CA SER K 22 -28.32 14.53 7.10
C SER K 22 -27.90 13.63 8.32
N ILE K 23 -28.38 12.37 8.35
CA ILE K 23 -27.95 11.40 9.40
C ILE K 23 -26.42 11.14 9.38
N ARG K 24 -25.92 10.92 8.19
CA ARG K 24 -24.48 10.72 8.08
C ARG K 24 -23.73 11.94 8.69
N ALA K 25 -24.12 13.13 8.24
CA ALA K 25 -23.59 14.37 8.82
C ALA K 25 -23.71 14.40 10.34
N GLU K 26 -24.93 14.15 10.86
CA GLU K 26 -25.21 14.25 12.30
C GLU K 26 -24.32 13.25 13.07
N ALA K 27 -24.13 12.04 12.53
CA ALA K 27 -23.24 11.02 13.16
C ALA K 27 -21.78 11.42 13.11
N GLU K 28 -21.38 12.00 11.99
CA GLU K 28 -20.03 12.59 11.83
C GLU K 28 -19.68 13.60 12.97
N GLU K 29 -20.53 14.62 13.13
CA GLU K 29 -20.36 15.59 14.24
C GLU K 29 -20.39 14.98 15.66
N ALA K 30 -21.28 13.98 15.85
CA ALA K 30 -21.44 13.34 17.15
C ALA K 30 -20.18 12.63 17.58
N THR K 31 -19.48 12.03 16.62
CA THR K 31 -18.27 11.26 16.92
C THR K 31 -17.14 12.22 17.36
N ARG K 32 -17.05 13.31 16.61
CA ARG K 32 -16.07 14.36 16.88
C ARG K 32 -16.37 14.97 18.23
N ASN K 33 -17.61 15.37 18.42
CA ASN K 33 -18.06 15.81 19.74
C ASN K 33 -17.76 14.85 20.93
N ASP K 34 -17.93 13.53 20.72
CA ASP K 34 -17.83 12.55 21.81
C ASP K 34 -17.20 11.25 21.24
N PRO K 35 -15.83 11.19 21.18
CA PRO K 35 -15.13 10.09 20.46
C PRO K 35 -15.20 8.73 21.14
N VAL K 36 -15.40 8.69 22.46
CA VAL K 36 -15.69 7.40 23.10
C VAL K 36 -16.91 6.71 22.45
N LEU K 37 -17.76 7.48 21.75
CA LEU K 37 -18.95 6.91 21.07
C LEU K 37 -18.67 6.49 19.65
N GLY K 38 -17.39 6.46 19.28
CA GLY K 38 -17.07 6.29 17.88
C GLY K 38 -17.32 4.88 17.38
N ALA K 39 -16.97 3.87 18.17
CA ALA K 39 -17.26 2.47 17.75
C ALA K 39 -18.78 2.28 17.52
N PHE K 40 -19.58 2.78 18.46
CA PHE K 40 -21.06 2.75 18.31
C PHE K 40 -21.55 3.44 17.03
N LEU K 41 -21.10 4.70 16.82
CA LEU K 41 -21.57 5.49 15.69
C LEU K 41 -21.01 5.06 14.34
N TYR K 42 -19.77 4.58 14.31
CA TYR K 42 -19.20 3.98 13.08
C TYR K 42 -19.85 2.68 12.66
N ALA K 43 -19.98 1.75 13.59
CA ALA K 43 -20.65 0.46 13.30
C ALA K 43 -22.09 0.59 12.89
N THR K 44 -22.81 1.55 13.47
CA THR K 44 -24.27 1.61 13.28
C THR K 44 -24.61 2.56 12.15
N ILE K 45 -23.80 3.62 11.95
CA ILE K 45 -24.10 4.60 10.90
C ILE K 45 -22.97 4.79 9.86
N LEU K 46 -21.83 5.27 10.32
CA LEU K 46 -20.84 5.81 9.36
C LEU K 46 -20.29 4.72 8.42
N ASN K 47 -20.13 3.49 8.93
CA ASN K 47 -19.71 2.33 8.10
C ASN K 47 -20.78 1.74 7.20
N GLN K 48 -22.06 2.13 7.35
CA GLN K 48 -23.14 1.54 6.62
C GLN K 48 -23.28 2.19 5.26
N PRO K 49 -23.66 1.40 4.28
CA PRO K 49 -23.80 1.89 2.90
C PRO K 49 -25.13 2.62 2.62
N SER K 50 -26.18 2.35 3.41
CA SER K 50 -27.50 2.99 3.17
C SER K 50 -28.25 3.18 4.48
N LEU K 51 -29.36 3.94 4.41
CA LEU K 51 -30.21 4.19 5.56
C LEU K 51 -30.85 2.88 6.03
N GLU K 52 -31.31 2.08 5.07
CA GLU K 52 -31.99 0.86 5.38
C GLU K 52 -31.03 0.00 6.19
N GLU K 53 -29.78 -0.11 5.71
CA GLU K 53 -28.84 -1.00 6.38
C GLU K 53 -28.43 -0.48 7.81
N ALA K 54 -28.38 0.84 7.98
CA ALA K 54 -28.19 1.41 9.31
C ALA K 54 -29.34 1.00 10.29
N VAL K 55 -30.59 1.17 9.82
CA VAL K 55 -31.85 0.87 10.60
C VAL K 55 -31.89 -0.62 10.95
N MET K 56 -31.69 -1.48 9.95
CA MET K 56 -31.75 -2.93 10.19
C MET K 56 -30.65 -3.34 11.17
N HIS K 57 -29.46 -2.73 11.06
CA HIS K 57 -28.36 -3.06 11.95
C HIS K 57 -28.66 -2.67 13.39
N ARG K 58 -29.06 -1.40 13.64
CA ARG K 58 -29.39 -0.98 14.99
C ARG K 58 -30.42 -1.92 15.64
N ILE K 59 -31.47 -2.25 14.88
CA ILE K 59 -32.58 -3.06 15.43
C ILE K 59 -32.08 -4.49 15.72
N ALA K 60 -31.25 -5.05 14.83
CA ALA K 60 -30.70 -6.38 15.07
C ALA K 60 -29.83 -6.38 16.32
N GLU K 61 -29.04 -5.32 16.52
CA GLU K 61 -28.18 -5.21 17.72
C GLU K 61 -29.04 -5.09 18.97
N ARG K 62 -30.11 -4.32 18.90
CA ARG K 62 -30.98 -4.15 20.09
C ARG K 62 -31.65 -5.49 20.44
N LEU K 63 -32.06 -6.20 19.40
CA LEU K 63 -32.85 -7.45 19.63
C LEU K 63 -31.98 -8.68 19.79
N GLY K 64 -30.71 -8.58 19.40
CA GLY K 64 -29.82 -9.74 19.39
C GLY K 64 -29.60 -10.34 20.77
N HIS K 65 -29.43 -11.65 20.80
CA HIS K 65 -29.43 -12.42 22.01
C HIS K 65 -28.72 -13.72 21.69
N PRO K 66 -28.11 -14.33 22.69
CA PRO K 66 -27.52 -15.66 22.53
C PRO K 66 -28.43 -16.74 21.90
N ASP K 67 -29.75 -16.68 22.18
CA ASP K 67 -30.74 -17.55 21.55
C ASP K 67 -30.79 -17.41 20.04
N VAL K 68 -30.85 -16.16 19.54
CA VAL K 68 -30.85 -15.83 18.13
C VAL K 68 -29.96 -14.58 17.92
N SER K 69 -28.84 -14.77 17.23
CA SER K 69 -27.83 -13.74 17.08
C SER K 69 -28.37 -12.50 16.37
N ALA K 70 -27.88 -11.31 16.74
CA ALA K 70 -28.09 -10.18 15.88
C ALA K 70 -27.82 -10.43 14.38
N ASP K 71 -26.82 -11.26 14.08
CA ASP K 71 -26.46 -11.52 12.68
C ASP K 71 -27.58 -12.20 11.91
N ILE K 72 -28.15 -13.22 12.55
CA ILE K 72 -29.34 -13.86 12.02
C ILE K 72 -30.49 -12.89 11.80
N LEU K 73 -30.74 -11.99 12.76
CA LEU K 73 -31.81 -11.00 12.61
C LEU K 73 -31.47 -10.02 11.48
N ARG K 74 -30.19 -9.64 11.37
CA ARG K 74 -29.79 -8.64 10.39
C ARG K 74 -29.99 -9.25 9.02
N GLN K 75 -29.51 -10.48 8.86
CA GLN K 75 -29.59 -11.18 7.57
C GLN K 75 -31.05 -11.39 7.14
N THR K 76 -31.87 -11.78 8.07
CA THR K 76 -33.26 -12.01 7.72
C THR K 76 -33.91 -10.67 7.38
N PHE K 77 -33.53 -9.64 8.10
CA PHE K 77 -34.03 -8.28 7.83
C PHE K 77 -33.70 -7.92 6.39
N ASP K 78 -32.47 -8.18 5.94
CA ASP K 78 -32.12 -7.86 4.58
C ASP K 78 -33.00 -8.58 3.53
N THR K 79 -33.35 -9.85 3.77
CA THR K 79 -34.25 -10.60 2.87
C THR K 79 -35.64 -9.96 2.78
N MET K 80 -36.16 -9.45 3.90
CA MET K 80 -37.43 -8.71 3.87
C MET K 80 -37.37 -7.53 2.91
N LEU K 81 -36.34 -6.69 3.06
CA LEU K 81 -36.10 -5.53 2.19
C LEU K 81 -36.05 -5.95 0.71
N GLU K 82 -35.24 -6.96 0.44
CA GLU K 82 -35.10 -7.54 -0.89
C GLU K 82 -36.46 -7.86 -1.50
N ALA K 83 -37.36 -8.43 -0.71
CA ALA K 83 -38.72 -8.77 -1.14
C ALA K 83 -39.75 -7.66 -0.95
N ASN K 84 -39.39 -6.62 -0.20
CA ASN K 84 -40.30 -5.50 0.03
C ASN K 84 -39.67 -4.16 -0.25
N PRO K 85 -39.44 -3.89 -1.55
CA PRO K 85 -38.84 -2.62 -1.95
C PRO K 85 -39.51 -1.38 -1.35
N GLU K 86 -40.83 -1.45 -1.19
CA GLU K 86 -41.66 -0.31 -0.74
C GLU K 86 -41.35 0.13 0.68
N TRP K 87 -40.74 -0.77 1.47
CA TRP K 87 -40.27 -0.46 2.84
C TRP K 87 -39.29 0.69 2.90
N SER K 88 -38.44 0.83 1.89
CA SER K 88 -37.52 1.98 1.83
C SER K 88 -38.29 3.29 1.93
N HIS K 89 -39.41 3.36 1.22
CA HIS K 89 -40.27 4.53 1.30
C HIS K 89 -40.97 4.61 2.65
N VAL K 90 -41.59 3.49 3.05
CA VAL K 90 -42.27 3.37 4.35
C VAL K 90 -41.33 3.80 5.49
N LEU K 91 -40.12 3.22 5.57
CA LEU K 91 -39.26 3.56 6.70
C LEU K 91 -38.95 5.06 6.71
N ARG K 92 -38.81 5.62 5.51
CA ARG K 92 -38.57 7.05 5.37
C ARG K 92 -39.77 7.93 5.77
N VAL K 93 -40.99 7.53 5.43
CA VAL K 93 -42.14 8.33 5.91
C VAL K 93 -42.26 8.19 7.44
N ASP K 94 -41.87 7.01 7.95
CA ASP K 94 -41.83 6.77 9.38
C ASP K 94 -40.88 7.68 10.10
N ILE K 95 -39.65 7.82 9.59
CA ILE K 95 -38.68 8.72 10.24
C ILE K 95 -39.12 10.18 10.23
N GLN K 96 -39.68 10.59 9.09
CA GLN K 96 -40.20 11.96 8.89
C GLN K 96 -41.35 12.24 9.88
N ALA K 97 -42.17 11.19 10.17
CA ALA K 97 -43.22 11.35 11.18
C ALA K 97 -42.63 11.76 12.52
N VAL K 98 -41.50 11.16 12.93
CA VAL K 98 -40.92 11.51 14.23
C VAL K 98 -40.37 12.96 14.18
N TYR K 99 -39.70 13.27 13.07
CA TYR K 99 -39.08 14.57 12.89
C TYR K 99 -40.11 15.70 13.04
N ASP K 100 -41.19 15.60 12.26
CA ASP K 100 -42.28 16.57 12.26
C ASP K 100 -43.13 16.52 13.53
N ARG K 101 -43.40 15.34 14.05
CA ARG K 101 -44.37 15.28 15.13
C ARG K 101 -43.82 15.41 16.53
N ASP K 102 -42.53 15.16 16.71
CA ASP K 102 -41.95 15.27 18.04
C ASP K 102 -41.07 16.52 18.22
N PRO K 103 -41.52 17.49 19.06
CA PRO K 103 -40.69 18.69 19.30
C PRO K 103 -39.39 18.41 20.08
N ALA K 104 -39.36 17.30 20.84
CA ALA K 104 -38.25 17.03 21.78
C ALA K 104 -36.95 16.45 21.18
N TYR K 105 -36.92 16.22 19.87
CA TYR K 105 -35.70 15.76 19.17
C TYR K 105 -35.46 16.53 17.88
N SER K 106 -34.23 17.02 17.68
CA SER K 106 -33.86 17.92 16.55
C SER K 106 -33.13 17.27 15.37
N ARG K 107 -32.88 15.95 15.47
CA ARG K 107 -32.08 15.22 14.44
C ARG K 107 -32.81 13.97 13.90
N PHE K 108 -32.68 13.73 12.58
CA PHE K 108 -33.22 12.55 11.90
C PHE K 108 -32.59 11.25 12.40
N MET K 109 -31.35 11.36 12.86
CA MET K 109 -30.58 10.28 13.46
C MET K 109 -31.17 9.77 14.79
N ASP K 110 -31.95 10.60 15.48
CA ASP K 110 -32.48 10.25 16.82
C ASP K 110 -33.38 9.01 16.83
N PRO K 111 -34.46 9.00 15.98
CA PRO K 111 -35.28 7.79 16.02
C PRO K 111 -34.48 6.57 15.60
N VAL K 112 -33.53 6.73 14.67
CA VAL K 112 -32.75 5.60 14.13
C VAL K 112 -31.85 4.96 15.20
N LEU K 113 -31.29 5.80 16.04
CA LEU K 113 -30.42 5.33 17.10
C LEU K 113 -31.13 4.94 18.38
N TYR K 114 -32.09 5.76 18.80
CA TYR K 114 -32.53 5.78 20.19
C TYR K 114 -33.98 5.37 20.46
N LEU K 115 -34.90 5.67 19.56
CA LEU K 115 -36.32 5.67 19.96
C LEU K 115 -36.93 4.27 19.75
N LYS K 116 -37.29 3.59 20.85
CA LYS K 116 -37.72 2.18 20.77
C LYS K 116 -39.03 2.05 20.02
N GLY K 117 -39.88 3.11 20.08
CA GLY K 117 -41.17 3.15 19.29
C GLY K 117 -40.88 2.98 17.80
N PHE K 118 -39.88 3.71 17.32
CA PHE K 118 -39.49 3.57 15.94
C PHE K 118 -38.98 2.16 15.59
N HIS K 119 -38.14 1.62 16.45
CA HIS K 119 -37.54 0.28 16.26
C HIS K 119 -38.62 -0.76 16.27
N ALA K 120 -39.57 -0.60 17.20
CA ALA K 120 -40.64 -1.62 17.36
C ALA K 120 -41.51 -1.70 16.12
N ILE K 121 -41.83 -0.54 15.54
CA ILE K 121 -42.61 -0.52 14.28
C ILE K 121 -41.95 -1.31 13.14
N GLN K 122 -40.68 -1.04 12.90
CA GLN K 122 -39.96 -1.75 11.84
C GLN K 122 -39.73 -3.21 12.14
N THR K 123 -39.52 -3.55 13.41
CA THR K 123 -39.39 -4.95 13.84
C THR K 123 -40.71 -5.70 13.58
N HIS K 124 -41.83 -5.05 13.92
CA HIS K 124 -43.12 -5.57 13.48
C HIS K 124 -43.22 -5.74 11.98
N ARG K 125 -42.74 -4.78 11.17
CA ARG K 125 -42.85 -4.92 9.70
C ARG K 125 -42.11 -6.20 9.22
N LEU K 126 -41.00 -6.53 9.85
CA LEU K 126 -40.25 -7.72 9.54
C LEU K 126 -41.07 -8.94 9.98
N ALA K 127 -41.51 -8.93 11.23
CA ALA K 127 -42.27 -10.08 11.78
C ALA K 127 -43.55 -10.35 11.00
N HIS K 128 -44.17 -9.28 10.51
CA HIS K 128 -45.46 -9.35 9.78
C HIS K 128 -45.21 -10.05 8.45
N TRP K 129 -44.10 -9.68 7.81
CA TRP K 129 -43.76 -10.26 6.53
C TRP K 129 -43.43 -11.72 6.72
N LEU K 130 -42.64 -12.02 7.77
CA LEU K 130 -42.30 -13.41 8.08
C LEU K 130 -43.54 -14.27 8.33
N TYR K 131 -44.42 -13.74 9.18
CA TYR K 131 -45.65 -14.40 9.56
C TYR K 131 -46.42 -14.81 8.30
N LYS K 132 -46.54 -13.89 7.35
CA LYS K 132 -47.18 -14.12 6.05
C LYS K 132 -46.45 -15.13 5.15
N GLN K 133 -45.13 -15.24 5.33
CA GLN K 133 -44.34 -16.16 4.54
C GLN K 133 -44.50 -17.56 5.08
N GLY K 134 -45.22 -17.71 6.21
CA GLY K 134 -45.42 -18.98 6.90
C GLY K 134 -44.32 -19.28 7.93
N ARG K 135 -43.38 -18.34 8.07
CA ARG K 135 -42.32 -18.42 9.07
C ARG K 135 -42.79 -17.87 10.44
N LYS K 136 -43.75 -18.57 11.06
CA LYS K 136 -44.43 -18.09 12.26
C LYS K 136 -43.58 -18.10 13.53
N ASP K 137 -42.70 -19.10 13.68
CA ASP K 137 -41.79 -19.08 14.83
C ASP K 137 -40.80 -17.89 14.81
N PHE K 138 -40.26 -17.60 13.63
CA PHE K 138 -39.43 -16.39 13.53
C PHE K 138 -40.27 -15.16 13.91
N ALA K 139 -41.50 -15.11 13.44
CA ALA K 139 -42.32 -13.92 13.67
C ALA K 139 -42.62 -13.79 15.18
N TYR K 140 -42.96 -14.91 15.82
CA TYR K 140 -43.30 -14.88 17.26
C TYR K 140 -42.03 -14.58 18.10
N TYR K 141 -40.89 -15.09 17.65
CA TYR K 141 -39.67 -14.85 18.34
C TYR K 141 -39.40 -13.31 18.41
N LEU K 142 -39.56 -12.65 17.29
CA LEU K 142 -39.41 -11.16 17.18
C LEU K 142 -40.44 -10.46 18.05
N GLN K 143 -41.71 -10.93 17.98
CA GLN K 143 -42.75 -10.36 18.80
C GLN K 143 -42.31 -10.40 20.26
N SER K 144 -41.79 -11.56 20.68
CA SER K 144 -41.46 -11.82 22.06
C SER K 144 -40.28 -10.96 22.45
N ARG K 145 -39.30 -10.89 21.56
CA ARG K 145 -38.15 -10.06 21.82
C ARG K 145 -38.51 -8.55 21.88
N SER K 146 -39.29 -8.08 20.92
CA SER K 146 -39.79 -6.70 20.94
C SER K 146 -40.61 -6.39 22.20
N SER K 147 -41.40 -7.36 22.66
CA SER K 147 -42.19 -7.11 23.82
C SER K 147 -41.30 -6.95 25.06
N SER K 148 -40.19 -7.70 25.09
CA SER K 148 -39.28 -7.68 26.24
C SER K 148 -38.28 -6.52 26.16
N ILE K 149 -37.82 -6.21 24.95
CA ILE K 149 -36.78 -5.14 24.81
C ILE K 149 -37.39 -3.77 24.55
N PHE K 150 -38.46 -3.69 23.75
CA PHE K 150 -39.04 -2.41 23.40
C PHE K 150 -40.36 -2.22 24.19
N GLN K 151 -40.74 -3.21 24.97
CA GLN K 151 -42.05 -3.22 25.70
C GLN K 151 -43.27 -2.94 24.81
N THR K 152 -43.20 -3.45 23.59
CA THR K 152 -44.23 -3.28 22.59
C THR K 152 -44.65 -4.68 22.12
N ASP K 153 -45.88 -5.09 22.42
CA ASP K 153 -46.37 -6.43 22.03
C ASP K 153 -47.34 -6.24 20.89
N ILE K 154 -46.88 -6.54 19.70
CA ILE K 154 -47.67 -6.36 18.48
C ILE K 154 -47.73 -7.72 17.82
N HIS K 155 -48.93 -8.30 17.75
CA HIS K 155 -49.10 -9.54 17.01
C HIS K 155 -48.72 -9.40 15.56
N PRO K 156 -47.91 -10.36 15.04
CA PRO K 156 -47.38 -10.26 13.68
C PRO K 156 -48.44 -10.23 12.59
N ALA K 157 -49.69 -10.61 12.92
CA ALA K 157 -50.78 -10.58 11.97
C ALA K 157 -51.46 -9.20 11.99
N ALA K 158 -51.14 -8.37 12.99
CA ALA K 158 -51.64 -6.97 12.96
C ALA K 158 -51.11 -6.19 11.77
N ARG K 159 -51.92 -5.28 11.23
CA ARG K 159 -51.52 -4.53 10.07
C ARG K 159 -51.30 -3.05 10.39
N LEU K 160 -50.09 -2.56 10.14
CA LEU K 160 -49.75 -1.17 10.50
C LEU K 160 -49.37 -0.37 9.29
N GLY K 161 -49.96 0.83 9.16
CA GLY K 161 -49.73 1.70 8.03
C GLY K 161 -48.46 2.53 8.19
N SER K 162 -48.25 3.45 7.26
CA SER K 162 -46.99 4.18 7.18
C SER K 162 -47.18 5.53 7.82
N GLY K 163 -46.08 6.19 8.13
CA GLY K 163 -46.15 7.46 8.84
C GLY K 163 -46.67 7.24 10.24
N LEU K 164 -46.47 6.02 10.75
CA LEU K 164 -46.75 5.75 12.13
C LEU K 164 -45.77 6.41 13.10
N PHE K 165 -46.32 7.07 14.11
CA PHE K 165 -45.49 7.63 15.15
C PHE K 165 -45.86 6.92 16.41
N LEU K 166 -44.90 6.21 16.99
CA LEU K 166 -45.05 5.55 18.27
C LEU K 166 -44.21 6.27 19.34
N ASP K 167 -44.89 7.16 20.07
CA ASP K 167 -44.22 8.06 20.99
C ASP K 167 -44.12 7.42 22.38
N HIS K 168 -42.88 7.30 22.85
CA HIS K 168 -42.50 6.68 24.15
C HIS K 168 -42.73 5.19 24.25
N ALA K 169 -43.87 4.73 23.72
CA ALA K 169 -44.15 3.34 23.32
C ALA K 169 -44.47 2.39 24.43
N THR K 170 -43.90 2.59 25.61
CA THR K 170 -43.86 1.53 26.59
C THR K 170 -45.30 1.05 26.94
N GLY K 171 -45.49 -0.27 26.82
CA GLY K 171 -46.74 -0.97 27.13
C GLY K 171 -47.76 -1.03 26.00
N LEU K 172 -47.37 -0.66 24.76
CA LEU K 172 -48.22 -0.88 23.59
C LEU K 172 -48.62 -2.35 23.41
N VAL K 173 -49.94 -2.58 23.28
CA VAL K 173 -50.44 -3.94 22.99
C VAL K 173 -51.35 -3.82 21.80
N VAL K 174 -51.05 -4.61 20.79
CA VAL K 174 -51.80 -4.61 19.55
C VAL K 174 -52.16 -6.06 19.16
N GLY K 175 -53.44 -6.29 19.00
CA GLY K 175 -53.98 -7.65 18.79
C GLY K 175 -53.89 -8.14 17.35
N GLU K 176 -54.07 -9.45 17.21
CA GLU K 176 -53.96 -10.15 15.94
C GLU K 176 -54.75 -9.50 14.78
N THR K 177 -55.92 -8.96 15.06
CA THR K 177 -56.81 -8.57 13.97
C THR K 177 -56.89 -7.06 13.85
N ALA K 178 -56.07 -6.36 14.64
CA ALA K 178 -56.06 -4.89 14.60
C ALA K 178 -55.49 -4.36 13.29
N VAL K 179 -56.01 -3.21 12.89
CA VAL K 179 -55.61 -2.49 11.73
C VAL K 179 -55.38 -1.01 12.12
N VAL K 180 -54.22 -0.49 11.73
CA VAL K 180 -53.87 0.92 11.91
C VAL K 180 -53.49 1.50 10.56
N GLU K 181 -54.16 2.57 10.15
CA GLU K 181 -53.91 3.12 8.82
C GLU K 181 -52.81 4.18 8.89
N ASP K 182 -52.66 4.96 7.82
CA ASP K 182 -51.50 5.85 7.75
C ASP K 182 -51.64 7.03 8.64
N ASN K 183 -50.49 7.64 8.92
CA ASN K 183 -50.37 8.83 9.67
C ASN K 183 -51.05 8.86 11.02
N VAL K 184 -51.02 7.72 11.71
CA VAL K 184 -51.51 7.61 13.08
C VAL K 184 -50.36 7.90 14.06
N SER K 185 -50.72 8.52 15.18
CA SER K 185 -49.78 8.77 16.24
C SER K 185 -50.32 8.08 17.50
N ILE K 186 -49.49 7.23 18.09
CA ILE K 186 -49.89 6.45 19.21
C ILE K 186 -48.89 6.71 20.31
N LEU K 187 -49.41 7.06 21.49
CA LEU K 187 -48.58 7.25 22.71
C LEU K 187 -48.29 5.97 23.47
N HIS K 188 -47.59 6.08 24.59
CA HIS K 188 -47.31 4.88 25.39
C HIS K 188 -48.58 4.34 26.08
N GLY K 189 -48.54 3.08 26.47
CA GLY K 189 -49.54 2.48 27.36
C GLY K 189 -50.86 2.26 26.68
N VAL K 190 -50.85 2.26 25.34
CA VAL K 190 -52.06 2.13 24.52
C VAL K 190 -52.35 0.66 24.16
N THR K 191 -53.59 0.23 24.39
CA THR K 191 -54.02 -1.10 24.00
C THR K 191 -55.02 -1.03 22.84
N LEU K 192 -54.76 -1.73 21.73
CA LEU K 192 -55.75 -1.94 20.69
C LEU K 192 -56.10 -3.38 20.79
N GLY K 193 -57.06 -3.69 21.67
CA GLY K 193 -57.24 -5.01 22.18
C GLY K 193 -58.65 -5.51 21.96
N GLY K 194 -58.96 -6.58 22.66
CA GLY K 194 -60.29 -7.19 22.60
C GLY K 194 -60.98 -7.16 23.96
N THR K 195 -62.29 -7.42 23.95
CA THR K 195 -63.06 -7.52 25.19
C THR K 195 -63.24 -9.00 25.59
N GLY K 196 -62.20 -9.81 25.34
CA GLY K 196 -62.25 -11.26 25.54
C GLY K 196 -63.40 -11.84 24.75
N LYS K 197 -63.30 -11.85 23.41
CA LYS K 197 -64.43 -12.20 22.54
C LYS K 197 -64.80 -13.70 22.47
N SER K 198 -63.97 -14.54 21.85
CA SER K 198 -62.69 -14.18 21.26
C SER K 198 -62.51 -14.88 19.92
N SER K 199 -63.26 -14.46 18.90
CA SER K 199 -63.32 -15.28 17.68
C SER K 199 -62.51 -14.78 16.47
N GLY K 200 -63.19 -14.43 15.38
CA GLY K 200 -62.55 -13.85 14.21
C GLY K 200 -62.13 -12.42 14.50
N ASP K 201 -62.57 -11.52 13.63
CA ASP K 201 -62.30 -10.09 13.74
C ASP K 201 -62.74 -9.53 15.10
N ARG K 202 -61.77 -9.10 15.94
CA ARG K 202 -62.04 -8.83 17.34
C ARG K 202 -61.28 -7.61 17.93
N HIS K 203 -60.52 -6.94 17.07
CA HIS K 203 -59.61 -5.86 17.51
C HIS K 203 -59.88 -4.67 16.68
N PRO K 204 -59.49 -3.44 17.15
CA PRO K 204 -59.88 -2.18 16.49
C PRO K 204 -59.28 -1.89 15.10
N LYS K 205 -60.05 -1.13 14.32
CA LYS K 205 -59.60 -0.57 13.06
C LYS K 205 -59.43 0.94 13.20
N ILE K 206 -58.18 1.37 13.27
CA ILE K 206 -57.84 2.78 13.46
C ILE K 206 -57.63 3.46 12.13
N ARG K 207 -58.50 4.43 11.87
CA ARG K 207 -58.45 5.11 10.57
C ARG K 207 -57.35 6.15 10.56
N GLN K 208 -57.06 6.64 9.36
CA GLN K 208 -55.95 7.55 9.15
C GLN K 208 -56.00 8.92 9.88
N GLY K 209 -54.83 9.38 10.29
CA GLY K 209 -54.66 10.66 10.98
C GLY K 209 -55.11 10.65 12.43
N VAL K 210 -55.42 9.48 12.97
CA VAL K 210 -55.89 9.42 14.34
C VAL K 210 -54.78 9.61 15.38
N LEU K 211 -55.11 10.31 16.45
CA LEU K 211 -54.20 10.46 17.59
C LEU K 211 -54.73 9.69 18.80
N ILE K 212 -53.89 8.83 19.36
CA ILE K 212 -54.28 8.08 20.54
C ILE K 212 -53.38 8.51 21.67
N GLY K 213 -54.01 9.04 22.72
CA GLY K 213 -53.31 9.56 23.89
C GLY K 213 -52.89 8.50 24.87
N ALA K 214 -52.10 8.93 25.85
CA ALA K 214 -51.39 8.02 26.70
C ALA K 214 -52.32 7.15 27.49
N GLY K 215 -52.05 5.84 27.48
CA GLY K 215 -52.82 4.89 28.29
C GLY K 215 -54.24 4.58 27.85
N ALA K 216 -54.62 5.03 26.66
CA ALA K 216 -55.97 4.77 26.12
C ALA K 216 -56.13 3.28 25.79
N LYS K 217 -57.22 2.67 26.26
CA LYS K 217 -57.59 1.32 25.84
C LYS K 217 -58.68 1.41 24.77
N ILE K 218 -58.46 0.74 23.64
CA ILE K 218 -59.49 0.61 22.62
C ILE K 218 -59.79 -0.88 22.40
N LEU K 219 -60.99 -1.29 22.76
CA LEU K 219 -61.32 -2.72 22.88
C LEU K 219 -62.47 -3.19 21.97
N GLY K 220 -62.23 -4.29 21.24
CA GLY K 220 -63.22 -4.86 20.34
C GLY K 220 -63.11 -4.48 18.87
N ASN K 221 -63.92 -5.13 18.02
CA ASN K 221 -63.93 -4.82 16.61
C ASN K 221 -64.68 -3.53 16.37
N ILE K 222 -64.07 -2.44 16.82
CA ILE K 222 -64.69 -1.12 16.72
C ILE K 222 -63.77 -0.22 15.93
N GLN K 223 -64.30 0.88 15.42
CA GLN K 223 -63.54 1.70 14.51
C GLN K 223 -63.35 3.11 15.07
N VAL K 224 -62.20 3.71 14.82
CA VAL K 224 -61.98 5.11 15.23
C VAL K 224 -61.79 5.89 13.96
N GLY K 225 -62.78 6.76 13.68
CA GLY K 225 -62.82 7.48 12.40
C GLY K 225 -61.65 8.43 12.13
N GLN K 226 -61.41 8.76 10.86
CA GLN K 226 -60.34 9.70 10.52
C GLN K 226 -60.26 10.89 11.45
N CYS K 227 -59.03 11.27 11.75
CA CYS K 227 -58.70 12.53 12.39
C CYS K 227 -59.20 12.69 13.82
N SER K 228 -59.74 11.65 14.43
CA SER K 228 -60.29 11.83 15.76
C SER K 228 -59.18 11.65 16.76
N LYS K 229 -59.47 12.04 18.00
CA LYS K 229 -58.55 11.97 19.16
C LYS K 229 -59.12 11.17 20.27
N ILE K 230 -58.27 10.31 20.82
CA ILE K 230 -58.59 9.57 22.01
C ILE K 230 -57.79 10.23 23.14
N ALA K 231 -58.47 10.98 24.00
CA ALA K 231 -57.76 11.63 25.11
C ALA K 231 -57.16 10.54 25.96
N ALA K 232 -56.07 10.89 26.66
CA ALA K 232 -55.38 9.97 27.56
C ALA K 232 -56.32 9.36 28.57
N GLY K 233 -56.12 8.07 28.84
CA GLY K 233 -56.83 7.36 29.91
C GLY K 233 -58.23 6.89 29.51
N SER K 234 -58.64 7.23 28.30
CA SER K 234 -59.94 6.81 27.76
C SER K 234 -60.09 5.31 27.49
N VAL K 235 -61.21 4.73 27.91
CA VAL K 235 -61.60 3.35 27.53
C VAL K 235 -62.67 3.43 26.44
N VAL K 236 -62.29 3.09 25.22
CA VAL K 236 -63.13 3.22 24.02
C VAL K 236 -63.74 1.87 23.65
N LEU K 237 -65.09 1.83 23.65
CA LEU K 237 -65.80 0.56 23.52
C LEU K 237 -66.80 0.58 22.38
N LYS K 238 -67.13 1.77 21.90
CA LYS K 238 -68.07 1.96 20.78
C LYS K 238 -67.23 2.61 19.70
N SER K 239 -67.49 2.29 18.44
CA SER K 239 -66.84 3.01 17.32
C SER K 239 -66.94 4.54 17.43
N VAL K 240 -65.87 5.24 17.10
CA VAL K 240 -65.82 6.67 17.23
C VAL K 240 -65.91 7.23 15.82
N PRO K 241 -66.84 8.18 15.61
CA PRO K 241 -66.95 8.90 14.34
C PRO K 241 -65.65 9.61 13.99
N HIS K 242 -65.51 10.02 12.75
CA HIS K 242 -64.36 10.81 12.37
C HIS K 242 -64.45 12.21 12.96
N ASN K 243 -63.32 12.90 13.04
CA ASN K 243 -63.25 14.33 13.44
C ASN K 243 -63.80 14.74 14.82
N VAL K 244 -63.67 13.86 15.79
CA VAL K 244 -64.17 14.12 17.15
C VAL K 244 -63.12 13.79 18.17
N THR K 245 -63.22 14.36 19.37
CA THR K 245 -62.32 14.02 20.47
C THR K 245 -63.16 13.19 21.46
N VAL K 246 -62.64 12.05 21.92
CA VAL K 246 -63.34 11.29 22.95
C VAL K 246 -62.54 11.24 24.23
N ALA K 247 -63.20 11.06 25.38
CA ALA K 247 -62.52 10.99 26.66
C ALA K 247 -63.35 10.24 27.66
N GLY K 248 -62.67 9.71 28.67
CA GLY K 248 -63.29 9.14 29.85
C GLY K 248 -63.44 7.65 29.77
N VAL K 249 -64.07 7.12 30.81
CA VAL K 249 -64.18 5.69 31.00
C VAL K 249 -65.65 5.41 31.36
N PRO K 250 -66.45 4.96 30.36
CA PRO K 250 -66.07 4.79 28.96
C PRO K 250 -66.02 6.13 28.23
N ALA K 251 -65.45 6.13 27.04
CA ALA K 251 -65.20 7.36 26.34
C ALA K 251 -66.48 7.86 25.68
N ARG K 252 -66.67 9.16 25.77
CA ARG K 252 -67.83 9.83 25.16
C ARG K 252 -67.26 11.00 24.41
N ILE K 253 -67.95 11.42 23.36
CA ILE K 253 -67.50 12.55 22.57
C ILE K 253 -67.45 13.80 23.45
N ILE K 254 -66.43 14.63 23.25
CA ILE K 254 -66.31 15.87 24.04
C ILE K 254 -66.10 17.11 23.19
N GLY K 255 -65.54 16.96 21.99
CA GLY K 255 -65.38 18.10 21.10
C GLY K 255 -65.31 17.70 19.65
N GLU K 256 -65.07 18.69 18.79
CA GLU K 256 -64.82 18.45 17.38
C GLU K 256 -63.32 18.63 17.09
N THR K 257 -62.84 17.96 16.05
CA THR K 257 -61.42 18.07 15.67
C THR K 257 -61.25 17.82 14.19
N GLY K 258 -60.03 18.02 13.70
CA GLY K 258 -59.70 17.85 12.27
C GLY K 258 -58.32 17.24 12.15
N CYS K 259 -57.74 17.26 10.95
CA CYS K 259 -56.42 16.71 10.74
C CYS K 259 -55.33 17.77 10.50
N THR K 260 -55.11 18.63 11.49
CA THR K 260 -54.16 19.78 11.40
C THR K 260 -52.87 19.56 10.56
N VAL L 16 -17.80 8.76 59.49
CA VAL L 16 -18.65 7.54 59.35
C VAL L 16 -19.62 7.73 58.19
N ASP L 17 -19.82 6.64 57.43
CA ASP L 17 -20.84 6.56 56.37
C ASP L 17 -21.79 5.46 56.81
N PRO L 18 -22.76 5.78 57.71
CA PRO L 18 -23.58 4.72 58.32
C PRO L 18 -24.27 3.82 57.29
N ILE L 19 -24.76 4.43 56.21
CA ILE L 19 -25.33 3.72 55.06
C ILE L 19 -24.33 2.74 54.47
N TRP L 20 -23.23 3.27 53.91
CA TRP L 20 -22.20 2.46 53.30
C TRP L 20 -21.78 1.33 54.18
N HIS L 21 -21.50 1.58 55.44
CA HIS L 21 -21.00 0.48 56.27
C HIS L 21 -22.05 -0.56 56.56
N SER L 22 -23.32 -0.18 56.60
CA SER L 22 -24.33 -1.21 56.84
C SER L 22 -24.46 -2.09 55.61
N ILE L 23 -24.47 -1.46 54.42
CA ILE L 23 -24.49 -2.20 53.14
C ILE L 23 -23.43 -3.31 53.03
N ARG L 24 -22.18 -2.99 53.41
CA ARG L 24 -21.11 -3.98 53.39
C ARG L 24 -21.44 -5.18 54.27
N ALA L 25 -21.95 -4.88 55.46
CA ALA L 25 -22.38 -5.90 56.42
C ALA L 25 -23.51 -6.74 55.79
N GLU L 26 -24.49 -6.04 55.22
CA GLU L 26 -25.60 -6.72 54.57
C GLU L 26 -25.05 -7.66 53.52
N ALA L 27 -24.16 -7.14 52.67
CA ALA L 27 -23.57 -7.96 51.60
C ALA L 27 -22.73 -9.14 52.07
N GLU L 28 -21.92 -8.98 53.12
CA GLU L 28 -21.16 -10.15 53.61
C GLU L 28 -22.11 -11.23 54.14
N GLU L 29 -23.19 -10.82 54.79
CA GLU L 29 -24.13 -11.78 55.33
C GLU L 29 -24.80 -12.52 54.17
N ALA L 30 -25.27 -11.74 53.18
CA ALA L 30 -25.86 -12.29 51.95
C ALA L 30 -24.97 -13.35 51.32
N THR L 31 -23.68 -13.05 51.17
CA THR L 31 -22.75 -14.02 50.62
C THR L 31 -22.64 -15.30 51.45
N ARG L 32 -22.62 -15.16 52.77
CA ARG L 32 -22.56 -16.38 53.58
C ARG L 32 -23.86 -17.14 53.41
N ASN L 33 -24.96 -16.40 53.45
CA ASN L 33 -26.31 -16.92 53.20
C ASN L 33 -26.43 -17.76 51.93
N ASP L 34 -25.84 -17.28 50.82
CA ASP L 34 -26.01 -17.91 49.51
C ASP L 34 -24.70 -17.69 48.69
N PRO L 35 -23.68 -18.56 48.87
CA PRO L 35 -22.33 -18.37 48.27
C PRO L 35 -22.26 -18.24 46.73
N VAL L 36 -23.25 -18.77 46.03
CA VAL L 36 -23.29 -18.76 44.57
C VAL L 36 -23.42 -17.29 44.07
N LEU L 37 -23.88 -16.44 44.97
CA LEU L 37 -24.09 -15.06 44.67
C LEU L 37 -22.83 -14.23 45.02
N GLY L 38 -21.83 -14.92 45.60
CA GLY L 38 -20.55 -14.32 45.98
C GLY L 38 -19.89 -13.44 44.91
N ALA L 39 -19.83 -13.95 43.66
CA ALA L 39 -19.21 -13.22 42.53
C ALA L 39 -19.93 -11.91 42.24
N PHE L 40 -21.26 -11.98 42.21
CA PHE L 40 -22.09 -10.79 42.10
C PHE L 40 -21.87 -9.78 43.27
N LEU L 41 -21.91 -10.30 44.49
CA LEU L 41 -21.95 -9.45 45.68
C LEU L 41 -20.58 -8.81 45.97
N TYR L 42 -19.51 -9.56 45.70
CA TYR L 42 -18.12 -8.99 45.76
C TYR L 42 -17.92 -7.97 44.69
N ALA L 43 -18.23 -8.32 43.44
CA ALA L 43 -17.93 -7.43 42.32
C ALA L 43 -18.71 -6.13 42.42
N THR L 44 -19.91 -6.23 42.98
CA THR L 44 -20.79 -5.09 43.00
C THR L 44 -20.66 -4.27 44.29
N ILE L 45 -20.38 -4.95 45.40
CA ILE L 45 -20.32 -4.26 46.71
C ILE L 45 -18.99 -4.47 47.43
N LEU L 46 -18.69 -5.73 47.77
CA LEU L 46 -17.62 -5.99 48.71
C LEU L 46 -16.25 -5.43 48.22
N ASN L 47 -15.98 -5.54 46.93
CA ASN L 47 -14.67 -5.12 46.40
C ASN L 47 -14.67 -3.62 46.12
N GLN L 48 -15.82 -2.98 46.23
CA GLN L 48 -15.93 -1.55 45.95
C GLN L 48 -15.41 -0.65 47.11
N PRO L 49 -14.63 0.38 46.77
CA PRO L 49 -14.09 1.27 47.80
C PRO L 49 -15.12 2.24 48.41
N SER L 50 -16.19 2.56 47.68
CA SER L 50 -17.21 3.47 48.17
C SER L 50 -18.62 3.14 47.69
N LEU L 51 -19.59 3.75 48.36
CA LEU L 51 -20.98 3.60 48.01
C LEU L 51 -21.20 4.15 46.62
N GLU L 52 -20.61 5.32 46.34
CA GLU L 52 -20.57 5.90 44.99
C GLU L 52 -20.13 4.86 43.94
N GLU L 53 -19.10 4.09 44.28
CA GLU L 53 -18.48 3.19 43.34
C GLU L 53 -19.42 2.04 43.10
N ALA L 54 -19.95 1.47 44.18
CA ALA L 54 -20.92 0.37 44.06
C ALA L 54 -22.14 0.74 43.21
N VAL L 55 -22.70 1.91 43.45
CA VAL L 55 -23.92 2.35 42.76
C VAL L 55 -23.60 2.55 41.29
N MET L 56 -22.40 3.07 41.01
CA MET L 56 -22.02 3.33 39.64
C MET L 56 -21.75 2.03 38.93
N HIS L 57 -21.08 1.11 39.62
CA HIS L 57 -20.81 -0.19 39.03
C HIS L 57 -22.08 -0.98 38.71
N ARG L 58 -23.01 -1.07 39.68
CA ARG L 58 -24.27 -1.77 39.45
C ARG L 58 -24.98 -1.26 38.21
N ILE L 59 -25.17 0.05 38.15
CA ILE L 59 -25.92 0.68 37.09
C ILE L 59 -25.26 0.46 35.74
N ALA L 60 -23.92 0.55 35.70
CA ALA L 60 -23.19 0.39 34.44
C ALA L 60 -23.42 -1.01 33.93
N GLU L 61 -23.31 -1.97 34.83
CA GLU L 61 -23.51 -3.35 34.48
C GLU L 61 -24.93 -3.59 33.96
N ARG L 62 -25.94 -3.02 34.60
CA ARG L 62 -27.34 -3.25 34.11
C ARG L 62 -27.51 -2.61 32.72
N LEU L 63 -26.90 -1.46 32.51
CA LEU L 63 -27.06 -0.76 31.25
C LEU L 63 -26.04 -1.18 30.17
N GLY L 64 -24.99 -1.87 30.57
CA GLY L 64 -23.93 -2.29 29.63
C GLY L 64 -24.49 -3.15 28.50
N HIS L 65 -23.94 -3.00 27.29
CA HIS L 65 -24.40 -3.67 26.07
C HIS L 65 -23.25 -3.65 25.11
N PRO L 66 -23.22 -4.60 24.13
CA PRO L 66 -22.14 -4.53 23.14
C PRO L 66 -22.05 -3.21 22.38
N ASP L 67 -23.12 -2.43 22.34
CA ASP L 67 -23.09 -1.16 21.62
C ASP L 67 -22.21 -0.16 22.36
N VAL L 68 -22.40 -0.08 23.68
CA VAL L 68 -21.66 0.78 24.59
C VAL L 68 -21.42 -0.04 25.86
N SER L 69 -20.18 -0.47 26.05
CA SER L 69 -19.79 -1.30 27.21
C SER L 69 -20.09 -0.66 28.58
N ALA L 70 -20.34 -1.53 29.56
CA ALA L 70 -20.43 -1.19 30.97
C ALA L 70 -19.20 -0.37 31.43
N ASP L 71 -18.04 -0.65 30.85
CA ASP L 71 -16.81 -0.05 31.33
C ASP L 71 -16.80 1.40 30.99
N ILE L 72 -17.20 1.73 29.78
CA ILE L 72 -17.40 3.07 29.34
C ILE L 72 -18.47 3.77 30.17
N LEU L 73 -19.58 3.07 30.41
CA LEU L 73 -20.64 3.67 31.24
C LEU L 73 -20.13 4.03 32.62
N ARG L 74 -19.40 3.10 33.24
CA ARG L 74 -18.86 3.25 34.59
C ARG L 74 -17.87 4.40 34.66
N GLN L 75 -17.00 4.46 33.67
CA GLN L 75 -15.94 5.46 33.65
C GLN L 75 -16.58 6.82 33.43
N THR L 76 -17.62 6.88 32.59
CA THR L 76 -18.30 8.15 32.38
C THR L 76 -19.03 8.63 33.63
N PHE L 77 -19.48 7.65 34.42
CA PHE L 77 -20.17 7.92 35.65
C PHE L 77 -19.14 8.52 36.58
N ASP L 78 -17.93 7.95 36.56
CA ASP L 78 -16.90 8.38 37.49
C ASP L 78 -16.58 9.85 37.27
N THR L 79 -16.61 10.25 36.01
CA THR L 79 -16.41 11.61 35.58
C THR L 79 -17.48 12.57 36.10
N MET L 80 -18.73 12.16 36.01
CA MET L 80 -19.80 13.01 36.48
C MET L 80 -19.68 13.27 37.98
N LEU L 81 -19.29 12.24 38.73
CA LEU L 81 -19.09 12.35 40.16
C LEU L 81 -18.03 13.40 40.54
N GLU L 82 -16.93 13.38 39.79
CA GLU L 82 -15.82 14.28 39.97
C GLU L 82 -16.32 15.69 39.74
N ALA L 83 -16.98 15.92 38.61
CA ALA L 83 -17.58 17.21 38.30
C ALA L 83 -18.76 17.67 39.20
N ASN L 84 -19.51 16.73 39.81
CA ASN L 84 -20.62 17.05 40.72
C ASN L 84 -20.44 16.32 42.02
N PRO L 85 -19.49 16.78 42.86
CA PRO L 85 -19.43 16.16 44.19
C PRO L 85 -20.76 16.28 44.97
N GLU L 86 -21.61 17.23 44.59
CA GLU L 86 -22.90 17.40 45.29
C GLU L 86 -23.79 16.16 45.13
N TRP L 87 -23.52 15.40 44.07
CA TRP L 87 -24.18 14.14 43.84
C TRP L 87 -23.99 13.13 44.94
N SER L 88 -22.89 13.18 45.68
CA SER L 88 -22.70 12.15 46.74
C SER L 88 -23.78 12.29 47.81
N HIS L 89 -24.23 13.53 47.97
CA HIS L 89 -25.31 13.76 48.90
C HIS L 89 -26.65 13.39 48.33
N VAL L 90 -26.94 13.88 47.13
CA VAL L 90 -28.23 13.67 46.46
C VAL L 90 -28.52 12.17 46.45
N LEU L 91 -27.46 11.42 46.12
CA LEU L 91 -27.51 9.96 46.11
C LEU L 91 -27.99 9.42 47.45
N ARG L 92 -27.46 9.99 48.49
CA ARG L 92 -27.69 9.46 49.81
C ARG L 92 -29.08 9.83 50.33
N VAL L 93 -29.60 10.98 49.89
CA VAL L 93 -30.99 11.34 50.22
C VAL L 93 -31.99 10.59 49.32
N ASP L 94 -31.50 10.08 48.18
CA ASP L 94 -32.30 9.18 47.35
C ASP L 94 -32.44 7.82 48.01
N ILE L 95 -31.32 7.27 48.48
CA ILE L 95 -31.36 5.95 49.11
C ILE L 95 -32.20 5.98 50.41
N GLN L 96 -32.04 7.04 51.21
CA GLN L 96 -32.75 7.16 52.50
C GLN L 96 -34.24 7.32 52.25
N ALA L 97 -34.59 8.03 51.18
CA ALA L 97 -35.98 8.18 50.75
C ALA L 97 -36.63 6.82 50.51
N VAL L 98 -35.86 5.87 49.98
CA VAL L 98 -36.36 4.53 49.69
C VAL L 98 -36.45 3.77 51.00
N TYR L 99 -35.38 3.81 51.78
CA TYR L 99 -35.37 3.13 53.08
C TYR L 99 -36.57 3.53 53.96
N ASP L 100 -36.97 4.78 53.83
CA ASP L 100 -37.99 5.38 54.68
C ASP L 100 -39.38 5.14 54.11
N ARG L 101 -39.50 4.98 52.80
CA ARG L 101 -40.80 4.99 52.16
C ARG L 101 -41.34 3.63 51.72
N ASP L 102 -40.45 2.66 51.51
CA ASP L 102 -40.89 1.36 51.00
C ASP L 102 -40.81 0.26 52.06
N PRO L 103 -41.98 -0.21 52.53
CA PRO L 103 -42.10 -1.31 53.50
C PRO L 103 -41.50 -2.63 53.01
N ALA L 104 -41.72 -2.95 51.73
CA ALA L 104 -41.31 -4.24 51.16
C ALA L 104 -39.82 -4.63 51.36
N TYR L 105 -38.96 -3.65 51.68
CA TYR L 105 -37.50 -3.87 51.66
C TYR L 105 -36.83 -3.30 52.88
N SER L 106 -36.05 -4.15 53.56
CA SER L 106 -35.48 -3.82 54.88
C SER L 106 -33.98 -3.52 54.89
N ARG L 107 -33.29 -3.66 53.78
CA ARG L 107 -31.88 -3.28 53.76
C ARG L 107 -31.57 -2.04 52.92
N PHE L 108 -30.55 -1.30 53.31
CA PHE L 108 -30.07 -0.20 52.47
C PHE L 108 -29.47 -0.73 51.16
N MET L 109 -28.98 -1.96 51.19
CA MET L 109 -28.46 -2.67 50.02
C MET L 109 -29.47 -2.92 48.89
N ASP L 110 -30.76 -2.97 49.23
CA ASP L 110 -31.82 -3.31 48.27
C ASP L 110 -31.98 -2.30 47.15
N PRO L 111 -32.07 -0.98 47.46
CA PRO L 111 -32.14 -0.02 46.36
C PRO L 111 -30.87 -0.05 45.47
N VAL L 112 -29.70 -0.28 46.05
CA VAL L 112 -28.46 -0.27 45.26
C VAL L 112 -28.43 -1.43 44.29
N LEU L 113 -28.76 -2.62 44.80
CA LEU L 113 -28.71 -3.82 43.99
C LEU L 113 -29.86 -4.04 43.00
N TYR L 114 -31.09 -3.68 43.44
CA TYR L 114 -32.31 -4.30 42.86
C TYR L 114 -33.39 -3.36 42.32
N LEU L 115 -33.49 -2.14 42.81
CA LEU L 115 -34.64 -1.35 42.44
C LEU L 115 -34.43 -0.45 41.24
N LYS L 116 -35.13 -0.79 40.16
CA LYS L 116 -34.85 -0.17 38.89
C LYS L 116 -35.24 1.28 38.90
N GLY L 117 -36.10 1.66 39.84
CA GLY L 117 -36.54 3.03 39.96
C GLY L 117 -35.37 3.87 40.44
N PHE L 118 -34.68 3.34 41.44
CA PHE L 118 -33.55 3.99 42.03
C PHE L 118 -32.45 4.10 40.97
N HIS L 119 -32.28 3.01 40.22
CA HIS L 119 -31.27 2.95 39.15
C HIS L 119 -31.60 3.94 38.10
N ALA L 120 -32.88 4.02 37.70
CA ALA L 120 -33.28 5.04 36.69
C ALA L 120 -33.07 6.51 37.12
N ILE L 121 -33.24 6.80 38.42
CA ILE L 121 -33.05 8.17 38.86
C ILE L 121 -31.60 8.62 38.60
N GLN L 122 -30.66 7.81 39.06
CA GLN L 122 -29.25 8.13 38.99
C GLN L 122 -28.75 8.07 37.57
N THR L 123 -29.33 7.21 36.76
CA THR L 123 -29.02 7.15 35.35
C THR L 123 -29.41 8.46 34.69
N HIS L 124 -30.55 8.99 35.11
CA HIS L 124 -30.94 10.31 34.59
C HIS L 124 -30.02 11.41 35.03
N ARG L 125 -29.55 11.34 36.28
CA ARG L 125 -28.67 12.40 36.83
C ARG L 125 -27.39 12.47 35.99
N LEU L 126 -26.86 11.31 35.64
CA LEU L 126 -25.73 11.23 34.70
C LEU L 126 -26.11 11.79 33.32
N ALA L 127 -27.20 11.31 32.74
CA ALA L 127 -27.63 11.78 31.42
C ALA L 127 -27.90 13.33 31.40
N HIS L 128 -28.56 13.84 32.46
CA HIS L 128 -28.83 15.28 32.62
C HIS L 128 -27.53 16.09 32.55
N TRP L 129 -26.51 15.63 33.26
CA TRP L 129 -25.21 16.31 33.33
C TRP L 129 -24.51 16.27 32.00
N LEU L 130 -24.53 15.11 31.37
CA LEU L 130 -23.93 14.92 30.06
C LEU L 130 -24.63 15.77 29.05
N TYR L 131 -25.95 15.86 29.17
CA TYR L 131 -26.75 16.66 28.21
C TYR L 131 -26.36 18.16 28.33
N LYS L 132 -26.04 18.55 29.55
CA LYS L 132 -25.64 19.93 29.84
C LYS L 132 -24.16 20.21 29.60
N GLN L 133 -23.39 19.19 29.25
CA GLN L 133 -22.04 19.43 28.71
C GLN L 133 -22.09 19.47 27.19
N GLY L 134 -23.29 19.32 26.61
CA GLY L 134 -23.41 19.30 25.16
C GLY L 134 -23.22 17.88 24.61
N ARG L 135 -22.94 16.90 25.50
CA ARG L 135 -22.84 15.46 25.16
C ARG L 135 -24.20 14.78 25.02
N LYS L 136 -24.93 15.16 23.98
CA LYS L 136 -26.34 14.84 23.82
C LYS L 136 -26.59 13.38 23.45
N ASP L 137 -25.76 12.89 22.53
CA ASP L 137 -25.77 11.50 22.15
C ASP L 137 -25.58 10.57 23.31
N PHE L 138 -24.64 10.90 24.18
CA PHE L 138 -24.38 9.98 25.30
C PHE L 138 -25.62 10.04 26.21
N ALA L 139 -26.15 11.25 26.38
CA ALA L 139 -27.35 11.47 27.21
C ALA L 139 -28.53 10.75 26.60
N TYR L 140 -28.76 10.92 25.29
CA TYR L 140 -29.86 10.22 24.62
C TYR L 140 -29.68 8.72 24.61
N TYR L 141 -28.44 8.27 24.44
CA TYR L 141 -28.16 6.84 24.54
C TYR L 141 -28.55 6.29 25.89
N LEU L 142 -28.24 7.04 26.96
CA LEU L 142 -28.60 6.59 28.28
C LEU L 142 -30.15 6.61 28.49
N GLN L 143 -30.82 7.61 27.90
CA GLN L 143 -32.31 7.71 28.00
C GLN L 143 -32.96 6.47 27.38
N SER L 144 -32.43 6.10 26.21
CA SER L 144 -32.91 4.99 25.37
C SER L 144 -32.70 3.70 26.13
N ARG L 145 -31.49 3.54 26.64
CA ARG L 145 -31.15 2.35 27.39
C ARG L 145 -31.93 2.24 28.70
N SER L 146 -32.10 3.35 29.43
CA SER L 146 -32.91 3.32 30.61
C SER L 146 -34.38 3.01 30.29
N SER L 147 -34.88 3.55 29.19
CA SER L 147 -36.22 3.28 28.70
C SER L 147 -36.44 1.80 28.41
N SER L 148 -35.46 1.21 27.74
CA SER L 148 -35.55 -0.20 27.44
C SER L 148 -35.38 -1.13 28.65
N ILE L 149 -34.57 -0.75 29.62
CA ILE L 149 -34.11 -1.73 30.63
C ILE L 149 -34.80 -1.46 31.92
N PHE L 150 -35.04 -0.17 32.20
CA PHE L 150 -35.73 0.22 33.41
C PHE L 150 -37.19 0.68 33.15
N GLN L 151 -37.58 0.71 31.87
CA GLN L 151 -38.95 1.12 31.46
C GLN L 151 -39.32 2.52 31.95
N THR L 152 -38.29 3.38 32.07
CA THR L 152 -38.46 4.73 32.57
C THR L 152 -37.90 5.61 31.49
N ASP L 153 -38.79 6.33 30.80
CA ASP L 153 -38.41 7.27 29.77
C ASP L 153 -38.39 8.72 30.31
N ILE L 154 -37.22 9.13 30.81
CA ILE L 154 -37.03 10.47 31.34
C ILE L 154 -36.14 11.19 30.39
N HIS L 155 -36.61 12.31 29.85
CA HIS L 155 -35.79 13.12 28.95
C HIS L 155 -34.64 13.77 29.68
N PRO L 156 -33.48 13.86 29.04
CA PRO L 156 -32.29 14.39 29.73
C PRO L 156 -32.44 15.84 30.28
N ALA L 157 -33.22 16.67 29.61
CA ALA L 157 -33.43 18.07 30.04
C ALA L 157 -34.38 18.21 31.24
N ALA L 158 -35.12 17.16 31.59
CA ALA L 158 -35.93 17.18 32.80
C ALA L 158 -35.06 17.42 34.03
N ARG L 159 -35.62 18.15 35.00
CA ARG L 159 -34.93 18.40 36.28
C ARG L 159 -35.60 17.63 37.42
N LEU L 160 -34.87 16.72 38.02
CA LEU L 160 -35.36 15.94 39.11
C LEU L 160 -34.67 16.27 40.41
N GLY L 161 -35.48 16.63 41.41
CA GLY L 161 -34.96 16.99 42.71
C GLY L 161 -34.44 15.77 43.41
N SER L 162 -33.96 15.98 44.63
CA SER L 162 -33.39 14.93 45.46
C SER L 162 -34.47 14.30 46.34
N GLY L 163 -34.12 13.26 47.09
CA GLY L 163 -35.07 12.54 47.90
C GLY L 163 -36.28 12.07 47.08
N LEU L 164 -36.06 11.91 45.77
CA LEU L 164 -37.06 11.39 44.82
C LEU L 164 -37.20 9.86 44.89
N PHE L 165 -38.43 9.39 44.93
CA PHE L 165 -38.73 7.97 45.14
C PHE L 165 -39.57 7.50 43.98
N LEU L 166 -39.08 6.46 43.30
CA LEU L 166 -39.69 5.90 42.10
C LEU L 166 -40.00 4.44 42.36
N ASP L 167 -41.25 4.15 42.79
CA ASP L 167 -41.66 2.80 43.25
C ASP L 167 -42.14 2.00 42.07
N HIS L 168 -41.57 0.79 41.91
CA HIS L 168 -41.78 -0.16 40.80
C HIS L 168 -41.37 0.36 39.45
N ALA L 169 -41.62 1.64 39.18
CA ALA L 169 -41.04 2.42 38.06
C ALA L 169 -41.68 2.18 36.70
N THR L 170 -42.09 0.94 36.45
CA THR L 170 -42.44 0.54 35.06
C THR L 170 -43.40 1.55 34.38
N GLY L 171 -43.01 2.07 33.24
CA GLY L 171 -43.91 2.95 32.47
C GLY L 171 -43.82 4.44 32.75
N LEU L 172 -42.90 4.84 33.62
CA LEU L 172 -42.62 6.25 33.86
C LEU L 172 -42.27 7.02 32.58
N VAL L 173 -42.95 8.13 32.34
CA VAL L 173 -42.62 9.01 31.21
C VAL L 173 -42.56 10.43 31.72
N VAL L 174 -41.41 11.07 31.53
CA VAL L 174 -41.17 12.44 31.94
C VAL L 174 -40.59 13.27 30.76
N GLY L 175 -41.36 14.26 30.34
CA GLY L 175 -40.95 15.12 29.21
C GLY L 175 -39.82 16.10 29.51
N GLU L 176 -39.34 16.70 28.43
CA GLU L 176 -38.19 17.58 28.36
C GLU L 176 -38.22 18.84 29.26
N THR L 177 -39.41 19.46 29.37
CA THR L 177 -39.58 20.70 30.12
C THR L 177 -40.16 20.46 31.53
N ALA L 178 -40.20 19.21 31.97
CA ALA L 178 -40.79 18.87 33.25
C ALA L 178 -39.83 19.11 34.41
N VAL L 179 -40.38 19.47 35.56
CA VAL L 179 -39.60 19.71 36.80
C VAL L 179 -40.22 19.00 37.99
N VAL L 180 -39.37 18.33 38.76
CA VAL L 180 -39.79 17.63 39.96
C VAL L 180 -38.91 18.07 41.13
N GLU L 181 -39.51 18.60 42.19
CA GLU L 181 -38.75 19.16 43.30
C GLU L 181 -38.36 18.09 44.28
N ASP L 182 -37.84 18.49 45.43
CA ASP L 182 -37.27 17.50 46.36
C ASP L 182 -38.38 16.77 47.08
N ASN L 183 -38.05 15.59 47.61
CA ASN L 183 -38.98 14.77 48.40
C ASN L 183 -40.32 14.37 47.73
N VAL L 184 -40.26 14.19 46.42
CA VAL L 184 -41.39 13.74 45.63
C VAL L 184 -41.40 12.22 45.45
N SER L 185 -42.59 11.62 45.47
CA SER L 185 -42.73 10.19 45.31
C SER L 185 -43.58 9.92 44.09
N ILE L 186 -43.08 9.07 43.21
CA ILE L 186 -43.76 8.79 41.97
C ILE L 186 -43.86 7.27 41.84
N LEU L 187 -45.08 6.78 41.57
CA LEU L 187 -45.28 5.37 41.27
C LEU L 187 -45.19 5.06 39.78
N HIS L 188 -45.36 3.77 39.46
CA HIS L 188 -45.33 3.28 38.06
C HIS L 188 -46.44 3.86 37.24
N GLY L 189 -46.27 3.85 35.93
CA GLY L 189 -47.36 4.13 34.99
C GLY L 189 -47.67 5.60 34.97
N VAL L 190 -46.79 6.40 35.59
CA VAL L 190 -46.96 7.84 35.63
C VAL L 190 -46.42 8.55 34.40
N THR L 191 -47.19 9.49 33.87
CA THR L 191 -46.78 10.36 32.79
C THR L 191 -46.80 11.83 33.23
N LEU L 192 -45.63 12.47 33.18
CA LEU L 192 -45.53 13.91 33.32
C LEU L 192 -45.35 14.44 31.90
N GLY L 193 -46.48 14.57 31.20
CA GLY L 193 -46.45 14.72 29.76
C GLY L 193 -47.11 15.98 29.25
N GLY L 194 -47.44 15.97 27.96
CA GLY L 194 -47.97 17.15 27.27
C GLY L 194 -49.36 16.84 26.80
N THR L 195 -49.96 17.78 26.06
CA THR L 195 -51.41 17.77 25.79
C THR L 195 -51.73 17.45 24.35
N GLY L 196 -51.97 18.50 23.56
CA GLY L 196 -52.02 18.36 22.13
C GLY L 196 -50.58 18.46 21.73
N LYS L 197 -50.37 18.63 20.43
CA LYS L 197 -49.04 18.78 19.87
C LYS L 197 -48.49 20.17 20.23
N SER L 198 -48.16 20.33 21.52
CA SER L 198 -47.65 21.58 22.09
C SER L 198 -46.19 21.81 21.68
N SER L 199 -45.62 22.99 21.96
CA SER L 199 -44.21 23.29 21.58
C SER L 199 -43.25 23.71 22.71
N GLY L 200 -43.50 24.84 23.38
CA GLY L 200 -42.59 25.41 24.39
C GLY L 200 -42.54 24.63 25.69
N ASP L 201 -42.48 25.35 26.82
CA ASP L 201 -42.55 24.76 28.16
C ASP L 201 -43.96 24.14 28.36
N ARG L 202 -44.03 22.81 28.36
CA ARG L 202 -45.29 22.07 28.05
C ARG L 202 -45.58 20.85 28.90
N HIS L 203 -44.81 20.70 29.97
CA HIS L 203 -44.83 19.52 30.84
C HIS L 203 -44.86 20.01 32.25
N PRO L 204 -45.32 19.15 33.17
CA PRO L 204 -45.66 19.69 34.49
C PRO L 204 -44.47 20.17 35.31
N LYS L 205 -44.79 20.90 36.36
CA LYS L 205 -43.89 21.29 37.41
C LYS L 205 -44.47 20.71 38.69
N ILE L 206 -43.76 19.77 39.28
CA ILE L 206 -44.24 19.11 40.48
C ILE L 206 -43.50 19.69 41.66
N ARG L 207 -44.22 20.37 42.56
CA ARG L 207 -43.58 20.97 43.75
C ARG L 207 -43.28 19.92 44.81
N GLN L 208 -42.54 20.32 45.82
CA GLN L 208 -41.94 19.35 46.71
C GLN L 208 -42.93 18.60 47.64
N GLY L 209 -42.57 17.39 48.05
CA GLY L 209 -43.35 16.63 49.02
C GLY L 209 -44.51 15.90 48.39
N VAL L 210 -44.83 16.22 47.14
CA VAL L 210 -45.96 15.59 46.39
C VAL L 210 -45.86 14.05 46.25
N LEU L 211 -47.00 13.37 46.42
CA LEU L 211 -47.11 11.93 46.14
C LEU L 211 -48.00 11.69 44.89
N ILE L 212 -47.46 10.95 43.91
CA ILE L 212 -48.18 10.67 42.66
C ILE L 212 -48.43 9.19 42.51
N GLY L 213 -49.69 8.81 42.63
CA GLY L 213 -50.14 7.41 42.60
C GLY L 213 -50.08 6.74 41.23
N ALA L 214 -50.08 5.41 41.23
CA ALA L 214 -49.93 4.61 39.99
C ALA L 214 -50.91 4.97 38.85
N GLY L 215 -50.38 5.09 37.63
CA GLY L 215 -51.15 5.22 36.42
C GLY L 215 -51.59 6.63 36.18
N ALA L 216 -51.17 7.53 37.07
CA ALA L 216 -51.49 8.96 37.00
C ALA L 216 -50.97 9.68 35.75
N LYS L 217 -51.88 10.36 35.07
CA LYS L 217 -51.55 11.16 33.90
C LYS L 217 -51.66 12.68 34.20
N ILE L 218 -50.55 13.40 34.14
CA ILE L 218 -50.52 14.84 34.44
C ILE L 218 -49.98 15.53 33.20
N LEU L 219 -50.82 16.27 32.50
CA LEU L 219 -50.46 16.76 31.17
C LEU L 219 -50.55 18.27 31.02
N GLY L 220 -49.48 18.86 30.47
CA GLY L 220 -49.37 20.30 30.27
C GLY L 220 -48.39 21.00 31.22
N ASN L 221 -48.08 22.26 30.88
CA ASN L 221 -47.40 23.14 31.79
C ASN L 221 -48.32 23.62 32.88
N ILE L 222 -48.53 22.76 33.85
CA ILE L 222 -49.38 23.03 34.96
C ILE L 222 -48.55 22.61 36.14
N GLN L 223 -48.97 22.91 37.36
CA GLN L 223 -48.20 22.46 38.49
C GLN L 223 -49.00 21.74 39.48
N VAL L 224 -48.29 21.02 40.34
CA VAL L 224 -48.87 20.36 41.46
C VAL L 224 -48.18 20.95 42.67
N GLY L 225 -48.95 21.72 43.44
CA GLY L 225 -48.50 22.39 44.65
C GLY L 225 -48.05 21.45 45.76
N GLN L 226 -47.15 21.97 46.58
CA GLN L 226 -46.45 21.24 47.64
C GLN L 226 -47.37 20.39 48.46
N CYS L 227 -46.93 19.18 48.78
CA CYS L 227 -47.63 18.31 49.71
C CYS L 227 -49.00 17.77 49.22
N SER L 228 -49.36 18.06 47.97
CA SER L 228 -50.56 17.45 47.38
C SER L 228 -50.33 15.99 46.95
N LYS L 229 -51.41 15.19 46.96
CA LYS L 229 -51.40 13.78 46.54
C LYS L 229 -52.31 13.55 45.35
N ILE L 230 -51.77 12.91 44.32
CA ILE L 230 -52.58 12.51 43.15
C ILE L 230 -52.91 10.99 43.28
N ALA L 231 -54.20 10.66 43.30
CA ALA L 231 -54.56 9.27 43.53
C ALA L 231 -54.36 8.48 42.25
N ALA L 232 -54.14 7.20 42.43
CA ALA L 232 -53.97 6.33 41.33
C ALA L 232 -55.06 6.49 40.28
N GLY L 233 -54.66 6.48 39.00
CA GLY L 233 -55.59 6.62 37.86
C GLY L 233 -56.06 8.02 37.48
N SER L 234 -55.74 9.02 38.29
CA SER L 234 -56.16 10.39 37.94
C SER L 234 -55.57 10.83 36.61
N VAL L 235 -56.40 11.53 35.84
CA VAL L 235 -55.97 12.33 34.70
C VAL L 235 -56.15 13.79 35.11
N VAL L 236 -55.00 14.43 35.34
CA VAL L 236 -54.89 15.80 35.82
C VAL L 236 -54.48 16.77 34.73
N LEU L 237 -55.43 17.56 34.26
CA LEU L 237 -55.13 18.46 33.15
C LEU L 237 -55.11 19.95 33.53
N LYS L 238 -55.34 20.24 34.81
CA LYS L 238 -55.33 21.61 35.34
C LYS L 238 -54.39 21.68 36.54
N SER L 239 -53.78 22.86 36.74
CA SER L 239 -52.92 23.09 37.91
C SER L 239 -53.59 22.68 39.22
N VAL L 240 -52.86 22.01 40.06
CA VAL L 240 -53.43 21.58 41.32
C VAL L 240 -52.89 22.46 42.45
N PRO L 241 -53.79 22.90 43.37
CA PRO L 241 -53.34 23.71 44.51
C PRO L 241 -52.51 22.87 45.51
N HIS L 242 -51.79 23.56 46.40
CA HIS L 242 -51.00 22.91 47.45
C HIS L 242 -51.90 22.22 48.44
N ASN L 243 -51.37 21.23 49.13
CA ASN L 243 -52.08 20.58 50.25
C ASN L 243 -53.47 19.97 49.99
N VAL L 244 -53.72 19.42 48.81
CA VAL L 244 -54.99 18.69 48.56
C VAL L 244 -54.84 17.31 47.89
N THR L 245 -55.73 16.37 48.20
CA THR L 245 -55.81 15.10 47.48
C THR L 245 -56.72 15.23 46.26
N VAL L 246 -56.18 14.90 45.09
CA VAL L 246 -56.92 15.05 43.86
C VAL L 246 -57.16 13.68 43.27
N ALA L 247 -58.39 13.38 42.86
CA ALA L 247 -58.68 12.10 42.19
C ALA L 247 -59.70 12.18 41.04
N GLY L 248 -59.82 11.08 40.28
CA GLY L 248 -60.80 10.94 39.21
C GLY L 248 -60.35 11.35 37.80
N VAL L 249 -61.14 10.92 36.81
CA VAL L 249 -60.96 11.26 35.40
C VAL L 249 -62.21 12.10 34.98
N PRO L 250 -62.04 13.41 34.69
CA PRO L 250 -60.85 14.23 34.89
C PRO L 250 -60.69 14.51 36.37
N ALA L 251 -59.47 14.80 36.80
CA ALA L 251 -59.14 14.89 38.23
C ALA L 251 -60.11 15.80 39.00
N ARG L 252 -60.50 15.35 40.20
CA ARG L 252 -61.32 16.17 41.10
C ARG L 252 -60.63 16.57 42.39
N ILE L 253 -60.72 17.85 42.72
CA ILE L 253 -60.15 18.39 43.95
C ILE L 253 -60.98 17.83 45.15
N ILE L 254 -60.50 16.79 45.85
CA ILE L 254 -61.41 16.03 46.76
C ILE L 254 -61.26 16.11 48.30
N GLY L 255 -60.04 16.28 48.82
CA GLY L 255 -59.80 16.37 50.28
C GLY L 255 -58.56 17.21 50.59
N GLU L 256 -58.30 17.54 51.85
CA GLU L 256 -57.03 18.23 52.15
C GLU L 256 -55.96 17.29 52.76
N THR L 257 -54.69 17.74 52.75
CA THR L 257 -53.51 16.98 53.17
C THR L 257 -52.32 17.95 53.26
N GLY L 258 -51.16 17.53 53.76
CA GLY L 258 -50.04 18.48 53.79
C GLY L 258 -48.68 18.10 54.33
N CYS L 259 -48.00 17.17 53.66
CA CYS L 259 -46.69 16.62 54.07
C CYS L 259 -46.76 16.05 55.47
N THR L 260 -47.95 16.26 56.06
CA THR L 260 -48.38 15.90 57.41
C THR L 260 -48.95 14.48 57.45
C TRS M . 11.60 11.08 -24.55
C1 TRS M . 11.27 11.73 -23.27
C2 TRS M . 10.29 10.91 -25.29
C3 TRS M . 12.28 9.79 -24.11
N TRS M . 12.45 12.03 -25.39
O1 TRS M . 10.13 11.14 -22.67
O2 TRS M . 10.16 9.64 -25.55
O3 TRS M . 13.46 10.10 -23.37
MG MG N . 13.18 -5.76 -43.29
MG MG O . 13.63 5.15 -26.80
MG MG P . 28.49 8.77 -25.12
C TRS Q . 27.96 4.19 -24.12
C1 TRS Q . 26.45 3.97 -24.39
C2 TRS Q . 28.18 4.38 -22.62
C3 TRS Q . 28.33 5.50 -24.78
N TRS Q . 28.73 3.00 -24.76
O1 TRS Q . 25.74 4.71 -23.46
O2 TRS Q . 28.97 3.39 -21.98
O3 TRS Q . 28.00 6.44 -23.67
MG MG R . 23.28 17.75 -31.04
C TRS S . 25.60 20.63 -29.03
C1 TRS S . 26.17 21.46 -27.89
C2 TRS S . 26.16 21.04 -30.38
C3 TRS S . 24.08 20.66 -28.99
N TRS S . 26.13 19.27 -28.90
O1 TRS S . 25.94 22.85 -28.06
O2 TRS S . 25.48 22.17 -30.90
O3 TRS S . 23.64 20.56 -27.58
MG MG T . 30.40 0.56 -27.17
CL CL U . -19.25 -11.09 11.26
MG MG V . -21.33 -4.74 18.73
C TRS W . -24.81 -20.34 28.60
C1 TRS W . -23.53 -20.53 27.82
C2 TRS W . -24.79 -19.07 29.48
C3 TRS W . -25.09 -21.51 29.48
N TRS W . -25.92 -20.03 27.66
O1 TRS W . -22.33 -20.17 28.58
O2 TRS W . -24.86 -19.36 30.86
O3 TRS W . -24.01 -22.45 29.59
C56 15P X . -24.72 -18.76 21.23
O28 15P X . -23.63 -18.74 22.18
C57 15P X . -23.97 -18.13 23.45
C58 15P X . -23.21 -16.79 23.67
O29 15P X . -23.20 -15.92 22.52
C59 15P X . -23.89 -14.67 22.67
C60 15P X . -24.32 -13.98 21.36
O30 15P X . -24.55 -14.81 20.20
C61 15P X . -24.93 -14.06 19.02
C62 15P X . -23.76 -13.37 18.29
MG MG Y . -20.85 -21.56 34.00
MG MG Z . -22.30 -25.62 29.84
MG MG AA . -27.10 -19.65 24.10
C TRS BA . -22.48 -9.65 16.11
C1 TRS BA . -21.60 -10.63 15.44
C2 TRS BA . -23.13 -8.86 14.97
C3 TRS BA . -21.67 -8.76 17.04
N TRS BA . -23.49 -10.44 16.93
O1 TRS BA . -21.20 -10.04 14.19
O2 TRS BA . -24.05 -7.90 15.39
O3 TRS BA . -22.69 -8.00 17.81
#